data_1F5X
#
_entry.id   1F5X
#
_cell.length_a   1.000
_cell.length_b   1.000
_cell.length_c   1.000
_cell.angle_alpha   90.00
_cell.angle_beta   90.00
_cell.angle_gamma   90.00
#
_symmetry.space_group_name_H-M   'P 1'
#
_entity_poly.entity_id   1
_entity_poly.type   'polypeptide(L)'
_entity_poly.pdbx_seq_one_letter_code
;MKGDEIYEDLMRLESVPTPPKMTEYDKRCCCLREIQQTEEKYTDTLGSIQQHFMKPLQRFLKPQDMETIFVNIEELFSVH
THFLKELKDALAGPGATTLYQVFIKYKERFLVYGRYCSQVESASKHLDQVATAREDVQMKLEECSQRANNGRFTLRDLLM
VPMQRVLKYHLLLQELVKHTQDATEKENLRLALDAMRDLAQCVNEVKR
;
_entity_poly.pdbx_strand_id   A
#
# COMPACT_ATOMS: atom_id res chain seq x y z
N MET A 1 -11.59 2.79 -3.49
CA MET A 1 -12.91 3.32 -3.02
C MET A 1 -13.05 3.11 -1.51
N LYS A 2 -13.12 1.85 -1.08
CA LYS A 2 -13.27 1.52 0.33
C LYS A 2 -11.91 1.44 1.01
N GLY A 3 -10.91 0.97 0.27
CA GLY A 3 -9.57 0.85 0.83
C GLY A 3 -9.00 2.18 1.28
N ASP A 4 -9.41 3.26 0.61
CA ASP A 4 -8.95 4.60 0.96
C ASP A 4 -9.16 4.89 2.43
N GLU A 5 -10.33 4.52 2.93
CA GLU A 5 -10.67 4.76 4.34
C GLU A 5 -9.72 4.00 5.26
N ILE A 6 -9.10 2.95 4.75
CA ILE A 6 -8.18 2.15 5.54
C ILE A 6 -6.91 2.94 5.87
N TYR A 7 -6.15 3.31 4.85
CA TYR A 7 -4.91 4.09 5.06
C TYR A 7 -5.14 5.23 6.04
N GLU A 8 -6.31 5.84 5.96
CA GLU A 8 -6.64 6.97 6.84
C GLU A 8 -6.47 6.60 8.31
N ASP A 9 -7.22 5.59 8.76
CA ASP A 9 -7.14 5.15 10.14
C ASP A 9 -5.95 4.21 10.34
N LEU A 10 -5.79 3.28 9.41
CA LEU A 10 -4.70 2.30 9.47
C LEU A 10 -3.37 2.98 9.78
N MET A 11 -3.26 4.26 9.41
CA MET A 11 -2.04 5.02 9.65
C MET A 11 -2.37 6.42 10.15
N ARG A 12 -1.51 6.96 11.00
CA ARG A 12 -1.72 8.30 11.56
C ARG A 12 -1.89 9.31 10.44
N LEU A 13 -3.14 9.50 10.00
CA LEU A 13 -3.44 10.44 8.94
C LEU A 13 -4.77 11.13 9.18
N GLU A 14 -5.79 10.33 9.37
CA GLU A 14 -7.14 10.85 9.59
C GLU A 14 -7.15 11.93 10.65
N SER A 15 -6.51 11.64 11.77
CA SER A 15 -6.43 12.60 12.87
C SER A 15 -5.37 13.66 12.58
N VAL A 16 -5.79 14.91 12.51
CA VAL A 16 -4.87 16.00 12.21
C VAL A 16 -4.84 17.03 13.34
N PRO A 17 -3.76 17.04 14.15
CA PRO A 17 -3.60 18.00 15.22
C PRO A 17 -3.23 19.38 14.67
N THR A 18 -4.19 20.30 14.74
CA THR A 18 -3.99 21.64 14.19
C THR A 18 -3.12 22.49 15.12
N PRO A 19 -1.88 22.80 14.69
CA PRO A 19 -0.94 23.62 15.46
C PRO A 19 -0.93 25.06 14.99
N PRO A 20 -0.21 25.93 15.70
CA PRO A 20 -0.08 27.35 15.33
C PRO A 20 0.43 27.50 13.90
N LYS A 21 -0.51 27.64 12.96
CA LYS A 21 -0.15 27.78 11.54
C LYS A 21 0.42 26.47 11.01
N MET A 22 0.09 26.16 9.75
CA MET A 22 0.56 24.93 9.11
C MET A 22 -0.16 23.71 9.68
N THR A 23 -0.81 22.95 8.80
CA THR A 23 -1.55 21.77 9.21
C THR A 23 -1.50 20.69 8.13
N GLU A 24 -1.55 19.43 8.54
CA GLU A 24 -1.53 18.31 7.59
C GLU A 24 -2.49 18.56 6.44
N TYR A 25 -3.53 19.34 6.70
CA TYR A 25 -4.51 19.69 5.67
C TYR A 25 -3.80 20.20 4.41
N ASP A 26 -2.61 20.77 4.60
CA ASP A 26 -1.82 21.28 3.49
C ASP A 26 -1.30 20.13 2.60
N LYS A 27 -1.48 18.89 3.05
CA LYS A 27 -1.03 17.72 2.31
C LYS A 27 -1.30 17.87 0.81
N ARG A 28 -2.35 18.60 0.46
CA ARG A 28 -2.69 18.83 -0.94
C ARG A 28 -1.48 19.36 -1.70
N CYS A 29 -0.64 20.12 -1.01
CA CYS A 29 0.56 20.69 -1.60
C CYS A 29 1.76 19.76 -1.36
N CYS A 30 1.73 19.07 -0.23
CA CYS A 30 2.80 18.14 0.13
C CYS A 30 2.63 16.79 -0.55
N CYS A 31 1.51 16.62 -1.29
CA CYS A 31 1.18 15.36 -1.98
C CYS A 31 2.41 14.51 -2.31
N LEU A 32 3.38 15.10 -3.00
CA LEU A 32 4.60 14.38 -3.35
C LEU A 32 5.25 13.81 -2.10
N ARG A 33 5.67 14.70 -1.21
CA ARG A 33 6.28 14.29 0.05
C ARG A 33 5.39 13.28 0.78
N GLU A 34 4.09 13.37 0.54
CA GLU A 34 3.13 12.47 1.15
C GLU A 34 3.27 11.06 0.58
N ILE A 35 3.54 10.98 -0.73
CA ILE A 35 3.71 9.70 -1.39
C ILE A 35 4.77 8.87 -0.68
N GLN A 36 5.85 9.52 -0.29
CA GLN A 36 6.95 8.83 0.41
C GLN A 36 6.68 8.77 1.91
N GLN A 37 6.19 9.87 2.47
CA GLN A 37 5.90 9.92 3.91
C GLN A 37 4.88 8.87 4.30
N THR A 38 3.72 8.91 3.66
CA THR A 38 2.66 7.95 3.95
C THR A 38 3.15 6.52 3.76
N GLU A 39 3.88 6.28 2.67
CA GLU A 39 4.42 4.97 2.39
C GLU A 39 5.34 4.51 3.52
N GLU A 40 6.16 5.43 4.01
CA GLU A 40 7.10 5.13 5.10
C GLU A 40 6.40 4.39 6.22
N LYS A 41 5.62 5.12 7.01
CA LYS A 41 4.88 4.54 8.13
C LYS A 41 4.23 3.21 7.75
N TYR A 42 3.57 3.19 6.60
CA TYR A 42 2.91 1.98 6.13
C TYR A 42 3.91 0.85 5.99
N THR A 43 5.13 1.18 5.56
CA THR A 43 6.18 0.18 5.39
C THR A 43 6.48 -0.50 6.72
N ASP A 44 6.42 0.27 7.81
CA ASP A 44 6.67 -0.26 9.14
C ASP A 44 5.72 -1.40 9.45
N THR A 45 4.46 -1.24 9.04
CA THR A 45 3.45 -2.27 9.26
C THR A 45 3.47 -3.30 8.15
N LEU A 46 3.82 -2.85 6.94
CA LEU A 46 3.89 -3.74 5.79
C LEU A 46 4.83 -4.90 6.06
N GLY A 47 6.00 -4.60 6.64
CA GLY A 47 6.96 -5.63 6.95
C GLY A 47 6.61 -6.39 8.22
N SER A 48 5.81 -5.77 9.07
CA SER A 48 5.39 -6.40 10.32
C SER A 48 4.73 -7.74 10.06
N ILE A 49 4.00 -7.84 8.95
CA ILE A 49 3.31 -9.07 8.58
C ILE A 49 4.31 -10.18 8.25
N GLN A 50 5.52 -9.78 7.88
CA GLN A 50 6.56 -10.75 7.54
C GLN A 50 6.82 -11.72 8.68
N GLN A 51 7.40 -11.20 9.77
CA GLN A 51 7.72 -12.02 10.92
C GLN A 51 6.66 -11.86 12.02
N HIS A 52 6.46 -10.63 12.46
CA HIS A 52 5.48 -10.34 13.52
C HIS A 52 4.06 -10.60 13.04
N PHE A 53 3.76 -11.86 12.72
CA PHE A 53 2.44 -12.24 12.26
C PHE A 53 2.44 -13.68 11.73
N MET A 54 3.06 -13.88 10.58
CA MET A 54 3.13 -15.19 9.96
C MET A 54 3.59 -16.25 10.96
N LYS A 55 4.68 -15.95 11.67
CA LYS A 55 5.21 -16.88 12.66
C LYS A 55 4.13 -17.26 13.69
N PRO A 56 3.63 -16.28 14.45
CA PRO A 56 2.61 -16.51 15.48
C PRO A 56 1.30 -17.04 14.88
N LEU A 57 1.02 -16.66 13.64
CA LEU A 57 -0.20 -17.10 12.97
C LEU A 57 -0.16 -18.60 12.69
N GLN A 58 0.99 -19.07 12.23
CA GLN A 58 1.18 -20.48 11.91
C GLN A 58 0.84 -21.39 13.09
N ARG A 59 0.83 -20.81 14.29
CA ARG A 59 0.53 -21.57 15.50
C ARG A 59 -0.85 -22.20 15.44
N PHE A 60 -1.71 -21.71 14.55
CA PHE A 60 -3.06 -22.23 14.41
C PHE A 60 -3.41 -22.51 12.96
N LEU A 61 -3.24 -21.49 12.11
CA LEU A 61 -3.55 -21.62 10.69
C LEU A 61 -2.59 -22.59 10.01
N LYS A 62 -3.15 -23.65 9.41
CA LYS A 62 -2.34 -24.66 8.75
C LYS A 62 -1.25 -24.03 7.87
N PRO A 63 -0.14 -24.77 7.65
CA PRO A 63 0.98 -24.29 6.85
C PRO A 63 0.64 -24.23 5.36
N GLN A 64 -0.08 -25.23 4.87
CA GLN A 64 -0.47 -25.29 3.47
C GLN A 64 -1.45 -24.17 3.12
N ASP A 65 -2.41 -23.94 4.00
CA ASP A 65 -3.41 -22.90 3.79
C ASP A 65 -2.85 -21.53 4.08
N MET A 66 -1.87 -21.47 4.98
CA MET A 66 -1.23 -20.21 5.35
C MET A 66 -0.70 -19.49 4.12
N GLU A 67 -0.25 -20.25 3.14
CA GLU A 67 0.28 -19.67 1.91
C GLU A 67 -0.80 -18.92 1.14
N THR A 68 -2.06 -19.28 1.37
CA THR A 68 -3.17 -18.63 0.69
C THR A 68 -3.68 -17.43 1.49
N ILE A 69 -3.52 -17.49 2.80
CA ILE A 69 -3.96 -16.41 3.67
C ILE A 69 -3.17 -15.13 3.41
N PHE A 70 -1.88 -15.16 3.73
CA PHE A 70 -1.02 -14.00 3.53
C PHE A 70 -0.74 -13.78 2.05
N VAL A 71 -0.47 -14.87 1.33
CA VAL A 71 -0.19 -14.82 -0.10
C VAL A 71 1.30 -14.49 -0.36
N ASN A 72 1.61 -13.35 -0.97
CA ASN A 72 2.99 -13.00 -1.27
C ASN A 72 3.42 -11.74 -0.53
N ILE A 73 2.99 -11.63 0.74
CA ILE A 73 3.34 -10.48 1.55
C ILE A 73 4.85 -10.28 1.63
N GLU A 74 5.57 -11.38 1.77
CA GLU A 74 7.02 -11.34 1.87
C GLU A 74 7.64 -10.48 0.76
N GLU A 75 7.49 -10.93 -0.48
CA GLU A 75 8.05 -10.21 -1.61
C GLU A 75 7.37 -8.86 -1.81
N LEU A 76 6.13 -8.75 -1.34
CA LEU A 76 5.37 -7.52 -1.48
C LEU A 76 5.91 -6.44 -0.56
N PHE A 77 6.48 -6.85 0.57
CA PHE A 77 7.05 -5.92 1.52
C PHE A 77 8.18 -5.11 0.87
N SER A 78 8.81 -5.70 -0.13
CA SER A 78 9.89 -5.03 -0.85
C SER A 78 9.35 -3.89 -1.71
N VAL A 79 8.29 -4.19 -2.46
CA VAL A 79 7.67 -3.19 -3.32
C VAL A 79 7.40 -1.90 -2.56
N HIS A 80 7.21 -2.03 -1.25
CA HIS A 80 6.95 -0.87 -0.40
C HIS A 80 8.26 -0.28 0.12
N THR A 81 9.07 -1.11 0.76
CA THR A 81 10.34 -0.67 1.32
C THR A 81 11.27 -0.15 0.24
N HIS A 82 11.37 -0.89 -0.87
CA HIS A 82 12.24 -0.51 -1.97
C HIS A 82 11.74 0.77 -2.66
N PHE A 83 10.43 0.90 -2.79
CA PHE A 83 9.85 2.06 -3.45
C PHE A 83 10.33 3.36 -2.80
N LEU A 84 10.42 3.36 -1.47
CA LEU A 84 10.87 4.54 -0.74
C LEU A 84 12.36 4.75 -0.93
N LYS A 85 13.09 3.65 -1.07
CA LYS A 85 14.54 3.71 -1.26
C LYS A 85 14.89 4.43 -2.56
N GLU A 86 13.95 4.41 -3.51
CA GLU A 86 14.17 5.06 -4.80
C GLU A 86 13.77 6.53 -4.75
N LEU A 87 12.53 6.79 -4.35
CA LEU A 87 12.03 8.16 -4.27
C LEU A 87 12.98 9.04 -3.47
N LYS A 88 13.63 8.45 -2.48
CA LYS A 88 14.58 9.18 -1.65
C LYS A 88 15.63 9.88 -2.51
N ASP A 89 16.30 9.09 -3.36
CA ASP A 89 17.32 9.63 -4.25
C ASP A 89 16.67 10.31 -5.45
N ALA A 90 15.44 9.92 -5.78
CA ALA A 90 14.73 10.49 -6.90
C ALA A 90 14.25 11.91 -6.58
N LEU A 91 13.71 12.07 -5.37
CA LEU A 91 13.21 13.35 -4.93
C LEU A 91 14.35 14.34 -4.71
N ALA A 92 15.28 13.97 -3.82
CA ALA A 92 16.42 14.82 -3.53
C ALA A 92 17.44 14.81 -4.66
N GLY A 93 17.35 13.79 -5.53
CA GLY A 93 18.27 13.69 -6.64
C GLY A 93 18.40 14.98 -7.42
N PRO A 94 19.26 15.00 -8.45
CA PRO A 94 19.47 16.21 -9.28
C PRO A 94 18.15 16.77 -9.82
N GLY A 95 17.18 15.91 -10.03
CA GLY A 95 15.90 16.34 -10.53
C GLY A 95 14.76 15.43 -10.11
N ALA A 96 13.84 15.97 -9.32
CA ALA A 96 12.69 15.20 -8.84
C ALA A 96 11.82 14.74 -9.99
N THR A 97 11.79 15.53 -11.06
CA THR A 97 10.98 15.20 -12.22
C THR A 97 11.31 13.80 -12.73
N THR A 98 12.50 13.31 -12.40
CA THR A 98 12.93 11.98 -12.82
C THR A 98 12.12 10.88 -12.11
N LEU A 99 11.33 11.26 -11.11
CA LEU A 99 10.52 10.29 -10.36
C LEU A 99 9.85 9.29 -11.29
N TYR A 100 9.55 9.72 -12.52
CA TYR A 100 8.90 8.86 -13.48
C TYR A 100 9.66 7.54 -13.63
N GLN A 101 10.97 7.64 -13.81
CA GLN A 101 11.82 6.46 -13.97
C GLN A 101 11.51 5.42 -12.90
N VAL A 102 11.02 5.88 -11.76
CA VAL A 102 10.70 4.98 -10.64
C VAL A 102 9.31 4.38 -10.81
N PHE A 103 8.45 5.05 -11.57
CA PHE A 103 7.09 4.60 -11.78
C PHE A 103 6.95 3.80 -13.07
N ILE A 104 7.85 4.03 -14.01
CA ILE A 104 7.80 3.36 -15.31
C ILE A 104 8.33 1.93 -15.24
N LYS A 105 9.37 1.72 -14.44
CA LYS A 105 9.99 0.41 -14.34
C LYS A 105 9.45 -0.42 -13.17
N TYR A 106 8.62 0.18 -12.33
CA TYR A 106 8.06 -0.54 -11.19
C TYR A 106 6.87 -1.40 -11.57
N LYS A 107 6.38 -1.24 -12.80
CA LYS A 107 5.24 -2.03 -13.26
C LYS A 107 5.42 -3.51 -12.89
N GLU A 108 6.62 -4.02 -13.11
CA GLU A 108 6.96 -5.41 -12.79
C GLU A 108 6.34 -5.85 -11.46
N ARG A 109 6.53 -5.04 -10.44
CA ARG A 109 5.99 -5.35 -9.11
C ARG A 109 4.56 -4.82 -8.98
N PHE A 110 4.33 -3.59 -9.43
CA PHE A 110 3.00 -3.01 -9.38
C PHE A 110 2.00 -3.95 -10.05
N LEU A 111 2.50 -4.77 -10.97
CA LEU A 111 1.66 -5.77 -11.63
C LEU A 111 1.33 -6.89 -10.67
N VAL A 112 2.25 -7.15 -9.74
CA VAL A 112 2.03 -8.17 -8.71
C VAL A 112 0.68 -7.95 -8.04
N TYR A 113 0.30 -6.69 -7.92
CA TYR A 113 -0.99 -6.34 -7.33
C TYR A 113 -2.12 -7.12 -8.02
N GLY A 114 -1.92 -7.39 -9.31
CA GLY A 114 -2.92 -8.13 -10.07
C GLY A 114 -3.12 -9.53 -9.53
N ARG A 115 -2.12 -10.39 -9.73
CA ARG A 115 -2.19 -11.76 -9.24
C ARG A 115 -2.40 -11.76 -7.73
N TYR A 116 -1.88 -10.72 -7.07
CA TYR A 116 -2.02 -10.58 -5.63
C TYR A 116 -3.49 -10.50 -5.24
N CYS A 117 -4.23 -9.63 -5.94
CA CYS A 117 -5.65 -9.44 -5.70
C CYS A 117 -6.48 -10.66 -6.12
N SER A 118 -5.83 -11.63 -6.76
CA SER A 118 -6.50 -12.84 -7.22
C SER A 118 -6.59 -13.89 -6.12
N GLN A 119 -5.52 -14.03 -5.35
CA GLN A 119 -5.49 -14.96 -4.24
C GLN A 119 -5.94 -14.23 -2.98
N VAL A 120 -5.57 -12.96 -2.91
CA VAL A 120 -5.97 -12.08 -1.84
C VAL A 120 -7.49 -12.08 -1.70
N GLU A 121 -8.18 -11.65 -2.75
CA GLU A 121 -9.64 -11.59 -2.76
C GLU A 121 -10.24 -12.88 -2.21
N SER A 122 -9.48 -13.97 -2.32
CA SER A 122 -9.92 -15.26 -1.81
C SER A 122 -9.37 -15.51 -0.41
N ALA A 123 -8.21 -14.93 -0.13
CA ALA A 123 -7.57 -15.09 1.18
C ALA A 123 -8.35 -14.31 2.25
N SER A 124 -8.48 -13.01 2.06
CA SER A 124 -9.21 -12.16 3.00
C SER A 124 -10.58 -12.75 3.29
N LYS A 125 -11.18 -13.36 2.28
CA LYS A 125 -12.50 -13.96 2.42
C LYS A 125 -12.43 -15.19 3.31
N HIS A 126 -11.31 -15.91 3.22
CA HIS A 126 -11.10 -17.11 4.02
C HIS A 126 -11.04 -16.77 5.51
N LEU A 127 -10.27 -15.73 5.84
CA LEU A 127 -10.12 -15.30 7.22
C LEU A 127 -11.49 -15.09 7.86
N ASP A 128 -12.39 -14.43 7.14
CA ASP A 128 -13.73 -14.17 7.64
C ASP A 128 -14.36 -15.44 8.18
N GLN A 129 -14.12 -16.56 7.49
CA GLN A 129 -14.66 -17.85 7.89
C GLN A 129 -13.75 -18.51 8.92
N VAL A 130 -12.46 -18.52 8.66
CA VAL A 130 -11.48 -19.12 9.57
C VAL A 130 -11.66 -18.61 10.99
N ALA A 131 -11.50 -17.29 11.16
CA ALA A 131 -11.62 -16.67 12.46
C ALA A 131 -12.91 -17.11 13.17
N THR A 132 -14.04 -16.93 12.51
CA THR A 132 -15.33 -17.31 13.06
C THR A 132 -15.39 -18.82 13.30
N ALA A 133 -14.61 -19.57 12.54
CA ALA A 133 -14.58 -21.02 12.67
C ALA A 133 -13.81 -21.44 13.92
N ARG A 134 -12.51 -21.15 13.94
CA ARG A 134 -11.67 -21.50 15.09
C ARG A 134 -11.47 -20.29 15.99
N GLU A 135 -12.11 -20.30 17.14
CA GLU A 135 -12.00 -19.20 18.10
C GLU A 135 -10.54 -18.91 18.42
N ASP A 136 -9.72 -19.96 18.42
CA ASP A 136 -8.30 -19.82 18.71
C ASP A 136 -7.65 -18.82 17.76
N VAL A 137 -8.25 -18.64 16.58
CA VAL A 137 -7.74 -17.72 15.58
C VAL A 137 -8.30 -16.32 15.79
N GLN A 138 -9.60 -16.25 16.07
CA GLN A 138 -10.26 -14.97 16.29
C GLN A 138 -9.49 -14.13 17.31
N MET A 139 -9.21 -14.72 18.47
CA MET A 139 -8.48 -14.02 19.52
C MET A 139 -7.05 -13.72 19.08
N LYS A 140 -6.47 -14.62 18.30
CA LYS A 140 -5.11 -14.45 17.81
C LYS A 140 -4.97 -13.16 17.00
N LEU A 141 -5.72 -13.08 15.91
CA LEU A 141 -5.68 -11.90 15.05
C LEU A 141 -5.83 -10.62 15.85
N GLU A 142 -6.58 -10.70 16.95
CA GLU A 142 -6.81 -9.54 17.80
C GLU A 142 -5.51 -9.08 18.45
N GLU A 143 -4.84 -9.99 19.14
CA GLU A 143 -3.59 -9.67 19.83
C GLU A 143 -2.44 -9.56 18.83
N CYS A 144 -2.32 -10.58 17.96
CA CYS A 144 -1.25 -10.59 16.96
C CYS A 144 -1.23 -9.29 16.16
N SER A 145 -2.42 -8.77 15.86
CA SER A 145 -2.54 -7.53 15.10
C SER A 145 -2.32 -6.31 16.00
N GLN A 146 -2.44 -6.50 17.31
CA GLN A 146 -2.27 -5.41 18.26
C GLN A 146 -1.00 -4.62 17.97
N ARG A 147 -0.02 -5.27 17.35
CA ARG A 147 1.24 -4.63 17.01
C ARG A 147 1.08 -3.67 15.82
N ALA A 148 0.07 -3.93 15.01
CA ALA A 148 -0.20 -3.10 13.84
C ALA A 148 -1.49 -2.31 14.01
N ASN A 149 -2.56 -3.00 14.38
CA ASN A 149 -3.85 -2.38 14.60
C ASN A 149 -4.81 -3.35 15.27
N ASN A 150 -5.04 -3.13 16.57
CA ASN A 150 -5.91 -4.01 17.36
C ASN A 150 -7.20 -4.33 16.62
N GLY A 151 -7.19 -5.43 15.87
CA GLY A 151 -8.37 -5.86 15.14
C GLY A 151 -9.10 -4.72 14.45
N ARG A 152 -8.36 -3.91 13.72
CA ARG A 152 -8.96 -2.78 13.01
C ARG A 152 -8.97 -3.02 11.50
N PHE A 153 -7.84 -3.45 10.97
CA PHE A 153 -7.72 -3.73 9.54
C PHE A 153 -6.88 -4.97 9.28
N THR A 154 -6.75 -5.83 10.31
CA THR A 154 -5.96 -7.05 10.21
C THR A 154 -6.11 -7.73 8.85
N LEU A 155 -5.04 -8.40 8.42
CA LEU A 155 -4.97 -9.15 7.15
C LEU A 155 -6.15 -8.90 6.21
N ARG A 156 -7.30 -9.49 6.55
CA ARG A 156 -8.51 -9.35 5.74
C ARG A 156 -8.66 -7.95 5.17
N ASP A 157 -8.30 -6.94 5.97
CA ASP A 157 -8.38 -5.55 5.52
C ASP A 157 -7.02 -5.06 5.05
N LEU A 158 -5.95 -5.71 5.49
CA LEU A 158 -4.59 -5.32 5.12
C LEU A 158 -4.28 -5.65 3.66
N LEU A 159 -4.13 -6.95 3.35
CA LEU A 159 -3.79 -7.38 2.00
C LEU A 159 -4.65 -6.68 0.95
N MET A 160 -5.85 -6.25 1.35
CA MET A 160 -6.76 -5.58 0.42
C MET A 160 -6.40 -4.11 0.24
N VAL A 161 -5.64 -3.57 1.19
CA VAL A 161 -5.22 -2.17 1.13
C VAL A 161 -4.50 -1.85 -0.19
N PRO A 162 -3.40 -2.55 -0.51
CA PRO A 162 -2.63 -2.29 -1.73
C PRO A 162 -3.50 -2.20 -2.98
N MET A 163 -4.69 -2.79 -2.94
CA MET A 163 -5.59 -2.77 -4.07
C MET A 163 -5.96 -1.34 -4.46
N GLN A 164 -5.82 -0.41 -3.51
CA GLN A 164 -6.14 0.99 -3.75
C GLN A 164 -4.89 1.78 -4.12
N ARG A 165 -3.74 1.31 -3.64
CA ARG A 165 -2.47 1.97 -3.92
C ARG A 165 -2.29 2.20 -5.40
N VAL A 166 -2.02 1.11 -6.13
CA VAL A 166 -1.81 1.18 -7.57
C VAL A 166 -2.78 2.13 -8.26
N LEU A 167 -4.01 2.19 -7.74
CA LEU A 167 -5.03 3.08 -8.29
C LEU A 167 -4.71 4.54 -7.95
N LYS A 168 -4.78 4.86 -6.66
CA LYS A 168 -4.50 6.21 -6.21
C LYS A 168 -3.13 6.67 -6.67
N TYR A 169 -2.24 5.72 -6.92
CA TYR A 169 -0.89 6.04 -7.38
C TYR A 169 -0.93 7.01 -8.56
N HIS A 170 -1.26 6.48 -9.73
CA HIS A 170 -1.36 7.31 -10.93
C HIS A 170 -2.27 8.49 -10.68
N LEU A 171 -3.40 8.23 -10.03
CA LEU A 171 -4.36 9.28 -9.70
C LEU A 171 -3.65 10.44 -9.00
N LEU A 172 -3.12 10.17 -7.82
CA LEU A 172 -2.39 11.19 -7.06
C LEU A 172 -1.34 11.85 -7.93
N LEU A 173 -0.58 11.03 -8.63
CA LEU A 173 0.48 11.51 -9.52
C LEU A 173 -0.09 12.56 -10.47
N GLN A 174 -1.38 12.47 -10.75
CA GLN A 174 -2.04 13.43 -11.64
C GLN A 174 -2.21 14.79 -10.94
N GLU A 175 -2.56 14.74 -9.66
CA GLU A 175 -2.74 15.96 -8.89
C GLU A 175 -1.52 16.87 -9.01
N LEU A 176 -0.36 16.27 -9.20
CA LEU A 176 0.88 17.03 -9.36
C LEU A 176 0.97 17.63 -10.75
N VAL A 177 0.88 16.79 -11.77
CA VAL A 177 0.96 17.26 -13.14
C VAL A 177 -0.02 18.42 -13.39
N LYS A 178 -1.16 18.36 -12.73
CA LYS A 178 -2.18 19.39 -12.86
C LYS A 178 -1.86 20.59 -11.97
N HIS A 179 -1.02 20.39 -10.97
CA HIS A 179 -0.65 21.45 -10.03
C HIS A 179 0.87 21.56 -9.91
N THR A 180 1.57 21.30 -11.01
CA THR A 180 3.02 21.36 -11.02
C THR A 180 3.52 22.18 -12.21
N GLN A 181 3.71 23.48 -11.99
CA GLN A 181 4.18 24.37 -13.04
C GLN A 181 5.70 24.37 -13.13
N ASP A 182 6.25 23.33 -13.75
CA ASP A 182 7.70 23.20 -13.91
C ASP A 182 8.08 23.15 -15.38
N ALA A 183 9.36 22.87 -15.64
CA ALA A 183 9.84 22.78 -17.01
C ALA A 183 9.70 21.37 -17.56
N THR A 184 10.43 20.43 -16.95
CA THR A 184 10.39 19.04 -17.38
C THR A 184 9.37 18.25 -16.56
N GLU A 185 9.28 18.56 -15.27
CA GLU A 185 8.35 17.87 -14.39
C GLU A 185 6.94 17.82 -14.98
N LYS A 186 6.30 18.99 -15.07
CA LYS A 186 4.95 19.08 -15.61
C LYS A 186 4.76 18.20 -16.84
N GLU A 187 5.84 17.99 -17.59
CA GLU A 187 5.79 17.17 -18.80
C GLU A 187 6.16 15.72 -18.51
N ASN A 188 7.45 15.49 -18.25
CA ASN A 188 7.94 14.14 -17.96
C ASN A 188 7.03 13.42 -16.97
N LEU A 189 6.66 14.13 -15.90
CA LEU A 189 5.79 13.55 -14.88
C LEU A 189 4.55 12.92 -15.52
N ARG A 190 4.14 13.46 -16.66
CA ARG A 190 2.99 12.94 -17.39
C ARG A 190 3.27 11.53 -17.89
N LEU A 191 4.51 11.30 -18.33
CA LEU A 191 4.91 9.99 -18.83
C LEU A 191 4.65 8.93 -17.77
N ALA A 192 4.90 9.28 -16.51
CA ALA A 192 4.67 8.35 -15.41
C ALA A 192 3.19 7.97 -15.34
N LEU A 193 2.32 8.93 -15.64
CA LEU A 193 0.88 8.70 -15.62
C LEU A 193 0.50 7.58 -16.59
N ASP A 194 0.89 7.75 -17.85
CA ASP A 194 0.58 6.77 -18.89
C ASP A 194 0.93 5.36 -18.43
N ALA A 195 2.11 5.21 -17.85
CA ALA A 195 2.57 3.91 -17.36
C ALA A 195 1.70 3.42 -16.21
N MET A 196 1.72 4.16 -15.10
CA MET A 196 0.95 3.80 -13.93
C MET A 196 -0.52 3.55 -14.30
N ARG A 197 -1.12 4.50 -14.99
CA ARG A 197 -2.52 4.38 -15.41
C ARG A 197 -2.74 3.13 -16.24
N ASP A 198 -1.66 2.62 -16.85
CA ASP A 198 -1.74 1.44 -17.68
C ASP A 198 -2.08 0.20 -16.86
N LEU A 199 -1.73 0.23 -15.57
CA LEU A 199 -1.98 -0.89 -14.68
C LEU A 199 -3.43 -0.92 -14.22
N ALA A 200 -3.97 0.25 -13.89
CA ALA A 200 -5.34 0.35 -13.42
C ALA A 200 -6.31 -0.48 -14.27
N GLN A 201 -5.99 -0.63 -15.55
CA GLN A 201 -6.82 -1.39 -16.47
C GLN A 201 -6.37 -2.84 -16.60
N CYS A 202 -5.17 -3.14 -16.11
CA CYS A 202 -4.65 -4.50 -16.15
C CYS A 202 -4.85 -5.17 -14.81
N VAL A 203 -4.79 -4.37 -13.76
CA VAL A 203 -4.95 -4.84 -12.41
C VAL A 203 -6.42 -5.16 -12.12
N ASN A 204 -7.31 -4.32 -12.65
CA ASN A 204 -8.74 -4.51 -12.46
C ASN A 204 -9.33 -5.27 -13.63
N GLU A 205 -8.55 -6.18 -14.20
CA GLU A 205 -9.00 -6.98 -15.33
C GLU A 205 -8.24 -8.30 -15.36
N VAL A 206 -8.56 -9.18 -14.40
CA VAL A 206 -7.90 -10.46 -14.29
C VAL A 206 -8.83 -11.60 -14.67
N LYS A 207 -8.61 -12.12 -15.87
CA LYS A 207 -9.41 -13.22 -16.38
C LYS A 207 -10.83 -12.75 -16.71
N ARG A 208 -11.56 -12.32 -15.68
CA ARG A 208 -12.93 -11.84 -15.85
C ARG A 208 -13.47 -11.27 -14.55
N MET A 1 -12.49 2.97 -1.77
CA MET A 1 -13.76 2.22 -1.50
C MET A 1 -13.55 1.17 -0.41
N LYS A 2 -12.85 0.11 -0.75
CA LYS A 2 -12.58 -0.98 0.19
C LYS A 2 -11.11 -0.99 0.61
N GLY A 3 -10.52 0.19 0.67
CA GLY A 3 -9.12 0.30 1.06
C GLY A 3 -8.72 1.72 1.37
N ASP A 4 -9.07 2.65 0.48
CA ASP A 4 -8.73 4.06 0.67
C ASP A 4 -9.14 4.54 2.06
N GLU A 5 -10.40 4.32 2.40
CA GLU A 5 -10.92 4.73 3.70
C GLU A 5 -10.09 4.14 4.83
N ILE A 6 -9.59 2.92 4.61
CA ILE A 6 -8.77 2.24 5.61
C ILE A 6 -7.50 3.02 5.90
N TYR A 7 -6.75 3.34 4.84
CA TYR A 7 -5.50 4.08 4.97
C TYR A 7 -5.65 5.26 5.93
N GLU A 8 -6.68 6.07 5.71
CA GLU A 8 -6.92 7.25 6.53
C GLU A 8 -6.95 6.90 8.02
N ASP A 9 -7.99 6.20 8.44
CA ASP A 9 -8.14 5.81 9.84
C ASP A 9 -6.98 4.91 10.28
N LEU A 10 -6.60 4.00 9.40
CA LEU A 10 -5.51 3.07 9.69
C LEU A 10 -4.22 3.82 10.04
N MET A 11 -4.15 5.08 9.64
CA MET A 11 -2.97 5.90 9.92
C MET A 11 -3.32 7.08 10.82
N ARG A 12 -2.30 7.76 11.31
CA ARG A 12 -2.49 8.91 12.18
C ARG A 12 -2.24 10.21 11.42
N LEU A 13 -2.65 10.23 10.16
CA LEU A 13 -2.48 11.42 9.33
C LEU A 13 -3.79 12.17 9.17
N GLU A 14 -4.89 11.45 9.33
CA GLU A 14 -6.22 12.04 9.22
C GLU A 14 -6.32 13.32 10.03
N SER A 15 -5.52 13.41 11.08
CA SER A 15 -5.50 14.58 11.94
C SER A 15 -4.07 15.08 12.12
N VAL A 16 -3.76 16.23 11.53
CA VAL A 16 -2.42 16.80 11.61
C VAL A 16 -2.39 18.00 12.54
N PRO A 17 -1.91 17.81 13.79
CA PRO A 17 -1.81 18.88 14.77
C PRO A 17 -0.46 19.58 14.72
N THR A 18 -0.44 20.76 14.12
CA THR A 18 0.79 21.53 13.99
C THR A 18 0.67 22.91 14.63
N PRO A 19 1.78 23.42 15.19
CA PRO A 19 1.79 24.75 15.83
C PRO A 19 1.43 25.86 14.85
N PRO A 20 1.32 27.12 15.34
CA PRO A 20 0.98 28.25 14.49
C PRO A 20 2.01 28.49 13.39
N LYS A 21 1.94 27.66 12.35
CA LYS A 21 2.87 27.77 11.23
C LYS A 21 2.33 27.00 10.03
N MET A 22 2.38 25.68 10.11
CA MET A 22 1.89 24.82 9.04
C MET A 22 0.37 24.88 8.96
N THR A 23 -0.20 24.17 7.99
CA THR A 23 -1.65 24.15 7.81
C THR A 23 -2.12 22.77 7.38
N GLU A 24 -3.25 22.33 7.93
CA GLU A 24 -3.83 21.04 7.59
C GLU A 24 -4.00 20.92 6.08
N TYR A 25 -4.45 22.00 5.45
CA TYR A 25 -4.65 22.02 4.01
C TYR A 25 -3.31 22.08 3.25
N ASP A 26 -2.22 22.24 3.99
CA ASP A 26 -0.90 22.30 3.37
C ASP A 26 -0.64 21.07 2.50
N LYS A 27 -1.38 19.99 2.75
CA LYS A 27 -1.21 18.75 1.99
C LYS A 27 -1.12 19.03 0.50
N ARG A 28 -1.76 20.10 0.05
CA ARG A 28 -1.75 20.47 -1.36
C ARG A 28 -0.32 20.55 -1.89
N CYS A 29 0.55 21.21 -1.14
CA CYS A 29 1.96 21.33 -1.51
C CYS A 29 2.74 20.09 -1.11
N CYS A 30 2.36 19.51 0.02
CA CYS A 30 3.01 18.30 0.53
C CYS A 30 2.60 17.06 -0.27
N CYS A 31 1.68 17.24 -1.23
CA CYS A 31 1.17 16.13 -2.06
C CYS A 31 2.24 15.07 -2.33
N LEU A 32 3.42 15.52 -2.77
CA LEU A 32 4.52 14.60 -3.05
C LEU A 32 5.06 14.00 -1.74
N ARG A 33 5.40 14.88 -0.80
CA ARG A 33 5.91 14.45 0.48
C ARG A 33 5.00 13.40 1.11
N GLU A 34 3.69 13.57 0.91
CA GLU A 34 2.71 12.63 1.44
C GLU A 34 2.95 11.24 0.87
N ILE A 35 3.25 11.18 -0.43
CA ILE A 35 3.51 9.91 -1.09
C ILE A 35 4.57 9.10 -0.33
N GLN A 36 5.63 9.78 0.07
CA GLN A 36 6.72 9.14 0.81
C GLN A 36 6.28 8.83 2.24
N GLN A 37 5.95 9.89 2.99
CA GLN A 37 5.53 9.73 4.37
C GLN A 37 4.40 8.72 4.49
N THR A 38 3.38 8.87 3.65
CA THR A 38 2.24 7.95 3.65
C THR A 38 2.73 6.51 3.56
N GLU A 39 3.54 6.22 2.56
CA GLU A 39 4.10 4.89 2.38
C GLU A 39 4.98 4.53 3.57
N GLU A 40 5.83 5.48 3.98
CA GLU A 40 6.72 5.29 5.12
C GLU A 40 6.01 4.58 6.27
N LYS A 41 5.04 5.27 6.88
CA LYS A 41 4.29 4.71 7.99
C LYS A 41 3.67 3.36 7.62
N TYR A 42 2.88 3.36 6.54
CA TYR A 42 2.24 2.13 6.09
C TYR A 42 3.26 1.00 5.95
N THR A 43 4.44 1.33 5.46
CA THR A 43 5.50 0.34 5.30
C THR A 43 5.82 -0.33 6.63
N ASP A 44 5.74 0.44 7.71
CA ASP A 44 6.01 -0.08 9.04
C ASP A 44 4.99 -1.16 9.42
N THR A 45 3.80 -1.07 8.84
CA THR A 45 2.74 -2.04 9.10
C THR A 45 2.72 -3.12 8.01
N LEU A 46 3.05 -2.72 6.79
CA LEU A 46 3.06 -3.64 5.66
C LEU A 46 3.90 -4.87 5.99
N GLY A 47 5.08 -4.64 6.56
CA GLY A 47 5.96 -5.73 6.93
C GLY A 47 5.51 -6.43 8.20
N SER A 48 4.76 -5.71 9.02
CA SER A 48 4.26 -6.26 10.27
C SER A 48 3.56 -7.59 10.03
N ILE A 49 2.94 -7.73 8.87
CA ILE A 49 2.23 -8.95 8.52
C ILE A 49 3.22 -10.07 8.19
N GLN A 50 4.42 -9.69 7.76
CA GLN A 50 5.45 -10.66 7.41
C GLN A 50 5.91 -11.45 8.64
N GLN A 51 6.64 -10.78 9.52
CA GLN A 51 7.17 -11.42 10.72
C GLN A 51 6.13 -11.43 11.84
N HIS A 52 5.75 -10.24 12.30
CA HIS A 52 4.79 -10.11 13.39
C HIS A 52 3.39 -10.52 12.94
N PHE A 53 3.25 -11.79 12.56
CA PHE A 53 1.95 -12.33 12.12
C PHE A 53 2.13 -13.69 11.45
N MET A 54 2.62 -13.67 10.21
CA MET A 54 2.84 -14.91 9.46
C MET A 54 3.58 -15.95 10.30
N LYS A 55 4.73 -15.55 10.83
CA LYS A 55 5.55 -16.45 11.65
C LYS A 55 4.75 -17.03 12.81
N PRO A 56 4.26 -16.16 13.72
CA PRO A 56 3.50 -16.60 14.89
C PRO A 56 2.23 -17.35 14.52
N LEU A 57 1.77 -17.19 13.28
CA LEU A 57 0.55 -17.85 12.83
C LEU A 57 0.81 -19.31 12.47
N GLN A 58 1.99 -19.58 11.92
CA GLN A 58 2.37 -20.93 11.51
C GLN A 58 2.03 -21.95 12.60
N ARG A 59 2.01 -21.50 13.85
CA ARG A 59 1.70 -22.36 14.98
C ARG A 59 0.24 -22.81 14.97
N PHE A 60 -0.56 -22.25 14.07
CA PHE A 60 -1.97 -22.60 14.00
C PHE A 60 -2.39 -22.99 12.59
N LEU A 61 -2.33 -22.03 11.67
CA LEU A 61 -2.71 -22.28 10.29
C LEU A 61 -1.75 -23.24 9.61
N LYS A 62 -2.30 -24.20 8.87
CA LYS A 62 -1.51 -25.19 8.17
C LYS A 62 -0.42 -24.52 7.33
N PRO A 63 0.63 -25.27 6.96
CA PRO A 63 1.75 -24.75 6.16
C PRO A 63 1.36 -24.54 4.70
N GLN A 64 0.37 -25.28 4.23
CA GLN A 64 -0.09 -25.18 2.85
C GLN A 64 -1.00 -23.97 2.67
N ASP A 65 -2.03 -23.89 3.50
CA ASP A 65 -2.99 -22.79 3.43
C ASP A 65 -2.35 -21.48 3.88
N MET A 66 -1.24 -21.57 4.60
CA MET A 66 -0.55 -20.38 5.09
C MET A 66 -0.38 -19.33 3.99
N GLU A 67 0.08 -19.78 2.83
CA GLU A 67 0.30 -18.87 1.70
C GLU A 67 -1.00 -18.17 1.32
N THR A 68 -2.08 -18.93 1.23
CA THR A 68 -3.39 -18.37 0.86
C THR A 68 -3.70 -17.14 1.71
N ILE A 69 -3.26 -17.14 2.96
CA ILE A 69 -3.50 -16.03 3.87
C ILE A 69 -2.53 -14.88 3.59
N PHE A 70 -1.24 -15.18 3.65
CA PHE A 70 -0.20 -14.20 3.39
C PHE A 70 0.46 -14.45 2.05
N VAL A 71 -0.36 -14.48 1.00
CA VAL A 71 0.11 -14.75 -0.37
C VAL A 71 1.51 -14.18 -0.64
N ASN A 72 1.57 -12.97 -1.21
CA ASN A 72 2.85 -12.34 -1.50
C ASN A 72 3.21 -11.30 -0.44
N ILE A 73 2.53 -11.35 0.70
CA ILE A 73 2.79 -10.40 1.78
C ILE A 73 4.29 -10.30 2.08
N GLU A 74 5.03 -11.36 1.76
CA GLU A 74 6.47 -11.38 2.02
C GLU A 74 7.23 -10.58 0.97
N GLU A 75 6.93 -10.83 -0.30
CA GLU A 75 7.60 -10.13 -1.40
C GLU A 75 6.96 -8.78 -1.64
N LEU A 76 5.72 -8.62 -1.22
CA LEU A 76 4.98 -7.38 -1.40
C LEU A 76 5.47 -6.30 -0.43
N PHE A 77 5.89 -6.72 0.75
CA PHE A 77 6.40 -5.79 1.75
C PHE A 77 7.60 -5.03 1.21
N SER A 78 8.30 -5.63 0.24
CA SER A 78 9.47 -5.01 -0.36
C SER A 78 9.07 -3.90 -1.31
N VAL A 79 8.05 -4.17 -2.13
CA VAL A 79 7.55 -3.18 -3.09
C VAL A 79 7.29 -1.85 -2.40
N HIS A 80 6.99 -1.92 -1.11
CA HIS A 80 6.72 -0.72 -0.33
C HIS A 80 7.99 -0.18 0.31
N THR A 81 8.81 -1.08 0.84
CA THR A 81 10.07 -0.70 1.48
C THR A 81 11.04 -0.09 0.47
N HIS A 82 11.45 -0.89 -0.51
CA HIS A 82 12.41 -0.44 -1.52
C HIS A 82 11.91 0.83 -2.20
N PHE A 83 10.61 0.91 -2.47
CA PHE A 83 10.04 2.06 -3.14
C PHE A 83 10.48 3.36 -2.48
N LEU A 84 10.39 3.41 -1.15
CA LEU A 84 10.80 4.59 -0.40
C LEU A 84 12.29 4.86 -0.56
N LYS A 85 13.08 3.79 -0.66
CA LYS A 85 14.52 3.92 -0.81
C LYS A 85 14.87 4.70 -2.07
N GLU A 86 13.95 4.70 -3.03
CA GLU A 86 14.16 5.40 -4.29
C GLU A 86 13.76 6.87 -4.19
N LEU A 87 12.53 7.10 -3.74
CA LEU A 87 12.01 8.46 -3.58
C LEU A 87 12.88 9.27 -2.62
N LYS A 88 13.34 8.62 -1.56
CA LYS A 88 14.19 9.30 -0.58
C LYS A 88 15.31 10.06 -1.26
N ASP A 89 15.85 9.45 -2.33
CA ASP A 89 16.90 10.08 -3.10
C ASP A 89 16.34 10.76 -4.35
N ALA A 90 15.12 10.37 -4.73
CA ALA A 90 14.48 10.94 -5.91
C ALA A 90 13.91 12.32 -5.62
N LEU A 91 13.28 12.47 -4.45
CA LEU A 91 12.70 13.75 -4.05
C LEU A 91 13.77 14.78 -3.75
N ALA A 92 14.96 14.30 -3.39
CA ALA A 92 16.07 15.18 -3.07
C ALA A 92 16.84 15.62 -4.33
N GLY A 93 16.28 15.33 -5.50
CA GLY A 93 16.93 15.71 -6.74
C GLY A 93 16.70 17.17 -7.08
N PRO A 94 16.64 17.51 -8.38
CA PRO A 94 16.42 18.89 -8.83
C PRO A 94 15.03 19.40 -8.46
N GLY A 95 14.01 18.61 -8.80
CA GLY A 95 12.64 18.99 -8.49
C GLY A 95 11.70 17.81 -8.43
N ALA A 96 12.20 16.69 -7.93
CA ALA A 96 11.39 15.47 -7.81
C ALA A 96 10.68 15.16 -9.13
N THR A 97 11.38 15.36 -10.24
CA THR A 97 10.81 15.09 -11.55
C THR A 97 11.26 13.72 -12.07
N THR A 98 12.48 13.34 -11.72
CA THR A 98 13.04 12.06 -12.14
C THR A 98 12.22 10.89 -11.59
N LEU A 99 11.37 11.16 -10.61
CA LEU A 99 10.55 10.13 -9.99
C LEU A 99 9.85 9.27 -11.04
N TYR A 100 9.63 9.85 -12.23
CA TYR A 100 8.96 9.15 -13.31
C TYR A 100 9.57 7.76 -13.53
N GLN A 101 10.89 7.70 -13.65
CA GLN A 101 11.59 6.45 -13.86
C GLN A 101 11.24 5.42 -12.80
N VAL A 102 11.20 5.88 -11.54
CA VAL A 102 10.87 4.99 -10.43
C VAL A 102 9.47 4.41 -10.57
N PHE A 103 8.64 5.03 -11.40
CA PHE A 103 7.28 4.56 -11.60
C PHE A 103 7.18 3.67 -12.83
N ILE A 104 7.99 3.96 -13.84
CA ILE A 104 7.96 3.20 -15.09
C ILE A 104 8.64 1.84 -14.95
N LYS A 105 9.69 1.78 -14.13
CA LYS A 105 10.44 0.53 -13.94
C LYS A 105 9.87 -0.31 -12.79
N TYR A 106 8.87 0.20 -12.10
CA TYR A 106 8.27 -0.52 -10.98
C TYR A 106 7.05 -1.32 -11.40
N LYS A 107 6.57 -1.11 -12.63
CA LYS A 107 5.40 -1.83 -13.12
C LYS A 107 5.45 -3.30 -12.75
N GLU A 108 6.60 -3.92 -12.98
CA GLU A 108 6.81 -5.33 -12.67
C GLU A 108 6.16 -5.73 -11.35
N ARG A 109 6.44 -4.96 -10.30
CA ARG A 109 5.89 -5.22 -8.98
C ARG A 109 4.48 -4.62 -8.86
N PHE A 110 4.35 -3.38 -9.30
CA PHE A 110 3.05 -2.72 -9.26
C PHE A 110 1.99 -3.58 -9.93
N LEU A 111 2.43 -4.44 -10.84
CA LEU A 111 1.54 -5.37 -11.52
C LEU A 111 1.19 -6.54 -10.60
N VAL A 112 2.13 -6.88 -9.70
CA VAL A 112 1.90 -7.93 -8.73
C VAL A 112 0.56 -7.72 -8.04
N TYR A 113 0.17 -6.46 -7.92
CA TYR A 113 -1.12 -6.11 -7.33
C TYR A 113 -2.23 -6.94 -7.94
N GLY A 114 -2.11 -7.23 -9.24
CA GLY A 114 -3.11 -8.02 -9.92
C GLY A 114 -3.20 -9.43 -9.38
N ARG A 115 -2.12 -10.20 -9.56
CA ARG A 115 -2.07 -11.57 -9.06
C ARG A 115 -2.39 -11.59 -7.57
N TYR A 116 -1.97 -10.53 -6.88
CA TYR A 116 -2.24 -10.41 -5.44
C TYR A 116 -3.73 -10.26 -5.19
N CYS A 117 -4.37 -9.38 -5.96
CA CYS A 117 -5.81 -9.15 -5.84
C CYS A 117 -6.61 -10.34 -6.36
N SER A 118 -5.93 -11.32 -6.95
CA SER A 118 -6.59 -12.50 -7.50
C SER A 118 -6.67 -13.61 -6.45
N GLN A 119 -5.61 -13.76 -5.66
CA GLN A 119 -5.59 -14.73 -4.58
C GLN A 119 -6.22 -14.11 -3.35
N VAL A 120 -5.97 -12.82 -3.21
CA VAL A 120 -6.55 -12.01 -2.14
C VAL A 120 -8.07 -12.25 -2.09
N GLU A 121 -8.74 -12.04 -3.22
CA GLU A 121 -10.19 -12.24 -3.29
C GLU A 121 -10.60 -13.53 -2.61
N SER A 122 -9.68 -14.49 -2.61
CA SER A 122 -9.92 -15.77 -1.95
C SER A 122 -9.35 -15.77 -0.54
N ALA A 123 -8.19 -15.12 -0.37
CA ALA A 123 -7.53 -15.03 0.93
C ALA A 123 -8.46 -14.39 1.96
N SER A 124 -8.69 -13.08 1.81
CA SER A 124 -9.57 -12.35 2.72
C SER A 124 -10.88 -13.11 2.90
N LYS A 125 -11.25 -13.87 1.89
CA LYS A 125 -12.47 -14.67 1.93
C LYS A 125 -12.28 -15.92 2.77
N HIS A 126 -11.06 -16.46 2.74
CA HIS A 126 -10.74 -17.66 3.50
C HIS A 126 -10.66 -17.35 4.99
N LEU A 127 -9.92 -16.29 5.33
CA LEU A 127 -9.77 -15.87 6.71
C LEU A 127 -11.12 -15.74 7.39
N ASP A 128 -12.05 -15.07 6.71
CA ASP A 128 -13.40 -14.87 7.24
C ASP A 128 -13.99 -16.19 7.75
N GLN A 129 -13.74 -17.27 7.00
CA GLN A 129 -14.25 -18.58 7.39
C GLN A 129 -13.26 -19.31 8.29
N VAL A 130 -11.98 -19.25 7.94
CA VAL A 130 -10.94 -19.89 8.73
C VAL A 130 -11.06 -19.55 10.20
N ALA A 131 -10.83 -18.28 10.53
CA ALA A 131 -10.90 -17.82 11.91
C ALA A 131 -12.19 -18.28 12.58
N THR A 132 -13.26 -18.34 11.80
CA THR A 132 -14.56 -18.76 12.32
C THR A 132 -14.62 -20.29 12.46
N ALA A 133 -13.91 -20.98 11.56
CA ALA A 133 -13.88 -22.44 11.58
C ALA A 133 -13.12 -22.94 12.80
N ARG A 134 -11.87 -22.48 12.94
CA ARG A 134 -11.04 -22.88 14.07
C ARG A 134 -11.32 -22.02 15.29
N GLU A 135 -10.49 -22.17 16.33
CA GLU A 135 -10.65 -21.40 17.55
C GLU A 135 -9.35 -20.69 17.91
N ASP A 136 -8.31 -21.46 18.19
CA ASP A 136 -7.02 -20.91 18.56
C ASP A 136 -6.57 -19.86 17.55
N VAL A 137 -7.08 -19.97 16.32
CA VAL A 137 -6.74 -19.02 15.26
C VAL A 137 -7.52 -17.72 15.42
N GLN A 138 -8.74 -17.84 15.95
CA GLN A 138 -9.59 -16.68 16.15
C GLN A 138 -9.06 -15.78 17.27
N MET A 139 -8.91 -16.36 18.47
CA MET A 139 -8.42 -15.61 19.62
C MET A 139 -7.12 -14.89 19.28
N LYS A 140 -6.35 -15.46 18.36
CA LYS A 140 -5.08 -14.88 17.96
C LYS A 140 -5.29 -13.57 17.21
N LEU A 141 -6.03 -13.63 16.11
CA LEU A 141 -6.29 -12.44 15.30
C LEU A 141 -6.76 -11.27 16.16
N GLU A 142 -7.35 -11.58 17.31
CA GLU A 142 -7.84 -10.55 18.21
C GLU A 142 -6.70 -9.87 18.96
N GLU A 143 -5.80 -10.67 19.52
CA GLU A 143 -4.68 -10.14 20.28
C GLU A 143 -3.47 -9.89 19.37
N CYS A 144 -3.09 -10.90 18.59
CA CYS A 144 -1.95 -10.79 17.70
C CYS A 144 -2.02 -9.51 16.86
N SER A 145 -3.22 -9.00 16.66
CA SER A 145 -3.43 -7.79 15.87
C SER A 145 -3.30 -6.53 16.74
N GLN A 146 -3.39 -6.69 18.05
CA GLN A 146 -3.29 -5.56 18.97
C GLN A 146 -2.03 -4.75 18.71
N ARG A 147 -0.99 -5.42 18.23
CA ARG A 147 0.29 -4.76 17.95
C ARG A 147 0.16 -3.82 16.75
N ALA A 148 -0.77 -4.14 15.85
CA ALA A 148 -0.99 -3.32 14.66
C ALA A 148 -2.38 -2.71 14.68
N ASN A 149 -3.38 -3.56 14.52
CA ASN A 149 -4.77 -3.11 14.53
C ASN A 149 -5.61 -4.05 15.39
N ASN A 150 -5.97 -3.61 16.59
CA ASN A 150 -6.76 -4.42 17.51
C ASN A 150 -8.07 -4.85 16.87
N GLY A 151 -8.02 -5.95 16.11
CA GLY A 151 -9.21 -6.46 15.46
C GLY A 151 -10.03 -5.37 14.79
N ARG A 152 -9.38 -4.58 13.94
CA ARG A 152 -10.06 -3.49 13.25
C ARG A 152 -9.87 -3.60 11.74
N PHE A 153 -8.64 -3.91 11.32
CA PHE A 153 -8.34 -4.02 9.90
C PHE A 153 -7.47 -5.25 9.61
N THR A 154 -7.38 -6.17 10.57
CA THR A 154 -6.56 -7.37 10.41
C THR A 154 -6.63 -7.94 9.00
N LEU A 155 -5.55 -8.63 8.61
CA LEU A 155 -5.41 -9.29 7.30
C LEU A 155 -6.55 -9.02 6.32
N ARG A 156 -7.72 -9.59 6.60
CA ARG A 156 -8.89 -9.42 5.75
C ARG A 156 -9.02 -7.99 5.24
N ASP A 157 -8.57 -7.03 6.03
CA ASP A 157 -8.60 -5.63 5.64
C ASP A 157 -7.24 -5.18 5.10
N LEU A 158 -6.17 -5.74 5.69
CA LEU A 158 -4.81 -5.39 5.26
C LEU A 158 -4.60 -5.72 3.78
N LEU A 159 -4.56 -7.01 3.45
CA LEU A 159 -4.32 -7.43 2.08
C LEU A 159 -5.25 -6.70 1.10
N MET A 160 -6.39 -6.23 1.60
CA MET A 160 -7.34 -5.51 0.76
C MET A 160 -7.01 -4.02 0.67
N VAL A 161 -6.07 -3.56 1.51
CA VAL A 161 -5.68 -2.15 1.53
C VAL A 161 -4.76 -1.79 0.36
N PRO A 162 -3.73 -2.61 0.05
CA PRO A 162 -2.78 -2.28 -1.02
C PRO A 162 -3.40 -2.36 -2.42
N MET A 163 -4.65 -2.80 -2.50
CA MET A 163 -5.35 -2.89 -3.79
C MET A 163 -5.63 -1.50 -4.37
N GLN A 164 -5.52 -0.47 -3.53
CA GLN A 164 -5.77 0.90 -3.98
C GLN A 164 -4.47 1.60 -4.34
N ARG A 165 -3.35 1.10 -3.82
CA ARG A 165 -2.04 1.70 -4.10
C ARG A 165 -1.86 1.96 -5.58
N VAL A 166 -2.03 0.91 -6.38
CA VAL A 166 -1.88 1.03 -7.83
C VAL A 166 -2.67 2.20 -8.37
N LEU A 167 -3.82 2.48 -7.77
CA LEU A 167 -4.65 3.59 -8.19
C LEU A 167 -4.10 4.90 -7.62
N LYS A 168 -4.04 4.97 -6.29
CA LYS A 168 -3.54 6.16 -5.60
C LYS A 168 -2.32 6.75 -6.30
N TYR A 169 -1.47 5.88 -6.83
CA TYR A 169 -0.27 6.33 -7.53
C TYR A 169 -0.62 7.38 -8.57
N HIS A 170 -1.16 6.93 -9.70
CA HIS A 170 -1.56 7.84 -10.77
C HIS A 170 -2.65 8.77 -10.27
N LEU A 171 -3.56 8.23 -9.49
CA LEU A 171 -4.66 9.00 -8.91
C LEU A 171 -4.12 10.26 -8.24
N LEU A 172 -3.00 10.12 -7.55
CA LEU A 172 -2.37 11.26 -6.88
C LEU A 172 -1.31 11.90 -7.77
N LEU A 173 -0.61 11.07 -8.53
CA LEU A 173 0.45 11.54 -9.41
C LEU A 173 0.00 12.76 -10.21
N GLN A 174 -1.25 12.72 -10.68
CA GLN A 174 -1.81 13.83 -11.44
C GLN A 174 -1.65 15.15 -10.70
N GLU A 175 -1.90 15.11 -9.39
CA GLU A 175 -1.78 16.29 -8.55
C GLU A 175 -0.37 16.86 -8.61
N LEU A 176 0.61 15.98 -8.81
CA LEU A 176 2.00 16.39 -8.89
C LEU A 176 2.31 16.99 -10.26
N VAL A 177 1.83 16.35 -11.31
CA VAL A 177 2.04 16.82 -12.67
C VAL A 177 1.33 18.15 -12.90
N LYS A 178 0.04 18.19 -12.57
CA LYS A 178 -0.76 19.40 -12.73
C LYS A 178 -0.07 20.59 -12.06
N HIS A 179 0.72 20.31 -11.03
CA HIS A 179 1.43 21.35 -10.31
C HIS A 179 2.86 21.50 -10.82
N THR A 180 3.08 21.10 -12.08
CA THR A 180 4.40 21.18 -12.69
C THR A 180 4.32 21.84 -14.06
N GLN A 181 5.09 22.92 -14.22
CA GLN A 181 5.11 23.66 -15.49
C GLN A 181 6.54 23.87 -15.96
N ASP A 182 7.15 22.82 -16.49
CA ASP A 182 8.52 22.90 -16.99
C ASP A 182 8.60 22.43 -18.44
N ALA A 183 9.81 22.06 -18.87
CA ALA A 183 10.02 21.61 -20.24
C ALA A 183 9.90 20.09 -20.34
N THR A 184 10.87 19.38 -19.78
CA THR A 184 10.88 17.93 -19.81
C THR A 184 10.15 17.36 -18.60
N GLU A 185 10.29 18.04 -17.46
CA GLU A 185 9.64 17.59 -16.23
C GLU A 185 8.17 17.28 -16.46
N LYS A 186 7.39 18.31 -16.74
CA LYS A 186 5.96 18.15 -16.99
C LYS A 186 5.71 17.14 -18.10
N GLU A 187 6.68 17.01 -19.00
CA GLU A 187 6.57 16.08 -20.11
C GLU A 187 6.74 14.64 -19.65
N ASN A 188 7.92 14.33 -19.13
CA ASN A 188 8.22 12.99 -18.65
C ASN A 188 7.25 12.57 -17.54
N LEU A 189 6.90 13.53 -16.68
CA LEU A 189 5.98 13.26 -15.58
C LEU A 189 4.72 12.55 -16.08
N ARG A 190 4.11 13.12 -17.12
CA ARG A 190 2.91 12.54 -17.70
C ARG A 190 3.13 11.08 -18.06
N LEU A 191 4.27 10.79 -18.65
CA LEU A 191 4.61 9.42 -19.05
C LEU A 191 4.50 8.48 -17.85
N ALA A 192 5.00 8.94 -16.70
CA ALA A 192 4.95 8.15 -15.48
C ALA A 192 3.53 7.67 -15.20
N LEU A 193 2.55 8.48 -15.61
CA LEU A 193 1.15 8.13 -15.41
C LEU A 193 0.69 7.13 -16.47
N ASP A 194 1.14 7.33 -17.70
CA ASP A 194 0.78 6.44 -18.81
C ASP A 194 1.02 4.99 -18.43
N ALA A 195 2.10 4.74 -17.69
CA ALA A 195 2.43 3.40 -17.25
C ALA A 195 1.53 2.96 -16.12
N MET A 196 1.32 3.85 -15.16
CA MET A 196 0.46 3.56 -14.02
C MET A 196 -0.97 3.30 -14.46
N ARG A 197 -1.56 4.28 -15.14
CA ARG A 197 -2.92 4.16 -15.63
C ARG A 197 -3.12 2.84 -16.37
N ASP A 198 -2.05 2.35 -16.98
CA ASP A 198 -2.10 1.10 -17.72
C ASP A 198 -2.42 -0.08 -16.79
N LEU A 199 -1.96 0.01 -15.56
CA LEU A 199 -2.19 -1.04 -14.57
C LEU A 199 -3.63 -1.01 -14.06
N ALA A 200 -4.15 0.20 -13.84
CA ALA A 200 -5.50 0.37 -13.34
C ALA A 200 -6.50 -0.48 -14.12
N GLN A 201 -6.15 -0.80 -15.37
CA GLN A 201 -7.02 -1.59 -16.23
C GLN A 201 -6.64 -3.07 -16.23
N CYS A 202 -5.43 -3.38 -15.75
CA CYS A 202 -4.98 -4.76 -15.68
C CYS A 202 -5.13 -5.28 -14.26
N VAL A 203 -5.03 -4.37 -13.31
CA VAL A 203 -5.13 -4.71 -11.91
C VAL A 203 -6.59 -4.82 -11.48
N ASN A 204 -7.43 -3.95 -12.04
CA ASN A 204 -8.85 -3.96 -11.73
C ASN A 204 -9.64 -4.70 -12.82
N GLU A 205 -9.01 -5.70 -13.42
CA GLU A 205 -9.64 -6.48 -14.47
C GLU A 205 -9.23 -7.95 -14.35
N VAL A 206 -9.22 -8.45 -13.12
CA VAL A 206 -8.83 -9.83 -12.86
C VAL A 206 -10.01 -10.65 -12.36
N LYS A 207 -10.64 -11.37 -13.28
CA LYS A 207 -11.79 -12.21 -12.96
C LYS A 207 -12.98 -11.37 -12.53
N ARG A 208 -12.83 -10.67 -11.41
CA ARG A 208 -13.90 -9.82 -10.89
C ARG A 208 -13.31 -8.59 -10.21
N MET A 1 -15.86 0.86 2.73
CA MET A 1 -14.65 0.13 3.19
C MET A 1 -13.87 -0.46 2.01
N LYS A 2 -13.10 0.37 1.34
CA LYS A 2 -12.31 -0.07 0.19
C LYS A 2 -10.83 -0.18 0.56
N GLY A 3 -10.38 0.70 1.45
CA GLY A 3 -9.00 0.69 1.86
C GLY A 3 -8.46 2.07 2.16
N ASP A 4 -9.04 3.08 1.50
CA ASP A 4 -8.62 4.46 1.70
C ASP A 4 -8.79 4.88 3.15
N GLU A 5 -9.94 4.55 3.73
CA GLU A 5 -10.22 4.89 5.12
C GLU A 5 -9.26 4.17 6.06
N ILE A 6 -8.85 2.96 5.66
CA ILE A 6 -7.94 2.16 6.46
C ILE A 6 -6.64 2.91 6.74
N TYR A 7 -5.91 3.24 5.68
CA TYR A 7 -4.65 3.97 5.82
C TYR A 7 -4.82 5.19 6.71
N GLU A 8 -5.99 5.82 6.63
CA GLU A 8 -6.28 7.01 7.42
C GLU A 8 -6.03 6.75 8.90
N ASP A 9 -6.79 5.84 9.48
CA ASP A 9 -6.67 5.51 10.90
C ASP A 9 -5.48 4.59 11.15
N LEU A 10 -5.04 3.89 10.10
CA LEU A 10 -3.92 2.96 10.21
C LEU A 10 -2.73 3.62 10.92
N MET A 11 -2.50 4.89 10.62
CA MET A 11 -1.40 5.61 11.24
C MET A 11 -1.93 6.78 12.06
N ARG A 12 -1.30 7.03 13.21
CA ARG A 12 -1.72 8.11 14.09
C ARG A 12 -0.94 9.38 13.79
N LEU A 13 -0.43 9.50 12.57
CA LEU A 13 0.33 10.68 12.17
C LEU A 13 0.09 10.98 10.69
N GLU A 14 -1.08 10.60 10.19
CA GLU A 14 -1.42 10.85 8.80
C GLU A 14 -1.60 12.33 8.54
N SER A 15 -1.98 13.07 9.57
CA SER A 15 -2.18 14.50 9.47
C SER A 15 -0.90 15.19 9.04
N VAL A 16 -1.04 16.37 8.43
CA VAL A 16 0.11 17.14 7.96
C VAL A 16 0.48 18.23 8.95
N PRO A 17 1.66 18.13 9.60
CA PRO A 17 2.10 19.13 10.58
C PRO A 17 2.03 20.54 10.02
N THR A 18 1.00 21.27 10.42
CA THR A 18 0.80 22.64 9.97
C THR A 18 0.47 23.55 11.15
N PRO A 19 1.12 24.74 11.23
CA PRO A 19 0.88 25.69 12.31
C PRO A 19 -0.59 26.07 12.45
N PRO A 20 -1.27 26.38 11.33
CA PRO A 20 -2.68 26.77 11.34
C PRO A 20 -3.61 25.56 11.43
N LYS A 21 -4.91 25.82 11.52
CA LYS A 21 -5.89 24.76 11.61
C LYS A 21 -5.75 23.76 10.47
N MET A 22 -6.48 22.65 10.58
CA MET A 22 -6.43 21.61 9.55
C MET A 22 -7.14 22.06 8.28
N THR A 23 -6.39 22.68 7.38
CA THR A 23 -6.95 23.17 6.12
C THR A 23 -6.59 22.22 4.97
N GLU A 24 -7.58 21.92 4.13
CA GLU A 24 -7.37 21.04 3.00
C GLU A 24 -6.44 21.68 1.97
N TYR A 25 -6.42 23.01 1.94
CA TYR A 25 -5.57 23.74 1.01
C TYR A 25 -4.11 23.31 1.14
N ASP A 26 -3.76 22.76 2.29
CA ASP A 26 -2.40 22.32 2.54
C ASP A 26 -2.16 20.91 2.00
N LYS A 27 -3.21 20.10 2.01
CA LYS A 27 -3.12 18.73 1.53
C LYS A 27 -2.77 18.70 0.04
N ARG A 28 -3.16 19.75 -0.67
CA ARG A 28 -2.89 19.85 -2.10
C ARG A 28 -1.40 19.73 -2.37
N CYS A 29 -0.65 20.78 -2.03
CA CYS A 29 0.79 20.79 -2.24
C CYS A 29 1.46 19.64 -1.50
N CYS A 30 0.89 19.26 -0.36
CA CYS A 30 1.42 18.17 0.45
C CYS A 30 1.16 16.81 -0.18
N CYS A 31 0.41 16.78 -1.29
CA CYS A 31 0.09 15.52 -1.96
C CYS A 31 1.30 14.60 -2.04
N LEU A 32 2.46 15.17 -2.33
CA LEU A 32 3.70 14.40 -2.43
C LEU A 32 4.09 13.83 -1.07
N ARG A 33 4.25 14.71 -0.09
CA ARG A 33 4.62 14.29 1.25
C ARG A 33 3.69 13.19 1.75
N GLU A 34 2.48 13.15 1.20
CA GLU A 34 1.50 12.13 1.59
C GLU A 34 1.83 10.79 0.93
N ILE A 35 2.52 10.83 -0.20
CA ILE A 35 2.89 9.63 -0.92
C ILE A 35 3.87 8.78 -0.12
N GLN A 36 4.98 9.39 0.30
CA GLN A 36 6.00 8.69 1.07
C GLN A 36 5.54 8.43 2.50
N GLN A 37 5.16 9.49 3.20
CA GLN A 37 4.71 9.37 4.58
C GLN A 37 3.67 8.25 4.73
N THR A 38 2.59 8.34 3.96
CA THR A 38 1.53 7.36 4.03
C THR A 38 2.03 5.95 3.70
N GLU A 39 3.16 5.88 3.01
CA GLU A 39 3.75 4.60 2.64
C GLU A 39 4.82 4.18 3.63
N GLU A 40 5.41 5.15 4.30
CA GLU A 40 6.44 4.88 5.29
C GLU A 40 5.87 4.07 6.46
N LYS A 41 4.83 4.61 7.07
CA LYS A 41 4.18 3.94 8.19
C LYS A 41 3.62 2.58 7.77
N TYR A 42 2.88 2.58 6.67
CA TYR A 42 2.30 1.35 6.15
C TYR A 42 3.36 0.28 5.95
N THR A 43 4.54 0.70 5.52
CA THR A 43 5.65 -0.22 5.30
C THR A 43 5.98 -0.96 6.59
N ASP A 44 5.91 -0.25 7.71
CA ASP A 44 6.19 -0.84 9.01
C ASP A 44 5.27 -2.04 9.26
N THR A 45 4.03 -1.92 8.81
CA THR A 45 3.05 -2.99 8.98
C THR A 45 3.18 -4.02 7.85
N LEU A 46 3.65 -3.56 6.69
CA LEU A 46 3.81 -4.42 5.53
C LEU A 46 4.76 -5.57 5.85
N GLY A 47 5.85 -5.27 6.56
CA GLY A 47 6.82 -6.29 6.90
C GLY A 47 6.46 -7.05 8.17
N SER A 48 5.46 -6.55 8.91
CA SER A 48 5.03 -7.18 10.14
C SER A 48 4.28 -8.49 9.86
N ILE A 49 3.67 -8.56 8.68
CA ILE A 49 2.92 -9.75 8.28
C ILE A 49 3.85 -10.87 7.84
N GLN A 50 5.07 -10.50 7.45
CA GLN A 50 6.05 -11.47 7.00
C GLN A 50 6.47 -12.42 8.12
N GLN A 51 7.20 -11.89 9.10
CA GLN A 51 7.67 -12.69 10.22
C GLN A 51 6.64 -12.70 11.36
N HIS A 52 6.42 -11.53 11.96
CA HIS A 52 5.48 -11.40 13.07
C HIS A 52 4.06 -11.61 12.59
N PHE A 53 3.76 -12.84 12.18
CA PHE A 53 2.43 -13.19 11.69
C PHE A 53 2.42 -14.58 11.10
N MET A 54 3.06 -14.73 9.93
CA MET A 54 3.14 -16.01 9.24
C MET A 54 3.57 -17.12 10.20
N LYS A 55 4.69 -16.88 10.90
CA LYS A 55 5.22 -17.87 11.82
C LYS A 55 4.16 -18.28 12.84
N PRO A 56 3.69 -17.33 13.66
CA PRO A 56 2.67 -17.60 14.69
C PRO A 56 1.36 -18.09 14.09
N LEU A 57 0.93 -17.46 13.01
CA LEU A 57 -0.32 -17.84 12.34
C LEU A 57 -0.28 -19.30 11.92
N GLN A 58 0.83 -19.71 11.30
CA GLN A 58 0.98 -21.08 10.82
C GLN A 58 0.65 -22.08 11.93
N ARG A 59 0.91 -21.70 13.17
CA ARG A 59 0.65 -22.58 14.31
C ARG A 59 -0.85 -22.66 14.62
N PHE A 60 -1.66 -21.91 13.88
CA PHE A 60 -3.10 -21.93 14.10
C PHE A 60 -3.85 -22.26 12.82
N LEU A 61 -3.37 -21.73 11.69
CA LEU A 61 -4.00 -21.97 10.40
C LEU A 61 -3.18 -22.95 9.58
N LYS A 62 -3.83 -24.03 9.15
CA LYS A 62 -3.17 -25.07 8.35
C LYS A 62 -2.34 -24.46 7.23
N PRO A 63 -1.13 -24.99 6.98
CA PRO A 63 -0.25 -24.49 5.91
C PRO A 63 -0.92 -24.51 4.56
N GLN A 64 -1.76 -25.52 4.32
CA GLN A 64 -2.47 -25.65 3.05
C GLN A 64 -3.15 -24.34 2.67
N ASP A 65 -3.87 -23.76 3.61
CA ASP A 65 -4.58 -22.51 3.38
C ASP A 65 -3.66 -21.31 3.56
N MET A 66 -2.70 -21.44 4.47
CA MET A 66 -1.75 -20.37 4.76
C MET A 66 -1.17 -19.79 3.47
N GLU A 67 -1.05 -20.63 2.45
CA GLU A 67 -0.50 -20.20 1.17
C GLU A 67 -1.28 -19.03 0.60
N THR A 68 -2.59 -19.00 0.85
CA THR A 68 -3.43 -17.93 0.35
C THR A 68 -3.69 -16.86 1.41
N ILE A 69 -3.68 -17.27 2.68
CA ILE A 69 -3.92 -16.34 3.79
C ILE A 69 -3.11 -15.06 3.61
N PHE A 70 -1.85 -15.20 3.24
CA PHE A 70 -0.98 -14.05 3.03
C PHE A 70 -0.75 -13.80 1.55
N VAL A 71 -0.60 -14.89 0.80
CA VAL A 71 -0.39 -14.82 -0.65
C VAL A 71 1.08 -14.56 -1.01
N ASN A 72 1.41 -13.34 -1.45
CA ASN A 72 2.79 -13.03 -1.82
C ASN A 72 3.34 -11.87 -1.00
N ILE A 73 2.97 -11.83 0.27
CA ILE A 73 3.45 -10.77 1.16
C ILE A 73 4.97 -10.70 1.18
N GLU A 74 5.62 -11.84 0.98
CA GLU A 74 7.07 -11.91 0.99
C GLU A 74 7.66 -11.12 -0.17
N GLU A 75 7.08 -11.28 -1.35
CA GLU A 75 7.56 -10.59 -2.55
C GLU A 75 6.98 -9.18 -2.64
N LEU A 76 5.89 -8.94 -1.92
CA LEU A 76 5.24 -7.64 -1.93
C LEU A 76 5.86 -6.70 -0.90
N PHE A 77 6.49 -7.28 0.11
CA PHE A 77 7.13 -6.48 1.17
C PHE A 77 8.16 -5.52 0.58
N SER A 78 8.94 -6.01 -0.38
CA SER A 78 9.98 -5.19 -1.00
C SER A 78 9.37 -3.98 -1.72
N VAL A 79 8.32 -4.24 -2.50
CA VAL A 79 7.65 -3.18 -3.24
C VAL A 79 7.30 -2.00 -2.35
N HIS A 80 7.16 -2.26 -1.06
CA HIS A 80 6.81 -1.21 -0.11
C HIS A 80 8.06 -0.58 0.51
N THR A 81 8.86 -1.39 1.19
CA THR A 81 10.08 -0.89 1.82
C THR A 81 11.09 -0.42 0.78
N HIS A 82 11.31 -1.24 -0.24
CA HIS A 82 12.25 -0.91 -1.30
C HIS A 82 11.83 0.37 -2.04
N PHE A 83 10.54 0.53 -2.26
CA PHE A 83 10.02 1.69 -2.97
C PHE A 83 10.43 2.98 -2.27
N LEU A 84 10.41 2.98 -0.94
CA LEU A 84 10.79 4.15 -0.17
C LEU A 84 12.25 4.50 -0.39
N LYS A 85 13.12 3.50 -0.28
CA LYS A 85 14.55 3.71 -0.47
C LYS A 85 14.83 4.43 -1.80
N GLU A 86 13.93 4.25 -2.76
CA GLU A 86 14.09 4.88 -4.06
C GLU A 86 13.62 6.33 -4.03
N LEU A 87 12.46 6.56 -3.41
CA LEU A 87 11.91 7.91 -3.31
C LEU A 87 12.81 8.82 -2.49
N LYS A 88 13.58 8.22 -1.58
CA LYS A 88 14.48 8.99 -0.72
C LYS A 88 15.41 9.87 -1.56
N ASP A 89 16.22 9.23 -2.39
CA ASP A 89 17.15 9.95 -3.25
C ASP A 89 16.41 10.75 -4.31
N ALA A 90 15.21 10.30 -4.64
CA ALA A 90 14.39 10.97 -5.64
C ALA A 90 13.79 12.27 -5.08
N LEU A 91 13.33 12.22 -3.85
CA LEU A 91 12.74 13.36 -3.19
C LEU A 91 13.80 14.36 -2.77
N ALA A 92 14.72 13.93 -1.91
CA ALA A 92 15.80 14.79 -1.43
C ALA A 92 16.83 15.06 -2.51
N GLY A 93 16.77 14.32 -3.61
CA GLY A 93 17.71 14.51 -4.69
C GLY A 93 17.66 15.92 -5.27
N PRO A 94 17.99 16.08 -6.56
CA PRO A 94 17.98 17.39 -7.22
C PRO A 94 16.58 17.99 -7.29
N GLY A 95 15.57 17.14 -7.20
CA GLY A 95 14.20 17.60 -7.25
C GLY A 95 13.20 16.47 -7.34
N ALA A 96 12.11 16.58 -6.57
CA ALA A 96 11.08 15.56 -6.57
C ALA A 96 10.61 15.24 -7.99
N THR A 97 10.80 16.19 -8.90
CA THR A 97 10.40 16.01 -10.29
C THR A 97 11.07 14.78 -10.90
N THR A 98 12.15 14.31 -10.27
CA THR A 98 12.87 13.14 -10.76
C THR A 98 12.31 11.85 -10.17
N LEU A 99 11.11 11.92 -9.60
CA LEU A 99 10.48 10.75 -9.00
C LEU A 99 9.99 9.79 -10.09
N TYR A 100 9.71 10.33 -11.26
CA TYR A 100 9.24 9.52 -12.39
C TYR A 100 10.14 8.30 -12.60
N GLN A 101 11.44 8.55 -12.60
CA GLN A 101 12.42 7.47 -12.80
C GLN A 101 12.12 6.27 -11.91
N VAL A 102 11.48 6.54 -10.78
CA VAL A 102 11.14 5.47 -9.84
C VAL A 102 9.80 4.83 -10.18
N PHE A 103 9.00 5.51 -10.99
CA PHE A 103 7.67 4.99 -11.36
C PHE A 103 7.68 4.27 -12.70
N ILE A 104 8.72 4.50 -13.50
CA ILE A 104 8.80 3.91 -14.83
C ILE A 104 9.24 2.44 -14.80
N LYS A 105 10.24 2.13 -13.97
CA LYS A 105 10.79 0.78 -13.92
C LYS A 105 10.18 -0.07 -12.80
N TYR A 106 9.29 0.52 -12.01
CA TYR A 106 8.71 -0.19 -10.88
C TYR A 106 7.43 -0.92 -11.26
N LYS A 107 6.80 -0.52 -12.35
CA LYS A 107 5.55 -1.15 -12.79
C LYS A 107 5.65 -2.67 -12.68
N GLU A 108 6.88 -3.18 -12.85
CA GLU A 108 7.14 -4.61 -12.76
C GLU A 108 6.50 -5.21 -11.50
N ARG A 109 6.77 -4.59 -10.36
CA ARG A 109 6.22 -5.07 -9.09
C ARG A 109 4.78 -4.58 -8.91
N PHE A 110 4.53 -3.35 -9.31
CA PHE A 110 3.17 -2.81 -9.23
C PHE A 110 2.21 -3.76 -9.92
N LEU A 111 2.71 -4.51 -10.88
CA LEU A 111 1.91 -5.49 -11.60
C LEU A 111 1.59 -6.66 -10.67
N VAL A 112 2.49 -6.91 -9.72
CA VAL A 112 2.27 -7.95 -8.72
C VAL A 112 0.91 -7.75 -8.07
N TYR A 113 0.50 -6.49 -7.98
CA TYR A 113 -0.82 -6.16 -7.42
C TYR A 113 -1.90 -7.01 -8.08
N GLY A 114 -1.78 -7.20 -9.39
CA GLY A 114 -2.73 -8.00 -10.12
C GLY A 114 -2.87 -9.40 -9.52
N ARG A 115 -1.87 -10.24 -9.74
CA ARG A 115 -1.88 -11.59 -9.20
C ARG A 115 -2.16 -11.56 -7.70
N TYR A 116 -1.75 -10.48 -7.06
CA TYR A 116 -1.97 -10.30 -5.64
C TYR A 116 -3.46 -10.20 -5.33
N CYS A 117 -4.14 -9.31 -6.06
CA CYS A 117 -5.57 -9.11 -5.89
C CYS A 117 -6.39 -10.33 -6.35
N SER A 118 -5.72 -11.31 -6.94
CA SER A 118 -6.39 -12.51 -7.43
C SER A 118 -6.60 -13.53 -6.32
N GLN A 119 -5.59 -13.70 -5.48
CA GLN A 119 -5.68 -14.62 -4.36
C GLN A 119 -6.12 -13.86 -3.13
N VAL A 120 -5.68 -12.62 -3.04
CA VAL A 120 -6.05 -11.71 -1.98
C VAL A 120 -7.59 -11.69 -1.81
N GLU A 121 -8.27 -11.18 -2.83
CA GLU A 121 -9.74 -11.07 -2.79
C GLU A 121 -10.38 -12.32 -2.19
N SER A 122 -9.72 -13.46 -2.35
CA SER A 122 -10.21 -14.72 -1.81
C SER A 122 -9.60 -14.99 -0.43
N ALA A 123 -8.35 -14.57 -0.26
CA ALA A 123 -7.65 -14.78 1.00
C ALA A 123 -8.31 -13.98 2.12
N SER A 124 -8.33 -12.66 1.98
CA SER A 124 -8.94 -11.78 2.97
C SER A 124 -10.33 -12.29 3.34
N LYS A 125 -11.17 -12.45 2.32
CA LYS A 125 -12.53 -12.95 2.53
C LYS A 125 -12.53 -14.21 3.37
N HIS A 126 -11.48 -15.02 3.23
CA HIS A 126 -11.35 -16.26 3.97
C HIS A 126 -11.24 -15.98 5.47
N LEU A 127 -10.36 -15.06 5.83
CA LEU A 127 -10.16 -14.69 7.22
C LEU A 127 -11.49 -14.34 7.87
N ASP A 128 -12.31 -13.58 7.16
CA ASP A 128 -13.62 -13.18 7.67
C ASP A 128 -14.41 -14.40 8.12
N GLN A 129 -14.24 -15.50 7.41
CA GLN A 129 -14.92 -16.75 7.74
C GLN A 129 -14.12 -17.56 8.76
N VAL A 130 -12.81 -17.51 8.63
CA VAL A 130 -11.93 -18.25 9.52
C VAL A 130 -12.06 -17.74 10.97
N ALA A 131 -11.77 -16.46 11.17
CA ALA A 131 -11.86 -15.86 12.50
C ALA A 131 -13.19 -16.19 13.16
N THR A 132 -14.25 -16.26 12.36
CA THR A 132 -15.57 -16.58 12.87
C THR A 132 -15.76 -18.09 12.99
N ALA A 133 -15.23 -18.83 12.03
CA ALA A 133 -15.33 -20.28 12.04
C ALA A 133 -14.78 -20.87 13.33
N ARG A 134 -13.62 -20.39 13.74
CA ARG A 134 -12.98 -20.86 14.97
C ARG A 134 -12.77 -19.72 15.95
N GLU A 135 -12.29 -20.04 17.15
CA GLU A 135 -12.05 -19.03 18.17
C GLU A 135 -10.56 -18.85 18.42
N ASP A 136 -9.83 -19.96 18.41
CA ASP A 136 -8.38 -19.92 18.63
C ASP A 136 -7.69 -19.02 17.60
N VAL A 137 -8.22 -19.03 16.38
CA VAL A 137 -7.66 -18.21 15.30
C VAL A 137 -7.84 -16.74 15.59
N GLN A 138 -9.00 -16.38 16.16
CA GLN A 138 -9.30 -15.00 16.49
C GLN A 138 -8.33 -14.47 17.53
N MET A 139 -8.24 -15.17 18.66
CA MET A 139 -7.34 -14.77 19.74
C MET A 139 -5.92 -14.59 19.24
N LYS A 140 -5.59 -15.30 18.16
CA LYS A 140 -4.26 -15.23 17.57
C LYS A 140 -4.06 -13.91 16.83
N LEU A 141 -5.01 -13.58 15.97
CA LEU A 141 -4.96 -12.36 15.19
C LEU A 141 -4.77 -11.14 16.10
N GLU A 142 -5.53 -11.13 17.20
CA GLU A 142 -5.46 -10.03 18.15
C GLU A 142 -4.01 -9.77 18.59
N GLU A 143 -3.30 -10.84 18.93
CA GLU A 143 -1.92 -10.72 19.37
C GLU A 143 -0.98 -10.52 18.18
N CYS A 144 -1.15 -11.33 17.15
CA CYS A 144 -0.32 -11.24 15.96
C CYS A 144 -0.41 -9.86 15.31
N SER A 145 -1.49 -9.14 15.60
CA SER A 145 -1.69 -7.81 15.04
C SER A 145 -1.21 -6.75 16.01
N GLN A 146 -1.20 -7.07 17.31
CA GLN A 146 -0.77 -6.14 18.33
C GLN A 146 0.58 -5.53 17.99
N ARG A 147 1.39 -6.27 17.23
CA ARG A 147 2.71 -5.79 16.82
C ARG A 147 2.61 -4.82 15.66
N ALA A 148 1.53 -4.91 14.89
CA ALA A 148 1.31 -4.03 13.75
C ALA A 148 0.10 -3.13 13.99
N ASN A 149 -1.08 -3.70 13.80
CA ASN A 149 -2.33 -2.97 14.01
C ASN A 149 -3.24 -3.74 14.97
N ASN A 150 -3.16 -3.39 16.25
CA ASN A 150 -3.94 -4.06 17.28
C ASN A 150 -5.41 -4.15 16.89
N GLY A 151 -5.78 -5.22 16.19
CA GLY A 151 -7.16 -5.41 15.78
C GLY A 151 -7.78 -4.15 15.21
N ARG A 152 -7.19 -3.63 14.14
CA ARG A 152 -7.71 -2.44 13.49
C ARG A 152 -8.03 -2.70 12.02
N PHE A 153 -7.15 -3.44 11.36
CA PHE A 153 -7.33 -3.76 9.94
C PHE A 153 -6.58 -5.04 9.58
N THR A 154 -6.35 -5.90 10.58
CA THR A 154 -5.61 -7.14 10.38
C THR A 154 -5.87 -7.80 9.03
N LEU A 155 -4.81 -8.39 8.48
CA LEU A 155 -4.84 -9.11 7.20
C LEU A 155 -6.09 -8.86 6.35
N ARG A 156 -7.20 -9.50 6.74
CA ARG A 156 -8.46 -9.37 6.04
C ARG A 156 -8.71 -7.94 5.58
N ASP A 157 -8.31 -6.97 6.40
CA ASP A 157 -8.47 -5.57 6.06
C ASP A 157 -7.18 -5.00 5.49
N LEU A 158 -6.06 -5.64 5.79
CA LEU A 158 -4.75 -5.18 5.31
C LEU A 158 -4.57 -5.46 3.82
N LEU A 159 -4.42 -6.74 3.46
CA LEU A 159 -4.18 -7.12 2.06
C LEU A 159 -5.21 -6.50 1.12
N MET A 160 -6.36 -6.11 1.65
CA MET A 160 -7.41 -5.50 0.83
C MET A 160 -7.11 -4.04 0.51
N VAL A 161 -6.18 -3.45 1.25
CA VAL A 161 -5.83 -2.04 1.05
C VAL A 161 -4.86 -1.82 -0.12
N PRO A 162 -3.75 -2.56 -0.18
CA PRO A 162 -2.75 -2.40 -1.23
C PRO A 162 -3.41 -2.26 -2.61
N MET A 163 -4.44 -3.06 -2.84
CA MET A 163 -5.16 -3.05 -4.10
C MET A 163 -5.47 -1.62 -4.56
N GLN A 164 -5.57 -0.70 -3.59
CA GLN A 164 -5.87 0.69 -3.89
C GLN A 164 -4.60 1.45 -4.30
N ARG A 165 -3.45 0.97 -3.84
CA ARG A 165 -2.18 1.61 -4.15
C ARG A 165 -2.03 1.85 -5.64
N VAL A 166 -1.97 0.77 -6.42
CA VAL A 166 -1.80 0.86 -7.86
C VAL A 166 -2.67 1.97 -8.46
N LEU A 167 -3.84 2.19 -7.87
CA LEU A 167 -4.73 3.25 -8.31
C LEU A 167 -4.24 4.60 -7.81
N LYS A 168 -4.07 4.68 -6.49
CA LYS A 168 -3.60 5.90 -5.86
C LYS A 168 -2.42 6.50 -6.60
N TYR A 169 -1.54 5.65 -7.11
CA TYR A 169 -0.35 6.10 -7.83
C TYR A 169 -0.68 7.24 -8.79
N HIS A 170 -1.28 6.91 -9.93
CA HIS A 170 -1.66 7.93 -10.91
C HIS A 170 -2.74 8.83 -10.33
N LEU A 171 -3.66 8.22 -9.61
CA LEU A 171 -4.75 8.96 -8.99
C LEU A 171 -4.22 10.16 -8.20
N LEU A 172 -3.07 9.97 -7.56
CA LEU A 172 -2.44 11.04 -6.80
C LEU A 172 -1.41 11.78 -7.65
N LEU A 173 -0.46 11.02 -8.18
CA LEU A 173 0.61 11.57 -9.01
C LEU A 173 0.09 12.64 -9.97
N GLN A 174 -1.14 12.45 -10.44
CA GLN A 174 -1.77 13.42 -11.34
C GLN A 174 -1.84 14.79 -10.69
N GLU A 175 -2.22 14.81 -9.41
CA GLU A 175 -2.32 16.06 -8.66
C GLU A 175 -0.98 16.78 -8.61
N LEU A 176 0.09 16.02 -8.71
CA LEU A 176 1.44 16.59 -8.68
C LEU A 176 1.76 17.28 -9.99
N VAL A 177 1.48 16.62 -11.10
CA VAL A 177 1.74 17.18 -12.43
C VAL A 177 0.90 18.42 -12.66
N LYS A 178 -0.42 18.29 -12.43
CA LYS A 178 -1.34 19.41 -12.62
C LYS A 178 -0.83 20.65 -11.89
N HIS A 179 -0.05 20.44 -10.83
CA HIS A 179 0.49 21.54 -10.04
C HIS A 179 1.90 21.88 -10.50
N THR A 180 2.22 21.55 -11.75
CA THR A 180 3.53 21.83 -12.31
C THR A 180 3.41 22.58 -13.63
N GLN A 181 4.37 23.46 -13.90
CA GLN A 181 4.36 24.25 -15.13
C GLN A 181 5.77 24.42 -15.68
N ASP A 182 6.17 23.53 -16.57
CA ASP A 182 7.50 23.59 -17.17
C ASP A 182 7.54 22.82 -18.49
N ALA A 183 8.75 22.62 -19.01
CA ALA A 183 8.92 21.90 -20.27
C ALA A 183 9.13 20.41 -20.03
N THR A 184 10.28 20.07 -19.47
CA THR A 184 10.62 18.67 -19.20
C THR A 184 9.89 18.17 -17.95
N GLU A 185 9.75 19.04 -16.96
CA GLU A 185 9.09 18.70 -15.71
C GLU A 185 7.69 18.14 -15.97
N LYS A 186 6.76 19.02 -16.31
CA LYS A 186 5.38 18.60 -16.57
C LYS A 186 5.33 17.46 -17.56
N GLU A 187 6.35 17.34 -18.40
CA GLU A 187 6.42 16.29 -19.41
C GLU A 187 6.86 14.97 -18.78
N ASN A 188 8.12 14.91 -18.34
CA ASN A 188 8.67 13.70 -17.74
C ASN A 188 7.71 13.12 -16.70
N LEU A 189 7.16 14.00 -15.87
CA LEU A 189 6.23 13.57 -14.82
C LEU A 189 5.01 12.87 -15.42
N ARG A 190 4.36 13.53 -16.37
CA ARG A 190 3.18 12.96 -17.01
C ARG A 190 3.44 11.53 -17.48
N LEU A 191 4.66 11.28 -17.94
CA LEU A 191 5.03 9.95 -18.40
C LEU A 191 4.92 8.93 -17.27
N ALA A 192 5.38 9.33 -16.08
CA ALA A 192 5.32 8.47 -14.92
C ALA A 192 3.92 7.89 -14.74
N LEU A 193 2.92 8.72 -14.99
CA LEU A 193 1.52 8.29 -14.88
C LEU A 193 1.18 7.31 -15.99
N ASP A 194 1.64 7.60 -17.20
CA ASP A 194 1.39 6.74 -18.35
C ASP A 194 1.66 5.27 -18.01
N ALA A 195 2.70 5.05 -17.22
CA ALA A 195 3.07 3.70 -16.80
C ALA A 195 2.20 3.21 -15.66
N MET A 196 1.81 4.12 -14.78
CA MET A 196 0.97 3.77 -13.63
C MET A 196 -0.45 3.48 -14.06
N ARG A 197 -1.04 4.39 -14.83
CA ARG A 197 -2.40 4.22 -15.33
C ARG A 197 -2.53 2.93 -16.13
N ASP A 198 -1.41 2.44 -16.65
CA ASP A 198 -1.41 1.21 -17.45
C ASP A 198 -1.85 0.02 -16.62
N LEU A 199 -1.54 0.04 -15.33
CA LEU A 199 -1.89 -1.06 -14.44
C LEU A 199 -3.39 -1.12 -14.21
N ALA A 200 -3.97 0.02 -13.85
CA ALA A 200 -5.40 0.12 -13.55
C ALA A 200 -6.26 -0.70 -14.52
N GLN A 201 -5.78 -0.89 -15.74
CA GLN A 201 -6.54 -1.62 -16.75
C GLN A 201 -6.24 -3.11 -16.70
N CYS A 202 -5.09 -3.48 -16.17
CA CYS A 202 -4.72 -4.89 -16.07
C CYS A 202 -4.95 -5.40 -14.66
N VAL A 203 -4.86 -4.48 -13.70
CA VAL A 203 -5.03 -4.83 -12.30
C VAL A 203 -6.51 -4.88 -11.92
N ASN A 204 -7.30 -4.05 -12.58
CA ASN A 204 -8.73 -3.98 -12.32
C ASN A 204 -9.51 -4.81 -13.33
N GLU A 205 -8.88 -5.86 -13.85
CA GLU A 205 -9.54 -6.74 -14.81
C GLU A 205 -9.42 -8.18 -14.34
N VAL A 206 -9.48 -8.36 -13.03
CA VAL A 206 -9.36 -9.68 -12.43
C VAL A 206 -10.65 -10.11 -11.75
N LYS A 207 -11.42 -10.91 -12.46
CA LYS A 207 -12.70 -11.41 -11.95
C LYS A 207 -13.27 -12.50 -12.85
N ARG A 208 -12.53 -13.59 -12.99
CA ARG A 208 -12.96 -14.71 -13.82
C ARG A 208 -13.62 -15.79 -12.98
N MET A 1 -15.88 1.22 3.19
CA MET A 1 -14.41 1.43 3.15
C MET A 1 -13.75 0.59 2.07
N LYS A 2 -12.74 1.14 1.42
CA LYS A 2 -12.03 0.44 0.36
C LYS A 2 -10.53 0.42 0.62
N GLY A 3 -10.15 0.57 1.90
CA GLY A 3 -8.75 0.57 2.26
C GLY A 3 -8.23 1.95 2.61
N ASP A 4 -8.77 2.96 1.93
CA ASP A 4 -8.35 4.34 2.18
C ASP A 4 -8.59 4.73 3.63
N GLU A 5 -9.78 4.41 4.14
CA GLU A 5 -10.13 4.73 5.52
C GLU A 5 -9.22 4.01 6.51
N ILE A 6 -8.99 2.72 6.26
CA ILE A 6 -8.15 1.89 7.13
C ILE A 6 -6.86 2.62 7.50
N TYR A 7 -5.99 2.82 6.53
CA TYR A 7 -4.71 3.48 6.77
C TYR A 7 -4.87 4.99 6.97
N GLU A 8 -6.05 5.52 6.69
CA GLU A 8 -6.30 6.94 6.85
C GLU A 8 -5.97 7.39 8.27
N ASP A 9 -6.81 6.99 9.23
CA ASP A 9 -6.59 7.34 10.63
C ASP A 9 -5.49 6.49 11.24
N LEU A 10 -5.13 5.38 10.58
CA LEU A 10 -4.11 4.48 11.06
C LEU A 10 -2.84 5.24 11.50
N MET A 11 -2.54 6.33 10.81
CA MET A 11 -1.35 7.14 11.13
C MET A 11 -0.99 8.07 9.97
N ARG A 12 -1.39 7.69 8.76
CA ARG A 12 -1.11 8.48 7.57
C ARG A 12 -1.44 9.95 7.80
N LEU A 13 -1.14 10.77 6.80
CA LEU A 13 -1.39 12.20 6.90
C LEU A 13 -2.89 12.49 6.93
N GLU A 14 -3.55 12.06 7.99
CA GLU A 14 -4.97 12.30 8.14
C GLU A 14 -5.25 13.44 9.12
N SER A 15 -4.26 13.77 9.94
CA SER A 15 -4.40 14.84 10.92
C SER A 15 -3.20 15.77 10.89
N VAL A 16 -3.44 17.03 10.54
CA VAL A 16 -2.39 18.02 10.47
C VAL A 16 -2.59 19.12 11.51
N PRO A 17 -1.73 19.18 12.54
CA PRO A 17 -1.84 20.19 13.60
C PRO A 17 -1.74 21.61 13.06
N THR A 18 -2.88 22.27 12.95
CA THR A 18 -2.94 23.63 12.44
C THR A 18 -3.99 24.46 13.19
N PRO A 19 -3.56 25.44 14.02
CA PRO A 19 -4.48 26.26 14.79
C PRO A 19 -5.65 26.77 13.94
N PRO A 20 -5.36 27.53 12.88
CA PRO A 20 -6.40 28.07 11.99
C PRO A 20 -7.13 26.98 11.21
N LYS A 21 -8.02 27.38 10.32
CA LYS A 21 -8.79 26.44 9.51
C LYS A 21 -7.87 25.65 8.58
N MET A 22 -8.32 24.48 8.14
CA MET A 22 -7.54 23.64 7.25
C MET A 22 -7.43 24.26 5.86
N THR A 23 -6.28 24.09 5.23
CA THR A 23 -6.06 24.63 3.90
C THR A 23 -5.20 23.68 3.06
N GLU A 24 -5.51 23.61 1.76
CA GLU A 24 -4.77 22.74 0.85
C GLU A 24 -3.29 23.09 0.82
N TYR A 25 -2.96 24.34 1.20
CA TYR A 25 -1.59 24.79 1.21
C TYR A 25 -0.70 23.84 2.00
N ASP A 26 -1.30 23.10 2.93
CA ASP A 26 -0.55 22.16 3.75
C ASP A 26 -0.54 20.76 3.12
N LYS A 27 -1.54 20.49 2.30
CA LYS A 27 -1.64 19.19 1.64
C LYS A 27 -0.93 19.21 0.29
N ARG A 28 -0.86 20.39 -0.32
CA ARG A 28 -0.22 20.54 -1.62
C ARG A 28 1.28 20.32 -1.50
N CYS A 29 1.92 21.10 -0.62
CA CYS A 29 3.36 20.99 -0.41
C CYS A 29 3.74 19.66 0.22
N CYS A 30 2.76 18.98 0.81
CA CYS A 30 3.01 17.69 1.45
C CYS A 30 2.68 16.52 0.53
N CYS A 31 2.03 16.80 -0.60
CA CYS A 31 1.64 15.75 -1.54
C CYS A 31 2.80 14.79 -1.82
N LEU A 32 3.80 15.27 -2.55
CA LEU A 32 4.94 14.45 -2.92
C LEU A 32 5.66 13.89 -1.70
N ARG A 33 6.22 14.77 -0.88
CA ARG A 33 6.96 14.34 0.31
C ARG A 33 6.18 13.29 1.09
N GLU A 34 4.85 13.40 1.07
CA GLU A 34 4.00 12.43 1.75
C GLU A 34 4.14 11.06 1.12
N ILE A 35 4.31 11.03 -0.20
CA ILE A 35 4.48 9.79 -0.93
C ILE A 35 5.59 8.95 -0.30
N GLN A 36 6.75 9.55 -0.12
CA GLN A 36 7.89 8.87 0.48
C GLN A 36 7.65 8.60 1.96
N GLN A 37 7.37 9.66 2.71
CA GLN A 37 7.13 9.53 4.14
C GLN A 37 6.09 8.46 4.44
N THR A 38 4.91 8.60 3.82
CA THR A 38 3.83 7.64 4.02
C THR A 38 4.32 6.22 3.82
N GLU A 39 5.14 6.01 2.79
CA GLU A 39 5.67 4.69 2.48
C GLU A 39 6.39 4.10 3.69
N GLU A 40 7.22 4.91 4.33
CA GLU A 40 7.97 4.46 5.50
C GLU A 40 7.05 3.80 6.51
N LYS A 41 6.11 4.58 7.04
CA LYS A 41 5.16 4.08 8.02
C LYS A 41 4.35 2.91 7.45
N TYR A 42 3.86 3.10 6.23
CA TYR A 42 3.07 2.06 5.57
C TYR A 42 3.82 0.74 5.55
N THR A 43 5.10 0.79 5.21
CA THR A 43 5.93 -0.40 5.16
C THR A 43 6.07 -1.02 6.54
N ASP A 44 6.00 -0.19 7.57
CA ASP A 44 6.11 -0.66 8.94
C ASP A 44 5.03 -1.69 9.25
N THR A 45 3.88 -1.54 8.61
CA THR A 45 2.76 -2.46 8.81
C THR A 45 2.91 -3.68 7.91
N LEU A 46 3.26 -3.44 6.65
CA LEU A 46 3.44 -4.52 5.69
C LEU A 46 4.37 -5.59 6.24
N GLY A 47 5.40 -5.16 6.97
CA GLY A 47 6.35 -6.10 7.54
C GLY A 47 5.77 -6.87 8.71
N SER A 48 4.97 -6.19 9.53
CA SER A 48 4.34 -6.84 10.68
C SER A 48 3.61 -8.11 10.27
N ILE A 49 3.16 -8.14 9.03
CA ILE A 49 2.45 -9.31 8.51
C ILE A 49 3.41 -10.38 8.01
N GLN A 50 4.67 -10.01 7.80
CA GLN A 50 5.67 -10.94 7.31
C GLN A 50 6.28 -11.75 8.44
N GLN A 51 6.97 -11.07 9.35
CA GLN A 51 7.62 -11.74 10.48
C GLN A 51 6.62 -12.09 11.57
N HIS A 52 6.09 -11.06 12.24
CA HIS A 52 5.14 -11.27 13.32
C HIS A 52 3.75 -11.62 12.77
N PHE A 53 3.66 -12.79 12.15
CA PHE A 53 2.40 -13.25 11.59
C PHE A 53 2.61 -14.53 10.78
N MET A 54 3.39 -14.43 9.70
CA MET A 54 3.68 -15.57 8.86
C MET A 54 4.26 -16.73 9.68
N LYS A 55 5.10 -16.37 10.65
CA LYS A 55 5.72 -17.38 11.50
C LYS A 55 4.72 -17.98 12.48
N PRO A 56 4.16 -17.15 13.39
CA PRO A 56 3.18 -17.62 14.38
C PRO A 56 1.96 -18.26 13.74
N LEU A 57 1.35 -17.57 12.79
CA LEU A 57 0.15 -18.07 12.11
C LEU A 57 0.37 -19.51 11.64
N GLN A 58 1.55 -19.77 11.08
CA GLN A 58 1.87 -21.10 10.58
C GLN A 58 1.75 -22.16 11.68
N ARG A 59 1.79 -21.72 12.94
CA ARG A 59 1.68 -22.63 14.06
C ARG A 59 0.24 -22.78 14.52
N PHE A 60 -0.70 -22.48 13.63
CA PHE A 60 -2.12 -22.59 13.94
C PHE A 60 -2.92 -23.03 12.71
N LEU A 61 -2.74 -22.30 11.61
CA LEU A 61 -3.44 -22.62 10.37
C LEU A 61 -2.58 -23.51 9.48
N LYS A 62 -3.21 -24.49 8.84
CA LYS A 62 -2.50 -25.42 7.96
C LYS A 62 -1.61 -24.66 6.99
N PRO A 63 -0.29 -24.99 6.94
CA PRO A 63 0.65 -24.32 6.05
C PRO A 63 0.21 -24.38 4.59
N GLN A 64 -0.49 -25.46 4.23
CA GLN A 64 -0.97 -25.63 2.86
C GLN A 64 -2.01 -24.59 2.50
N ASP A 65 -2.83 -24.22 3.48
CA ASP A 65 -3.89 -23.24 3.27
C ASP A 65 -3.42 -21.84 3.68
N MET A 66 -2.44 -21.79 4.58
CA MET A 66 -1.92 -20.52 5.06
C MET A 66 -1.39 -19.67 3.90
N GLU A 67 -0.90 -20.34 2.87
CA GLU A 67 -0.36 -19.64 1.71
C GLU A 67 -1.41 -18.78 1.03
N THR A 68 -2.68 -19.12 1.26
CA THR A 68 -3.78 -18.38 0.66
C THR A 68 -4.27 -17.26 1.58
N ILE A 69 -3.98 -17.40 2.87
CA ILE A 69 -4.41 -16.40 3.85
C ILE A 69 -3.61 -15.10 3.71
N PHE A 70 -2.33 -15.23 3.35
CA PHE A 70 -1.46 -14.07 3.21
C PHE A 70 -1.28 -13.71 1.73
N VAL A 71 -0.89 -14.69 0.93
CA VAL A 71 -0.70 -14.52 -0.51
C VAL A 71 0.74 -14.09 -0.84
N ASN A 72 0.99 -12.80 -1.01
CA ASN A 72 2.32 -12.32 -1.37
C ASN A 72 2.87 -11.33 -0.34
N ILE A 73 2.45 -11.47 0.92
CA ILE A 73 2.94 -10.59 1.98
C ILE A 73 4.47 -10.66 2.07
N GLU A 74 5.04 -11.77 1.60
CA GLU A 74 6.49 -11.96 1.64
C GLU A 74 7.18 -11.15 0.55
N GLU A 75 6.76 -11.36 -0.69
CA GLU A 75 7.35 -10.67 -1.82
C GLU A 75 6.82 -9.24 -1.94
N LEU A 76 5.57 -9.04 -1.56
CA LEU A 76 4.95 -7.73 -1.64
C LEU A 76 5.68 -6.72 -0.75
N PHE A 77 6.23 -7.21 0.36
CA PHE A 77 6.95 -6.36 1.29
C PHE A 77 8.09 -5.62 0.57
N SER A 78 8.58 -6.22 -0.52
CA SER A 78 9.65 -5.62 -1.29
C SER A 78 9.17 -4.37 -2.01
N VAL A 79 8.02 -4.47 -2.68
CA VAL A 79 7.45 -3.34 -3.40
C VAL A 79 7.36 -2.11 -2.51
N HIS A 80 7.30 -2.34 -1.20
CA HIS A 80 7.20 -1.24 -0.25
C HIS A 80 8.58 -0.73 0.15
N THR A 81 9.39 -1.61 0.72
CA THR A 81 10.73 -1.24 1.15
C THR A 81 11.56 -0.71 -0.02
N HIS A 82 11.74 -1.56 -1.03
CA HIS A 82 12.53 -1.19 -2.20
C HIS A 82 12.10 0.17 -2.75
N PHE A 83 10.80 0.37 -2.88
CA PHE A 83 10.27 1.63 -3.39
C PHE A 83 10.88 2.82 -2.70
N LEU A 84 10.95 2.76 -1.37
CA LEU A 84 11.53 3.84 -0.58
C LEU A 84 12.99 4.09 -0.97
N LYS A 85 13.79 3.03 -0.91
CA LYS A 85 15.20 3.13 -1.25
C LYS A 85 15.39 3.72 -2.66
N GLU A 86 14.36 3.60 -3.48
CA GLU A 86 14.41 4.10 -4.85
C GLU A 86 14.07 5.58 -4.90
N LEU A 87 13.16 6.02 -4.05
CA LEU A 87 12.75 7.42 -4.02
C LEU A 87 13.77 8.28 -3.30
N LYS A 88 14.28 7.79 -2.17
CA LYS A 88 15.26 8.52 -1.38
C LYS A 88 16.37 9.07 -2.26
N ASP A 89 16.63 8.38 -3.37
CA ASP A 89 17.66 8.80 -4.31
C ASP A 89 17.08 9.60 -5.47
N ALA A 90 15.77 9.41 -5.70
CA ALA A 90 15.09 10.10 -6.79
C ALA A 90 14.65 11.50 -6.37
N LEU A 91 14.03 11.59 -5.18
CA LEU A 91 13.56 12.87 -4.68
C LEU A 91 14.71 13.86 -4.51
N ALA A 92 15.90 13.33 -4.25
CA ALA A 92 17.08 14.17 -4.07
C ALA A 92 17.54 14.78 -5.39
N GLY A 93 16.98 14.30 -6.50
CA GLY A 93 17.36 14.82 -7.80
C GLY A 93 17.17 16.31 -7.92
N PRO A 94 17.17 16.86 -9.14
CA PRO A 94 17.00 18.30 -9.38
C PRO A 94 15.74 18.85 -8.73
N GLY A 95 14.71 18.01 -8.65
CA GLY A 95 13.46 18.45 -8.05
C GLY A 95 12.38 17.38 -8.13
N ALA A 96 12.75 16.15 -7.78
CA ALA A 96 11.81 15.03 -7.81
C ALA A 96 11.28 14.81 -9.22
N THR A 97 12.15 15.02 -10.22
CA THR A 97 11.77 14.84 -11.61
C THR A 97 12.15 13.45 -12.09
N THR A 98 13.28 12.94 -11.61
CA THR A 98 13.76 11.63 -11.98
C THR A 98 12.82 10.52 -11.46
N LEU A 99 11.98 10.88 -10.49
CA LEU A 99 11.05 9.93 -9.90
C LEU A 99 10.35 9.09 -10.97
N TYR A 100 10.19 9.67 -12.16
CA TYR A 100 9.54 8.97 -13.25
C TYR A 100 10.18 7.60 -13.48
N GLN A 101 11.51 7.60 -13.63
CA GLN A 101 12.25 6.36 -13.86
C GLN A 101 11.82 5.27 -12.87
N VAL A 102 11.38 5.68 -11.69
CA VAL A 102 10.97 4.74 -10.65
C VAL A 102 9.53 4.28 -10.86
N PHE A 103 8.77 5.03 -11.66
CA PHE A 103 7.37 4.71 -11.90
C PHE A 103 7.17 3.89 -13.19
N ILE A 104 8.17 3.95 -14.08
CA ILE A 104 8.08 3.22 -15.34
C ILE A 104 8.72 1.83 -15.23
N LYS A 105 9.69 1.70 -14.34
CA LYS A 105 10.40 0.43 -14.16
C LYS A 105 9.81 -0.41 -13.04
N TYR A 106 8.81 0.11 -12.33
CA TYR A 106 8.20 -0.62 -11.23
C TYR A 106 7.01 -1.44 -11.68
N LYS A 107 6.56 -1.24 -12.92
CA LYS A 107 5.41 -1.99 -13.45
C LYS A 107 5.48 -3.46 -13.05
N GLU A 108 6.67 -4.04 -13.17
CA GLU A 108 6.90 -5.44 -12.82
C GLU A 108 6.19 -5.82 -11.52
N ARG A 109 6.42 -5.04 -10.47
CA ARG A 109 5.82 -5.29 -9.17
C ARG A 109 4.42 -4.69 -9.08
N PHE A 110 4.26 -3.48 -9.60
CA PHE A 110 2.97 -2.82 -9.60
C PHE A 110 1.91 -3.74 -10.20
N LEU A 111 2.36 -4.67 -11.05
CA LEU A 111 1.46 -5.64 -11.66
C LEU A 111 1.04 -6.67 -10.62
N VAL A 112 1.94 -6.96 -9.68
CA VAL A 112 1.64 -7.90 -8.61
C VAL A 112 0.31 -7.54 -7.96
N TYR A 113 0.04 -6.24 -7.91
CA TYR A 113 -1.22 -5.76 -7.34
C TYR A 113 -2.39 -6.46 -8.02
N GLY A 114 -2.20 -6.85 -9.27
CA GLY A 114 -3.24 -7.55 -10.00
C GLY A 114 -3.49 -8.94 -9.43
N ARG A 115 -2.47 -9.80 -9.52
CA ARG A 115 -2.58 -11.14 -8.97
C ARG A 115 -2.93 -11.08 -7.49
N TYR A 116 -2.53 -9.99 -6.84
CA TYR A 116 -2.81 -9.81 -5.42
C TYR A 116 -4.32 -9.72 -5.19
N CYS A 117 -4.97 -8.81 -5.92
CA CYS A 117 -6.41 -8.62 -5.80
C CYS A 117 -7.20 -9.84 -6.29
N SER A 118 -6.50 -10.81 -6.89
CA SER A 118 -7.15 -12.01 -7.40
C SER A 118 -7.24 -13.09 -6.32
N GLN A 119 -6.18 -13.19 -5.51
CA GLN A 119 -6.16 -14.14 -4.41
C GLN A 119 -6.66 -13.46 -3.16
N VAL A 120 -6.34 -12.18 -3.05
CA VAL A 120 -6.80 -11.34 -1.96
C VAL A 120 -8.31 -11.47 -1.78
N GLU A 121 -9.06 -11.04 -2.79
CA GLU A 121 -10.53 -11.11 -2.75
C GLU A 121 -11.01 -12.44 -2.19
N SER A 122 -10.20 -13.47 -2.37
CA SER A 122 -10.53 -14.80 -1.89
C SER A 122 -9.92 -15.04 -0.51
N ALA A 123 -8.76 -14.43 -0.27
CA ALA A 123 -8.08 -14.57 1.00
C ALA A 123 -8.84 -13.83 2.11
N SER A 124 -9.01 -12.53 1.93
CA SER A 124 -9.74 -11.72 2.90
C SER A 124 -11.09 -12.35 3.23
N LYS A 125 -11.73 -12.90 2.20
CA LYS A 125 -13.02 -13.56 2.37
C LYS A 125 -12.86 -14.87 3.12
N HIS A 126 -11.66 -15.46 3.02
CA HIS A 126 -11.37 -16.71 3.69
C HIS A 126 -11.27 -16.52 5.20
N LEU A 127 -10.43 -15.56 5.61
CA LEU A 127 -10.25 -15.27 7.02
C LEU A 127 -11.59 -15.09 7.73
N ASP A 128 -12.50 -14.37 7.08
CA ASP A 128 -13.82 -14.14 7.65
C ASP A 128 -14.47 -15.46 8.08
N GLN A 129 -14.31 -16.49 7.26
CA GLN A 129 -14.86 -17.80 7.57
C GLN A 129 -13.87 -18.65 8.37
N VAL A 130 -12.60 -18.54 8.01
CA VAL A 130 -11.54 -19.28 8.69
C VAL A 130 -11.58 -19.03 10.20
N ALA A 131 -11.35 -17.77 10.59
CA ALA A 131 -11.35 -17.40 12.00
C ALA A 131 -12.61 -17.92 12.70
N THR A 132 -13.73 -17.86 11.99
CA THR A 132 -15.00 -18.32 12.54
C THR A 132 -15.05 -19.85 12.59
N ALA A 133 -14.53 -20.48 11.54
CA ALA A 133 -14.50 -21.93 11.46
C ALA A 133 -13.81 -22.52 12.68
N ARG A 134 -12.61 -22.03 12.97
CA ARG A 134 -11.85 -22.51 14.12
C ARG A 134 -11.99 -21.54 15.29
N GLU A 135 -11.26 -21.80 16.36
CA GLU A 135 -11.31 -20.96 17.55
C GLU A 135 -9.92 -20.46 17.93
N ASP A 136 -8.97 -21.39 18.02
CA ASP A 136 -7.59 -21.05 18.37
C ASP A 136 -7.05 -19.96 17.45
N VAL A 137 -7.63 -19.85 16.26
CA VAL A 137 -7.19 -18.86 15.28
C VAL A 137 -7.79 -17.49 15.57
N GLN A 138 -9.04 -17.48 16.00
CA GLN A 138 -9.74 -16.23 16.32
C GLN A 138 -8.96 -15.42 17.34
N MET A 139 -8.97 -15.87 18.59
CA MET A 139 -8.28 -15.17 19.67
C MET A 139 -6.85 -14.81 19.27
N LYS A 140 -6.23 -15.66 18.47
CA LYS A 140 -4.87 -15.44 18.02
C LYS A 140 -4.75 -14.15 17.22
N LEU A 141 -5.51 -14.07 16.13
CA LEU A 141 -5.49 -12.89 15.27
C LEU A 141 -5.65 -11.61 16.08
N GLU A 142 -6.39 -11.70 17.19
CA GLU A 142 -6.63 -10.57 18.04
C GLU A 142 -5.37 -10.16 18.81
N GLU A 143 -4.81 -11.12 19.55
CA GLU A 143 -3.62 -10.87 20.35
C GLU A 143 -2.39 -10.69 19.47
N CYS A 144 -2.30 -11.50 18.40
CA CYS A 144 -1.17 -11.44 17.49
C CYS A 144 -1.10 -10.09 16.80
N SER A 145 -2.26 -9.48 16.58
CA SER A 145 -2.31 -8.18 15.91
C SER A 145 -1.99 -7.04 16.88
N GLN A 146 -2.08 -7.32 18.18
CA GLN A 146 -1.80 -6.30 19.19
C GLN A 146 -0.51 -5.55 18.89
N ARG A 147 0.41 -6.19 18.17
CA ARG A 147 1.67 -5.57 17.83
C ARG A 147 1.53 -4.66 16.62
N ALA A 148 0.57 -4.96 15.76
CA ALA A 148 0.33 -4.16 14.57
C ALA A 148 -0.94 -3.33 14.73
N ASN A 149 -2.06 -4.01 14.86
CA ASN A 149 -3.35 -3.36 15.05
C ASN A 149 -4.28 -4.25 15.84
N ASN A 150 -4.24 -4.12 17.18
CA ASN A 150 -5.05 -4.94 18.07
C ASN A 150 -6.47 -5.12 17.54
N GLY A 151 -6.67 -6.19 16.78
CA GLY A 151 -7.99 -6.47 16.21
C GLY A 151 -8.68 -5.23 15.67
N ARG A 152 -7.95 -4.44 14.89
CA ARG A 152 -8.49 -3.22 14.31
C ARG A 152 -8.54 -3.29 12.80
N PHE A 153 -7.44 -3.72 12.18
CA PHE A 153 -7.37 -3.82 10.74
C PHE A 153 -6.61 -5.07 10.28
N THR A 154 -6.41 -6.01 11.20
CA THR A 154 -5.66 -7.23 10.91
C THR A 154 -5.96 -7.78 9.51
N LEU A 155 -4.95 -8.42 8.93
CA LEU A 155 -5.03 -9.05 7.60
C LEU A 155 -6.25 -8.65 6.77
N ARG A 156 -7.40 -9.25 7.08
CA ARG A 156 -8.64 -8.97 6.34
C ARG A 156 -8.79 -7.50 6.03
N ASP A 157 -8.29 -6.65 6.93
CA ASP A 157 -8.35 -5.20 6.73
C ASP A 157 -7.02 -4.69 6.18
N LEU A 158 -5.94 -5.42 6.46
CA LEU A 158 -4.61 -5.02 6.00
C LEU A 158 -4.46 -5.18 4.49
N LEU A 159 -4.39 -6.42 4.02
CA LEU A 159 -4.20 -6.69 2.60
C LEU A 159 -5.11 -5.85 1.73
N MET A 160 -6.26 -5.44 2.28
CA MET A 160 -7.21 -4.64 1.52
C MET A 160 -6.72 -3.20 1.31
N VAL A 161 -5.70 -2.82 2.09
CA VAL A 161 -5.15 -1.46 2.02
C VAL A 161 -4.24 -1.26 0.80
N PRO A 162 -3.21 -2.10 0.61
CA PRO A 162 -2.25 -1.94 -0.49
C PRO A 162 -2.92 -2.00 -1.87
N MET A 163 -3.99 -2.79 -1.98
CA MET A 163 -4.70 -2.94 -3.24
C MET A 163 -5.05 -1.57 -3.83
N GLN A 164 -5.14 -0.57 -2.98
CA GLN A 164 -5.47 0.79 -3.42
C GLN A 164 -4.21 1.53 -3.86
N ARG A 165 -3.05 1.09 -3.37
CA ARG A 165 -1.78 1.73 -3.72
C ARG A 165 -1.66 1.95 -5.22
N VAL A 166 -1.69 0.85 -5.97
CA VAL A 166 -1.57 0.91 -7.42
C VAL A 166 -2.48 1.98 -8.01
N LEU A 167 -3.60 2.25 -7.33
CA LEU A 167 -4.54 3.27 -7.77
C LEU A 167 -4.08 4.66 -7.34
N LYS A 168 -3.97 4.85 -6.03
CA LYS A 168 -3.54 6.13 -5.48
C LYS A 168 -2.28 6.62 -6.17
N TYR A 169 -1.46 5.69 -6.66
CA TYR A 169 -0.22 6.05 -7.33
C TYR A 169 -0.46 7.10 -8.40
N HIS A 170 -1.02 6.68 -9.54
CA HIS A 170 -1.31 7.60 -10.63
C HIS A 170 -2.14 8.78 -10.12
N LEU A 171 -3.14 8.47 -9.30
CA LEU A 171 -4.01 9.50 -8.73
C LEU A 171 -3.17 10.58 -8.06
N LEU A 172 -2.47 10.21 -7.00
CA LEU A 172 -1.61 11.14 -6.28
C LEU A 172 -0.63 11.80 -7.25
N LEU A 173 0.14 10.98 -7.95
CA LEU A 173 1.12 11.46 -8.92
C LEU A 173 0.49 12.53 -9.81
N GLN A 174 -0.82 12.46 -10.00
CA GLN A 174 -1.54 13.43 -10.82
C GLN A 174 -1.62 14.79 -10.12
N GLU A 175 -1.77 14.76 -8.80
CA GLU A 175 -1.86 16.00 -8.03
C GLU A 175 -0.61 16.85 -8.26
N LEU A 176 0.52 16.20 -8.45
CA LEU A 176 1.77 16.90 -8.70
C LEU A 176 1.72 17.66 -10.02
N VAL A 177 1.33 16.96 -11.07
CA VAL A 177 1.24 17.57 -12.40
C VAL A 177 0.44 18.87 -12.35
N LYS A 178 -0.81 18.76 -11.90
CA LYS A 178 -1.68 19.93 -11.78
C LYS A 178 -1.03 21.02 -10.94
N HIS A 179 -0.10 20.62 -10.08
CA HIS A 179 0.60 21.57 -9.21
C HIS A 179 2.08 21.65 -9.57
N THR A 180 2.41 21.28 -10.80
CA THR A 180 3.80 21.30 -11.26
C THR A 180 3.92 22.00 -12.60
N GLN A 181 4.16 23.31 -12.56
CA GLN A 181 4.30 24.10 -13.78
C GLN A 181 5.77 24.27 -14.13
N ASP A 182 6.41 23.18 -14.51
CA ASP A 182 7.83 23.21 -14.88
C ASP A 182 8.02 22.88 -16.35
N ALA A 183 9.28 22.69 -16.75
CA ALA A 183 9.60 22.38 -18.13
C ALA A 183 9.69 20.88 -18.35
N THR A 184 10.65 20.24 -17.69
CA THR A 184 10.85 18.81 -17.81
C THR A 184 9.99 18.04 -16.82
N GLU A 185 9.79 18.62 -15.64
CA GLU A 185 8.98 17.99 -14.61
C GLU A 185 7.63 17.54 -15.15
N LYS A 186 6.86 18.48 -15.67
CA LYS A 186 5.55 18.20 -16.22
C LYS A 186 5.63 17.10 -17.29
N GLU A 187 6.71 17.12 -18.06
CA GLU A 187 6.91 16.14 -19.12
C GLU A 187 7.05 14.73 -18.56
N ASN A 188 8.01 14.55 -17.65
CA ASN A 188 8.26 13.26 -17.04
C ASN A 188 7.07 12.78 -16.19
N LEU A 189 6.63 13.63 -15.28
CA LEU A 189 5.53 13.29 -14.40
C LEU A 189 4.33 12.76 -15.17
N ARG A 190 4.03 13.39 -16.30
CA ARG A 190 2.89 12.98 -17.12
C ARG A 190 3.14 11.61 -17.73
N LEU A 191 4.39 11.33 -18.07
CA LEU A 191 4.76 10.05 -18.65
C LEU A 191 4.39 8.91 -17.71
N ALA A 192 4.88 9.00 -16.47
CA ALA A 192 4.61 7.97 -15.48
C ALA A 192 3.11 7.70 -15.37
N LEU A 193 2.31 8.76 -15.42
CA LEU A 193 0.87 8.62 -15.33
C LEU A 193 0.35 7.63 -16.36
N ASP A 194 0.76 7.80 -17.60
CA ASP A 194 0.36 6.90 -18.67
C ASP A 194 0.78 5.46 -18.34
N ALA A 195 1.85 5.34 -17.56
CA ALA A 195 2.34 4.03 -17.15
C ALA A 195 1.53 3.50 -15.97
N MET A 196 1.48 4.27 -14.89
CA MET A 196 0.72 3.89 -13.71
C MET A 196 -0.74 3.64 -14.08
N ARG A 197 -1.36 4.63 -14.72
CA ARG A 197 -2.74 4.52 -15.15
C ARG A 197 -2.97 3.27 -15.99
N ASP A 198 -1.89 2.75 -16.57
CA ASP A 198 -1.97 1.56 -17.41
C ASP A 198 -2.36 0.34 -16.60
N LEU A 199 -1.75 0.17 -15.43
CA LEU A 199 -2.02 -0.98 -14.59
C LEU A 199 -3.44 -0.93 -14.03
N ALA A 200 -3.83 0.25 -13.56
CA ALA A 200 -5.16 0.44 -12.97
C ALA A 200 -6.24 -0.23 -13.80
N GLN A 201 -6.00 -0.37 -15.10
CA GLN A 201 -6.96 -0.96 -16.00
C GLN A 201 -6.76 -2.47 -16.15
N CYS A 202 -5.57 -2.95 -15.81
CA CYS A 202 -5.28 -4.37 -15.89
C CYS A 202 -5.40 -5.01 -14.50
N VAL A 203 -5.10 -4.22 -13.49
CA VAL A 203 -5.16 -4.68 -12.12
C VAL A 203 -6.60 -4.82 -11.66
N ASN A 204 -7.44 -3.86 -12.06
CA ASN A 204 -8.85 -3.89 -11.70
C ASN A 204 -9.67 -4.49 -12.83
N GLU A 205 -9.10 -5.48 -13.51
CA GLU A 205 -9.78 -6.15 -14.61
C GLU A 205 -9.40 -7.61 -14.66
N VAL A 206 -9.39 -8.25 -13.49
CA VAL A 206 -9.02 -9.66 -13.39
C VAL A 206 -10.26 -10.53 -13.23
N LYS A 207 -10.75 -11.04 -14.35
CA LYS A 207 -11.93 -11.89 -14.34
C LYS A 207 -11.55 -13.36 -14.53
N ARG A 208 -10.88 -13.64 -15.66
CA ARG A 208 -10.46 -15.00 -15.95
C ARG A 208 -8.95 -15.15 -15.82
N MET A 1 -13.55 3.03 -3.12
CA MET A 1 -12.76 3.65 -2.02
C MET A 1 -13.12 3.05 -0.67
N LYS A 2 -12.83 1.76 -0.51
CA LYS A 2 -13.13 1.06 0.73
C LYS A 2 -11.90 1.02 1.65
N GLY A 3 -10.72 0.96 1.03
CA GLY A 3 -9.49 0.92 1.81
C GLY A 3 -9.08 2.29 2.30
N ASP A 4 -9.58 3.34 1.65
CA ASP A 4 -9.26 4.71 2.03
C ASP A 4 -9.49 4.92 3.53
N GLU A 5 -10.60 4.40 4.02
CA GLU A 5 -10.95 4.54 5.43
C GLU A 5 -9.98 3.77 6.31
N ILE A 6 -9.43 2.69 5.78
CA ILE A 6 -8.49 1.86 6.52
C ILE A 6 -7.19 2.62 6.82
N TYR A 7 -6.49 3.01 5.76
CA TYR A 7 -5.24 3.77 5.91
C TYR A 7 -5.44 4.95 6.86
N GLU A 8 -6.59 5.60 6.76
CA GLU A 8 -6.90 6.75 7.60
C GLU A 8 -6.82 6.39 9.08
N ASP A 9 -7.77 5.58 9.53
CA ASP A 9 -7.81 5.16 10.92
C ASP A 9 -6.56 4.35 11.28
N LEU A 10 -6.03 3.63 10.30
CA LEU A 10 -4.84 2.83 10.50
C LEU A 10 -3.69 3.69 10.99
N MET A 11 -3.66 4.95 10.55
CA MET A 11 -2.62 5.88 10.95
C MET A 11 -3.16 6.86 11.99
N ARG A 12 -2.54 6.88 13.17
CA ARG A 12 -2.97 7.76 14.25
C ARG A 12 -3.00 9.21 13.79
N LEU A 13 -4.21 9.72 13.54
CA LEU A 13 -4.38 11.09 13.10
C LEU A 13 -3.33 11.48 12.06
N GLU A 14 -3.38 10.82 10.91
CA GLU A 14 -2.44 11.09 9.85
C GLU A 14 -2.50 12.55 9.42
N SER A 15 -1.52 13.33 9.84
CA SER A 15 -1.47 14.75 9.51
C SER A 15 -0.08 15.13 9.02
N VAL A 16 0.00 16.24 8.30
CA VAL A 16 1.28 16.73 7.77
C VAL A 16 1.98 17.63 8.78
N PRO A 17 3.27 17.41 9.03
CA PRO A 17 4.05 18.20 9.98
C PRO A 17 4.35 19.60 9.46
N THR A 18 3.59 20.58 9.94
CA THR A 18 3.78 21.96 9.52
C THR A 18 3.50 22.93 10.67
N PRO A 19 3.90 24.20 10.53
CA PRO A 19 3.69 25.22 11.57
C PRO A 19 2.25 25.25 12.06
N PRO A 20 2.03 25.66 13.33
CA PRO A 20 0.69 25.73 13.91
C PRO A 20 -0.12 26.89 13.33
N LYS A 21 -0.38 26.84 12.04
CA LYS A 21 -1.15 27.88 11.37
C LYS A 21 -1.30 27.58 9.88
N MET A 22 -1.75 26.36 9.57
CA MET A 22 -1.95 25.94 8.19
C MET A 22 -3.34 25.37 7.99
N THR A 23 -3.57 24.79 6.80
CA THR A 23 -4.86 24.21 6.48
C THR A 23 -4.70 22.94 5.64
N GLU A 24 -5.72 22.09 5.66
CA GLU A 24 -5.67 20.85 4.88
C GLU A 24 -5.36 21.13 3.42
N TYR A 25 -5.63 22.35 2.98
CA TYR A 25 -5.37 22.73 1.60
C TYR A 25 -3.90 22.59 1.25
N ASP A 26 -3.04 22.67 2.26
CA ASP A 26 -1.61 22.56 2.07
C ASP A 26 -1.24 21.19 1.49
N LYS A 27 -2.10 20.21 1.73
CA LYS A 27 -1.86 18.86 1.23
C LYS A 27 -1.52 18.86 -0.26
N ARG A 28 -2.05 19.85 -0.97
CA ARG A 28 -1.79 19.96 -2.41
C ARG A 28 -0.30 20.08 -2.68
N CYS A 29 0.28 21.24 -2.36
CA CYS A 29 1.70 21.48 -2.57
C CYS A 29 2.52 20.37 -1.92
N CYS A 30 1.97 19.76 -0.87
CA CYS A 30 2.64 18.68 -0.16
C CYS A 30 2.42 17.34 -0.86
N CYS A 31 1.60 17.33 -1.92
CA CYS A 31 1.28 16.10 -2.68
C CYS A 31 2.43 15.10 -2.70
N LEU A 32 3.64 15.59 -2.91
CA LEU A 32 4.81 14.72 -2.95
C LEU A 32 5.14 14.18 -1.55
N ARG A 33 5.27 15.09 -0.60
CA ARG A 33 5.57 14.70 0.78
C ARG A 33 4.58 13.66 1.26
N GLU A 34 3.36 13.74 0.78
CA GLU A 34 2.31 12.79 1.15
C GLU A 34 2.64 11.39 0.66
N ILE A 35 3.22 11.30 -0.53
CA ILE A 35 3.59 10.03 -1.12
C ILE A 35 4.52 9.24 -0.21
N GLN A 36 5.67 9.83 0.11
CA GLN A 36 6.65 9.18 0.96
C GLN A 36 6.13 9.04 2.40
N GLN A 37 5.58 10.12 2.93
CA GLN A 37 5.06 10.12 4.30
C GLN A 37 4.04 9.00 4.49
N THR A 38 3.01 8.98 3.65
CA THR A 38 1.95 7.99 3.75
C THR A 38 2.50 6.57 3.56
N GLU A 39 3.64 6.46 2.90
CA GLU A 39 4.25 5.16 2.65
C GLU A 39 5.21 4.77 3.78
N GLU A 40 5.96 5.76 4.26
CA GLU A 40 6.92 5.52 5.34
C GLU A 40 6.26 4.79 6.51
N LYS A 41 5.12 5.32 6.97
CA LYS A 41 4.40 4.73 8.08
C LYS A 41 3.81 3.38 7.70
N TYR A 42 2.98 3.37 6.66
CA TYR A 42 2.34 2.15 6.20
C TYR A 42 3.35 1.02 6.05
N THR A 43 4.54 1.36 5.55
CA THR A 43 5.60 0.38 5.36
C THR A 43 6.00 -0.25 6.69
N ASP A 44 5.85 0.51 7.77
CA ASP A 44 6.19 0.03 9.10
C ASP A 44 5.28 -1.12 9.50
N THR A 45 4.02 -1.06 9.06
CA THR A 45 3.06 -2.10 9.38
C THR A 45 3.08 -3.19 8.32
N LEU A 46 3.41 -2.81 7.09
CA LEU A 46 3.48 -3.75 5.98
C LEU A 46 4.30 -4.98 6.35
N GLY A 47 5.47 -4.74 6.91
CA GLY A 47 6.33 -5.84 7.32
C GLY A 47 5.88 -6.48 8.61
N SER A 48 5.16 -5.72 9.43
CA SER A 48 4.67 -6.22 10.70
C SER A 48 3.95 -7.56 10.52
N ILE A 49 3.37 -7.75 9.34
CA ILE A 49 2.65 -8.99 9.04
C ILE A 49 3.62 -10.16 8.85
N GLN A 50 4.80 -9.85 8.33
CA GLN A 50 5.81 -10.87 8.09
C GLN A 50 6.11 -11.67 9.35
N GLN A 51 6.75 -11.04 10.32
CA GLN A 51 7.10 -11.70 11.57
C GLN A 51 5.93 -11.73 12.54
N HIS A 52 5.55 -10.55 13.03
CA HIS A 52 4.46 -10.43 13.99
C HIS A 52 3.12 -10.81 13.35
N PHE A 53 2.98 -12.08 12.99
CA PHE A 53 1.75 -12.57 12.38
C PHE A 53 1.93 -13.98 11.84
N MET A 54 2.67 -14.09 10.73
CA MET A 54 2.93 -15.38 10.10
C MET A 54 3.39 -16.41 11.14
N LYS A 55 4.36 -16.02 11.96
CA LYS A 55 4.88 -16.90 13.00
C LYS A 55 3.75 -17.41 13.90
N PRO A 56 3.08 -16.49 14.62
CA PRO A 56 1.98 -16.85 15.52
C PRO A 56 0.81 -17.48 14.77
N LEU A 57 0.71 -17.22 13.47
CA LEU A 57 -0.36 -17.77 12.66
C LEU A 57 -0.09 -19.23 12.34
N GLN A 58 1.09 -19.50 11.78
CA GLN A 58 1.48 -20.86 11.40
C GLN A 58 1.28 -21.83 12.57
N ARG A 59 1.29 -21.29 13.79
CA ARG A 59 1.12 -22.12 14.98
C ARG A 59 -0.22 -22.84 14.97
N PHE A 60 -1.16 -22.39 14.14
CA PHE A 60 -2.48 -23.00 14.07
C PHE A 60 -2.85 -23.37 12.63
N LEU A 61 -2.80 -22.37 11.75
CA LEU A 61 -3.15 -22.58 10.35
C LEU A 61 -2.14 -23.49 9.67
N LYS A 62 -2.64 -24.50 8.96
CA LYS A 62 -1.78 -25.46 8.26
C LYS A 62 -0.80 -24.74 7.35
N PRO A 63 0.46 -25.21 7.30
CA PRO A 63 1.50 -24.59 6.45
C PRO A 63 1.09 -24.55 4.98
N GLN A 64 0.42 -25.61 4.53
CA GLN A 64 -0.02 -25.69 3.14
C GLN A 64 -0.84 -24.48 2.75
N ASP A 65 -1.94 -24.26 3.46
CA ASP A 65 -2.82 -23.12 3.19
C ASP A 65 -2.12 -21.80 3.52
N MET A 66 -1.20 -21.84 4.48
CA MET A 66 -0.48 -20.65 4.88
C MET A 66 0.08 -19.90 3.68
N GLU A 67 0.34 -20.62 2.60
CA GLU A 67 0.89 -20.04 1.39
C GLU A 67 -0.14 -19.12 0.71
N THR A 68 -1.40 -19.53 0.74
CA THR A 68 -2.47 -18.75 0.12
C THR A 68 -2.89 -17.59 1.00
N ILE A 69 -2.71 -17.75 2.32
CA ILE A 69 -3.10 -16.72 3.27
C ILE A 69 -2.28 -15.45 3.06
N PHE A 70 -0.97 -15.54 3.33
CA PHE A 70 -0.09 -14.38 3.20
C PHE A 70 0.45 -14.24 1.77
N VAL A 71 -0.10 -15.01 0.84
CA VAL A 71 0.30 -14.98 -0.57
C VAL A 71 1.79 -14.62 -0.76
N ASN A 72 2.08 -13.36 -1.13
CA ASN A 72 3.46 -12.92 -1.31
C ASN A 72 3.80 -11.75 -0.41
N ILE A 73 3.01 -11.58 0.66
CA ILE A 73 3.22 -10.48 1.61
C ILE A 73 4.71 -10.21 1.86
N GLU A 74 5.51 -11.28 1.86
CA GLU A 74 6.94 -11.15 2.09
C GLU A 74 7.61 -10.37 0.97
N GLU A 75 7.32 -10.75 -0.26
CA GLU A 75 7.91 -10.07 -1.43
C GLU A 75 7.26 -8.72 -1.66
N LEU A 76 6.03 -8.56 -1.18
CA LEU A 76 5.30 -7.31 -1.34
C LEU A 76 5.87 -6.23 -0.43
N PHE A 77 6.37 -6.63 0.73
CA PHE A 77 6.96 -5.69 1.67
C PHE A 77 8.01 -4.84 0.99
N SER A 78 8.78 -5.44 0.09
CA SER A 78 9.83 -4.74 -0.63
C SER A 78 9.24 -3.62 -1.49
N VAL A 79 8.12 -3.91 -2.15
CA VAL A 79 7.47 -2.94 -3.01
C VAL A 79 7.18 -1.65 -2.26
N HIS A 80 7.09 -1.75 -0.94
CA HIS A 80 6.81 -0.57 -0.12
C HIS A 80 8.11 -0.01 0.48
N THR A 81 8.93 -0.90 1.03
CA THR A 81 10.20 -0.49 1.64
C THR A 81 11.16 0.03 0.58
N HIS A 82 11.39 -0.77 -0.46
CA HIS A 82 12.30 -0.39 -1.54
C HIS A 82 11.84 0.89 -2.22
N PHE A 83 10.52 1.07 -2.31
CA PHE A 83 9.95 2.26 -2.95
C PHE A 83 10.51 3.53 -2.32
N LEU A 84 10.51 3.58 -0.99
CA LEU A 84 11.02 4.74 -0.28
C LEU A 84 12.49 4.98 -0.62
N LYS A 85 13.22 3.89 -0.82
CA LYS A 85 14.64 3.96 -1.17
C LYS A 85 14.83 4.70 -2.50
N GLU A 86 13.89 4.50 -3.41
CA GLU A 86 13.96 5.14 -4.72
C GLU A 86 13.62 6.61 -4.62
N LEU A 87 12.54 6.92 -3.91
CA LEU A 87 12.11 8.30 -3.73
C LEU A 87 13.16 9.10 -2.95
N LYS A 88 13.68 8.49 -1.88
CA LYS A 88 14.69 9.14 -1.05
C LYS A 88 15.83 9.66 -1.91
N ASP A 89 16.10 8.97 -3.02
CA ASP A 89 17.17 9.35 -3.93
C ASP A 89 16.64 10.21 -5.07
N ALA A 90 15.35 10.06 -5.36
CA ALA A 90 14.72 10.82 -6.44
C ALA A 90 14.32 12.22 -5.96
N LEU A 91 13.61 12.28 -4.85
CA LEU A 91 13.16 13.56 -4.29
C LEU A 91 14.34 14.50 -4.11
N ALA A 92 15.45 13.97 -3.60
CA ALA A 92 16.65 14.77 -3.38
C ALA A 92 17.05 15.52 -4.65
N GLY A 93 16.63 15.00 -5.78
CA GLY A 93 16.94 15.63 -7.05
C GLY A 93 16.46 17.07 -7.11
N PRO A 94 16.97 17.86 -8.07
CA PRO A 94 16.58 19.28 -8.23
C PRO A 94 15.17 19.43 -8.78
N GLY A 95 14.18 19.04 -7.97
CA GLY A 95 12.79 19.14 -8.40
C GLY A 95 12.06 17.82 -8.28
N ALA A 96 12.81 16.73 -8.30
CA ALA A 96 12.22 15.40 -8.19
C ALA A 96 11.45 15.02 -9.45
N THR A 97 11.82 15.64 -10.56
CA THR A 97 11.18 15.37 -11.84
C THR A 97 11.44 13.94 -12.31
N THR A 98 12.55 13.37 -11.84
CA THR A 98 12.93 12.02 -12.21
C THR A 98 12.03 10.97 -11.55
N LEU A 99 11.15 11.40 -10.64
CA LEU A 99 10.25 10.49 -9.96
C LEU A 99 9.56 9.55 -10.94
N TYR A 100 9.42 10.00 -12.18
CA TYR A 100 8.76 9.20 -13.21
C TYR A 100 9.38 7.80 -13.28
N GLN A 101 10.71 7.74 -13.34
CA GLN A 101 11.42 6.47 -13.42
C GLN A 101 10.95 5.52 -12.32
N VAL A 102 10.98 6.01 -11.08
CA VAL A 102 10.56 5.21 -9.93
C VAL A 102 9.19 4.58 -10.18
N PHE A 103 8.40 5.21 -11.06
CA PHE A 103 7.06 4.73 -11.36
C PHE A 103 7.04 3.84 -12.60
N ILE A 104 7.76 4.27 -13.64
CA ILE A 104 7.80 3.53 -14.90
C ILE A 104 8.48 2.18 -14.75
N LYS A 105 9.42 2.08 -13.82
CA LYS A 105 10.18 0.85 -13.62
C LYS A 105 9.59 -0.01 -12.50
N TYR A 106 8.55 0.47 -11.83
CA TYR A 106 7.95 -0.28 -10.73
C TYR A 106 6.77 -1.14 -11.19
N LYS A 107 6.32 -0.94 -12.42
CA LYS A 107 5.19 -1.71 -12.95
C LYS A 107 5.32 -3.19 -12.60
N GLU A 108 6.54 -3.72 -12.75
CA GLU A 108 6.82 -5.11 -12.45
C GLU A 108 6.16 -5.57 -11.15
N ARG A 109 6.39 -4.84 -10.08
CA ARG A 109 5.84 -5.19 -8.77
C ARG A 109 4.37 -4.78 -8.64
N PHE A 110 4.05 -3.56 -9.08
CA PHE A 110 2.67 -3.09 -9.01
C PHE A 110 1.74 -4.14 -9.59
N LEU A 111 2.16 -4.76 -10.69
CA LEU A 111 1.43 -5.84 -11.30
C LEU A 111 1.09 -6.90 -10.27
N VAL A 112 2.00 -7.12 -9.32
CA VAL A 112 1.77 -8.07 -8.25
C VAL A 112 0.43 -7.79 -7.60
N TYR A 113 0.07 -6.51 -7.54
CA TYR A 113 -1.22 -6.11 -6.99
C TYR A 113 -2.34 -6.89 -7.66
N GLY A 114 -2.14 -7.22 -8.93
CA GLY A 114 -3.13 -7.99 -9.67
C GLY A 114 -3.28 -9.39 -9.11
N ARG A 115 -2.18 -10.13 -9.07
CA ARG A 115 -2.18 -11.47 -8.52
C ARG A 115 -2.59 -11.43 -7.05
N TYR A 116 -2.11 -10.41 -6.34
CA TYR A 116 -2.45 -10.23 -4.94
C TYR A 116 -3.96 -10.21 -4.77
N CYS A 117 -4.61 -9.22 -5.41
CA CYS A 117 -6.07 -9.09 -5.36
C CYS A 117 -6.77 -10.33 -5.91
N SER A 118 -6.03 -11.17 -6.63
CA SER A 118 -6.59 -12.38 -7.24
C SER A 118 -6.70 -13.51 -6.22
N GLN A 119 -5.67 -13.68 -5.41
CA GLN A 119 -5.67 -14.70 -4.36
C GLN A 119 -6.24 -14.10 -3.09
N VAL A 120 -5.93 -12.83 -2.90
CA VAL A 120 -6.44 -12.06 -1.76
C VAL A 120 -7.95 -12.28 -1.61
N GLU A 121 -8.71 -11.87 -2.62
CA GLU A 121 -10.17 -12.00 -2.58
C GLU A 121 -10.58 -13.37 -2.05
N SER A 122 -9.71 -14.36 -2.26
CA SER A 122 -9.96 -15.71 -1.77
C SER A 122 -9.31 -15.90 -0.41
N ALA A 123 -8.17 -15.26 -0.21
CA ALA A 123 -7.46 -15.34 1.06
C ALA A 123 -8.26 -14.68 2.17
N SER A 124 -8.37 -13.35 2.11
CA SER A 124 -9.15 -12.60 3.08
C SER A 124 -10.51 -13.24 3.28
N LYS A 125 -10.98 -13.90 2.23
CA LYS A 125 -12.25 -14.61 2.29
C LYS A 125 -12.08 -15.94 3.01
N HIS A 126 -10.96 -16.60 2.75
CA HIS A 126 -10.64 -17.87 3.39
C HIS A 126 -10.53 -17.67 4.90
N LEU A 127 -9.81 -16.63 5.31
CA LEU A 127 -9.66 -16.32 6.73
C LEU A 127 -11.01 -16.26 7.41
N ASP A 128 -11.98 -15.61 6.75
CA ASP A 128 -13.32 -15.49 7.30
C ASP A 128 -13.85 -16.87 7.71
N GLN A 129 -13.52 -17.88 6.94
CA GLN A 129 -13.94 -19.24 7.23
C GLN A 129 -12.98 -19.90 8.20
N VAL A 130 -11.68 -19.75 7.94
CA VAL A 130 -10.66 -20.32 8.80
C VAL A 130 -10.90 -19.96 10.26
N ALA A 131 -10.97 -18.66 10.53
CA ALA A 131 -11.21 -18.17 11.88
C ALA A 131 -12.41 -18.86 12.51
N THR A 132 -13.38 -19.24 11.66
CA THR A 132 -14.59 -19.91 12.13
C THR A 132 -14.37 -21.42 12.20
N ALA A 133 -13.50 -21.93 11.33
CA ALA A 133 -13.20 -23.35 11.30
C ALA A 133 -12.85 -23.86 12.70
N ARG A 134 -11.95 -23.15 13.37
CA ARG A 134 -11.53 -23.53 14.72
C ARG A 134 -11.62 -22.33 15.67
N GLU A 135 -11.21 -22.54 16.91
CA GLU A 135 -11.23 -21.47 17.91
C GLU A 135 -9.84 -20.92 18.15
N ASP A 136 -8.83 -21.73 17.87
CA ASP A 136 -7.44 -21.32 18.07
C ASP A 136 -7.05 -20.22 17.08
N VAL A 137 -7.66 -20.24 15.90
CA VAL A 137 -7.37 -19.25 14.87
C VAL A 137 -8.26 -18.01 15.03
N GLN A 138 -9.42 -18.21 15.63
CA GLN A 138 -10.37 -17.11 15.84
C GLN A 138 -9.78 -16.04 16.75
N MET A 139 -9.51 -16.43 18.00
CA MET A 139 -8.95 -15.50 18.98
C MET A 139 -7.62 -14.93 18.52
N LYS A 140 -6.76 -15.82 18.01
CA LYS A 140 -5.44 -15.40 17.54
C LYS A 140 -5.54 -14.20 16.59
N LEU A 141 -6.36 -14.35 15.55
CA LEU A 141 -6.54 -13.28 14.58
C LEU A 141 -6.94 -11.98 15.26
N GLU A 142 -7.55 -12.09 16.44
CA GLU A 142 -7.98 -10.92 17.19
C GLU A 142 -6.89 -10.43 18.14
N GLU A 143 -6.42 -11.34 18.99
CA GLU A 143 -5.38 -11.00 19.95
C GLU A 143 -4.04 -10.74 19.25
N CYS A 144 -3.63 -11.67 18.41
CA CYS A 144 -2.37 -11.54 17.69
C CYS A 144 -2.25 -10.18 17.01
N SER A 145 -3.38 -9.68 16.52
CA SER A 145 -3.41 -8.38 15.84
C SER A 145 -3.45 -7.22 16.84
N GLN A 146 -3.76 -7.53 18.10
CA GLN A 146 -3.84 -6.51 19.14
C GLN A 146 -2.62 -5.60 19.12
N ARG A 147 -1.51 -6.13 18.62
CA ARG A 147 -0.25 -5.36 18.56
C ARG A 147 -0.24 -4.43 17.34
N ALA A 148 -1.06 -4.74 16.34
CA ALA A 148 -1.14 -3.91 15.14
C ALA A 148 -2.48 -3.20 15.06
N ASN A 149 -3.55 -3.99 14.98
CA ASN A 149 -4.90 -3.44 14.92
C ASN A 149 -5.88 -4.39 15.58
N ASN A 150 -6.31 -4.05 16.79
CA ASN A 150 -7.24 -4.88 17.55
C ASN A 150 -8.46 -5.24 16.72
N GLY A 151 -8.36 -6.33 15.95
CA GLY A 151 -9.47 -6.76 15.12
C GLY A 151 -10.17 -5.62 14.41
N ARG A 152 -9.38 -4.63 13.95
CA ARG A 152 -9.92 -3.47 13.27
C ARG A 152 -9.76 -3.60 11.76
N PHE A 153 -8.57 -3.97 11.32
CA PHE A 153 -8.29 -4.11 9.89
C PHE A 153 -7.48 -5.36 9.59
N THR A 154 -7.40 -6.28 10.56
CA THR A 154 -6.63 -7.52 10.41
C THR A 154 -6.65 -8.04 8.97
N LEU A 155 -5.52 -8.62 8.55
CA LEU A 155 -5.32 -9.21 7.22
C LEU A 155 -6.49 -8.99 6.24
N ARG A 156 -7.61 -9.66 6.49
CA ARG A 156 -8.79 -9.55 5.63
C ARG A 156 -9.04 -8.10 5.23
N ASP A 157 -8.65 -7.16 6.09
CA ASP A 157 -8.81 -5.75 5.81
C ASP A 157 -7.53 -5.16 5.25
N LEU A 158 -6.39 -5.74 5.66
CA LEU A 158 -5.09 -5.28 5.18
C LEU A 158 -4.89 -5.58 3.71
N LEU A 159 -4.69 -6.86 3.38
CA LEU A 159 -4.43 -7.26 1.99
C LEU A 159 -5.41 -6.61 1.02
N MET A 160 -6.59 -6.25 1.50
CA MET A 160 -7.61 -5.63 0.66
C MET A 160 -7.34 -4.15 0.43
N VAL A 161 -6.35 -3.60 1.13
CA VAL A 161 -6.04 -2.18 1.03
C VAL A 161 -5.18 -1.82 -0.19
N PRO A 162 -3.98 -2.42 -0.33
CA PRO A 162 -3.06 -2.10 -1.43
C PRO A 162 -3.74 -2.15 -2.80
N MET A 163 -4.73 -3.02 -2.94
CA MET A 163 -5.45 -3.15 -4.20
C MET A 163 -6.00 -1.79 -4.65
N GLN A 164 -6.16 -0.87 -3.70
CA GLN A 164 -6.70 0.45 -3.99
C GLN A 164 -5.61 1.52 -4.03
N ARG A 165 -4.50 1.28 -3.34
CA ARG A 165 -3.41 2.26 -3.28
C ARG A 165 -2.85 2.55 -4.67
N VAL A 166 -2.73 1.52 -5.51
CA VAL A 166 -2.20 1.69 -6.86
C VAL A 166 -2.84 2.90 -7.54
N LEU A 167 -4.14 3.06 -7.35
CA LEU A 167 -4.85 4.21 -7.89
C LEU A 167 -4.24 5.51 -7.39
N LYS A 168 -4.16 5.64 -6.07
CA LYS A 168 -3.62 6.83 -5.42
C LYS A 168 -2.38 7.34 -6.13
N TYR A 169 -1.45 6.43 -6.43
CA TYR A 169 -0.21 6.80 -7.13
C TYR A 169 -0.48 7.80 -8.25
N HIS A 170 -1.04 7.31 -9.36
CA HIS A 170 -1.38 8.17 -10.48
C HIS A 170 -2.41 9.21 -10.06
N LEU A 171 -3.40 8.77 -9.30
CA LEU A 171 -4.45 9.66 -8.81
C LEU A 171 -3.86 10.92 -8.20
N LEU A 172 -2.76 10.75 -7.46
CA LEU A 172 -2.08 11.88 -6.84
C LEU A 172 -0.96 12.40 -7.73
N LEU A 173 -0.33 11.49 -8.48
CA LEU A 173 0.76 11.87 -9.37
C LEU A 173 0.35 13.02 -10.27
N GLN A 174 -0.86 12.93 -10.80
CA GLN A 174 -1.40 13.98 -11.66
C GLN A 174 -1.23 15.35 -11.01
N GLU A 175 -1.42 15.41 -9.70
CA GLU A 175 -1.28 16.64 -8.95
C GLU A 175 0.14 17.19 -9.07
N LEU A 176 1.12 16.30 -8.94
CA LEU A 176 2.52 16.70 -9.05
C LEU A 176 2.80 17.31 -10.41
N VAL A 177 2.03 16.86 -11.42
CA VAL A 177 2.19 17.36 -12.77
C VAL A 177 1.46 18.68 -12.95
N LYS A 178 0.21 18.73 -12.49
CA LYS A 178 -0.60 19.95 -12.57
C LYS A 178 0.10 21.12 -11.89
N HIS A 179 0.98 20.81 -10.93
CA HIS A 179 1.72 21.84 -10.23
C HIS A 179 3.02 22.16 -10.95
N THR A 180 3.59 21.15 -11.60
CA THR A 180 4.84 21.32 -12.33
C THR A 180 4.58 21.95 -13.70
N GLN A 181 5.16 23.12 -13.93
CA GLN A 181 4.98 23.82 -15.19
C GLN A 181 6.33 24.10 -15.85
N ASP A 182 6.82 23.13 -16.61
CA ASP A 182 8.10 23.27 -17.29
C ASP A 182 8.07 22.59 -18.65
N ALA A 183 9.25 22.36 -19.23
CA ALA A 183 9.36 21.72 -20.53
C ALA A 183 9.34 20.20 -20.40
N THR A 184 10.43 19.64 -19.89
CA THR A 184 10.54 18.20 -19.72
C THR A 184 9.98 17.76 -18.36
N GLU A 185 10.18 18.59 -17.35
CA GLU A 185 9.70 18.29 -16.01
C GLU A 185 8.24 17.85 -16.02
N LYS A 186 7.40 18.65 -16.66
CA LYS A 186 5.98 18.35 -16.74
C LYS A 186 5.70 17.30 -17.81
N GLU A 187 6.46 17.35 -18.90
CA GLU A 187 6.30 16.39 -20.00
C GLU A 187 6.57 14.96 -19.53
N ASN A 188 7.82 14.68 -19.19
CA ASN A 188 8.21 13.35 -18.74
C ASN A 188 7.26 12.83 -17.68
N LEU A 189 7.08 13.62 -16.62
CA LEU A 189 6.20 13.23 -15.51
C LEU A 189 4.86 12.71 -16.02
N ARG A 190 4.34 13.37 -17.04
CA ARG A 190 3.06 12.97 -17.63
C ARG A 190 3.09 11.50 -18.04
N LEU A 191 4.25 11.04 -18.49
CA LEU A 191 4.41 9.65 -18.89
C LEU A 191 4.20 8.73 -17.69
N ALA A 192 4.69 9.15 -16.53
CA ALA A 192 4.52 8.38 -15.31
C ALA A 192 3.04 8.10 -15.08
N LEU A 193 2.20 9.03 -15.52
CA LEU A 193 0.75 8.89 -15.39
C LEU A 193 0.23 7.81 -16.32
N ASP A 194 0.48 7.99 -17.62
CA ASP A 194 0.04 7.04 -18.62
C ASP A 194 0.45 5.62 -18.24
N ALA A 195 1.56 5.51 -17.52
CA ALA A 195 2.06 4.21 -17.08
C ALA A 195 1.29 3.73 -15.85
N MET A 196 1.30 4.57 -14.82
CA MET A 196 0.58 4.24 -13.58
C MET A 196 -0.90 4.07 -13.85
N ARG A 197 -1.50 5.08 -14.47
CA ARG A 197 -2.92 5.05 -14.79
C ARG A 197 -3.29 3.76 -15.52
N ASP A 198 -2.31 3.16 -16.18
CA ASP A 198 -2.52 1.93 -16.95
C ASP A 198 -2.71 0.73 -16.03
N LEU A 199 -2.12 0.79 -14.83
CA LEU A 199 -2.20 -0.31 -13.88
C LEU A 199 -3.57 -0.36 -13.21
N ALA A 200 -4.09 0.79 -12.82
CA ALA A 200 -5.40 0.85 -12.17
C ALA A 200 -6.44 0.07 -12.96
N GLN A 201 -6.19 -0.09 -14.27
CA GLN A 201 -7.09 -0.83 -15.14
C GLN A 201 -6.71 -2.30 -15.22
N CYS A 202 -5.49 -2.64 -14.78
CA CYS A 202 -5.04 -4.03 -14.78
C CYS A 202 -5.17 -4.60 -13.37
N VAL A 203 -4.98 -3.73 -12.39
CA VAL A 203 -5.04 -4.11 -10.99
C VAL A 203 -6.48 -4.32 -10.54
N ASN A 204 -7.35 -3.40 -10.94
CA ASN A 204 -8.77 -3.48 -10.58
C ASN A 204 -9.57 -4.15 -11.68
N GLU A 205 -8.95 -5.13 -12.35
CA GLU A 205 -9.61 -5.86 -13.43
C GLU A 205 -8.89 -7.17 -13.70
N VAL A 206 -8.87 -8.04 -12.69
CA VAL A 206 -8.20 -9.33 -12.81
C VAL A 206 -9.21 -10.47 -12.77
N LYS A 207 -9.57 -10.96 -13.95
CA LYS A 207 -10.52 -12.05 -14.07
C LYS A 207 -9.82 -13.36 -14.39
N ARG A 208 -8.95 -13.79 -13.48
CA ARG A 208 -8.20 -15.03 -13.67
C ARG A 208 -8.96 -16.22 -13.07
N MET A 1 -12.65 3.41 -2.86
CA MET A 1 -12.93 3.59 -1.41
C MET A 1 -13.01 2.25 -0.69
N LYS A 2 -12.14 1.32 -1.09
CA LYS A 2 -12.11 0.00 -0.47
C LYS A 2 -11.22 -0.02 0.76
N GLY A 3 -10.13 0.75 0.71
CA GLY A 3 -9.22 0.80 1.83
C GLY A 3 -8.61 2.18 2.02
N ASP A 4 -9.29 3.20 1.50
CA ASP A 4 -8.81 4.57 1.61
C ASP A 4 -8.92 5.07 3.04
N GLU A 5 -10.04 4.76 3.69
CA GLU A 5 -10.26 5.18 5.08
C GLU A 5 -9.37 4.41 6.04
N ILE A 6 -8.94 3.22 5.62
CA ILE A 6 -8.09 2.38 6.45
C ILE A 6 -6.73 3.05 6.70
N TYR A 7 -5.99 3.30 5.62
CA TYR A 7 -4.69 3.96 5.74
C TYR A 7 -4.80 5.24 6.55
N GLU A 8 -5.89 5.96 6.35
CA GLU A 8 -6.11 7.22 7.05
C GLU A 8 -5.89 7.06 8.55
N ASP A 9 -6.72 6.24 9.19
CA ASP A 9 -6.60 6.01 10.63
C ASP A 9 -5.39 5.14 10.95
N LEU A 10 -4.95 4.36 9.98
CA LEU A 10 -3.79 3.49 10.15
C LEU A 10 -2.58 4.28 10.65
N MET A 11 -2.51 5.54 10.25
CA MET A 11 -1.40 6.41 10.64
C MET A 11 -1.92 7.78 11.09
N ARG A 12 -1.21 8.39 12.04
CA ARG A 12 -1.59 9.70 12.54
C ARG A 12 -0.78 10.81 11.87
N LEU A 13 -0.31 10.53 10.65
CA LEU A 13 0.48 11.49 9.90
C LEU A 13 -0.32 12.09 8.76
N GLU A 14 -1.30 11.33 8.30
CA GLU A 14 -2.17 11.78 7.22
C GLU A 14 -2.86 13.09 7.58
N SER A 15 -3.17 13.25 8.86
CA SER A 15 -3.84 14.44 9.35
C SER A 15 -2.83 15.58 9.52
N VAL A 16 -2.78 16.47 8.54
CA VAL A 16 -1.85 17.59 8.56
C VAL A 16 -2.39 18.73 9.41
N PRO A 17 -1.51 19.39 10.19
CA PRO A 17 -1.91 20.51 11.04
C PRO A 17 -2.71 21.56 10.26
N THR A 18 -4.01 21.56 10.47
CA THR A 18 -4.90 22.50 9.78
C THR A 18 -4.78 23.90 10.40
N PRO A 19 -5.48 24.90 9.82
CA PRO A 19 -5.43 26.28 10.30
C PRO A 19 -5.35 26.40 11.83
N PRO A 20 -6.27 25.77 12.58
CA PRO A 20 -6.24 25.83 14.05
C PRO A 20 -4.88 25.42 14.61
N LYS A 21 -4.06 26.41 14.93
CA LYS A 21 -2.72 26.17 15.48
C LYS A 21 -1.75 25.74 14.37
N MET A 22 -1.98 26.23 13.16
CA MET A 22 -1.12 25.91 12.03
C MET A 22 -1.72 26.44 10.73
N THR A 23 -1.18 25.97 9.60
CA THR A 23 -1.67 26.42 8.29
C THR A 23 -1.96 25.23 7.39
N GLU A 24 -3.03 25.33 6.60
CA GLU A 24 -3.41 24.28 5.68
C GLU A 24 -2.36 24.09 4.59
N TYR A 25 -1.58 25.14 4.34
CA TYR A 25 -0.53 25.09 3.32
C TYR A 25 0.34 23.85 3.49
N ASP A 26 0.46 23.38 4.74
CA ASP A 26 1.25 22.20 5.02
C ASP A 26 0.63 20.97 4.38
N LYS A 27 -0.68 20.85 4.50
CA LYS A 27 -1.41 19.74 3.91
C LYS A 27 -1.23 19.69 2.40
N ARG A 28 -0.95 20.85 1.81
CA ARG A 28 -0.76 20.95 0.37
C ARG A 28 0.63 20.50 -0.04
N CYS A 29 1.63 21.29 0.31
CA CYS A 29 3.02 20.98 -0.02
C CYS A 29 3.36 19.55 0.37
N CYS A 30 2.65 19.02 1.35
CA CYS A 30 2.87 17.67 1.84
C CYS A 30 2.46 16.62 0.81
N CYS A 31 1.84 17.06 -0.29
CA CYS A 31 1.39 16.14 -1.34
C CYS A 31 2.44 15.07 -1.64
N LEU A 32 3.61 15.51 -2.08
CA LEU A 32 4.70 14.59 -2.41
C LEU A 32 5.14 13.82 -1.16
N ARG A 33 5.39 14.54 -0.08
CA ARG A 33 5.82 13.93 1.18
C ARG A 33 4.90 12.77 1.54
N GLU A 34 3.59 13.01 1.49
CA GLU A 34 2.60 11.98 1.80
C GLU A 34 2.89 10.71 1.01
N ILE A 35 3.48 10.87 -0.18
CA ILE A 35 3.80 9.73 -1.02
C ILE A 35 4.89 8.86 -0.41
N GLN A 36 6.01 9.48 -0.08
CA GLN A 36 7.14 8.76 0.51
C GLN A 36 6.91 8.50 2.00
N GLN A 37 6.01 9.26 2.61
CA GLN A 37 5.70 9.11 4.02
C GLN A 37 4.67 8.01 4.22
N THR A 38 3.56 8.10 3.49
CA THR A 38 2.50 7.11 3.58
C THR A 38 3.03 5.70 3.32
N GLU A 39 4.03 5.61 2.45
CA GLU A 39 4.63 4.33 2.11
C GLU A 39 5.52 3.82 3.25
N GLU A 40 6.31 4.73 3.81
CA GLU A 40 7.22 4.39 4.91
C GLU A 40 6.51 3.55 5.97
N LYS A 41 5.53 4.16 6.65
CA LYS A 41 4.80 3.46 7.69
C LYS A 41 4.20 2.16 7.18
N TYR A 42 3.43 2.25 6.10
CA TYR A 42 2.81 1.07 5.52
C TYR A 42 3.82 -0.05 5.31
N THR A 43 4.99 0.32 4.78
CA THR A 43 6.05 -0.66 4.55
C THR A 43 6.38 -1.40 5.85
N ASP A 44 6.25 -0.70 6.97
CA ASP A 44 6.51 -1.30 8.26
C ASP A 44 5.48 -2.37 8.58
N THR A 45 4.24 -2.13 8.15
CA THR A 45 3.15 -3.07 8.38
C THR A 45 3.13 -4.14 7.29
N LEU A 46 3.56 -3.76 6.08
CA LEU A 46 3.59 -4.67 4.95
C LEU A 46 4.34 -5.95 5.33
N GLY A 47 5.52 -5.79 5.93
CA GLY A 47 6.31 -6.93 6.34
C GLY A 47 5.98 -7.40 7.74
N SER A 48 4.94 -6.82 8.34
CA SER A 48 4.54 -7.20 9.69
C SER A 48 3.65 -8.44 9.66
N ILE A 49 2.98 -8.65 8.53
CA ILE A 49 2.10 -9.80 8.36
C ILE A 49 2.90 -11.06 8.06
N GLN A 50 4.10 -10.87 7.53
CA GLN A 50 4.97 -12.00 7.18
C GLN A 50 5.68 -12.54 8.42
N GLN A 51 6.50 -11.69 9.04
CA GLN A 51 7.25 -12.09 10.23
C GLN A 51 6.37 -12.07 11.48
N HIS A 52 5.97 -10.88 11.90
CA HIS A 52 5.14 -10.73 13.09
C HIS A 52 3.69 -11.07 12.78
N PHE A 53 3.43 -12.33 12.47
CA PHE A 53 2.09 -12.80 12.16
C PHE A 53 2.12 -14.22 11.61
N MET A 54 2.74 -14.38 10.44
CA MET A 54 2.84 -15.69 9.82
C MET A 54 3.52 -16.69 10.76
N LYS A 55 4.64 -16.27 11.34
CA LYS A 55 5.38 -17.11 12.27
C LYS A 55 4.48 -17.61 13.40
N PRO A 56 3.93 -16.67 14.20
CA PRO A 56 3.04 -17.01 15.32
C PRO A 56 1.77 -17.69 14.88
N LEU A 57 1.10 -17.12 13.89
CA LEU A 57 -0.14 -17.68 13.37
C LEU A 57 0.05 -19.13 12.93
N GLN A 58 1.29 -19.49 12.63
CA GLN A 58 1.62 -20.85 12.19
C GLN A 58 1.17 -21.90 13.20
N ARG A 59 0.91 -21.46 14.44
CA ARG A 59 0.47 -22.37 15.49
C ARG A 59 -1.04 -22.55 15.49
N PHE A 60 -1.70 -22.17 14.40
CA PHE A 60 -3.15 -22.30 14.29
C PHE A 60 -3.56 -22.69 12.89
N LEU A 61 -3.30 -21.80 11.94
CA LEU A 61 -3.65 -22.04 10.54
C LEU A 61 -2.68 -23.01 9.89
N LYS A 62 -3.19 -23.89 9.05
CA LYS A 62 -2.37 -24.89 8.37
C LYS A 62 -1.14 -24.27 7.73
N PRO A 63 -0.16 -25.09 7.34
CA PRO A 63 1.08 -24.62 6.72
C PRO A 63 0.91 -24.35 5.23
N GLN A 64 0.21 -25.27 4.54
CA GLN A 64 -0.02 -25.13 3.11
C GLN A 64 -1.02 -24.01 2.82
N ASP A 65 -1.95 -23.82 3.74
CA ASP A 65 -2.97 -22.78 3.59
C ASP A 65 -2.43 -21.41 3.99
N MET A 66 -1.40 -21.42 4.85
CA MET A 66 -0.79 -20.18 5.34
C MET A 66 -0.52 -19.22 4.19
N GLU A 67 -0.25 -19.76 3.00
CA GLU A 67 0.03 -18.94 1.83
C GLU A 67 -1.23 -18.24 1.33
N THR A 68 -2.27 -19.02 1.04
CA THR A 68 -3.52 -18.48 0.55
C THR A 68 -4.07 -17.42 1.51
N ILE A 69 -3.72 -17.53 2.78
CA ILE A 69 -4.17 -16.59 3.79
C ILE A 69 -3.42 -15.27 3.72
N PHE A 70 -2.11 -15.33 3.93
CA PHE A 70 -1.28 -14.14 3.93
C PHE A 70 -0.68 -13.86 2.54
N VAL A 71 -1.31 -14.43 1.51
CA VAL A 71 -0.85 -14.25 0.12
C VAL A 71 0.68 -14.23 0.02
N ASN A 72 1.21 -13.65 -1.05
CA ASN A 72 2.65 -13.58 -1.26
C ASN A 72 3.21 -12.24 -0.83
N ILE A 73 2.73 -11.70 0.27
CA ILE A 73 3.21 -10.42 0.79
C ILE A 73 4.74 -10.42 0.85
N GLU A 74 5.33 -11.60 0.98
CA GLU A 74 6.77 -11.74 1.05
C GLU A 74 7.44 -11.00 -0.10
N GLU A 75 7.14 -11.42 -1.33
CA GLU A 75 7.72 -10.79 -2.51
C GLU A 75 7.18 -9.37 -2.68
N LEU A 76 5.93 -9.17 -2.29
CA LEU A 76 5.30 -7.87 -2.40
C LEU A 76 6.04 -6.83 -1.56
N PHE A 77 6.46 -7.23 -0.37
CA PHE A 77 7.19 -6.34 0.54
C PHE A 77 8.28 -5.58 -0.20
N SER A 78 8.79 -6.18 -1.28
CA SER A 78 9.85 -5.56 -2.07
C SER A 78 9.32 -4.33 -2.82
N VAL A 79 8.15 -4.48 -3.42
CA VAL A 79 7.55 -3.37 -4.18
C VAL A 79 7.38 -2.14 -3.31
N HIS A 80 7.30 -2.35 -2.00
CA HIS A 80 7.13 -1.24 -1.06
C HIS A 80 8.47 -0.74 -0.53
N THR A 81 9.28 -1.66 -0.01
CA THR A 81 10.57 -1.32 0.55
C THR A 81 11.49 -0.72 -0.50
N HIS A 82 11.74 -1.47 -1.57
CA HIS A 82 12.62 -1.01 -2.64
C HIS A 82 12.13 0.29 -3.27
N PHE A 83 10.84 0.57 -3.12
CA PHE A 83 10.24 1.77 -3.70
C PHE A 83 10.81 3.02 -3.05
N LEU A 84 10.68 3.12 -1.73
CA LEU A 84 11.17 4.27 -1.00
C LEU A 84 12.65 4.50 -1.25
N LYS A 85 13.47 3.47 -1.03
CA LYS A 85 14.91 3.57 -1.22
C LYS A 85 15.24 4.19 -2.58
N GLU A 86 14.33 4.06 -3.53
CA GLU A 86 14.53 4.59 -4.87
C GLU A 86 14.16 6.06 -4.95
N LEU A 87 13.02 6.42 -4.37
CA LEU A 87 12.54 7.80 -4.39
C LEU A 87 13.52 8.73 -3.70
N LYS A 88 14.17 8.23 -2.65
CA LYS A 88 15.13 9.02 -1.89
C LYS A 88 16.08 9.79 -2.82
N ASP A 89 16.81 9.05 -3.64
CA ASP A 89 17.75 9.66 -4.57
C ASP A 89 17.00 10.46 -5.65
N ALA A 90 15.74 10.11 -5.87
CA ALA A 90 14.92 10.79 -6.87
C ALA A 90 14.49 12.16 -6.37
N LEU A 91 13.75 12.19 -5.26
CA LEU A 91 13.27 13.43 -4.67
C LEU A 91 14.43 14.38 -4.40
N ALA A 92 15.61 13.81 -4.14
CA ALA A 92 16.80 14.60 -3.87
C ALA A 92 17.55 14.96 -5.14
N GLY A 93 16.89 14.79 -6.29
CA GLY A 93 17.52 15.11 -7.56
C GLY A 93 17.29 16.54 -7.97
N PRO A 94 17.25 16.83 -9.28
CA PRO A 94 17.03 18.19 -9.78
C PRO A 94 15.82 18.85 -9.14
N GLY A 95 14.85 18.03 -8.73
CA GLY A 95 13.66 18.55 -8.09
C GLY A 95 12.52 17.55 -8.10
N ALA A 96 12.82 16.30 -7.75
CA ALA A 96 11.82 15.25 -7.72
C ALA A 96 11.11 15.13 -9.07
N THR A 97 11.83 15.42 -10.14
CA THR A 97 11.27 15.36 -11.49
C THR A 97 11.57 14.00 -12.12
N THR A 98 12.62 13.35 -11.65
CA THR A 98 13.02 12.05 -12.18
C THR A 98 12.15 10.91 -11.63
N LEU A 99 11.17 11.27 -10.80
CA LEU A 99 10.28 10.27 -10.21
C LEU A 99 9.66 9.38 -11.29
N TYR A 100 9.39 9.96 -12.45
CA TYR A 100 8.81 9.22 -13.56
C TYR A 100 9.58 7.94 -13.82
N GLN A 101 10.90 8.07 -13.92
CA GLN A 101 11.76 6.92 -14.16
C GLN A 101 11.51 5.82 -13.13
N VAL A 102 11.27 6.23 -11.89
CA VAL A 102 11.00 5.28 -10.81
C VAL A 102 9.65 4.61 -10.99
N PHE A 103 8.72 5.31 -11.64
CA PHE A 103 7.38 4.78 -11.83
C PHE A 103 7.27 4.01 -13.14
N ILE A 104 7.82 4.58 -14.21
CA ILE A 104 7.78 3.94 -15.53
C ILE A 104 8.52 2.60 -15.52
N LYS A 105 9.52 2.49 -14.66
CA LYS A 105 10.32 1.27 -14.58
C LYS A 105 9.82 0.33 -13.47
N TYR A 106 8.81 0.75 -12.72
CA TYR A 106 8.28 -0.07 -11.64
C TYR A 106 7.14 -0.98 -12.11
N LYS A 107 6.65 -0.75 -13.32
CA LYS A 107 5.55 -1.55 -13.87
C LYS A 107 5.76 -3.03 -13.55
N GLU A 108 7.01 -3.47 -13.58
CA GLU A 108 7.35 -4.85 -13.28
C GLU A 108 6.80 -5.29 -11.93
N ARG A 109 7.11 -4.52 -10.89
CA ARG A 109 6.64 -4.82 -9.54
C ARG A 109 5.19 -4.39 -9.35
N PHE A 110 4.83 -3.26 -9.95
CA PHE A 110 3.46 -2.77 -9.87
C PHE A 110 2.48 -3.85 -10.29
N LEU A 111 2.97 -4.79 -11.10
CA LEU A 111 2.15 -5.92 -11.54
C LEU A 111 2.04 -6.93 -10.42
N VAL A 112 3.06 -6.99 -9.57
CA VAL A 112 3.06 -7.87 -8.41
C VAL A 112 1.75 -7.73 -7.66
N TYR A 113 1.23 -6.50 -7.65
CA TYR A 113 -0.05 -6.24 -7.02
C TYR A 113 -1.12 -7.20 -7.54
N GLY A 114 -1.04 -7.50 -8.84
CA GLY A 114 -1.99 -8.41 -9.44
C GLY A 114 -2.11 -9.71 -8.65
N ARG A 115 -0.98 -10.37 -8.42
CA ARG A 115 -0.97 -11.60 -7.66
C ARG A 115 -1.56 -11.35 -6.27
N TYR A 116 -1.41 -10.13 -5.78
CA TYR A 116 -1.93 -9.74 -4.48
C TYR A 116 -3.44 -9.93 -4.44
N CYS A 117 -4.13 -9.28 -5.37
CA CYS A 117 -5.59 -9.37 -5.47
C CYS A 117 -6.06 -10.75 -5.94
N SER A 118 -5.11 -11.60 -6.31
CA SER A 118 -5.43 -12.93 -6.83
C SER A 118 -5.69 -13.93 -5.71
N GLN A 119 -4.82 -13.91 -4.69
CA GLN A 119 -4.98 -14.80 -3.55
C GLN A 119 -5.82 -14.12 -2.49
N VAL A 120 -5.64 -12.81 -2.41
CA VAL A 120 -6.39 -11.97 -1.50
C VAL A 120 -7.89 -12.22 -1.64
N GLU A 121 -8.43 -11.98 -2.84
CA GLU A 121 -9.86 -12.17 -3.10
C GLU A 121 -10.37 -13.46 -2.46
N SER A 122 -9.47 -14.42 -2.34
CA SER A 122 -9.79 -15.71 -1.72
C SER A 122 -9.40 -15.70 -0.24
N ALA A 123 -8.32 -15.00 0.07
CA ALA A 123 -7.83 -14.91 1.45
C ALA A 123 -8.89 -14.30 2.37
N SER A 124 -9.13 -13.00 2.19
CA SER A 124 -10.12 -12.30 3.00
C SER A 124 -11.42 -13.10 3.09
N LYS A 125 -11.68 -13.90 2.06
CA LYS A 125 -12.86 -14.74 2.04
C LYS A 125 -12.65 -15.98 2.90
N HIS A 126 -11.48 -16.59 2.75
CA HIS A 126 -11.15 -17.78 3.53
C HIS A 126 -11.19 -17.47 5.02
N LEU A 127 -10.63 -16.32 5.39
CA LEU A 127 -10.63 -15.89 6.78
C LEU A 127 -12.05 -15.89 7.34
N ASP A 128 -12.98 -15.37 6.56
CA ASP A 128 -14.38 -15.31 6.96
C ASP A 128 -14.85 -16.67 7.45
N GLN A 129 -14.41 -17.73 6.76
CA GLN A 129 -14.79 -19.09 7.12
C GLN A 129 -13.83 -19.67 8.14
N VAL A 130 -12.53 -19.53 7.90
CA VAL A 130 -11.51 -20.04 8.80
C VAL A 130 -11.80 -19.65 10.25
N ALA A 131 -11.72 -18.36 10.53
CA ALA A 131 -11.96 -17.87 11.89
C ALA A 131 -13.24 -18.45 12.48
N THR A 132 -14.23 -18.67 11.62
CA THR A 132 -15.51 -19.23 12.05
C THR A 132 -15.38 -20.74 12.27
N ALA A 133 -14.65 -21.39 11.37
CA ALA A 133 -14.44 -22.83 11.45
C ALA A 133 -13.87 -23.22 12.82
N ARG A 134 -12.87 -22.47 13.27
CA ARG A 134 -12.24 -22.72 14.56
C ARG A 134 -12.63 -21.66 15.57
N GLU A 135 -11.99 -21.69 16.74
CA GLU A 135 -12.28 -20.72 17.79
C GLU A 135 -11.00 -20.02 18.23
N ASP A 136 -9.97 -20.80 18.54
CA ASP A 136 -8.70 -20.25 18.99
C ASP A 136 -8.07 -19.38 17.90
N VAL A 137 -8.46 -19.61 16.65
CA VAL A 137 -7.93 -18.86 15.51
C VAL A 137 -8.51 -17.45 15.48
N GLN A 138 -9.79 -17.33 15.82
CA GLN A 138 -10.46 -16.04 15.83
C GLN A 138 -9.92 -15.13 16.93
N MET A 139 -9.95 -15.63 18.16
CA MET A 139 -9.49 -14.85 19.31
C MET A 139 -8.02 -14.47 19.17
N LYS A 140 -7.28 -15.23 18.36
CA LYS A 140 -5.87 -14.96 18.16
C LYS A 140 -5.65 -13.68 17.38
N LEU A 141 -6.36 -13.54 16.26
CA LEU A 141 -6.25 -12.36 15.41
C LEU A 141 -6.34 -11.07 16.23
N GLU A 142 -7.05 -11.14 17.35
CA GLU A 142 -7.22 -9.98 18.22
C GLU A 142 -5.89 -9.54 18.81
N GLU A 143 -5.29 -10.39 19.62
CA GLU A 143 -4.02 -10.09 20.27
C GLU A 143 -2.90 -9.97 19.25
N CYS A 144 -2.81 -10.95 18.34
CA CYS A 144 -1.77 -10.95 17.32
C CYS A 144 -1.66 -9.60 16.62
N SER A 145 -2.81 -9.03 16.29
CA SER A 145 -2.84 -7.73 15.61
C SER A 145 -2.42 -6.60 16.54
N GLN A 146 -2.54 -6.83 17.85
CA GLN A 146 -2.18 -5.83 18.84
C GLN A 146 -0.80 -5.26 18.56
N ARG A 147 0.09 -6.07 18.02
CA ARG A 147 1.45 -5.64 17.70
C ARG A 147 1.45 -4.66 16.53
N ALA A 148 0.41 -4.73 15.71
CA ALA A 148 0.31 -3.83 14.56
C ALA A 148 -0.87 -2.89 14.71
N ASN A 149 -2.07 -3.44 14.64
CA ASN A 149 -3.29 -2.66 14.79
C ASN A 149 -4.32 -3.44 15.61
N ASN A 150 -4.44 -3.07 16.89
CA ASN A 150 -5.36 -3.74 17.80
C ASN A 150 -6.77 -3.81 17.21
N GLY A 151 -7.03 -4.85 16.44
CA GLY A 151 -8.34 -5.02 15.84
C GLY A 151 -8.85 -3.75 15.18
N ARG A 152 -8.24 -3.37 14.07
CA ARG A 152 -8.64 -2.17 13.34
C ARG A 152 -8.87 -2.47 11.86
N PHE A 153 -7.92 -3.18 11.26
CA PHE A 153 -8.02 -3.52 9.84
C PHE A 153 -7.29 -4.82 9.54
N THR A 154 -7.07 -5.65 10.56
CA THR A 154 -6.35 -6.90 10.42
C THR A 154 -6.71 -7.63 9.12
N LEU A 155 -5.69 -8.26 8.53
CA LEU A 155 -5.81 -9.06 7.31
C LEU A 155 -7.05 -8.74 6.48
N ARG A 156 -8.19 -9.31 6.87
CA ARG A 156 -9.45 -9.11 6.16
C ARG A 156 -9.60 -7.68 5.66
N ASP A 157 -9.19 -6.72 6.48
CA ASP A 157 -9.25 -5.31 6.09
C ASP A 157 -7.90 -4.81 5.59
N LEU A 158 -6.83 -5.54 5.92
CA LEU A 158 -5.49 -5.14 5.53
C LEU A 158 -5.24 -5.39 4.04
N LEU A 159 -5.04 -6.66 3.67
CA LEU A 159 -4.71 -7.01 2.28
C LEU A 159 -5.60 -6.25 1.29
N MET A 160 -6.85 -6.01 1.67
CA MET A 160 -7.80 -5.34 0.80
C MET A 160 -7.41 -3.88 0.56
N VAL A 161 -6.48 -3.37 1.36
CA VAL A 161 -6.07 -1.96 1.27
C VAL A 161 -5.08 -1.70 0.13
N PRO A 162 -3.93 -2.41 0.09
CA PRO A 162 -2.89 -2.18 -0.94
C PRO A 162 -3.42 -2.31 -2.36
N MET A 163 -4.32 -3.26 -2.58
CA MET A 163 -4.86 -3.49 -3.91
C MET A 163 -5.46 -2.21 -4.50
N GLN A 164 -5.81 -1.25 -3.62
CA GLN A 164 -6.42 -0.01 -4.06
C GLN A 164 -5.41 1.13 -4.12
N ARG A 165 -4.19 0.89 -3.65
CA ARG A 165 -3.16 1.93 -3.65
C ARG A 165 -2.61 2.19 -5.04
N VAL A 166 -2.43 1.11 -5.81
CA VAL A 166 -1.91 1.24 -7.17
C VAL A 166 -2.68 2.29 -7.95
N LEU A 167 -3.94 2.51 -7.56
CA LEU A 167 -4.77 3.53 -8.19
C LEU A 167 -4.40 4.90 -7.65
N LYS A 168 -4.18 4.97 -6.33
CA LYS A 168 -3.80 6.21 -5.69
C LYS A 168 -2.58 6.81 -6.35
N TYR A 169 -1.70 5.94 -6.84
CA TYR A 169 -0.48 6.38 -7.52
C TYR A 169 -0.79 7.45 -8.56
N HIS A 170 -1.33 7.04 -9.70
CA HIS A 170 -1.68 7.96 -10.77
C HIS A 170 -2.55 9.09 -10.22
N LEU A 171 -3.55 8.73 -9.44
CA LEU A 171 -4.45 9.71 -8.84
C LEU A 171 -3.64 10.80 -8.13
N LEU A 172 -2.95 10.41 -7.06
CA LEU A 172 -2.11 11.35 -6.31
C LEU A 172 -1.13 12.03 -7.24
N LEU A 173 -0.38 11.21 -7.98
CA LEU A 173 0.61 11.71 -8.93
C LEU A 173 0.00 12.78 -9.82
N GLN A 174 -1.31 12.70 -10.02
CA GLN A 174 -2.03 13.67 -10.84
C GLN A 174 -2.01 15.05 -10.19
N GLU A 175 -2.16 15.08 -8.87
CA GLU A 175 -2.16 16.33 -8.13
C GLU A 175 -0.82 17.05 -8.28
N LEU A 176 0.23 16.27 -8.47
CA LEU A 176 1.57 16.83 -8.64
C LEU A 176 1.71 17.49 -10.00
N VAL A 177 1.18 16.84 -11.03
CA VAL A 177 1.24 17.37 -12.39
C VAL A 177 0.37 18.62 -12.53
N LYS A 178 -0.82 18.57 -11.95
CA LYS A 178 -1.75 19.70 -12.00
C LYS A 178 -1.13 20.94 -11.36
N HIS A 179 -0.18 20.73 -10.45
CA HIS A 179 0.48 21.82 -9.77
C HIS A 179 1.89 22.03 -10.32
N THR A 180 2.09 21.69 -11.59
CA THR A 180 3.38 21.85 -12.23
C THR A 180 3.28 22.75 -13.45
N GLN A 181 4.14 23.78 -13.51
CA GLN A 181 4.14 24.71 -14.62
C GLN A 181 5.50 24.74 -15.31
N ASP A 182 6.18 23.60 -15.31
CA ASP A 182 7.50 23.49 -15.93
C ASP A 182 7.39 22.83 -17.31
N ALA A 183 8.53 22.71 -17.98
CA ALA A 183 8.56 22.09 -19.30
C ALA A 183 8.83 20.60 -19.21
N THR A 184 10.04 20.24 -18.77
CA THR A 184 10.42 18.84 -18.64
C THR A 184 9.62 18.16 -17.52
N GLU A 185 9.33 18.91 -16.47
CA GLU A 185 8.58 18.38 -15.34
C GLU A 185 7.19 17.92 -15.77
N LYS A 186 6.38 18.88 -16.23
CA LYS A 186 5.02 18.58 -16.66
C LYS A 186 5.01 17.46 -17.69
N GLU A 187 6.09 17.35 -18.46
CA GLU A 187 6.21 16.32 -19.48
C GLU A 187 6.49 14.96 -18.85
N ASN A 188 7.65 14.83 -18.23
CA ASN A 188 8.04 13.58 -17.59
C ASN A 188 6.98 13.14 -16.58
N LEU A 189 6.33 14.11 -15.95
CA LEU A 189 5.30 13.83 -14.96
C LEU A 189 4.11 13.10 -15.59
N ARG A 190 3.51 13.74 -16.58
CA ARG A 190 2.36 13.16 -17.28
C ARG A 190 2.67 11.75 -17.75
N LEU A 191 3.93 11.51 -18.10
CA LEU A 191 4.36 10.19 -18.56
C LEU A 191 4.26 9.15 -17.45
N ALA A 192 4.81 9.49 -16.29
CA ALA A 192 4.79 8.59 -15.14
C ALA A 192 3.41 8.00 -14.92
N LEU A 193 2.37 8.80 -15.17
CA LEU A 193 0.99 8.35 -14.98
C LEU A 193 0.56 7.41 -16.10
N ASP A 194 0.86 7.78 -17.34
CA ASP A 194 0.49 6.96 -18.50
C ASP A 194 0.84 5.50 -18.28
N ALA A 195 1.88 5.25 -17.49
CA ALA A 195 2.31 3.89 -17.20
C ALA A 195 1.51 3.30 -16.04
N MET A 196 1.37 4.07 -14.97
CA MET A 196 0.63 3.61 -13.80
C MET A 196 -0.82 3.26 -14.16
N ARG A 197 -1.50 4.18 -14.81
CA ARG A 197 -2.89 3.98 -15.21
C ARG A 197 -3.03 2.72 -16.06
N ASP A 198 -1.93 2.30 -16.68
CA ASP A 198 -1.94 1.12 -17.55
C ASP A 198 -2.21 -0.15 -16.75
N LEU A 199 -1.73 -0.18 -15.51
CA LEU A 199 -1.91 -1.35 -14.66
C LEU A 199 -3.28 -1.36 -14.00
N ALA A 200 -3.76 -0.17 -13.63
CA ALA A 200 -5.06 -0.05 -12.97
C ALA A 200 -6.13 -0.85 -13.68
N GLN A 201 -5.94 -1.06 -14.99
CA GLN A 201 -6.91 -1.81 -15.79
C GLN A 201 -6.54 -3.29 -15.90
N CYS A 202 -5.30 -3.63 -15.54
CA CYS A 202 -4.85 -5.02 -15.58
C CYS A 202 -4.91 -5.61 -14.18
N VAL A 203 -4.69 -4.76 -13.20
CA VAL A 203 -4.71 -5.17 -11.81
C VAL A 203 -6.13 -5.40 -11.33
N ASN A 204 -7.04 -4.53 -11.75
CA ASN A 204 -8.45 -4.64 -11.38
C ASN A 204 -9.23 -5.38 -12.45
N GLU A 205 -8.58 -6.34 -13.10
CA GLU A 205 -9.21 -7.14 -14.14
C GLU A 205 -8.75 -8.58 -14.06
N VAL A 206 -8.59 -9.07 -12.85
CA VAL A 206 -8.14 -10.43 -12.62
C VAL A 206 -9.30 -11.33 -12.20
N LYS A 207 -9.89 -11.99 -13.18
CA LYS A 207 -11.01 -12.89 -12.93
C LYS A 207 -10.53 -14.28 -12.56
N ARG A 208 -9.43 -14.70 -13.17
CA ARG A 208 -8.87 -16.02 -12.90
C ARG A 208 -7.91 -15.97 -11.71
N MET A 1 -13.12 2.29 -1.70
CA MET A 1 -14.19 2.24 -0.67
C MET A 1 -13.79 1.36 0.50
N LYS A 2 -13.31 0.15 0.19
CA LYS A 2 -12.90 -0.79 1.22
C LYS A 2 -11.37 -0.92 1.26
N GLY A 3 -10.68 0.19 0.99
CA GLY A 3 -9.23 0.17 1.00
C GLY A 3 -8.64 1.53 1.30
N ASP A 4 -8.75 2.45 0.35
CA ASP A 4 -8.21 3.79 0.51
C ASP A 4 -8.64 4.40 1.84
N GLU A 5 -9.93 4.31 2.15
CA GLU A 5 -10.46 4.86 3.38
C GLU A 5 -9.87 4.18 4.60
N ILE A 6 -9.40 2.94 4.42
CA ILE A 6 -8.81 2.18 5.51
C ILE A 6 -7.57 2.87 6.05
N TYR A 7 -6.57 3.04 5.19
CA TYR A 7 -5.32 3.68 5.60
C TYR A 7 -5.52 5.17 5.89
N GLU A 8 -6.65 5.72 5.46
CA GLU A 8 -6.95 7.12 5.69
C GLU A 8 -7.01 7.41 7.19
N ASP A 9 -7.96 6.78 7.87
CA ASP A 9 -8.12 6.96 9.31
C ASP A 9 -7.18 6.02 10.08
N LEU A 10 -6.61 5.04 9.39
CA LEU A 10 -5.71 4.08 10.00
C LEU A 10 -4.70 4.76 10.93
N MET A 11 -4.40 6.02 10.65
CA MET A 11 -3.45 6.77 11.46
C MET A 11 -3.72 8.27 11.39
N ARG A 12 -2.72 9.06 11.78
CA ARG A 12 -2.85 10.51 11.77
C ARG A 12 -2.30 11.09 10.47
N LEU A 13 -2.32 10.30 9.42
CA LEU A 13 -1.82 10.74 8.11
C LEU A 13 -2.64 11.93 7.61
N GLU A 14 -3.87 12.00 8.05
CA GLU A 14 -4.77 13.09 7.67
C GLU A 14 -4.72 14.22 8.68
N SER A 15 -4.82 13.85 9.95
CA SER A 15 -4.80 14.83 11.03
C SER A 15 -3.39 15.40 11.21
N VAL A 16 -3.24 16.69 10.94
CA VAL A 16 -1.95 17.35 11.07
C VAL A 16 -1.91 18.25 12.30
N PRO A 17 -1.24 17.81 13.38
CA PRO A 17 -1.15 18.58 14.62
C PRO A 17 0.04 19.53 14.63
N THR A 18 -0.23 20.80 14.39
CA THR A 18 0.83 21.81 14.37
C THR A 18 0.35 23.12 14.97
N PRO A 19 1.28 23.95 15.49
CA PRO A 19 0.95 25.24 16.09
C PRO A 19 0.26 26.18 15.09
N PRO A 20 -0.17 27.36 15.54
CA PRO A 20 -0.85 28.34 14.68
C PRO A 20 0.09 28.92 13.63
N LYS A 21 0.61 28.05 12.76
CA LYS A 21 1.51 28.46 11.70
C LYS A 21 1.07 27.88 10.36
N MET A 22 1.18 26.57 10.24
CA MET A 22 0.78 25.87 9.02
C MET A 22 -0.74 25.83 8.89
N THR A 23 -1.22 25.27 7.78
CA THR A 23 -2.65 25.18 7.54
C THR A 23 -3.00 23.91 6.76
N GLU A 24 -4.14 23.33 7.06
CA GLU A 24 -4.59 22.12 6.37
C GLU A 24 -4.54 22.30 4.87
N TYR A 25 -4.67 23.55 4.42
CA TYR A 25 -4.63 23.86 3.00
C TYR A 25 -3.26 23.55 2.40
N ASP A 26 -2.25 23.42 3.26
CA ASP A 26 -0.90 23.12 2.80
C ASP A 26 -0.81 21.74 2.16
N LYS A 27 -1.86 20.93 2.31
CA LYS A 27 -1.89 19.59 1.75
C LYS A 27 -1.40 19.57 0.30
N ARG A 28 -1.59 20.70 -0.39
CA ARG A 28 -1.17 20.81 -1.78
C ARG A 28 0.33 20.62 -1.91
N CYS A 29 1.10 21.55 -1.35
CA CYS A 29 2.55 21.48 -1.40
C CYS A 29 3.04 20.16 -0.80
N CYS A 30 2.24 19.59 0.08
CA CYS A 30 2.59 18.32 0.73
C CYS A 30 2.32 17.13 -0.17
N CYS A 31 1.70 17.37 -1.34
CA CYS A 31 1.38 16.29 -2.27
C CYS A 31 2.57 15.37 -2.49
N LEU A 32 3.75 15.96 -2.64
CA LEU A 32 4.97 15.18 -2.87
C LEU A 32 5.43 14.49 -1.59
N ARG A 33 5.86 15.30 -0.62
CA ARG A 33 6.33 14.77 0.66
C ARG A 33 5.37 13.73 1.21
N GLU A 34 4.10 13.85 0.85
CA GLU A 34 3.07 12.92 1.29
C GLU A 34 3.30 11.54 0.67
N ILE A 35 3.70 11.54 -0.60
CA ILE A 35 3.96 10.29 -1.32
C ILE A 35 4.98 9.43 -0.55
N GLN A 36 6.05 10.06 -0.11
CA GLN A 36 7.10 9.36 0.63
C GLN A 36 6.66 9.07 2.07
N GLN A 37 6.20 10.10 2.75
CA GLN A 37 5.76 9.97 4.14
C GLN A 37 4.66 8.91 4.27
N THR A 38 3.64 9.01 3.43
CA THR A 38 2.53 8.06 3.46
C THR A 38 3.01 6.64 3.20
N GLU A 39 3.98 6.50 2.31
CA GLU A 39 4.52 5.18 1.99
C GLU A 39 5.38 4.64 3.13
N GLU A 40 6.02 5.54 3.86
CA GLU A 40 6.85 5.15 4.98
C GLU A 40 6.07 4.31 5.98
N LYS A 41 5.05 4.93 6.58
CA LYS A 41 4.20 4.24 7.55
C LYS A 41 3.51 3.05 6.90
N TYR A 42 3.16 3.19 5.63
CA TYR A 42 2.49 2.12 4.90
C TYR A 42 3.28 0.82 4.99
N THR A 43 4.57 0.89 4.67
CA THR A 43 5.43 -0.28 4.73
C THR A 43 5.51 -0.83 6.15
N ASP A 44 5.41 0.07 7.13
CA ASP A 44 5.47 -0.33 8.54
C ASP A 44 4.42 -1.39 8.85
N THR A 45 3.28 -1.29 8.17
CA THR A 45 2.19 -2.24 8.37
C THR A 45 2.39 -3.48 7.51
N LEU A 46 2.86 -3.27 6.28
CA LEU A 46 3.10 -4.37 5.36
C LEU A 46 3.97 -5.44 6.00
N GLY A 47 4.96 -5.00 6.78
CA GLY A 47 5.86 -5.92 7.44
C GLY A 47 5.21 -6.61 8.63
N SER A 48 4.39 -5.87 9.36
CA SER A 48 3.70 -6.41 10.53
C SER A 48 3.01 -7.74 10.20
N ILE A 49 2.65 -7.90 8.93
CA ILE A 49 1.98 -9.11 8.48
C ILE A 49 3.00 -10.19 8.08
N GLN A 50 4.18 -9.75 7.65
CA GLN A 50 5.22 -10.66 7.22
C GLN A 50 5.88 -11.35 8.42
N GLN A 51 6.05 -10.59 9.51
CA GLN A 51 6.67 -11.13 10.71
C GLN A 51 5.64 -11.35 11.81
N HIS A 52 5.08 -10.26 12.33
CA HIS A 52 4.09 -10.34 13.39
C HIS A 52 2.76 -10.88 12.88
N PHE A 53 2.77 -12.13 12.41
CA PHE A 53 1.56 -12.76 11.90
C PHE A 53 1.89 -14.11 11.26
N MET A 54 2.51 -14.07 10.09
CA MET A 54 2.88 -15.28 9.37
C MET A 54 3.68 -16.23 10.25
N LYS A 55 4.71 -15.68 10.91
CA LYS A 55 5.57 -16.49 11.78
C LYS A 55 4.76 -17.14 12.91
N PRO A 56 4.16 -16.32 13.78
CA PRO A 56 3.37 -16.83 14.92
C PRO A 56 2.21 -17.71 14.49
N LEU A 57 1.43 -17.23 13.53
CA LEU A 57 0.27 -17.98 13.05
C LEU A 57 0.66 -19.39 12.61
N GLN A 58 1.84 -19.51 12.01
CA GLN A 58 2.33 -20.80 11.52
C GLN A 58 2.14 -21.90 12.56
N ARG A 59 2.12 -21.51 13.83
CA ARG A 59 1.94 -22.47 14.92
C ARG A 59 0.57 -23.15 14.83
N PHE A 60 -0.35 -22.55 14.07
CA PHE A 60 -1.69 -23.11 13.92
C PHE A 60 -1.99 -23.42 12.47
N LEU A 61 -1.99 -22.39 11.64
CA LEU A 61 -2.30 -22.53 10.23
C LEU A 61 -1.24 -23.35 9.51
N LYS A 62 -1.67 -24.44 8.87
CA LYS A 62 -0.77 -25.32 8.14
C LYS A 62 0.14 -24.52 7.22
N PRO A 63 1.41 -24.96 7.05
CA PRO A 63 2.37 -24.27 6.19
C PRO A 63 1.83 -24.05 4.78
N GLN A 64 1.20 -25.08 4.23
CA GLN A 64 0.63 -25.00 2.89
C GLN A 64 -0.54 -24.02 2.85
N ASP A 65 -1.51 -24.23 3.75
CA ASP A 65 -2.68 -23.37 3.83
C ASP A 65 -2.28 -21.95 4.25
N MET A 66 -1.14 -21.83 4.91
CA MET A 66 -0.66 -20.54 5.37
C MET A 66 -0.71 -19.51 4.25
N GLU A 67 -0.22 -19.88 3.06
CA GLU A 67 -0.24 -19.00 1.92
C GLU A 67 -1.63 -18.41 1.70
N THR A 68 -2.63 -19.27 1.72
CA THR A 68 -4.02 -18.85 1.54
C THR A 68 -4.34 -17.66 2.43
N ILE A 69 -3.63 -17.53 3.54
CA ILE A 69 -3.83 -16.43 4.46
C ILE A 69 -2.74 -15.38 4.30
N PHE A 70 -1.58 -15.81 3.79
CA PHE A 70 -0.46 -14.91 3.57
C PHE A 70 0.14 -15.15 2.18
N VAL A 71 -0.62 -14.78 1.16
CA VAL A 71 -0.21 -14.97 -0.24
C VAL A 71 1.28 -14.70 -0.45
N ASN A 72 1.63 -13.49 -0.86
CA ASN A 72 3.04 -13.15 -1.11
C ASN A 72 3.49 -11.98 -0.24
N ILE A 73 2.92 -11.86 0.95
CA ILE A 73 3.26 -10.79 1.87
C ILE A 73 4.78 -10.68 2.03
N GLU A 74 5.48 -11.78 1.81
CA GLU A 74 6.93 -11.81 1.95
C GLU A 74 7.61 -11.04 0.81
N GLU A 75 7.24 -11.37 -0.42
CA GLU A 75 7.81 -10.71 -1.59
C GLU A 75 7.21 -9.33 -1.79
N LEU A 76 5.92 -9.21 -1.52
CA LEU A 76 5.21 -7.95 -1.67
C LEU A 76 5.75 -6.90 -0.70
N PHE A 77 6.28 -7.38 0.43
CA PHE A 77 6.84 -6.49 1.44
C PHE A 77 7.97 -5.65 0.86
N SER A 78 8.60 -6.16 -0.19
CA SER A 78 9.70 -5.45 -0.84
C SER A 78 9.19 -4.31 -1.71
N VAL A 79 8.17 -4.60 -2.52
CA VAL A 79 7.57 -3.59 -3.41
C VAL A 79 7.28 -2.30 -2.65
N HIS A 80 7.03 -2.43 -1.36
CA HIS A 80 6.74 -1.26 -0.52
C HIS A 80 8.03 -0.65 0.02
N THR A 81 8.86 -1.48 0.64
CA THR A 81 10.11 -1.02 1.21
C THR A 81 11.07 -0.51 0.13
N HIS A 82 11.46 -1.40 -0.76
CA HIS A 82 12.37 -1.05 -1.85
C HIS A 82 11.96 0.24 -2.55
N PHE A 83 10.65 0.47 -2.64
CA PHE A 83 10.13 1.67 -3.29
C PHE A 83 10.66 2.93 -2.64
N LEU A 84 10.38 3.10 -1.35
CA LEU A 84 10.83 4.28 -0.62
C LEU A 84 12.33 4.47 -0.76
N LYS A 85 13.05 3.36 -0.98
CA LYS A 85 14.49 3.42 -1.14
C LYS A 85 14.89 4.14 -2.43
N GLU A 86 13.95 4.22 -3.37
CA GLU A 86 14.21 4.88 -4.64
C GLU A 86 13.80 6.35 -4.59
N LEU A 87 12.58 6.61 -4.15
CA LEU A 87 12.07 7.98 -4.06
C LEU A 87 12.95 8.83 -3.16
N LYS A 88 13.50 8.23 -2.12
CA LYS A 88 14.37 8.95 -1.19
C LYS A 88 15.40 9.77 -1.94
N ASP A 89 16.01 9.17 -2.95
CA ASP A 89 17.01 9.86 -3.75
C ASP A 89 16.37 10.53 -4.96
N ALA A 90 15.13 10.15 -5.28
CA ALA A 90 14.42 10.73 -6.41
C ALA A 90 13.91 12.14 -6.09
N LEU A 91 13.32 12.29 -4.90
CA LEU A 91 12.80 13.57 -4.48
C LEU A 91 13.91 14.47 -3.94
N ALA A 92 14.78 13.90 -3.13
CA ALA A 92 15.90 14.64 -2.55
C ALA A 92 16.77 15.27 -3.63
N GLY A 93 16.67 14.73 -4.85
CA GLY A 93 17.46 15.26 -5.94
C GLY A 93 17.13 16.71 -6.25
N PRO A 94 17.05 17.08 -7.54
CA PRO A 94 16.73 18.45 -7.95
C PRO A 94 15.31 18.86 -7.53
N GLY A 95 14.51 17.88 -7.14
CA GLY A 95 13.15 18.16 -6.71
C GLY A 95 12.31 16.90 -6.60
N ALA A 96 11.92 16.35 -7.75
CA ALA A 96 11.12 15.13 -7.78
C ALA A 96 10.67 14.82 -9.20
N THR A 97 11.56 15.03 -10.16
CA THR A 97 11.25 14.77 -11.56
C THR A 97 11.81 13.43 -12.01
N THR A 98 12.83 12.95 -11.31
CA THR A 98 13.44 11.67 -11.63
C THR A 98 12.63 10.49 -11.11
N LEU A 99 11.48 10.78 -10.50
CA LEU A 99 10.63 9.74 -9.95
C LEU A 99 9.96 8.94 -11.06
N TYR A 100 9.79 9.57 -12.23
CA TYR A 100 9.15 8.91 -13.36
C TYR A 100 9.81 7.56 -13.65
N GLN A 101 11.13 7.57 -13.76
CA GLN A 101 11.88 6.34 -14.02
C GLN A 101 11.50 5.26 -13.02
N VAL A 102 11.34 5.65 -11.76
CA VAL A 102 10.96 4.71 -10.71
C VAL A 102 9.51 4.27 -10.87
N PHE A 103 8.74 5.02 -11.66
CA PHE A 103 7.33 4.71 -11.87
C PHE A 103 7.13 3.89 -13.16
N ILE A 104 8.12 3.90 -14.04
CA ILE A 104 8.02 3.18 -15.30
C ILE A 104 8.65 1.79 -15.20
N LYS A 105 9.67 1.66 -14.35
CA LYS A 105 10.37 0.39 -14.20
C LYS A 105 9.79 -0.47 -13.08
N TYR A 106 8.83 0.09 -12.33
CA TYR A 106 8.23 -0.66 -11.23
C TYR A 106 6.94 -1.35 -11.64
N LYS A 107 6.43 -1.04 -12.83
CA LYS A 107 5.20 -1.65 -13.33
C LYS A 107 5.17 -3.15 -13.04
N GLU A 108 6.31 -3.79 -13.23
CA GLU A 108 6.44 -5.23 -12.99
C GLU A 108 5.71 -5.67 -11.72
N ARG A 109 6.16 -5.16 -10.57
CA ARG A 109 5.55 -5.51 -9.30
C ARG A 109 4.16 -4.89 -9.14
N PHE A 110 4.04 -3.63 -9.55
CA PHE A 110 2.75 -2.94 -9.48
C PHE A 110 1.67 -3.79 -10.15
N LEU A 111 2.10 -4.63 -11.08
CA LEU A 111 1.20 -5.54 -11.76
C LEU A 111 0.87 -6.73 -10.87
N VAL A 112 1.82 -7.11 -10.02
CA VAL A 112 1.61 -8.20 -9.06
C VAL A 112 0.27 -8.04 -8.37
N TYR A 113 -0.14 -6.79 -8.19
CA TYR A 113 -1.44 -6.48 -7.58
C TYR A 113 -2.54 -7.27 -8.27
N GLY A 114 -2.43 -7.39 -9.59
CA GLY A 114 -3.42 -8.15 -10.35
C GLY A 114 -3.55 -9.57 -9.84
N ARG A 115 -2.49 -10.37 -10.03
CA ARG A 115 -2.49 -11.74 -9.58
C ARG A 115 -2.73 -11.80 -8.07
N TYR A 116 -2.34 -10.74 -7.38
CA TYR A 116 -2.52 -10.65 -5.93
C TYR A 116 -4.01 -10.64 -5.59
N CYS A 117 -4.78 -9.91 -6.37
CA CYS A 117 -6.23 -9.80 -6.17
C CYS A 117 -6.95 -11.11 -6.48
N SER A 118 -6.22 -12.10 -7.01
CA SER A 118 -6.79 -13.39 -7.36
C SER A 118 -6.74 -14.35 -6.18
N GLN A 119 -5.63 -14.30 -5.44
CA GLN A 119 -5.48 -15.13 -4.24
C GLN A 119 -6.00 -14.36 -3.04
N VAL A 120 -5.82 -13.05 -3.09
CA VAL A 120 -6.31 -12.15 -2.07
C VAL A 120 -7.82 -12.36 -1.85
N GLU A 121 -8.60 -12.07 -2.90
CA GLU A 121 -10.06 -12.20 -2.82
C GLU A 121 -10.46 -13.54 -2.18
N SER A 122 -9.57 -14.53 -2.32
CA SER A 122 -9.81 -15.84 -1.75
C SER A 122 -9.18 -15.96 -0.37
N ALA A 123 -8.12 -15.18 -0.15
CA ALA A 123 -7.41 -15.18 1.12
C ALA A 123 -8.21 -14.41 2.18
N SER A 124 -8.40 -13.12 1.92
CA SER A 124 -9.15 -12.26 2.84
C SER A 124 -10.49 -12.90 3.20
N LYS A 125 -11.19 -13.37 2.18
CA LYS A 125 -12.49 -14.01 2.39
C LYS A 125 -12.33 -15.29 3.21
N HIS A 126 -11.22 -16.00 2.98
CA HIS A 126 -10.95 -17.23 3.70
C HIS A 126 -10.91 -16.97 5.21
N LEU A 127 -10.22 -15.91 5.60
CA LEU A 127 -10.12 -15.54 7.01
C LEU A 127 -11.50 -15.45 7.63
N ASP A 128 -12.42 -14.80 6.93
CA ASP A 128 -13.78 -14.64 7.40
C ASP A 128 -14.36 -15.99 7.85
N GLN A 129 -13.88 -17.06 7.22
CA GLN A 129 -14.34 -18.40 7.54
C GLN A 129 -13.35 -19.08 8.48
N VAL A 130 -12.08 -19.08 8.10
CA VAL A 130 -11.03 -19.70 8.92
C VAL A 130 -11.16 -19.31 10.39
N ALA A 131 -11.00 -18.03 10.68
CA ALA A 131 -11.10 -17.53 12.05
C ALA A 131 -12.37 -18.02 12.71
N THR A 132 -13.43 -18.21 11.91
CA THR A 132 -14.70 -18.68 12.42
C THR A 132 -14.70 -20.19 12.58
N ALA A 133 -13.94 -20.87 11.70
CA ALA A 133 -13.84 -22.33 11.75
C ALA A 133 -13.39 -22.80 13.12
N ARG A 134 -12.27 -22.26 13.59
CA ARG A 134 -11.74 -22.62 14.90
C ARG A 134 -11.73 -21.41 15.84
N GLU A 135 -11.17 -21.59 17.03
CA GLU A 135 -11.11 -20.52 18.01
C GLU A 135 -9.67 -20.12 18.30
N ASP A 136 -8.78 -21.11 18.28
CA ASP A 136 -7.36 -20.86 18.54
C ASP A 136 -6.80 -19.83 17.56
N VAL A 137 -7.44 -19.69 16.40
CA VAL A 137 -7.00 -18.75 15.39
C VAL A 137 -7.61 -17.37 15.62
N GLN A 138 -8.81 -17.36 16.20
CA GLN A 138 -9.51 -16.11 16.49
C GLN A 138 -8.83 -15.35 17.61
N MET A 139 -8.84 -15.93 18.81
CA MET A 139 -8.22 -15.30 19.98
C MET A 139 -6.80 -14.88 19.66
N LYS A 140 -6.17 -15.54 18.71
CA LYS A 140 -4.80 -15.23 18.30
C LYS A 140 -4.77 -13.95 17.47
N LEU A 141 -5.70 -13.85 16.53
CA LEU A 141 -5.77 -12.68 15.65
C LEU A 141 -6.02 -11.40 16.46
N GLU A 142 -6.72 -11.55 17.58
CA GLU A 142 -7.03 -10.41 18.44
C GLU A 142 -5.84 -10.06 19.33
N GLU A 143 -4.95 -11.02 19.55
CA GLU A 143 -3.78 -10.81 20.38
C GLU A 143 -2.58 -10.45 19.51
N CYS A 144 -2.37 -11.23 18.45
CA CYS A 144 -1.25 -11.00 17.54
C CYS A 144 -1.40 -9.65 16.82
N SER A 145 -2.64 -9.30 16.50
CA SER A 145 -2.92 -8.04 15.82
C SER A 145 -2.83 -6.87 16.80
N GLN A 146 -3.07 -7.15 18.07
CA GLN A 146 -3.02 -6.11 19.10
C GLN A 146 -1.72 -5.31 19.00
N ARG A 147 -0.69 -5.92 18.44
CA ARG A 147 0.60 -5.27 18.29
C ARG A 147 0.63 -4.40 17.04
N ALA A 148 -0.27 -4.67 16.10
CA ALA A 148 -0.34 -3.91 14.86
C ALA A 148 -1.70 -3.21 14.73
N ASN A 149 -2.73 -4.01 14.51
CA ASN A 149 -4.09 -3.49 14.38
C ASN A 149 -5.04 -4.30 15.24
N ASN A 150 -5.35 -3.77 16.43
CA ASN A 150 -6.24 -4.47 17.36
C ASN A 150 -7.60 -4.75 16.72
N GLY A 151 -7.66 -5.86 15.97
CA GLY A 151 -8.91 -6.25 15.32
C GLY A 151 -9.65 -5.08 14.70
N ARG A 152 -8.93 -4.21 14.01
CA ARG A 152 -9.53 -3.04 13.39
C ARG A 152 -9.51 -3.15 11.87
N PHE A 153 -8.36 -3.50 11.31
CA PHE A 153 -8.22 -3.64 9.87
C PHE A 153 -7.40 -4.86 9.50
N THR A 154 -7.31 -5.83 10.42
CA THR A 154 -6.52 -7.04 10.19
C THR A 154 -6.65 -7.55 8.76
N LEU A 155 -5.62 -8.29 8.32
CA LEU A 155 -5.54 -8.91 6.99
C LEU A 155 -6.70 -8.57 6.05
N ARG A 156 -7.89 -9.09 6.37
CA ARG A 156 -9.08 -8.85 5.57
C ARG A 156 -9.15 -7.42 5.05
N ASP A 157 -8.68 -6.48 5.86
CA ASP A 157 -8.67 -5.08 5.48
C ASP A 157 -7.31 -4.65 4.96
N LEU A 158 -6.26 -5.32 5.41
CA LEU A 158 -4.89 -5.00 4.99
C LEU A 158 -4.69 -5.30 3.50
N LEU A 159 -4.63 -6.58 3.16
CA LEU A 159 -4.39 -7.00 1.77
C LEU A 159 -5.26 -6.22 0.77
N MET A 160 -6.39 -5.68 1.24
CA MET A 160 -7.29 -4.95 0.37
C MET A 160 -6.91 -3.47 0.25
N VAL A 161 -5.92 -3.03 1.03
CA VAL A 161 -5.52 -1.62 1.00
C VAL A 161 -4.59 -1.32 -0.17
N PRO A 162 -3.58 -2.17 -0.44
CA PRO A 162 -2.65 -1.97 -1.55
C PRO A 162 -3.34 -2.05 -2.91
N MET A 163 -4.11 -3.10 -3.10
CA MET A 163 -4.83 -3.32 -4.34
C MET A 163 -5.60 -2.06 -4.76
N GLN A 164 -5.92 -1.22 -3.79
CA GLN A 164 -6.67 0.00 -4.05
C GLN A 164 -5.76 1.21 -4.21
N ARG A 165 -4.52 1.09 -3.76
CA ARG A 165 -3.56 2.20 -3.84
C ARG A 165 -3.05 2.38 -5.27
N VAL A 166 -3.02 1.29 -6.03
CA VAL A 166 -2.55 1.34 -7.40
C VAL A 166 -3.27 2.43 -8.18
N LEU A 167 -4.52 2.68 -7.80
CA LEU A 167 -5.31 3.72 -8.44
C LEU A 167 -4.83 5.09 -8.00
N LYS A 168 -4.62 5.23 -6.70
CA LYS A 168 -4.15 6.50 -6.13
C LYS A 168 -2.78 6.87 -6.69
N TYR A 169 -2.01 5.85 -7.10
CA TYR A 169 -0.69 6.08 -7.66
C TYR A 169 -0.75 7.13 -8.77
N HIS A 170 -1.47 6.81 -9.84
CA HIS A 170 -1.62 7.72 -10.96
C HIS A 170 -2.43 8.95 -10.54
N LEU A 171 -3.46 8.70 -9.73
CA LEU A 171 -4.31 9.78 -9.23
C LEU A 171 -3.46 10.85 -8.54
N LEU A 172 -2.76 10.45 -7.48
CA LEU A 172 -1.89 11.36 -6.76
C LEU A 172 -0.86 11.96 -7.70
N LEU A 173 -0.16 11.09 -8.42
CA LEU A 173 0.86 11.53 -9.37
C LEU A 173 0.28 12.59 -10.31
N GLN A 174 -1.03 12.50 -10.53
CA GLN A 174 -1.72 13.46 -11.40
C GLN A 174 -1.72 14.85 -10.77
N GLU A 175 -2.08 14.92 -9.49
CA GLU A 175 -2.10 16.19 -8.78
C GLU A 175 -0.76 16.90 -8.88
N LEU A 176 0.32 16.11 -8.93
CA LEU A 176 1.66 16.67 -9.04
C LEU A 176 1.84 17.39 -10.37
N VAL A 177 1.49 16.71 -11.46
CA VAL A 177 1.59 17.30 -12.79
C VAL A 177 0.83 18.61 -12.86
N LYS A 178 -0.33 18.64 -12.21
CA LYS A 178 -1.17 19.84 -12.18
C LYS A 178 -0.49 20.93 -11.35
N HIS A 179 0.33 20.51 -10.39
CA HIS A 179 1.04 21.43 -9.52
C HIS A 179 2.47 21.63 -9.99
N THR A 180 2.72 21.36 -11.28
CA THR A 180 4.04 21.51 -11.85
C THR A 180 4.00 22.42 -13.07
N GLN A 181 4.80 23.49 -13.03
CA GLN A 181 4.85 24.45 -14.13
C GLN A 181 6.25 24.50 -14.74
N ASP A 182 6.87 23.34 -14.89
CA ASP A 182 8.20 23.25 -15.46
C ASP A 182 8.16 22.76 -16.90
N ALA A 183 9.33 22.49 -17.47
CA ALA A 183 9.41 22.02 -18.84
C ALA A 183 9.45 20.50 -18.89
N THR A 184 10.40 19.90 -18.19
CA THR A 184 10.55 18.45 -18.16
C THR A 184 9.80 17.86 -16.97
N GLU A 185 9.78 18.58 -15.86
CA GLU A 185 9.10 18.13 -14.65
C GLU A 185 7.65 17.76 -14.95
N LYS A 186 7.03 18.50 -15.86
CA LYS A 186 5.64 18.26 -16.24
C LYS A 186 5.56 17.12 -17.25
N GLU A 187 6.59 16.96 -18.07
CA GLU A 187 6.62 15.92 -19.08
C GLU A 187 6.90 14.56 -18.44
N ASN A 188 8.07 14.43 -17.83
CA ASN A 188 8.46 13.19 -17.18
C ASN A 188 7.35 12.65 -16.29
N LEU A 189 6.77 13.54 -15.49
CA LEU A 189 5.70 13.16 -14.58
C LEU A 189 4.53 12.54 -15.34
N ARG A 190 4.09 13.21 -16.39
CA ARG A 190 2.97 12.72 -17.19
C ARG A 190 3.21 11.28 -17.64
N LEU A 191 4.37 11.04 -18.24
CA LEU A 191 4.71 9.70 -18.70
C LEU A 191 4.49 8.67 -17.61
N ALA A 192 4.88 9.01 -16.39
CA ALA A 192 4.72 8.11 -15.25
C ALA A 192 3.30 7.59 -15.17
N LEU A 193 2.33 8.50 -15.26
CA LEU A 193 0.92 8.13 -15.20
C LEU A 193 0.52 7.28 -16.40
N ASP A 194 1.13 7.56 -17.54
CA ASP A 194 0.85 6.82 -18.76
C ASP A 194 1.07 5.32 -18.56
N ALA A 195 2.02 4.99 -17.69
CA ALA A 195 2.34 3.60 -17.39
C ALA A 195 1.52 3.08 -16.21
N MET A 196 1.39 3.92 -15.18
CA MET A 196 0.63 3.55 -13.99
C MET A 196 -0.83 3.30 -14.34
N ARG A 197 -1.39 4.18 -15.18
CA ARG A 197 -2.78 4.06 -15.59
C ARG A 197 -3.02 2.73 -16.31
N ASP A 198 -2.00 2.26 -17.02
CA ASP A 198 -2.09 1.01 -17.76
C ASP A 198 -2.44 -0.15 -16.83
N LEU A 199 -2.05 -0.02 -15.57
CA LEU A 199 -2.30 -1.08 -14.58
C LEU A 199 -3.72 -1.01 -14.06
N ALA A 200 -4.19 0.18 -13.71
CA ALA A 200 -5.53 0.37 -13.16
C ALA A 200 -6.57 -0.45 -13.91
N GLN A 201 -6.39 -0.59 -15.23
CA GLN A 201 -7.34 -1.32 -16.06
C GLN A 201 -6.98 -2.81 -16.15
N CYS A 202 -5.77 -3.18 -15.73
CA CYS A 202 -5.36 -4.57 -15.77
C CYS A 202 -5.47 -5.18 -14.39
N VAL A 203 -5.24 -4.35 -13.38
CA VAL A 203 -5.31 -4.79 -11.99
C VAL A 203 -6.74 -5.07 -11.58
N ASN A 204 -7.66 -4.21 -12.03
CA ASN A 204 -9.08 -4.38 -11.72
C ASN A 204 -9.79 -5.13 -12.85
N GLU A 205 -9.07 -6.07 -13.46
CA GLU A 205 -9.61 -6.84 -14.57
C GLU A 205 -8.83 -8.14 -14.74
N VAL A 206 -8.53 -8.80 -13.63
CA VAL A 206 -7.77 -10.04 -13.66
C VAL A 206 -8.70 -11.25 -13.71
N LYS A 207 -9.01 -11.67 -14.93
CA LYS A 207 -9.88 -12.81 -15.15
C LYS A 207 -9.18 -14.12 -14.81
N ARG A 208 -8.07 -14.38 -15.52
CA ARG A 208 -7.30 -15.59 -15.29
C ARG A 208 -6.58 -15.55 -13.94
N MET A 1 -12.50 -1.22 4.38
CA MET A 1 -13.20 -1.93 3.29
C MET A 1 -12.64 -1.56 1.92
N LYS A 2 -12.09 -0.35 1.83
CA LYS A 2 -11.52 0.13 0.58
C LYS A 2 -10.00 0.21 0.68
N GLY A 3 -9.49 0.35 1.90
CA GLY A 3 -8.05 0.44 2.10
C GLY A 3 -7.60 1.85 2.42
N ASP A 4 -8.09 2.82 1.66
CA ASP A 4 -7.74 4.22 1.86
C ASP A 4 -8.03 4.65 3.30
N GLU A 5 -9.28 4.46 3.72
CA GLU A 5 -9.70 4.83 5.06
C GLU A 5 -8.78 4.20 6.11
N ILE A 6 -8.23 3.03 5.78
CA ILE A 6 -7.34 2.32 6.69
C ILE A 6 -6.03 3.10 6.87
N TYR A 7 -5.42 3.48 5.75
CA TYR A 7 -4.17 4.24 5.79
C TYR A 7 -4.29 5.43 6.74
N GLU A 8 -5.49 6.01 6.80
CA GLU A 8 -5.74 7.16 7.66
C GLU A 8 -5.64 6.79 9.13
N ASP A 9 -6.56 5.95 9.59
CA ASP A 9 -6.58 5.53 10.99
C ASP A 9 -5.37 4.65 11.32
N LEU A 10 -4.79 4.04 10.30
CA LEU A 10 -3.64 3.17 10.48
C LEU A 10 -2.39 3.97 10.85
N MET A 11 -2.15 5.06 10.10
CA MET A 11 -0.99 5.90 10.35
C MET A 11 -1.40 7.36 10.55
N ARG A 12 -0.59 8.10 11.30
CA ARG A 12 -0.86 9.51 11.54
C ARG A 12 -0.20 10.40 10.50
N LEU A 13 -0.29 9.99 9.23
CA LEU A 13 0.30 10.75 8.15
C LEU A 13 -0.76 11.38 7.27
N GLU A 14 -1.95 10.80 7.29
CA GLU A 14 -3.06 11.31 6.52
C GLU A 14 -3.74 12.47 7.24
N SER A 15 -3.62 12.47 8.56
CA SER A 15 -4.20 13.53 9.38
C SER A 15 -3.38 14.82 9.22
N VAL A 16 -3.96 15.79 8.51
CA VAL A 16 -3.29 17.05 8.27
C VAL A 16 -3.86 18.16 9.13
N PRO A 17 -2.98 19.02 9.68
CA PRO A 17 -3.42 20.15 10.50
C PRO A 17 -4.41 21.04 9.75
N THR A 18 -5.68 20.94 10.15
CA THR A 18 -6.75 21.70 9.51
C THR A 18 -6.71 23.16 9.95
N PRO A 19 -7.61 24.03 9.42
CA PRO A 19 -7.65 25.45 9.74
C PRO A 19 -7.16 25.78 11.16
N PRO A 20 -7.72 25.13 12.21
CA PRO A 20 -7.26 25.38 13.58
C PRO A 20 -5.76 25.16 13.69
N LYS A 21 -5.03 26.23 14.02
CA LYS A 21 -3.57 26.19 14.14
C LYS A 21 -2.90 26.38 12.78
N MET A 22 -2.96 25.35 11.94
CA MET A 22 -2.37 25.42 10.61
C MET A 22 -3.44 25.46 9.52
N THR A 23 -3.09 25.06 8.30
CA THR A 23 -4.04 25.08 7.20
C THR A 23 -3.85 23.87 6.29
N GLU A 24 -4.96 23.36 5.76
CA GLU A 24 -4.92 22.21 4.86
C GLU A 24 -3.93 22.45 3.72
N TYR A 25 -3.68 23.72 3.42
CA TYR A 25 -2.74 24.08 2.36
C TYR A 25 -1.40 23.38 2.54
N ASP A 26 -1.11 23.00 3.77
CA ASP A 26 0.15 22.32 4.09
C ASP A 26 0.21 20.97 3.40
N LYS A 27 -0.92 20.29 3.34
CA LYS A 27 -1.00 18.98 2.69
C LYS A 27 -0.71 19.09 1.20
N ARG A 28 -1.17 20.18 0.59
CA ARG A 28 -0.94 20.41 -0.83
C ARG A 28 0.53 20.26 -1.19
N CYS A 29 1.32 21.27 -0.86
CA CYS A 29 2.75 21.24 -1.15
C CYS A 29 3.38 19.98 -0.60
N CYS A 30 2.82 19.45 0.48
CA CYS A 30 3.33 18.24 1.11
C CYS A 30 2.94 16.98 0.32
N CYS A 31 2.13 17.16 -0.74
CA CYS A 31 1.68 16.05 -1.56
C CYS A 31 2.80 15.03 -1.81
N LEU A 32 3.89 15.51 -2.40
CA LEU A 32 5.03 14.64 -2.67
C LEU A 32 5.55 14.00 -1.39
N ARG A 33 5.80 14.84 -0.38
CA ARG A 33 6.28 14.36 0.90
C ARG A 33 5.35 13.29 1.46
N GLU A 34 4.07 13.42 1.16
CA GLU A 34 3.08 12.44 1.61
C GLU A 34 3.35 11.07 1.00
N ILE A 35 3.98 11.07 -0.17
CA ILE A 35 4.31 9.83 -0.86
C ILE A 35 5.37 9.04 -0.10
N GLN A 36 6.45 9.72 0.27
CA GLN A 36 7.54 9.09 1.02
C GLN A 36 7.13 8.83 2.46
N GLN A 37 6.63 9.85 3.13
CA GLN A 37 6.22 9.73 4.53
C GLN A 37 5.22 8.60 4.71
N THR A 38 4.11 8.68 3.99
CA THR A 38 3.06 7.66 4.09
C THR A 38 3.63 6.27 3.83
N GLU A 39 4.54 6.17 2.86
CA GLU A 39 5.15 4.90 2.51
C GLU A 39 6.11 4.44 3.60
N GLU A 40 6.81 5.38 4.21
CA GLU A 40 7.76 5.05 5.28
C GLU A 40 7.09 4.25 6.38
N LYS A 41 6.12 4.87 7.06
CA LYS A 41 5.41 4.21 8.14
C LYS A 41 4.72 2.94 7.65
N TYR A 42 3.93 3.06 6.60
CA TYR A 42 3.20 1.93 6.03
C TYR A 42 4.14 0.74 5.81
N THR A 43 5.35 1.03 5.31
CA THR A 43 6.33 -0.01 5.04
C THR A 43 6.72 -0.73 6.32
N ASP A 44 6.71 -0.01 7.43
CA ASP A 44 7.08 -0.59 8.73
C ASP A 44 6.14 -1.73 9.09
N THR A 45 4.87 -1.60 8.73
CA THR A 45 3.87 -2.62 9.02
C THR A 45 3.77 -3.61 7.87
N LEU A 46 4.00 -3.12 6.66
CA LEU A 46 3.92 -3.97 5.46
C LEU A 46 4.69 -5.28 5.68
N GLY A 47 5.88 -5.17 6.24
CA GLY A 47 6.68 -6.35 6.50
C GLY A 47 6.33 -7.02 7.81
N SER A 48 5.69 -6.28 8.70
CA SER A 48 5.30 -6.82 10.00
C SER A 48 4.49 -8.10 9.85
N ILE A 49 3.83 -8.25 8.71
CA ILE A 49 3.02 -9.43 8.44
C ILE A 49 3.89 -10.66 8.20
N GLN A 50 5.07 -10.42 7.60
CA GLN A 50 5.99 -11.50 7.29
C GLN A 50 6.32 -12.34 8.52
N GLN A 51 7.03 -11.75 9.47
CA GLN A 51 7.42 -12.45 10.68
C GLN A 51 6.33 -12.40 11.74
N HIS A 52 6.09 -11.21 12.28
CA HIS A 52 5.08 -11.02 13.31
C HIS A 52 3.67 -11.26 12.78
N PHE A 53 3.40 -12.48 12.34
CA PHE A 53 2.10 -12.84 11.80
C PHE A 53 2.13 -14.22 11.15
N MET A 54 2.81 -14.31 10.01
CA MET A 54 2.92 -15.56 9.27
C MET A 54 3.31 -16.71 10.20
N LYS A 55 4.24 -16.46 11.10
CA LYS A 55 4.69 -17.47 12.05
C LYS A 55 3.58 -17.82 13.03
N PRO A 56 3.12 -16.84 13.84
CA PRO A 56 2.07 -17.06 14.83
C PRO A 56 0.75 -17.49 14.20
N LEU A 57 0.56 -17.12 12.94
CA LEU A 57 -0.66 -17.48 12.22
C LEU A 57 -0.60 -18.91 11.71
N GLN A 58 0.48 -19.25 11.02
CA GLN A 58 0.65 -20.59 10.48
C GLN A 58 0.50 -21.65 11.56
N ARG A 59 0.75 -21.25 12.81
CA ARG A 59 0.65 -22.18 13.94
C ARG A 59 -0.81 -22.40 14.34
N PHE A 60 -1.74 -21.78 13.64
CA PHE A 60 -3.16 -21.93 13.95
C PHE A 60 -3.94 -22.36 12.71
N LEU A 61 -3.83 -21.57 11.65
CA LEU A 61 -4.53 -21.87 10.41
C LEU A 61 -3.76 -22.90 9.60
N LYS A 62 -4.48 -23.66 8.77
CA LYS A 62 -3.86 -24.69 7.95
C LYS A 62 -2.70 -24.14 7.13
N PRO A 63 -1.62 -24.91 6.96
CA PRO A 63 -0.46 -24.49 6.19
C PRO A 63 -0.75 -24.42 4.69
N GLN A 64 -1.52 -25.39 4.21
CA GLN A 64 -1.89 -25.45 2.80
C GLN A 64 -2.61 -24.17 2.37
N ASP A 65 -3.45 -23.64 3.26
CA ASP A 65 -4.21 -22.43 2.97
C ASP A 65 -3.35 -21.19 3.17
N MET A 66 -2.33 -21.32 4.03
CA MET A 66 -1.44 -20.20 4.32
C MET A 66 -0.96 -19.53 3.03
N GLU A 67 -0.74 -20.33 2.00
CA GLU A 67 -0.27 -19.81 0.72
C GLU A 67 -1.21 -18.72 0.21
N THR A 68 -2.48 -18.81 0.59
CA THR A 68 -3.47 -17.84 0.15
C THR A 68 -3.76 -16.83 1.26
N ILE A 69 -3.64 -17.26 2.51
CA ILE A 69 -3.90 -16.39 3.65
C ILE A 69 -2.91 -15.25 3.72
N PHE A 70 -1.71 -15.46 3.17
CA PHE A 70 -0.67 -14.44 3.19
C PHE A 70 -0.09 -14.18 1.80
N VAL A 71 -0.58 -14.91 0.79
CA VAL A 71 -0.11 -14.74 -0.59
C VAL A 71 1.40 -14.48 -0.66
N ASN A 72 1.86 -13.78 -1.70
CA ASN A 72 3.27 -13.48 -1.86
C ASN A 72 3.65 -12.14 -1.23
N ILE A 73 3.01 -11.81 -0.10
CA ILE A 73 3.29 -10.56 0.61
C ILE A 73 4.80 -10.29 0.67
N GLU A 74 5.58 -11.36 0.80
CA GLU A 74 7.04 -11.25 0.89
C GLU A 74 7.59 -10.32 -0.18
N GLU A 75 7.61 -10.77 -1.42
CA GLU A 75 8.11 -9.97 -2.53
C GLU A 75 7.41 -8.62 -2.59
N LEU A 76 6.21 -8.56 -2.00
CA LEU A 76 5.42 -7.34 -1.99
C LEU A 76 5.96 -6.33 -0.99
N PHE A 77 6.44 -6.84 0.15
CA PHE A 77 7.00 -5.99 1.18
C PHE A 77 8.13 -5.12 0.63
N SER A 78 8.89 -5.69 -0.30
CA SER A 78 10.00 -4.96 -0.92
C SER A 78 9.49 -3.83 -1.80
N VAL A 79 8.45 -4.12 -2.58
CA VAL A 79 7.86 -3.12 -3.47
C VAL A 79 7.57 -1.84 -2.71
N HIS A 80 7.36 -1.95 -1.41
CA HIS A 80 7.08 -0.79 -0.58
C HIS A 80 8.37 -0.20 -0.02
N THR A 81 9.21 -1.06 0.56
CA THR A 81 10.48 -0.62 1.12
C THR A 81 11.43 -0.10 0.04
N HIS A 82 11.81 -1.00 -0.88
CA HIS A 82 12.71 -0.63 -1.96
C HIS A 82 12.25 0.65 -2.66
N PHE A 83 10.94 0.84 -2.74
CA PHE A 83 10.38 2.01 -3.38
C PHE A 83 10.93 3.30 -2.75
N LEU A 84 10.84 3.40 -1.43
CA LEU A 84 11.34 4.56 -0.72
C LEU A 84 12.84 4.73 -0.94
N LYS A 85 13.53 3.61 -1.11
CA LYS A 85 14.97 3.62 -1.34
C LYS A 85 15.29 4.20 -2.71
N GLU A 86 14.36 4.04 -3.65
CA GLU A 86 14.55 4.56 -5.00
C GLU A 86 14.23 6.04 -5.05
N LEU A 87 13.16 6.44 -4.37
CA LEU A 87 12.75 7.84 -4.33
C LEU A 87 13.76 8.68 -3.55
N LYS A 88 14.49 8.02 -2.65
CA LYS A 88 15.50 8.70 -1.83
C LYS A 88 16.46 9.48 -2.70
N ASP A 89 17.08 8.79 -3.66
CA ASP A 89 18.02 9.40 -4.57
C ASP A 89 17.31 10.16 -5.70
N ALA A 90 16.04 9.84 -5.91
CA ALA A 90 15.25 10.48 -6.95
C ALA A 90 14.70 11.82 -6.47
N LEU A 91 14.36 11.89 -5.19
CA LEU A 91 13.82 13.08 -4.60
C LEU A 91 14.90 14.11 -4.28
N ALA A 92 15.88 13.70 -3.47
CA ALA A 92 16.97 14.58 -3.08
C ALA A 92 18.15 14.51 -4.05
N GLY A 93 17.90 14.00 -5.25
CA GLY A 93 18.95 13.89 -6.24
C GLY A 93 18.80 14.91 -7.37
N PRO A 94 19.54 14.72 -8.47
CA PRO A 94 19.48 15.64 -9.62
C PRO A 94 18.05 15.88 -10.09
N GLY A 95 17.39 16.87 -9.48
CA GLY A 95 16.03 17.19 -9.86
C GLY A 95 15.05 16.11 -9.41
N ALA A 96 13.98 16.52 -8.75
CA ALA A 96 12.97 15.59 -8.26
C ALA A 96 12.10 15.08 -9.41
N THR A 97 12.05 15.84 -10.50
CA THR A 97 11.26 15.46 -11.67
C THR A 97 11.63 14.06 -12.16
N THR A 98 12.89 13.68 -11.94
CA THR A 98 13.37 12.38 -12.37
C THR A 98 12.54 11.25 -11.78
N LEU A 99 11.80 11.55 -10.70
CA LEU A 99 10.97 10.55 -10.04
C LEU A 99 10.17 9.72 -11.05
N TYR A 100 9.87 10.32 -12.20
CA TYR A 100 9.10 9.63 -13.23
C TYR A 100 9.70 8.25 -13.53
N GLN A 101 11.01 8.21 -13.76
CA GLN A 101 11.70 6.96 -14.05
C GLN A 101 11.30 5.85 -13.08
N VAL A 102 11.36 6.15 -11.79
CA VAL A 102 11.01 5.18 -10.76
C VAL A 102 9.60 4.63 -10.97
N PHE A 103 8.78 5.36 -11.72
CA PHE A 103 7.40 4.95 -11.96
C PHE A 103 7.24 4.20 -13.28
N ILE A 104 8.29 4.16 -14.10
CA ILE A 104 8.23 3.49 -15.40
C ILE A 104 8.80 2.08 -15.33
N LYS A 105 9.82 1.87 -14.50
CA LYS A 105 10.48 0.57 -14.41
C LYS A 105 9.92 -0.28 -13.26
N TYR A 106 9.08 0.32 -12.42
CA TYR A 106 8.52 -0.42 -11.29
C TYR A 106 7.28 -1.20 -11.67
N LYS A 107 6.76 -0.96 -12.87
CA LYS A 107 5.56 -1.67 -13.34
C LYS A 107 5.64 -3.16 -13.03
N GLU A 108 6.84 -3.73 -13.19
CA GLU A 108 7.08 -5.14 -12.93
C GLU A 108 6.39 -5.60 -11.64
N ARG A 109 6.70 -4.94 -10.54
CA ARG A 109 6.12 -5.29 -9.24
C ARG A 109 4.71 -4.73 -9.09
N PHE A 110 4.52 -3.49 -9.55
CA PHE A 110 3.21 -2.86 -9.50
C PHE A 110 2.16 -3.78 -10.12
N LEU A 111 2.61 -4.65 -11.02
CA LEU A 111 1.73 -5.63 -11.66
C LEU A 111 1.45 -6.78 -10.71
N VAL A 112 2.41 -7.07 -9.83
CA VAL A 112 2.26 -8.11 -8.82
C VAL A 112 0.92 -7.95 -8.11
N TYR A 113 0.50 -6.70 -7.97
CA TYR A 113 -0.78 -6.40 -7.34
C TYR A 113 -1.90 -7.23 -7.96
N GLY A 114 -1.74 -7.55 -9.24
CA GLY A 114 -2.74 -8.34 -9.94
C GLY A 114 -3.00 -9.67 -9.26
N ARG A 115 -2.08 -10.62 -9.43
CA ARG A 115 -2.22 -11.93 -8.80
C ARG A 115 -2.44 -11.77 -7.30
N TYR A 116 -1.81 -10.76 -6.73
CA TYR A 116 -1.95 -10.46 -5.32
C TYR A 116 -3.43 -10.31 -4.95
N CYS A 117 -4.14 -9.50 -5.72
CA CYS A 117 -5.57 -9.27 -5.50
C CYS A 117 -6.39 -10.50 -5.92
N SER A 118 -5.74 -11.50 -6.50
CA SER A 118 -6.42 -12.71 -6.95
C SER A 118 -6.51 -13.74 -5.82
N GLN A 119 -5.43 -13.87 -5.06
CA GLN A 119 -5.42 -14.79 -3.93
C GLN A 119 -5.99 -14.06 -2.72
N VAL A 120 -5.66 -12.78 -2.64
CA VAL A 120 -6.17 -11.90 -1.61
C VAL A 120 -7.70 -11.96 -1.59
N GLU A 121 -8.32 -11.55 -2.70
CA GLU A 121 -9.78 -11.56 -2.81
C GLU A 121 -10.36 -12.88 -2.29
N SER A 122 -9.55 -13.93 -2.36
CA SER A 122 -9.97 -15.24 -1.88
C SER A 122 -9.55 -15.44 -0.42
N ALA A 123 -8.42 -14.83 -0.05
CA ALA A 123 -7.92 -14.91 1.31
C ALA A 123 -8.76 -14.07 2.25
N SER A 124 -8.83 -12.77 1.98
CA SER A 124 -9.64 -11.86 2.79
C SER A 124 -11.04 -12.43 3.01
N LYS A 125 -11.47 -13.25 2.06
CA LYS A 125 -12.78 -13.90 2.15
C LYS A 125 -12.73 -15.07 3.11
N HIS A 126 -11.71 -15.92 2.94
CA HIS A 126 -11.53 -17.09 3.80
C HIS A 126 -11.45 -16.68 5.25
N LEU A 127 -10.60 -15.70 5.54
CA LEU A 127 -10.43 -15.21 6.91
C LEU A 127 -11.77 -14.82 7.51
N ASP A 128 -12.56 -14.07 6.74
CA ASP A 128 -13.88 -13.63 7.19
C ASP A 128 -14.71 -14.82 7.66
N GLN A 129 -14.44 -15.99 7.09
CA GLN A 129 -15.17 -17.21 7.46
C GLN A 129 -14.39 -18.01 8.50
N VAL A 130 -13.07 -17.99 8.38
CA VAL A 130 -12.21 -18.72 9.31
C VAL A 130 -12.44 -18.27 10.75
N ALA A 131 -12.03 -17.05 11.07
CA ALA A 131 -12.20 -16.50 12.41
C ALA A 131 -13.63 -16.69 12.90
N THR A 132 -14.59 -16.54 11.99
CA THR A 132 -15.99 -16.70 12.33
C THR A 132 -16.38 -18.18 12.44
N ALA A 133 -15.58 -19.03 11.79
CA ALA A 133 -15.84 -20.46 11.81
C ALA A 133 -15.46 -21.07 13.16
N ARG A 134 -14.31 -20.67 13.68
CA ARG A 134 -13.83 -21.18 14.96
C ARG A 134 -13.60 -20.03 15.94
N GLU A 135 -13.16 -20.38 17.15
CA GLU A 135 -12.91 -19.39 18.19
C GLU A 135 -11.41 -19.30 18.49
N ASP A 136 -10.76 -20.44 18.53
CA ASP A 136 -9.32 -20.50 18.82
C ASP A 136 -8.54 -19.62 17.86
N VAL A 137 -9.12 -19.36 16.69
CA VAL A 137 -8.47 -18.53 15.69
C VAL A 137 -8.75 -17.05 15.93
N GLN A 138 -9.95 -16.76 16.43
CA GLN A 138 -10.34 -15.38 16.71
C GLN A 138 -9.51 -14.79 17.83
N MET A 139 -9.49 -15.47 18.97
CA MET A 139 -8.73 -15.02 20.12
C MET A 139 -7.26 -14.79 19.77
N LYS A 140 -6.77 -15.52 18.78
CA LYS A 140 -5.38 -15.40 18.35
C LYS A 140 -5.14 -14.09 17.62
N LEU A 141 -5.82 -13.91 16.48
CA LEU A 141 -5.67 -12.70 15.68
C LEU A 141 -5.90 -11.46 16.54
N GLU A 142 -6.66 -11.60 17.62
CA GLU A 142 -6.97 -10.49 18.50
C GLU A 142 -5.76 -10.08 19.31
N GLU A 143 -5.08 -11.05 19.90
CA GLU A 143 -3.90 -10.77 20.72
C GLU A 143 -2.63 -10.73 19.87
N CYS A 144 -2.41 -11.78 19.10
CA CYS A 144 -1.22 -11.87 18.24
C CYS A 144 -1.02 -10.58 17.45
N SER A 145 -2.09 -10.08 16.86
CA SER A 145 -2.03 -8.86 16.05
C SER A 145 -1.63 -7.66 16.91
N GLN A 146 -1.81 -7.78 18.22
CA GLN A 146 -1.47 -6.69 19.14
C GLN A 146 -0.11 -6.07 18.82
N ARG A 147 0.81 -6.91 18.34
CA ARG A 147 2.15 -6.45 18.00
C ARG A 147 2.11 -5.42 16.88
N ALA A 148 1.07 -5.47 16.06
CA ALA A 148 0.91 -4.53 14.96
C ALA A 148 -0.35 -3.70 15.14
N ASN A 149 -1.48 -4.37 15.34
CA ASN A 149 -2.75 -3.70 15.55
C ASN A 149 -3.75 -4.64 16.20
N ASN A 150 -3.92 -4.49 17.51
CA ASN A 150 -4.83 -5.34 18.29
C ASN A 150 -6.18 -5.47 17.59
N GLY A 151 -6.31 -6.48 16.74
CA GLY A 151 -7.56 -6.72 16.03
C GLY A 151 -8.21 -5.44 15.53
N ARG A 152 -7.43 -4.62 14.83
CA ARG A 152 -7.93 -3.35 14.30
C ARG A 152 -8.12 -3.43 12.79
N PHE A 153 -7.18 -4.08 12.11
CA PHE A 153 -7.24 -4.21 10.66
C PHE A 153 -6.59 -5.50 10.19
N THR A 154 -6.52 -6.51 11.07
CA THR A 154 -5.88 -7.79 10.75
C THR A 154 -6.10 -8.21 9.30
N LEU A 155 -5.10 -8.90 8.77
CA LEU A 155 -5.10 -9.45 7.40
C LEU A 155 -6.30 -9.03 6.55
N ARG A 156 -7.47 -9.55 6.88
CA ARG A 156 -8.70 -9.24 6.16
C ARG A 156 -8.77 -7.76 5.77
N ASP A 157 -8.21 -6.91 6.64
CA ASP A 157 -8.18 -5.47 6.38
C ASP A 157 -6.84 -5.05 5.80
N LEU A 158 -5.80 -5.81 6.09
CA LEU A 158 -4.45 -5.49 5.61
C LEU A 158 -4.29 -5.77 4.11
N LEU A 159 -4.34 -7.04 3.73
CA LEU A 159 -4.12 -7.41 2.32
C LEU A 159 -4.95 -6.56 1.36
N MET A 160 -6.07 -6.03 1.85
CA MET A 160 -6.94 -5.20 1.02
C MET A 160 -6.42 -3.77 0.94
N VAL A 161 -5.40 -3.44 1.73
CA VAL A 161 -4.83 -2.09 1.76
C VAL A 161 -3.95 -1.82 0.53
N PRO A 162 -2.92 -2.65 0.28
CA PRO A 162 -2.01 -2.45 -0.85
C PRO A 162 -2.74 -2.42 -2.19
N MET A 163 -3.97 -2.92 -2.20
CA MET A 163 -4.77 -2.94 -3.42
C MET A 163 -5.09 -1.51 -3.86
N GLN A 164 -4.94 -0.55 -2.95
CA GLN A 164 -5.22 0.85 -3.26
C GLN A 164 -3.98 1.55 -3.83
N ARG A 165 -2.81 1.04 -3.46
CA ARG A 165 -1.55 1.62 -3.93
C ARG A 165 -1.58 1.91 -5.42
N VAL A 166 -1.54 0.83 -6.22
CA VAL A 166 -1.54 0.93 -7.68
C VAL A 166 -2.41 2.09 -8.19
N LEU A 167 -3.52 2.34 -7.49
CA LEU A 167 -4.40 3.43 -7.85
C LEU A 167 -3.86 4.74 -7.29
N LYS A 168 -3.67 4.77 -5.97
CA LYS A 168 -3.15 5.95 -5.28
C LYS A 168 -2.01 6.60 -6.06
N TYR A 169 -1.13 5.78 -6.62
CA TYR A 169 0.02 6.29 -7.38
C TYR A 169 -0.40 7.43 -8.32
N HIS A 170 -1.01 7.07 -9.45
CA HIS A 170 -1.47 8.07 -10.40
C HIS A 170 -2.52 8.97 -9.75
N LEU A 171 -3.40 8.35 -8.98
CA LEU A 171 -4.45 9.08 -8.28
C LEU A 171 -3.88 10.28 -7.53
N LEU A 172 -2.69 10.10 -6.95
CA LEU A 172 -2.01 11.17 -6.24
C LEU A 172 -1.05 11.90 -7.17
N LEU A 173 -0.21 11.12 -7.86
CA LEU A 173 0.77 11.65 -8.80
C LEU A 173 0.15 12.72 -9.69
N GLN A 174 -1.12 12.53 -10.02
CA GLN A 174 -1.85 13.48 -10.85
C GLN A 174 -1.91 14.85 -10.17
N GLU A 175 -2.17 14.85 -8.88
CA GLU A 175 -2.25 16.08 -8.10
C GLU A 175 -1.00 16.92 -8.31
N LEU A 176 0.16 16.27 -8.27
CA LEU A 176 1.43 16.95 -8.48
C LEU A 176 1.48 17.59 -9.86
N VAL A 177 0.86 16.94 -10.83
CA VAL A 177 0.82 17.45 -12.19
C VAL A 177 -0.23 18.54 -12.34
N LYS A 178 -1.42 18.28 -11.81
CA LYS A 178 -2.51 19.26 -11.86
C LYS A 178 -2.07 20.58 -11.25
N HIS A 179 -1.12 20.52 -10.33
CA HIS A 179 -0.60 21.71 -9.67
C HIS A 179 0.52 22.35 -10.50
N THR A 180 1.41 21.51 -10.99
CA THR A 180 2.53 21.98 -11.80
C THR A 180 2.04 22.46 -13.17
N GLN A 181 2.69 23.50 -13.68
CA GLN A 181 2.33 24.05 -14.98
C GLN A 181 3.56 24.44 -15.78
N ASP A 182 4.67 23.76 -15.49
CA ASP A 182 5.93 24.03 -16.19
C ASP A 182 5.94 23.33 -17.54
N ALA A 183 7.10 23.33 -18.20
CA ALA A 183 7.24 22.70 -19.50
C ALA A 183 7.58 21.21 -19.36
N THR A 184 8.74 20.92 -18.78
CA THR A 184 9.17 19.55 -18.60
C THR A 184 8.56 18.94 -17.33
N GLU A 185 8.53 19.72 -16.26
CA GLU A 185 7.98 19.25 -14.99
C GLU A 185 6.62 18.60 -15.20
N LYS A 186 5.76 19.26 -15.96
CA LYS A 186 4.43 18.74 -16.23
C LYS A 186 4.46 17.63 -17.28
N GLU A 187 5.51 17.65 -18.11
CA GLU A 187 5.66 16.65 -19.17
C GLU A 187 6.15 15.31 -18.60
N ASN A 188 7.34 15.32 -18.03
CA ASN A 188 7.92 14.10 -17.45
C ASN A 188 6.92 13.40 -16.54
N LEU A 189 6.42 14.13 -15.54
CA LEU A 189 5.47 13.57 -14.59
C LEU A 189 4.31 12.90 -15.31
N ARG A 190 3.77 13.57 -16.31
CA ARG A 190 2.65 13.02 -17.08
C ARG A 190 2.94 11.61 -17.56
N LEU A 191 4.09 11.44 -18.21
CA LEU A 191 4.48 10.12 -18.71
C LEU A 191 4.36 9.07 -17.61
N ALA A 192 4.84 9.40 -16.43
CA ALA A 192 4.78 8.50 -15.29
C ALA A 192 3.37 7.98 -15.10
N LEU A 193 2.39 8.89 -15.14
CA LEU A 193 1.00 8.53 -14.97
C LEU A 193 0.61 7.40 -15.93
N ASP A 194 0.77 7.67 -17.22
CA ASP A 194 0.44 6.67 -18.25
C ASP A 194 1.04 5.31 -17.91
N ALA A 195 2.15 5.32 -17.19
CA ALA A 195 2.82 4.09 -16.79
C ALA A 195 2.08 3.42 -15.63
N MET A 196 1.45 4.24 -14.79
CA MET A 196 0.70 3.74 -13.65
C MET A 196 -0.74 3.42 -14.04
N ARG A 197 -1.46 4.46 -14.45
CA ARG A 197 -2.86 4.32 -14.85
C ARG A 197 -3.06 3.10 -15.75
N ASP A 198 -2.00 2.73 -16.48
CA ASP A 198 -2.07 1.57 -17.37
C ASP A 198 -2.43 0.31 -16.60
N LEU A 199 -1.93 0.19 -15.37
CA LEU A 199 -2.19 -0.98 -14.55
C LEU A 199 -3.59 -0.91 -13.93
N ALA A 200 -4.03 0.29 -13.58
CA ALA A 200 -5.34 0.49 -12.96
C ALA A 200 -6.43 -0.33 -13.66
N GLN A 201 -6.28 -0.52 -14.97
CA GLN A 201 -7.27 -1.26 -15.74
C GLN A 201 -6.88 -2.73 -15.91
N CYS A 202 -5.64 -3.06 -15.58
CA CYS A 202 -5.16 -4.44 -15.69
C CYS A 202 -5.20 -5.11 -14.32
N VAL A 203 -5.07 -4.29 -13.29
CA VAL A 203 -5.07 -4.78 -11.93
C VAL A 203 -6.50 -4.98 -11.43
N ASN A 204 -7.40 -4.12 -11.88
CA ASN A 204 -8.80 -4.21 -11.49
C ASN A 204 -9.62 -4.89 -12.58
N GLU A 205 -8.99 -5.81 -13.29
CA GLU A 205 -9.66 -6.53 -14.36
C GLU A 205 -9.07 -7.93 -14.50
N VAL A 206 -8.87 -8.60 -13.38
CA VAL A 206 -8.30 -9.93 -13.36
C VAL A 206 -9.39 -10.99 -13.38
N LYS A 207 -9.74 -11.43 -14.57
CA LYS A 207 -10.77 -12.45 -14.75
C LYS A 207 -10.23 -13.83 -14.40
N ARG A 208 -9.84 -14.01 -13.15
CA ARG A 208 -9.30 -15.29 -12.69
C ARG A 208 -9.53 -15.48 -11.20
N MET A 1 -13.81 2.50 -3.07
CA MET A 1 -13.18 3.34 -2.03
C MET A 1 -13.41 2.78 -0.62
N LYS A 2 -12.91 1.58 -0.39
CA LYS A 2 -13.07 0.93 0.92
C LYS A 2 -11.76 0.94 1.69
N GLY A 3 -10.66 0.83 0.96
CA GLY A 3 -9.35 0.82 1.60
C GLY A 3 -8.88 2.21 1.97
N ASP A 4 -9.37 3.21 1.25
CA ASP A 4 -9.00 4.60 1.51
C ASP A 4 -9.16 4.94 3.00
N GLU A 5 -10.30 4.57 3.56
CA GLU A 5 -10.59 4.85 4.96
C GLU A 5 -9.56 4.18 5.86
N ILE A 6 -9.07 3.01 5.45
CA ILE A 6 -8.09 2.27 6.22
C ILE A 6 -6.80 3.07 6.39
N TYR A 7 -6.19 3.46 5.26
CA TYR A 7 -4.95 4.23 5.29
C TYR A 7 -5.01 5.35 6.33
N GLU A 8 -6.08 6.13 6.28
CA GLU A 8 -6.25 7.26 7.19
C GLU A 8 -5.99 6.85 8.65
N ASP A 9 -6.91 6.06 9.21
CA ASP A 9 -6.79 5.62 10.59
C ASP A 9 -5.61 4.66 10.77
N LEU A 10 -5.39 3.82 9.77
CA LEU A 10 -4.30 2.85 9.81
C LEU A 10 -2.98 3.51 10.20
N MET A 11 -2.85 4.80 9.89
CA MET A 11 -1.64 5.55 10.22
C MET A 11 -2.00 6.87 10.89
N ARG A 12 -0.98 7.54 11.43
CA ARG A 12 -1.19 8.81 12.12
C ARG A 12 -0.82 9.98 11.21
N LEU A 13 -1.25 9.92 9.96
CA LEU A 13 -0.96 10.98 9.00
C LEU A 13 -2.22 11.77 8.68
N GLU A 14 -3.37 11.10 8.81
CA GLU A 14 -4.65 11.74 8.55
C GLU A 14 -4.79 13.03 9.34
N SER A 15 -4.06 13.11 10.44
CA SER A 15 -4.10 14.30 11.30
C SER A 15 -2.76 15.03 11.27
N VAL A 16 -2.66 16.05 10.42
CA VAL A 16 -1.43 16.81 10.29
C VAL A 16 -1.48 18.08 11.13
N PRO A 17 -0.36 18.45 11.78
CA PRO A 17 -0.31 19.63 12.63
C PRO A 17 -0.80 20.89 11.91
N THR A 18 -2.03 21.28 12.21
CA THR A 18 -2.62 22.46 11.60
C THR A 18 -3.23 23.38 12.67
N PRO A 19 -2.45 24.38 13.14
CA PRO A 19 -2.91 25.32 14.16
C PRO A 19 -4.18 26.06 13.73
N PRO A 20 -4.23 26.56 12.48
CA PRO A 20 -5.40 27.28 11.97
C PRO A 20 -6.49 26.33 11.48
N LYS A 21 -6.86 25.38 12.32
CA LYS A 21 -7.89 24.41 11.96
C LYS A 21 -7.46 23.56 10.78
N MET A 22 -8.15 22.45 10.56
CA MET A 22 -7.84 21.55 9.45
C MET A 22 -7.85 22.29 8.13
N THR A 23 -6.96 21.88 7.22
CA THR A 23 -6.87 22.51 5.91
C THR A 23 -6.55 21.48 4.82
N GLU A 24 -7.17 21.65 3.67
CA GLU A 24 -6.96 20.74 2.55
C GLU A 24 -5.65 21.05 1.84
N TYR A 25 -5.19 22.29 1.96
CA TYR A 25 -3.95 22.72 1.33
C TYR A 25 -2.75 22.03 1.96
N ASP A 26 -2.91 21.59 3.21
CA ASP A 26 -1.82 20.93 3.92
C ASP A 26 -1.41 19.63 3.23
N LYS A 27 -2.40 18.94 2.66
CA LYS A 27 -2.14 17.69 1.97
C LYS A 27 -2.01 17.90 0.47
N ARG A 28 -2.53 19.02 -0.02
CA ARG A 28 -2.46 19.33 -1.44
C ARG A 28 -1.07 19.85 -1.82
N CYS A 29 -0.44 20.57 -0.91
CA CYS A 29 0.89 21.12 -1.14
C CYS A 29 1.97 20.15 -0.68
N CYS A 30 1.79 19.60 0.52
CA CYS A 30 2.75 18.65 1.08
C CYS A 30 2.64 17.27 0.42
N CYS A 31 1.66 17.12 -0.49
CA CYS A 31 1.42 15.84 -1.18
C CYS A 31 2.70 15.03 -1.40
N LEU A 32 3.70 15.65 -2.04
CA LEU A 32 4.96 14.96 -2.30
C LEU A 32 5.52 14.37 -1.01
N ARG A 33 5.75 15.23 -0.02
CA ARG A 33 6.26 14.79 1.27
C ARG A 33 5.40 13.66 1.82
N GLU A 34 4.12 13.69 1.47
CA GLU A 34 3.19 12.66 1.92
C GLU A 34 3.47 11.33 1.22
N ILE A 35 4.01 11.42 0.00
CA ILE A 35 4.33 10.24 -0.79
C ILE A 35 5.36 9.38 -0.06
N GLN A 36 6.38 10.02 0.51
CA GLN A 36 7.42 9.30 1.24
C GLN A 36 7.05 9.15 2.71
N GLN A 37 6.32 10.12 3.23
CA GLN A 37 5.89 10.08 4.63
C GLN A 37 4.84 9.01 4.86
N THR A 38 3.78 9.05 4.07
CA THR A 38 2.70 8.08 4.18
C THR A 38 3.18 6.68 3.82
N GLU A 39 4.21 6.61 2.99
CA GLU A 39 4.77 5.35 2.57
C GLU A 39 5.59 4.71 3.69
N GLU A 40 6.49 5.49 4.27
CA GLU A 40 7.33 5.00 5.36
C GLU A 40 6.48 4.32 6.45
N LYS A 41 5.32 4.90 6.73
CA LYS A 41 4.43 4.36 7.74
C LYS A 41 3.66 3.16 7.20
N TYR A 42 3.00 3.36 6.05
CA TYR A 42 2.23 2.30 5.42
C TYR A 42 3.10 1.06 5.20
N THR A 43 4.39 1.28 4.99
CA THR A 43 5.31 0.18 4.75
C THR A 43 5.62 -0.57 6.04
N ASP A 44 5.78 0.17 7.13
CA ASP A 44 6.08 -0.43 8.43
C ASP A 44 5.11 -1.56 8.75
N THR A 45 3.83 -1.33 8.47
CA THR A 45 2.81 -2.34 8.71
C THR A 45 2.80 -3.39 7.60
N LEU A 46 3.04 -2.94 6.38
CA LEU A 46 3.06 -3.82 5.23
C LEU A 46 4.00 -5.01 5.49
N GLY A 47 5.14 -4.73 6.10
CA GLY A 47 6.10 -5.77 6.40
C GLY A 47 5.79 -6.48 7.71
N SER A 48 5.12 -5.78 8.62
CA SER A 48 4.77 -6.35 9.92
C SER A 48 4.11 -7.72 9.75
N ILE A 49 3.42 -7.90 8.63
CA ILE A 49 2.74 -9.16 8.33
C ILE A 49 3.70 -10.19 7.76
N GLN A 50 4.86 -9.73 7.30
CA GLN A 50 5.86 -10.62 6.71
C GLN A 50 6.46 -11.56 7.75
N GLN A 51 6.92 -11.00 8.87
CA GLN A 51 7.54 -11.78 9.92
C GLN A 51 6.58 -12.01 11.09
N HIS A 52 6.27 -10.94 11.81
CA HIS A 52 5.40 -11.02 12.97
C HIS A 52 3.96 -11.33 12.56
N PHE A 53 3.74 -12.54 12.05
CA PHE A 53 2.41 -12.97 11.64
C PHE A 53 2.46 -14.34 10.96
N MET A 54 2.87 -14.35 9.70
CA MET A 54 2.95 -15.58 8.94
C MET A 54 3.72 -16.65 9.71
N LYS A 55 4.81 -16.26 10.35
CA LYS A 55 5.62 -17.19 11.13
C LYS A 55 4.79 -17.79 12.26
N PRO A 56 4.34 -16.96 13.22
CA PRO A 56 3.52 -17.41 14.34
C PRO A 56 2.21 -18.04 13.89
N LEU A 57 1.52 -17.37 12.97
CA LEU A 57 0.25 -17.87 12.47
C LEU A 57 0.37 -19.32 12.01
N GLN A 58 1.46 -19.62 11.31
CA GLN A 58 1.70 -20.96 10.81
C GLN A 58 1.55 -22.01 11.91
N ARG A 59 1.72 -21.59 13.15
CA ARG A 59 1.62 -22.50 14.29
C ARG A 59 0.16 -22.82 14.63
N PHE A 60 -0.78 -22.09 14.02
CA PHE A 60 -2.20 -22.31 14.28
C PHE A 60 -2.92 -22.72 13.00
N LEU A 61 -2.64 -22.00 11.92
CA LEU A 61 -3.26 -22.28 10.63
C LEU A 61 -2.33 -23.12 9.76
N LYS A 62 -2.90 -24.09 9.04
CA LYS A 62 -2.11 -24.96 8.18
C LYS A 62 -1.20 -24.15 7.26
N PRO A 63 -0.01 -24.67 6.93
CA PRO A 63 0.94 -23.98 6.05
C PRO A 63 0.49 -24.01 4.60
N GLN A 64 -0.24 -25.06 4.22
CA GLN A 64 -0.73 -25.22 2.86
C GLN A 64 -1.74 -24.13 2.53
N ASP A 65 -2.70 -23.93 3.43
CA ASP A 65 -3.73 -22.92 3.23
C ASP A 65 -3.17 -21.52 3.43
N MET A 66 -2.18 -21.41 4.30
CA MET A 66 -1.54 -20.12 4.59
C MET A 66 -1.17 -19.39 3.29
N GLU A 67 -0.89 -20.16 2.25
CA GLU A 67 -0.52 -19.60 0.96
C GLU A 67 -1.63 -18.67 0.43
N THR A 68 -2.87 -19.02 0.76
CA THR A 68 -4.00 -18.22 0.31
C THR A 68 -4.45 -17.24 1.39
N ILE A 69 -4.13 -17.55 2.64
CA ILE A 69 -4.50 -16.70 3.76
C ILE A 69 -3.69 -15.40 3.75
N PHE A 70 -2.46 -15.48 3.27
CA PHE A 70 -1.58 -14.31 3.21
C PHE A 70 -1.28 -13.92 1.77
N VAL A 71 -1.07 -14.93 0.92
CA VAL A 71 -0.76 -14.71 -0.49
C VAL A 71 0.74 -14.41 -0.69
N ASN A 72 1.10 -13.31 -1.35
CA ASN A 72 2.51 -12.99 -1.57
C ASN A 72 2.94 -11.78 -0.77
N ILE A 73 2.51 -11.70 0.49
CA ILE A 73 2.86 -10.58 1.35
C ILE A 73 4.37 -10.36 1.38
N GLU A 74 5.13 -11.44 1.50
CA GLU A 74 6.58 -11.36 1.55
C GLU A 74 7.13 -10.65 0.32
N GLU A 75 6.73 -11.12 -0.86
CA GLU A 75 7.19 -10.53 -2.12
C GLU A 75 6.53 -9.18 -2.36
N LEU A 76 5.38 -8.96 -1.72
CA LEU A 76 4.64 -7.72 -1.88
C LEU A 76 5.21 -6.61 -1.00
N PHE A 77 5.59 -6.98 0.23
CA PHE A 77 6.16 -6.03 1.16
C PHE A 77 7.34 -5.30 0.53
N SER A 78 8.02 -5.97 -0.40
CA SER A 78 9.17 -5.38 -1.09
C SER A 78 8.73 -4.23 -1.98
N VAL A 79 7.65 -4.45 -2.73
CA VAL A 79 7.13 -3.42 -3.62
C VAL A 79 6.92 -2.11 -2.86
N HIS A 80 6.73 -2.22 -1.55
CA HIS A 80 6.53 -1.05 -0.71
C HIS A 80 7.86 -0.53 -0.17
N THR A 81 8.62 -1.42 0.47
CA THR A 81 9.92 -1.05 1.04
C THR A 81 10.84 -0.48 -0.03
N HIS A 82 11.04 -1.24 -1.10
CA HIS A 82 11.91 -0.83 -2.20
C HIS A 82 11.45 0.51 -2.78
N PHE A 83 10.14 0.74 -2.73
CA PHE A 83 9.57 1.99 -3.26
C PHE A 83 10.25 3.20 -2.65
N LEU A 84 10.28 3.25 -1.32
CA LEU A 84 10.89 4.35 -0.61
C LEU A 84 12.41 4.31 -0.70
N LYS A 85 12.96 3.10 -0.74
CA LYS A 85 14.40 2.91 -0.83
C LYS A 85 14.96 3.66 -2.04
N GLU A 86 14.16 3.74 -3.10
CA GLU A 86 14.59 4.42 -4.31
C GLU A 86 14.23 5.91 -4.25
N LEU A 87 13.01 6.20 -3.80
CA LEU A 87 12.55 7.57 -3.67
C LEU A 87 13.52 8.40 -2.86
N LYS A 88 14.08 7.78 -1.82
CA LYS A 88 15.05 8.45 -0.95
C LYS A 88 16.12 9.17 -1.77
N ASP A 89 16.79 8.41 -2.63
CA ASP A 89 17.82 8.97 -3.49
C ASP A 89 17.20 9.71 -4.67
N ALA A 90 15.97 9.32 -5.02
CA ALA A 90 15.25 9.96 -6.12
C ALA A 90 14.87 11.39 -5.77
N LEU A 91 14.29 11.56 -4.59
CA LEU A 91 13.87 12.86 -4.12
C LEU A 91 15.07 13.74 -3.79
N ALA A 92 16.05 13.17 -3.09
CA ALA A 92 17.25 13.91 -2.71
C ALA A 92 18.34 13.81 -3.78
N GLY A 93 17.96 13.38 -4.98
CA GLY A 93 18.91 13.26 -6.06
C GLY A 93 18.98 14.51 -6.92
N PRO A 94 19.10 14.35 -8.26
CA PRO A 94 19.16 15.48 -9.18
C PRO A 94 17.86 16.29 -9.19
N GLY A 95 17.58 16.98 -8.09
CA GLY A 95 16.38 17.77 -7.99
C GLY A 95 15.29 17.07 -7.21
N ALA A 96 14.43 16.32 -7.91
CA ALA A 96 13.34 15.59 -7.27
C ALA A 96 12.40 14.99 -8.31
N THR A 97 12.02 15.80 -9.29
CA THR A 97 11.12 15.36 -10.35
C THR A 97 11.50 13.98 -10.89
N THR A 98 12.78 13.62 -10.75
CA THR A 98 13.27 12.34 -11.24
C THR A 98 12.44 11.16 -10.73
N LEU A 99 11.65 11.37 -9.66
CA LEU A 99 10.84 10.31 -9.07
C LEU A 99 10.24 9.37 -10.12
N TYR A 100 9.80 9.93 -11.24
CA TYR A 100 9.19 9.14 -12.31
C TYR A 100 10.07 7.95 -12.68
N GLN A 101 11.37 8.19 -12.80
CA GLN A 101 12.31 7.13 -13.15
C GLN A 101 12.08 5.87 -12.32
N VAL A 102 11.54 6.05 -11.12
CA VAL A 102 11.29 4.92 -10.23
C VAL A 102 9.92 4.29 -10.49
N PHE A 103 9.02 5.05 -11.11
CA PHE A 103 7.67 4.57 -11.39
C PHE A 103 7.58 3.91 -12.76
N ILE A 104 8.52 4.24 -13.64
CA ILE A 104 8.50 3.70 -15.00
C ILE A 104 8.86 2.21 -15.02
N LYS A 105 9.85 1.82 -14.24
CA LYS A 105 10.33 0.43 -14.24
C LYS A 105 9.70 -0.41 -13.12
N TYR A 106 8.89 0.22 -12.27
CA TYR A 106 8.27 -0.52 -11.17
C TYR A 106 7.03 -1.28 -11.60
N LYS A 107 6.55 -1.02 -12.82
CA LYS A 107 5.37 -1.71 -13.33
C LYS A 107 5.42 -3.20 -13.04
N GLU A 108 6.60 -3.78 -13.16
CA GLU A 108 6.81 -5.21 -12.93
C GLU A 108 6.05 -5.71 -11.70
N ARG A 109 6.37 -5.14 -10.54
CA ARG A 109 5.74 -5.55 -9.29
C ARG A 109 4.34 -4.95 -9.17
N PHE A 110 4.20 -3.70 -9.59
CA PHE A 110 2.91 -3.03 -9.56
C PHE A 110 1.86 -3.90 -10.24
N LEU A 111 2.31 -4.77 -11.14
CA LEU A 111 1.42 -5.70 -11.83
C LEU A 111 1.06 -6.87 -10.92
N VAL A 112 1.99 -7.22 -10.03
CA VAL A 112 1.75 -8.27 -9.04
C VAL A 112 0.39 -8.06 -8.39
N TYR A 113 0.01 -6.81 -8.28
CA TYR A 113 -1.28 -6.45 -7.70
C TYR A 113 -2.42 -7.11 -8.47
N GLY A 114 -2.30 -7.14 -9.80
CA GLY A 114 -3.31 -7.77 -10.62
C GLY A 114 -3.66 -9.16 -10.14
N ARG A 115 -2.63 -9.98 -9.94
CA ARG A 115 -2.83 -11.34 -9.46
C ARG A 115 -3.09 -11.34 -7.96
N TYR A 116 -2.59 -10.31 -7.27
CA TYR A 116 -2.79 -10.19 -5.84
C TYR A 116 -4.26 -10.24 -5.48
N CYS A 117 -5.08 -9.55 -6.29
CA CYS A 117 -6.52 -9.51 -6.09
C CYS A 117 -7.18 -10.86 -6.38
N SER A 118 -6.40 -11.81 -6.89
CA SER A 118 -6.93 -13.13 -7.24
C SER A 118 -7.02 -14.04 -6.01
N GLN A 119 -5.97 -14.03 -5.20
CA GLN A 119 -5.94 -14.83 -3.98
C GLN A 119 -6.49 -14.00 -2.83
N VAL A 120 -6.20 -12.70 -2.90
CA VAL A 120 -6.69 -11.75 -1.93
C VAL A 120 -8.20 -11.89 -1.75
N GLU A 121 -8.96 -11.58 -2.81
CA GLU A 121 -10.42 -11.66 -2.78
C GLU A 121 -10.89 -12.91 -2.05
N SER A 122 -10.07 -13.96 -2.10
CA SER A 122 -10.39 -15.21 -1.43
C SER A 122 -9.81 -15.23 -0.02
N ALA A 123 -8.62 -14.64 0.12
CA ALA A 123 -7.94 -14.57 1.41
C ALA A 123 -8.83 -13.91 2.46
N SER A 124 -9.03 -12.60 2.30
CA SER A 124 -9.87 -11.85 3.21
C SER A 124 -11.21 -12.56 3.42
N LYS A 125 -11.61 -13.34 2.42
CA LYS A 125 -12.85 -14.09 2.49
C LYS A 125 -12.65 -15.36 3.31
N HIS A 126 -11.45 -15.92 3.25
CA HIS A 126 -11.12 -17.12 3.99
C HIS A 126 -11.13 -16.84 5.49
N LEU A 127 -10.41 -15.81 5.90
CA LEU A 127 -10.36 -15.42 7.31
C LEU A 127 -11.76 -15.27 7.87
N ASP A 128 -12.63 -14.59 7.11
CA ASP A 128 -14.01 -14.38 7.53
C ASP A 128 -14.65 -15.68 7.97
N GLN A 129 -14.27 -16.77 7.31
CA GLN A 129 -14.81 -18.09 7.64
C GLN A 129 -13.89 -18.80 8.63
N VAL A 130 -12.59 -18.54 8.53
CA VAL A 130 -11.60 -19.16 9.42
C VAL A 130 -11.74 -18.62 10.84
N ALA A 131 -11.34 -17.36 11.03
CA ALA A 131 -11.42 -16.73 12.33
C ALA A 131 -12.81 -16.90 12.94
N THR A 132 -13.83 -16.86 12.09
CA THR A 132 -15.21 -17.02 12.54
C THR A 132 -15.53 -18.48 12.83
N ALA A 133 -14.83 -19.38 12.15
CA ALA A 133 -15.03 -20.81 12.33
C ALA A 133 -14.54 -21.27 13.70
N ARG A 134 -13.30 -20.90 14.02
CA ARG A 134 -12.70 -21.28 15.30
C ARG A 134 -12.59 -20.06 16.21
N GLU A 135 -11.85 -20.21 17.31
CA GLU A 135 -11.66 -19.12 18.26
C GLU A 135 -10.18 -18.90 18.54
N ASP A 136 -9.46 -19.99 18.78
CA ASP A 136 -8.03 -19.91 19.05
C ASP A 136 -7.30 -19.17 17.93
N VAL A 137 -7.83 -19.27 16.72
CA VAL A 137 -7.23 -18.61 15.57
C VAL A 137 -7.40 -17.10 15.65
N GLN A 138 -8.65 -16.64 15.74
CA GLN A 138 -8.94 -15.22 15.84
C GLN A 138 -8.08 -14.56 16.92
N MET A 139 -7.99 -15.23 18.07
CA MET A 139 -7.19 -14.72 19.17
C MET A 139 -5.79 -14.37 18.71
N LYS A 140 -5.22 -15.23 17.86
CA LYS A 140 -3.88 -15.00 17.32
C LYS A 140 -3.82 -13.65 16.62
N LEU A 141 -4.68 -13.46 15.62
CA LEU A 141 -4.74 -12.22 14.88
C LEU A 141 -4.75 -11.02 15.82
N GLU A 142 -5.49 -11.14 16.91
CA GLU A 142 -5.59 -10.06 17.90
C GLU A 142 -4.23 -9.78 18.52
N GLU A 143 -3.62 -10.80 19.10
CA GLU A 143 -2.31 -10.66 19.74
C GLU A 143 -1.26 -10.23 18.71
N CYS A 144 -1.12 -11.01 17.65
CA CYS A 144 -0.16 -10.71 16.60
C CYS A 144 -0.31 -9.27 16.11
N SER A 145 -1.56 -8.85 15.91
CA SER A 145 -1.85 -7.50 15.45
C SER A 145 -1.54 -6.47 16.54
N GLN A 146 -1.54 -6.93 17.79
CA GLN A 146 -1.25 -6.05 18.91
C GLN A 146 0.05 -5.27 18.68
N ARG A 147 0.93 -5.83 17.86
CA ARG A 147 2.20 -5.19 17.56
C ARG A 147 2.07 -4.23 16.37
N ALA A 148 1.09 -4.51 15.51
CA ALA A 148 0.86 -3.67 14.34
C ALA A 148 -0.39 -2.81 14.52
N ASN A 149 -1.55 -3.47 14.53
CA ASN A 149 -2.82 -2.78 14.72
C ASN A 149 -3.73 -3.61 15.61
N ASN A 150 -3.78 -3.23 16.89
CA ASN A 150 -4.61 -3.96 17.87
C ASN A 150 -6.01 -4.23 17.34
N GLY A 151 -6.18 -5.37 16.68
CA GLY A 151 -7.47 -5.74 16.13
C GLY A 151 -8.21 -4.57 15.50
N ARG A 152 -7.53 -3.85 14.61
CA ARG A 152 -8.14 -2.69 13.96
C ARG A 152 -8.28 -2.91 12.46
N PHE A 153 -7.30 -3.57 11.85
CA PHE A 153 -7.32 -3.81 10.42
C PHE A 153 -6.59 -5.11 10.05
N THR A 154 -6.55 -6.06 10.98
CA THR A 154 -5.87 -7.33 10.76
C THR A 154 -6.02 -7.82 9.33
N LEU A 155 -5.01 -8.59 8.88
CA LEU A 155 -4.94 -9.18 7.52
C LEU A 155 -6.12 -8.84 6.63
N ARG A 156 -7.30 -9.34 6.99
CA ARG A 156 -8.52 -9.11 6.21
C ARG A 156 -8.60 -7.67 5.70
N ASP A 157 -8.05 -6.74 6.48
CA ASP A 157 -8.05 -5.34 6.09
C ASP A 157 -6.71 -4.95 5.47
N LEU A 158 -5.63 -5.53 5.98
CA LEU A 158 -4.29 -5.25 5.47
C LEU A 158 -4.18 -5.57 3.99
N LEU A 159 -4.15 -6.85 3.64
CA LEU A 159 -4.02 -7.28 2.25
C LEU A 159 -4.98 -6.52 1.34
N MET A 160 -6.09 -6.06 1.90
CA MET A 160 -7.10 -5.34 1.12
C MET A 160 -6.72 -3.85 0.96
N VAL A 161 -5.77 -3.39 1.75
CA VAL A 161 -5.34 -1.99 1.71
C VAL A 161 -4.51 -1.67 0.46
N PRO A 162 -3.47 -2.48 0.16
CA PRO A 162 -2.59 -2.20 -0.99
C PRO A 162 -3.31 -2.32 -2.32
N MET A 163 -4.48 -2.95 -2.32
CA MET A 163 -5.26 -3.09 -3.54
C MET A 163 -5.56 -1.72 -4.15
N GLN A 164 -5.50 -0.68 -3.32
CA GLN A 164 -5.78 0.68 -3.78
C GLN A 164 -4.48 1.48 -3.95
N ARG A 165 -3.41 1.02 -3.30
CA ARG A 165 -2.12 1.73 -3.38
C ARG A 165 -1.62 1.78 -4.83
N VAL A 166 -1.86 0.71 -5.58
CA VAL A 166 -1.42 0.65 -6.96
C VAL A 166 -1.94 1.83 -7.77
N LEU A 167 -2.97 2.49 -7.27
CA LEU A 167 -3.54 3.64 -7.95
C LEU A 167 -3.03 4.93 -7.32
N LYS A 168 -3.22 5.06 -6.01
CA LYS A 168 -2.84 6.25 -5.26
C LYS A 168 -1.50 6.82 -5.73
N TYR A 169 -0.44 6.04 -5.64
CA TYR A 169 0.90 6.51 -6.00
C TYR A 169 0.89 7.34 -7.28
N HIS A 170 0.02 6.97 -8.23
CA HIS A 170 -0.10 7.73 -9.47
C HIS A 170 -1.32 8.65 -9.40
N LEU A 171 -2.35 8.20 -8.70
CA LEU A 171 -3.57 8.98 -8.52
C LEU A 171 -3.24 10.34 -7.90
N LEU A 172 -2.21 10.34 -7.07
CA LEU A 172 -1.75 11.57 -6.42
C LEU A 172 -0.67 12.24 -7.27
N LEU A 173 0.09 11.41 -7.98
CA LEU A 173 1.15 11.91 -8.86
C LEU A 173 0.60 12.99 -9.79
N GLN A 174 -0.65 12.82 -10.19
CA GLN A 174 -1.31 13.78 -11.08
C GLN A 174 -1.24 15.18 -10.48
N GLU A 175 -1.64 15.30 -9.22
CA GLU A 175 -1.62 16.60 -8.55
C GLU A 175 -0.24 17.25 -8.66
N LEU A 176 0.80 16.45 -8.57
CA LEU A 176 2.17 16.96 -8.68
C LEU A 176 2.42 17.50 -10.08
N VAL A 177 1.87 16.82 -11.08
CA VAL A 177 2.02 17.25 -12.47
C VAL A 177 1.24 18.53 -12.74
N LYS A 178 -0.03 18.53 -12.35
CA LYS A 178 -0.87 19.71 -12.54
C LYS A 178 -0.31 20.91 -11.79
N HIS A 179 0.31 20.64 -10.64
CA HIS A 179 0.90 21.70 -9.83
C HIS A 179 2.21 22.18 -10.46
N THR A 180 2.96 21.25 -11.04
CA THR A 180 4.22 21.57 -11.68
C THR A 180 4.00 22.30 -12.99
N GLN A 181 4.43 23.55 -13.06
CA GLN A 181 4.27 24.36 -14.26
C GLN A 181 5.59 24.47 -15.01
N ASP A 182 5.97 23.40 -15.69
CA ASP A 182 7.21 23.38 -16.47
C ASP A 182 6.98 22.74 -17.83
N ALA A 183 8.05 22.66 -18.63
CA ALA A 183 7.97 22.08 -19.95
C ALA A 183 8.36 20.60 -19.93
N THR A 184 9.59 20.33 -19.53
CA THR A 184 10.09 18.96 -19.45
C THR A 184 9.50 18.22 -18.26
N GLU A 185 9.61 18.83 -17.08
CA GLU A 185 9.10 18.23 -15.86
C GLU A 185 7.66 17.75 -16.05
N LYS A 186 6.82 18.64 -16.57
CA LYS A 186 5.40 18.31 -16.79
C LYS A 186 5.27 17.06 -17.66
N GLU A 187 6.04 17.01 -18.74
CA GLU A 187 5.99 15.87 -19.65
C GLU A 187 6.40 14.58 -18.96
N ASN A 188 7.60 14.57 -18.40
CA ASN A 188 8.11 13.39 -17.70
C ASN A 188 7.10 12.87 -16.69
N LEU A 189 6.79 13.70 -15.69
CA LEU A 189 5.83 13.32 -14.66
C LEU A 189 4.56 12.74 -15.27
N ARG A 190 3.99 13.45 -16.23
CA ARG A 190 2.77 13.02 -16.90
C ARG A 190 2.97 11.66 -17.54
N LEU A 191 4.17 11.39 -18.02
CA LEU A 191 4.47 10.11 -18.67
C LEU A 191 4.45 8.97 -17.66
N ALA A 192 5.05 9.19 -16.49
CA ALA A 192 5.10 8.18 -15.45
C ALA A 192 3.72 7.59 -15.20
N LEU A 193 2.71 8.46 -15.14
CA LEU A 193 1.34 8.03 -14.91
C LEU A 193 0.81 7.21 -16.08
N ASP A 194 1.08 7.68 -17.29
CA ASP A 194 0.62 7.00 -18.50
C ASP A 194 0.92 5.50 -18.44
N ALA A 195 2.12 5.16 -17.99
CA ALA A 195 2.52 3.76 -17.90
C ALA A 195 1.89 3.08 -16.69
N MET A 196 1.90 3.78 -15.56
CA MET A 196 1.33 3.24 -14.33
C MET A 196 -0.19 3.08 -14.46
N ARG A 197 -0.86 4.16 -14.81
CA ARG A 197 -2.32 4.14 -14.97
C ARG A 197 -2.75 2.95 -15.81
N ASP A 198 -1.85 2.49 -16.68
CA ASP A 198 -2.12 1.34 -17.53
C ASP A 198 -2.47 0.12 -16.68
N LEU A 199 -1.87 0.03 -15.50
CA LEU A 199 -2.12 -1.08 -14.60
C LEU A 199 -3.51 -0.99 -13.98
N ALA A 200 -3.95 0.23 -13.68
CA ALA A 200 -5.27 0.44 -13.10
C ALA A 200 -6.34 -0.33 -13.86
N GLN A 201 -6.08 -0.60 -15.13
CA GLN A 201 -7.03 -1.31 -15.98
C GLN A 201 -6.69 -2.79 -16.08
N CYS A 202 -5.47 -3.17 -15.67
CA CYS A 202 -5.07 -4.57 -15.71
C CYS A 202 -5.18 -5.17 -14.32
N VAL A 203 -5.03 -4.33 -13.32
CA VAL A 203 -5.09 -4.74 -11.93
C VAL A 203 -6.54 -4.81 -11.45
N ASN A 204 -7.34 -3.83 -11.87
CA ASN A 204 -8.74 -3.78 -11.49
C ASN A 204 -9.63 -4.34 -12.60
N GLU A 205 -9.11 -5.33 -13.32
CA GLU A 205 -9.84 -5.95 -14.42
C GLU A 205 -9.64 -7.46 -14.40
N VAL A 206 -9.60 -8.02 -13.20
CA VAL A 206 -9.40 -9.46 -13.04
C VAL A 206 -10.68 -10.14 -12.61
N LYS A 207 -11.40 -10.68 -13.58
CA LYS A 207 -12.65 -11.38 -13.32
C LYS A 207 -13.57 -10.56 -12.43
N ARG A 208 -13.72 -9.28 -12.76
CA ARG A 208 -14.57 -8.38 -11.98
C ARG A 208 -14.20 -8.42 -10.51
N MET A 1 -13.90 1.52 -3.53
CA MET A 1 -13.14 2.45 -2.66
C MET A 1 -13.38 2.14 -1.18
N LYS A 2 -12.85 1.01 -0.73
CA LYS A 2 -13.00 0.60 0.66
C LYS A 2 -11.66 0.62 1.39
N GLY A 3 -10.58 0.49 0.62
CA GLY A 3 -9.25 0.50 1.21
C GLY A 3 -8.83 1.87 1.70
N ASP A 4 -9.39 2.91 1.10
CA ASP A 4 -9.08 4.28 1.48
C ASP A 4 -9.45 4.53 2.94
N GLU A 5 -10.72 4.27 3.28
CA GLU A 5 -11.21 4.47 4.63
C GLU A 5 -10.32 3.76 5.65
N ILE A 6 -9.59 2.74 5.19
CA ILE A 6 -8.71 1.98 6.06
C ILE A 6 -7.47 2.79 6.42
N TYR A 7 -6.72 3.23 5.40
CA TYR A 7 -5.50 4.00 5.63
C TYR A 7 -5.70 5.05 6.71
N GLU A 8 -6.77 5.83 6.59
CA GLU A 8 -7.07 6.88 7.55
C GLU A 8 -7.25 6.31 8.96
N ASP A 9 -8.33 5.56 9.17
CA ASP A 9 -8.61 4.97 10.46
C ASP A 9 -7.45 4.10 10.94
N LEU A 10 -6.65 3.62 10.00
CA LEU A 10 -5.51 2.77 10.33
C LEU A 10 -4.61 3.45 11.35
N MET A 11 -4.28 4.72 11.10
CA MET A 11 -3.41 5.47 11.99
C MET A 11 -3.15 6.86 11.44
N ARG A 12 -2.08 7.50 11.89
CA ARG A 12 -1.73 8.84 11.43
C ARG A 12 -1.27 8.80 9.98
N LEU A 13 -2.18 8.40 9.09
CA LEU A 13 -1.88 8.33 7.66
C LEU A 13 -2.39 9.57 6.96
N GLU A 14 -3.46 10.14 7.49
CA GLU A 14 -4.05 11.34 6.93
C GLU A 14 -3.52 12.59 7.65
N SER A 15 -2.20 12.64 7.82
CA SER A 15 -1.57 13.78 8.49
C SER A 15 -0.50 14.41 7.60
N VAL A 16 -0.49 15.74 7.57
CA VAL A 16 0.48 16.47 6.76
C VAL A 16 1.38 17.34 7.64
N PRO A 17 2.68 16.99 7.74
CA PRO A 17 3.64 17.74 8.56
C PRO A 17 3.69 19.21 8.18
N THR A 18 3.03 20.05 8.98
CA THR A 18 2.99 21.48 8.74
C THR A 18 3.21 22.24 10.05
N PRO A 19 4.04 23.29 10.03
CA PRO A 19 4.32 24.09 11.23
C PRO A 19 3.04 24.63 11.86
N PRO A 20 3.17 25.49 12.89
CA PRO A 20 2.02 26.08 13.58
C PRO A 20 1.00 26.65 12.60
N LYS A 21 -0.28 26.35 12.83
CA LYS A 21 -1.34 26.83 11.95
C LYS A 21 -1.30 26.12 10.61
N MET A 22 -2.12 25.08 10.46
CA MET A 22 -2.16 24.30 9.23
C MET A 22 -3.31 24.77 8.33
N THR A 23 -3.35 24.23 7.12
CA THR A 23 -4.38 24.59 6.15
C THR A 23 -4.84 23.36 5.37
N GLU A 24 -6.15 23.17 5.29
CA GLU A 24 -6.71 22.03 4.56
C GLU A 24 -6.29 22.05 3.10
N TYR A 25 -5.96 23.24 2.60
CA TYR A 25 -5.56 23.39 1.20
C TYR A 25 -4.10 22.99 1.00
N ASP A 26 -3.33 22.99 2.08
CA ASP A 26 -1.91 22.63 2.00
C ASP A 26 -1.73 21.21 1.49
N LYS A 27 -2.74 20.37 1.69
CA LYS A 27 -2.67 18.98 1.26
C LYS A 27 -2.26 18.88 -0.21
N ARG A 28 -2.58 19.90 -0.98
CA ARG A 28 -2.23 19.92 -2.41
C ARG A 28 -0.74 20.14 -2.59
N CYS A 29 -0.20 21.13 -1.89
CA CYS A 29 1.22 21.45 -1.98
C CYS A 29 2.06 20.39 -1.29
N CYS A 30 1.54 19.86 -0.19
CA CYS A 30 2.24 18.83 0.58
C CYS A 30 2.01 17.44 0.00
N CYS A 31 1.15 17.34 -1.03
CA CYS A 31 0.82 16.05 -1.67
C CYS A 31 2.05 15.15 -1.78
N LEU A 32 3.16 15.72 -2.24
CA LEU A 32 4.40 14.95 -2.38
C LEU A 32 4.93 14.52 -1.01
N ARG A 33 5.02 15.47 -0.10
CA ARG A 33 5.50 15.18 1.25
C ARG A 33 4.70 14.04 1.88
N GLU A 34 3.47 13.87 1.41
CA GLU A 34 2.60 12.82 1.92
C GLU A 34 3.00 11.46 1.36
N ILE A 35 3.34 11.44 0.06
CA ILE A 35 3.74 10.21 -0.60
C ILE A 35 4.83 9.49 0.19
N GLN A 36 5.67 10.27 0.86
CA GLN A 36 6.76 9.71 1.66
C GLN A 36 6.27 9.30 3.04
N GLN A 37 5.83 10.28 3.83
CA GLN A 37 5.34 10.03 5.17
C GLN A 37 4.28 8.93 5.18
N THR A 38 3.40 8.98 4.20
CA THR A 38 2.33 7.99 4.08
C THR A 38 2.89 6.58 3.88
N GLU A 39 3.86 6.47 2.97
CA GLU A 39 4.48 5.18 2.67
C GLU A 39 5.21 4.64 3.89
N GLU A 40 6.00 5.50 4.54
CA GLU A 40 6.76 5.11 5.71
C GLU A 40 5.87 4.39 6.73
N LYS A 41 4.93 5.14 7.30
CA LYS A 41 4.02 4.58 8.30
C LYS A 41 3.38 3.29 7.79
N TYR A 42 2.68 3.38 6.66
CA TYR A 42 2.01 2.22 6.08
C TYR A 42 2.97 1.05 5.97
N THR A 43 4.19 1.32 5.50
CA THR A 43 5.20 0.28 5.36
C THR A 43 5.49 -0.37 6.72
N ASP A 44 5.34 0.41 7.78
CA ASP A 44 5.58 -0.10 9.13
C ASP A 44 4.69 -1.29 9.42
N THR A 45 3.46 -1.24 8.93
CA THR A 45 2.50 -2.32 9.13
C THR A 45 2.63 -3.35 8.01
N LEU A 46 3.04 -2.89 6.84
CA LEU A 46 3.21 -3.77 5.69
C LEU A 46 4.18 -4.90 6.01
N GLY A 47 5.31 -4.53 6.63
CA GLY A 47 6.30 -5.52 6.99
C GLY A 47 5.93 -6.28 8.25
N SER A 48 5.08 -5.68 9.08
CA SER A 48 4.64 -6.30 10.32
C SER A 48 4.00 -7.66 10.04
N ILE A 49 3.43 -7.80 8.85
CA ILE A 49 2.78 -9.05 8.45
C ILE A 49 3.81 -10.10 8.07
N GLN A 50 5.01 -9.66 7.69
CA GLN A 50 6.08 -10.56 7.30
C GLN A 50 6.62 -11.35 8.49
N GLN A 51 7.05 -10.62 9.52
CA GLN A 51 7.60 -11.25 10.72
C GLN A 51 6.53 -11.47 11.77
N HIS A 52 6.04 -10.36 12.33
CA HIS A 52 5.00 -10.42 13.36
C HIS A 52 3.67 -10.88 12.78
N PHE A 53 3.64 -12.11 12.27
CA PHE A 53 2.42 -12.66 11.68
C PHE A 53 2.71 -14.02 11.04
N MET A 54 3.37 -13.99 9.90
CA MET A 54 3.71 -15.22 9.18
C MET A 54 4.32 -16.26 10.11
N LYS A 55 5.22 -15.81 10.98
CA LYS A 55 5.86 -16.70 11.94
C LYS A 55 4.85 -17.27 12.93
N PRO A 56 4.19 -16.41 13.72
CA PRO A 56 3.19 -16.83 14.71
C PRO A 56 1.99 -17.52 14.07
N LEU A 57 1.70 -17.15 12.83
CA LEU A 57 0.57 -17.73 12.11
C LEU A 57 0.89 -19.14 11.61
N GLN A 58 2.06 -19.29 11.00
CA GLN A 58 2.49 -20.58 10.46
C GLN A 58 2.35 -21.68 11.50
N ARG A 59 2.48 -21.31 12.78
CA ARG A 59 2.39 -22.29 13.86
C ARG A 59 0.96 -22.38 14.40
N PHE A 60 -0.01 -21.98 13.58
CA PHE A 60 -1.41 -22.03 13.97
C PHE A 60 -2.28 -22.53 12.84
N LEU A 61 -2.29 -21.78 11.74
CA LEU A 61 -3.08 -22.15 10.57
C LEU A 61 -2.31 -23.11 9.68
N LYS A 62 -3.02 -24.09 9.13
CA LYS A 62 -2.41 -25.10 8.26
C LYS A 62 -1.52 -24.44 7.20
N PRO A 63 -0.37 -25.06 6.90
CA PRO A 63 0.56 -24.54 5.90
C PRO A 63 -0.01 -24.58 4.48
N GLN A 64 -0.78 -25.63 4.20
CA GLN A 64 -1.40 -25.77 2.89
C GLN A 64 -2.28 -24.58 2.55
N ASP A 65 -2.94 -24.03 3.57
CA ASP A 65 -3.81 -22.88 3.37
C ASP A 65 -3.10 -21.58 3.77
N MET A 66 -2.07 -21.70 4.61
CA MET A 66 -1.31 -20.54 5.06
C MET A 66 -0.93 -19.63 3.90
N GLU A 67 -0.83 -20.22 2.70
CA GLU A 67 -0.47 -19.46 1.51
C GLU A 67 -1.45 -18.31 1.27
N THR A 68 -2.72 -18.64 1.12
CA THR A 68 -3.75 -17.63 0.87
C THR A 68 -3.68 -16.52 1.92
N ILE A 69 -3.38 -16.89 3.15
CA ILE A 69 -3.28 -15.90 4.23
C ILE A 69 -2.29 -14.81 3.86
N PHE A 70 -1.11 -15.22 3.43
CA PHE A 70 -0.07 -14.28 3.02
C PHE A 70 0.41 -14.58 1.60
N VAL A 71 -0.54 -14.56 0.67
CA VAL A 71 -0.27 -14.87 -0.74
C VAL A 71 1.05 -14.23 -1.21
N ASN A 72 1.09 -12.91 -1.28
CA ASN A 72 2.28 -12.21 -1.76
C ASN A 72 2.83 -11.23 -0.72
N ILE A 73 2.24 -11.21 0.47
CA ILE A 73 2.68 -10.30 1.53
C ILE A 73 4.21 -10.33 1.67
N GLU A 74 4.80 -11.49 1.43
CA GLU A 74 6.26 -11.64 1.55
C GLU A 74 6.98 -10.77 0.52
N GLU A 75 6.76 -11.07 -0.76
CA GLU A 75 7.39 -10.32 -1.84
C GLU A 75 6.77 -8.93 -2.00
N LEU A 76 5.56 -8.76 -1.49
CA LEU A 76 4.84 -7.50 -1.59
C LEU A 76 5.40 -6.48 -0.60
N PHE A 77 5.95 -6.96 0.51
CA PHE A 77 6.54 -6.09 1.51
C PHE A 77 7.69 -5.28 0.93
N SER A 78 8.41 -5.88 0.00
CA SER A 78 9.54 -5.22 -0.64
C SER A 78 9.06 -4.06 -1.50
N VAL A 79 7.99 -4.29 -2.26
CA VAL A 79 7.42 -3.27 -3.12
C VAL A 79 7.15 -1.99 -2.34
N HIS A 80 6.95 -2.14 -1.04
CA HIS A 80 6.69 -0.99 -0.18
C HIS A 80 7.98 -0.42 0.39
N THR A 81 8.78 -1.29 1.02
CA THR A 81 10.05 -0.87 1.61
C THR A 81 11.04 -0.43 0.54
N HIS A 82 11.21 -1.26 -0.48
CA HIS A 82 12.13 -0.95 -1.58
C HIS A 82 11.74 0.34 -2.28
N PHE A 83 10.43 0.63 -2.28
CA PHE A 83 9.93 1.83 -2.93
C PHE A 83 10.47 3.09 -2.25
N LEU A 84 10.30 3.17 -0.93
CA LEU A 84 10.76 4.31 -0.16
C LEU A 84 12.27 4.52 -0.36
N LYS A 85 13.05 3.47 -0.13
CA LYS A 85 14.50 3.53 -0.27
C LYS A 85 14.89 4.21 -1.58
N GLU A 86 14.03 4.08 -2.59
CA GLU A 86 14.28 4.70 -3.89
C GLU A 86 13.85 6.16 -3.90
N LEU A 87 12.70 6.43 -3.29
CA LEU A 87 12.18 7.79 -3.22
C LEU A 87 13.13 8.71 -2.46
N LYS A 88 13.78 8.16 -1.43
CA LYS A 88 14.71 8.93 -0.62
C LYS A 88 15.72 9.65 -1.51
N ASP A 89 16.39 8.90 -2.37
CA ASP A 89 17.37 9.47 -3.28
C ASP A 89 16.67 10.22 -4.42
N ALA A 90 15.40 9.92 -4.64
CA ALA A 90 14.63 10.58 -5.70
C ALA A 90 14.17 11.97 -5.26
N LEU A 91 13.58 12.04 -4.08
CA LEU A 91 13.08 13.27 -3.52
C LEU A 91 14.21 14.23 -3.17
N ALA A 92 15.35 13.67 -2.77
CA ALA A 92 16.51 14.47 -2.41
C ALA A 92 17.41 14.75 -3.62
N GLY A 93 16.86 14.55 -4.82
CA GLY A 93 17.63 14.80 -6.03
C GLY A 93 17.33 16.16 -6.63
N PRO A 94 17.32 16.27 -7.97
CA PRO A 94 17.05 17.54 -8.67
C PRO A 94 15.59 17.97 -8.49
N GLY A 95 15.20 18.25 -7.26
CA GLY A 95 13.84 18.67 -6.99
C GLY A 95 12.94 17.51 -6.62
N ALA A 96 12.29 16.93 -7.61
CA ALA A 96 11.40 15.80 -7.38
C ALA A 96 10.81 15.29 -8.70
N THR A 97 11.62 15.32 -9.75
CA THR A 97 11.18 14.85 -11.07
C THR A 97 11.67 13.43 -11.33
N THR A 98 12.80 13.07 -10.73
CA THR A 98 13.37 11.74 -10.92
C THR A 98 12.43 10.66 -10.36
N LEU A 99 11.54 11.05 -9.46
CA LEU A 99 10.60 10.10 -8.87
C LEU A 99 9.89 9.28 -9.94
N TYR A 100 9.71 9.88 -11.11
CA TYR A 100 9.05 9.20 -12.22
C TYR A 100 9.78 7.92 -12.59
N GLN A 101 11.10 8.04 -12.79
CA GLN A 101 11.92 6.89 -13.15
C GLN A 101 11.66 5.71 -12.23
N VAL A 102 11.33 6.00 -10.97
CA VAL A 102 11.05 4.96 -9.99
C VAL A 102 9.65 4.39 -10.18
N PHE A 103 8.79 5.12 -10.89
CA PHE A 103 7.42 4.67 -11.12
C PHE A 103 7.29 3.93 -12.45
N ILE A 104 8.24 4.18 -13.35
CA ILE A 104 8.21 3.55 -14.68
C ILE A 104 8.73 2.12 -14.63
N LYS A 105 9.78 1.89 -13.84
CA LYS A 105 10.39 0.57 -13.74
C LYS A 105 9.75 -0.28 -12.64
N TYR A 106 8.78 0.29 -11.91
CA TYR A 106 8.12 -0.45 -10.84
C TYR A 106 6.87 -1.17 -11.31
N LYS A 107 6.43 -0.88 -12.53
CA LYS A 107 5.23 -1.51 -13.08
C LYS A 107 5.21 -3.02 -12.79
N GLU A 108 6.38 -3.64 -12.93
CA GLU A 108 6.51 -5.08 -12.68
C GLU A 108 5.78 -5.52 -11.42
N ARG A 109 6.21 -4.98 -10.28
CA ARG A 109 5.60 -5.32 -9.00
C ARG A 109 4.21 -4.70 -8.87
N PHE A 110 4.08 -3.46 -9.32
CA PHE A 110 2.78 -2.77 -9.27
C PHE A 110 1.70 -3.65 -9.90
N LEU A 111 2.12 -4.54 -10.79
CA LEU A 111 1.21 -5.47 -11.44
C LEU A 111 0.88 -6.62 -10.51
N VAL A 112 1.83 -6.96 -9.64
CA VAL A 112 1.60 -8.00 -8.63
C VAL A 112 0.28 -7.75 -7.91
N TYR A 113 -0.08 -6.47 -7.84
CA TYR A 113 -1.33 -6.08 -7.20
C TYR A 113 -2.53 -6.71 -7.92
N GLY A 114 -2.38 -6.92 -9.22
CA GLY A 114 -3.45 -7.54 -10.00
C GLY A 114 -3.77 -8.94 -9.51
N ARG A 115 -2.81 -9.85 -9.68
CA ARG A 115 -2.99 -11.22 -9.24
C ARG A 115 -3.35 -11.28 -7.76
N TYR A 116 -2.94 -10.25 -7.03
CA TYR A 116 -3.22 -10.17 -5.59
C TYR A 116 -4.70 -10.43 -5.31
N CYS A 117 -5.57 -9.66 -5.96
CA CYS A 117 -7.01 -9.80 -5.80
C CYS A 117 -7.47 -11.24 -6.09
N SER A 118 -6.64 -11.99 -6.79
CA SER A 118 -6.97 -13.36 -7.16
C SER A 118 -6.92 -14.31 -5.97
N GLN A 119 -5.84 -14.22 -5.19
CA GLN A 119 -5.69 -15.03 -3.99
C GLN A 119 -6.29 -14.30 -2.81
N VAL A 120 -6.12 -12.99 -2.83
CA VAL A 120 -6.69 -12.11 -1.81
C VAL A 120 -8.17 -12.43 -1.62
N GLU A 121 -8.95 -12.31 -2.69
CA GLU A 121 -10.39 -12.59 -2.65
C GLU A 121 -10.67 -13.88 -1.89
N SER A 122 -9.69 -14.78 -1.91
CA SER A 122 -9.80 -16.05 -1.21
C SER A 122 -9.19 -15.95 0.18
N ALA A 123 -8.15 -15.13 0.30
CA ALA A 123 -7.48 -14.92 1.58
C ALA A 123 -8.42 -14.27 2.59
N SER A 124 -8.71 -12.99 2.39
CA SER A 124 -9.61 -12.26 3.26
C SER A 124 -10.92 -13.03 3.43
N LYS A 125 -11.23 -13.85 2.44
CA LYS A 125 -12.45 -14.67 2.49
C LYS A 125 -12.25 -15.86 3.41
N HIS A 126 -11.15 -16.58 3.22
CA HIS A 126 -10.84 -17.75 4.04
C HIS A 126 -10.75 -17.35 5.52
N LEU A 127 -10.04 -16.26 5.79
CA LEU A 127 -9.88 -15.78 7.15
C LEU A 127 -11.24 -15.62 7.83
N ASP A 128 -12.16 -14.97 7.14
CA ASP A 128 -13.50 -14.77 7.66
C ASP A 128 -14.12 -16.09 8.11
N GLN A 129 -13.70 -17.18 7.48
CA GLN A 129 -14.21 -18.50 7.81
C GLN A 129 -13.30 -19.19 8.82
N VAL A 130 -12.01 -18.88 8.76
CA VAL A 130 -11.04 -19.48 9.67
C VAL A 130 -11.24 -18.97 11.09
N ALA A 131 -11.19 -17.66 11.26
CA ALA A 131 -11.36 -17.04 12.57
C ALA A 131 -12.72 -17.41 13.17
N THR A 132 -13.68 -17.69 12.30
CA THR A 132 -15.02 -18.06 12.76
C THR A 132 -15.14 -19.57 12.89
N ALA A 133 -14.33 -20.31 12.14
CA ALA A 133 -14.36 -21.76 12.19
C ALA A 133 -13.72 -22.28 13.47
N ARG A 134 -12.59 -21.68 13.85
CA ARG A 134 -11.89 -22.08 15.06
C ARG A 134 -12.00 -21.00 16.14
N GLU A 135 -11.64 -21.36 17.36
CA GLU A 135 -11.70 -20.42 18.48
C GLU A 135 -10.30 -19.96 18.88
N ASP A 136 -9.31 -20.81 18.61
CA ASP A 136 -7.93 -20.49 18.95
C ASP A 136 -7.33 -19.50 17.95
N VAL A 137 -7.64 -19.71 16.67
CA VAL A 137 -7.14 -18.83 15.62
C VAL A 137 -7.63 -17.40 15.81
N GLN A 138 -8.90 -17.27 16.20
CA GLN A 138 -9.50 -15.96 16.42
C GLN A 138 -8.85 -15.25 17.60
N MET A 139 -8.62 -16.00 18.68
CA MET A 139 -8.01 -15.44 19.88
C MET A 139 -6.59 -14.95 19.60
N LYS A 140 -5.91 -15.61 18.68
CA LYS A 140 -4.55 -15.25 18.32
C LYS A 140 -4.53 -14.00 17.44
N LEU A 141 -5.39 -14.00 16.42
CA LEU A 141 -5.48 -12.87 15.49
C LEU A 141 -5.74 -11.57 16.23
N GLU A 142 -6.41 -11.67 17.38
CA GLU A 142 -6.73 -10.50 18.18
C GLU A 142 -5.47 -9.87 18.77
N GLU A 143 -4.60 -10.71 19.34
CA GLU A 143 -3.36 -10.24 19.95
C GLU A 143 -2.28 -10.07 18.90
N CYS A 144 -2.06 -11.11 18.10
CA CYS A 144 -1.03 -11.06 17.06
C CYS A 144 -1.18 -9.81 16.20
N SER A 145 -2.40 -9.30 16.09
CA SER A 145 -2.66 -8.11 15.29
C SER A 145 -2.53 -6.84 16.14
N GLN A 146 -2.71 -7.00 17.45
CA GLN A 146 -2.63 -5.86 18.36
C GLN A 146 -1.36 -5.05 18.12
N ARG A 147 -0.33 -5.71 17.58
CA ARG A 147 0.94 -5.06 17.31
C ARG A 147 0.85 -4.14 16.10
N ALA A 148 -0.14 -4.37 15.25
CA ALA A 148 -0.34 -3.56 14.06
C ALA A 148 -1.69 -2.85 14.09
N ASN A 149 -2.73 -3.60 14.38
CA ASN A 149 -4.08 -3.06 14.46
C ASN A 149 -4.95 -3.94 15.34
N ASN A 150 -5.20 -3.49 16.58
CA ASN A 150 -6.01 -4.25 17.51
C ASN A 150 -7.40 -4.52 16.94
N GLY A 151 -7.51 -5.58 16.15
CA GLY A 151 -8.78 -5.92 15.55
C GLY A 151 -9.48 -4.73 14.92
N ARG A 152 -8.95 -4.25 13.81
CA ARG A 152 -9.53 -3.10 13.12
C ARG A 152 -9.51 -3.30 11.61
N PHE A 153 -8.36 -3.68 11.08
CA PHE A 153 -8.22 -3.91 9.64
C PHE A 153 -7.33 -5.12 9.34
N THR A 154 -7.07 -5.94 10.35
CA THR A 154 -6.22 -7.11 10.20
C THR A 154 -6.45 -7.83 8.87
N LEU A 155 -5.36 -8.42 8.35
CA LEU A 155 -5.36 -9.20 7.11
C LEU A 155 -6.58 -8.98 6.23
N ARG A 156 -7.69 -9.62 6.58
CA ARG A 156 -8.95 -9.53 5.82
C ARG A 156 -9.17 -8.13 5.25
N ASP A 157 -8.86 -7.11 6.05
CA ASP A 157 -9.01 -5.73 5.62
C ASP A 157 -7.67 -5.17 5.16
N LEU A 158 -6.59 -5.77 5.63
CA LEU A 158 -5.24 -5.31 5.27
C LEU A 158 -4.93 -5.56 3.80
N LEU A 159 -4.76 -6.83 3.42
CA LEU A 159 -4.42 -7.17 2.04
C LEU A 159 -5.34 -6.46 1.05
N MET A 160 -6.55 -6.14 1.49
CA MET A 160 -7.52 -5.47 0.64
C MET A 160 -7.10 -4.01 0.36
N VAL A 161 -6.15 -3.52 1.16
CA VAL A 161 -5.69 -2.14 1.02
C VAL A 161 -4.78 -1.94 -0.21
N PRO A 162 -3.66 -2.69 -0.31
CA PRO A 162 -2.72 -2.55 -1.42
C PRO A 162 -3.41 -2.48 -2.78
N MET A 163 -4.59 -3.09 -2.88
CA MET A 163 -5.35 -3.09 -4.13
C MET A 163 -5.65 -1.66 -4.57
N GLN A 164 -5.57 -0.71 -3.63
CA GLN A 164 -5.84 0.69 -3.94
C GLN A 164 -4.55 1.46 -4.20
N ARG A 165 -3.43 0.92 -3.68
CA ARG A 165 -2.13 1.57 -3.85
C ARG A 165 -1.87 1.90 -5.32
N VAL A 166 -1.61 0.86 -6.10
CA VAL A 166 -1.32 1.01 -7.53
C VAL A 166 -2.26 2.04 -8.18
N LEU A 167 -3.48 2.12 -7.67
CA LEU A 167 -4.46 3.05 -8.21
C LEU A 167 -4.28 4.43 -7.60
N LYS A 168 -4.00 4.48 -6.30
CA LYS A 168 -3.79 5.77 -5.62
C LYS A 168 -2.58 6.48 -6.20
N TYR A 169 -1.62 5.70 -6.70
CA TYR A 169 -0.43 6.27 -7.30
C TYR A 169 -0.81 7.22 -8.43
N HIS A 170 -1.27 6.67 -9.54
CA HIS A 170 -1.70 7.48 -10.68
C HIS A 170 -2.65 8.58 -10.22
N LEU A 171 -3.48 8.25 -9.23
CA LEU A 171 -4.43 9.20 -8.68
C LEU A 171 -3.70 10.36 -7.99
N LEU A 172 -3.06 10.07 -6.86
CA LEU A 172 -2.30 11.07 -6.14
C LEU A 172 -1.30 11.75 -7.07
N LEU A 173 -0.57 10.92 -7.81
CA LEU A 173 0.41 11.42 -8.76
C LEU A 173 -0.24 12.41 -9.72
N GLN A 174 -1.53 12.21 -10.00
CA GLN A 174 -2.27 13.09 -10.89
C GLN A 174 -2.29 14.51 -10.34
N GLU A 175 -2.52 14.63 -9.03
CA GLU A 175 -2.58 15.93 -8.39
C GLU A 175 -1.25 16.66 -8.53
N LEU A 176 -0.16 15.91 -8.56
CA LEU A 176 1.18 16.47 -8.71
C LEU A 176 1.32 17.17 -10.06
N VAL A 177 0.76 16.56 -11.10
CA VAL A 177 0.83 17.12 -12.44
C VAL A 177 0.04 18.43 -12.53
N LYS A 178 -1.20 18.38 -12.08
CA LYS A 178 -2.05 19.57 -12.09
C LYS A 178 -1.41 20.70 -11.32
N HIS A 179 -0.55 20.36 -10.37
CA HIS A 179 0.14 21.35 -9.56
C HIS A 179 1.44 21.81 -10.22
N THR A 180 2.03 20.91 -11.01
CA THR A 180 3.28 21.20 -11.69
C THR A 180 3.04 22.01 -12.97
N GLN A 181 3.77 23.10 -13.13
CA GLN A 181 3.65 23.95 -14.32
C GLN A 181 5.02 24.36 -14.84
N ASP A 182 6.00 23.50 -14.66
CA ASP A 182 7.36 23.77 -15.13
C ASP A 182 7.50 23.46 -16.62
N ALA A 183 8.74 23.32 -17.07
CA ALA A 183 9.00 23.01 -18.48
C ALA A 183 9.08 21.51 -18.71
N THR A 184 10.17 20.89 -18.25
CA THR A 184 10.35 19.46 -18.41
C THR A 184 9.78 18.70 -17.22
N GLU A 185 9.76 19.34 -16.07
CA GLU A 185 9.23 18.72 -14.85
C GLU A 185 7.77 18.34 -15.02
N LYS A 186 7.03 19.16 -15.76
CA LYS A 186 5.62 18.92 -16.00
C LYS A 186 5.42 17.90 -17.13
N GLU A 187 6.37 17.86 -18.06
CA GLU A 187 6.30 16.94 -19.19
C GLU A 187 6.63 15.51 -18.75
N ASN A 188 7.90 15.26 -18.46
CA ASN A 188 8.35 13.95 -18.04
C ASN A 188 7.46 13.39 -16.92
N LEU A 189 6.85 14.30 -16.17
CA LEU A 189 5.96 13.92 -15.08
C LEU A 189 4.79 13.09 -15.59
N ARG A 190 4.07 13.66 -16.56
CA ARG A 190 2.92 12.98 -17.16
C ARG A 190 3.26 11.53 -17.52
N LEU A 191 4.50 11.31 -17.93
CA LEU A 191 4.95 9.97 -18.29
C LEU A 191 4.90 9.04 -17.09
N ALA A 192 5.31 9.54 -15.94
CA ALA A 192 5.29 8.76 -14.72
C ALA A 192 3.91 8.15 -14.50
N LEU A 193 2.89 8.85 -14.96
CA LEU A 193 1.52 8.37 -14.83
C LEU A 193 1.22 7.33 -15.91
N ASP A 194 1.57 7.65 -17.14
CA ASP A 194 1.35 6.75 -18.27
C ASP A 194 1.80 5.33 -17.94
N ALA A 195 2.76 5.21 -17.03
CA ALA A 195 3.26 3.90 -16.60
C ALA A 195 2.41 3.36 -15.46
N MET A 196 1.91 4.27 -14.62
CA MET A 196 1.09 3.90 -13.49
C MET A 196 -0.35 3.60 -13.90
N ARG A 197 -1.00 4.58 -14.53
CA ARG A 197 -2.38 4.41 -14.96
C ARG A 197 -2.55 3.15 -15.81
N ASP A 198 -1.58 2.92 -16.70
CA ASP A 198 -1.62 1.76 -17.59
C ASP A 198 -2.04 0.49 -16.84
N LEU A 199 -1.71 0.43 -15.56
CA LEU A 199 -2.05 -0.74 -14.75
C LEU A 199 -3.53 -0.74 -14.38
N ALA A 200 -4.02 0.39 -13.91
CA ALA A 200 -5.41 0.52 -13.46
C ALA A 200 -6.40 -0.22 -14.38
N GLN A 201 -6.04 -0.41 -15.64
CA GLN A 201 -6.92 -1.08 -16.59
C GLN A 201 -6.59 -2.57 -16.75
N CYS A 202 -5.36 -2.94 -16.41
CA CYS A 202 -4.95 -4.35 -16.50
C CYS A 202 -4.93 -4.95 -15.12
N VAL A 203 -4.25 -4.24 -14.25
CA VAL A 203 -4.17 -4.56 -12.86
C VAL A 203 -5.59 -4.57 -12.25
N ASN A 204 -6.39 -3.57 -12.59
CA ASN A 204 -7.76 -3.51 -12.08
C ASN A 204 -8.73 -4.16 -13.08
N GLU A 205 -8.31 -5.28 -13.65
CA GLU A 205 -9.12 -6.01 -14.61
C GLU A 205 -8.68 -7.47 -14.68
N VAL A 206 -8.64 -8.13 -13.53
CA VAL A 206 -8.22 -9.52 -13.45
C VAL A 206 -9.41 -10.45 -13.27
N LYS A 207 -9.89 -11.00 -14.37
CA LYS A 207 -11.01 -11.91 -14.35
C LYS A 207 -10.54 -13.36 -14.46
N ARG A 208 -9.80 -13.66 -15.53
CA ARG A 208 -9.29 -15.00 -15.74
C ARG A 208 -10.42 -16.01 -15.87
N MET A 1 -15.33 0.92 4.75
CA MET A 1 -13.85 0.67 4.67
C MET A 1 -13.50 -0.19 3.46
N LYS A 2 -13.36 0.45 2.31
CA LYS A 2 -13.02 -0.25 1.08
C LYS A 2 -11.52 -0.43 0.96
N GLY A 3 -10.76 0.49 1.55
CA GLY A 3 -9.31 0.41 1.50
C GLY A 3 -8.65 1.74 1.81
N ASP A 4 -8.87 2.73 0.94
CA ASP A 4 -8.28 4.04 1.12
C ASP A 4 -8.51 4.55 2.55
N GLU A 5 -9.72 4.37 3.05
CA GLU A 5 -10.06 4.79 4.40
C GLU A 5 -9.11 4.19 5.42
N ILE A 6 -8.60 3.00 5.11
CA ILE A 6 -7.67 2.30 6.00
C ILE A 6 -6.38 3.09 6.16
N TYR A 7 -5.76 3.46 5.04
CA TYR A 7 -4.51 4.23 5.06
C TYR A 7 -4.63 5.42 6.02
N GLU A 8 -5.83 6.01 6.06
CA GLU A 8 -6.08 7.16 6.92
C GLU A 8 -6.40 6.72 8.34
N ASP A 9 -7.45 5.92 8.47
CA ASP A 9 -7.88 5.43 9.79
C ASP A 9 -6.74 4.72 10.51
N LEU A 10 -5.77 4.23 9.74
CA LEU A 10 -4.63 3.53 10.31
C LEU A 10 -4.00 4.33 11.44
N MET A 11 -3.43 5.49 11.10
CA MET A 11 -2.80 6.36 12.08
C MET A 11 -2.21 7.61 11.42
N ARG A 12 -1.56 7.41 10.28
CA ARG A 12 -0.96 8.53 9.55
C ARG A 12 -1.95 9.13 8.56
N LEU A 13 -1.44 9.97 7.67
CA LEU A 13 -2.27 10.62 6.67
C LEU A 13 -3.23 11.61 7.30
N GLU A 14 -4.17 11.07 8.07
CA GLU A 14 -5.16 11.88 8.75
C GLU A 14 -4.51 13.01 9.53
N SER A 15 -4.02 12.70 10.72
CA SER A 15 -3.36 13.69 11.57
C SER A 15 -1.99 14.06 11.01
N VAL A 16 -1.93 15.20 10.33
CA VAL A 16 -0.67 15.66 9.75
C VAL A 16 0.02 16.68 10.65
N PRO A 17 1.34 16.56 10.86
CA PRO A 17 2.10 17.47 11.71
C PRO A 17 2.37 18.81 11.03
N THR A 18 1.60 19.82 11.40
CA THR A 18 1.75 21.15 10.84
C THR A 18 1.49 22.22 11.89
N PRO A 19 2.43 23.16 12.07
CA PRO A 19 2.28 24.25 13.06
C PRO A 19 0.97 25.02 12.88
N PRO A 20 0.62 25.39 11.64
CA PRO A 20 -0.61 26.12 11.35
C PRO A 20 -1.85 25.27 11.60
N LYS A 21 -3.02 25.87 11.41
CA LYS A 21 -4.29 25.16 11.60
C LYS A 21 -4.42 24.03 10.58
N MET A 22 -5.00 22.91 11.03
CA MET A 22 -5.20 21.76 10.15
C MET A 22 -6.01 22.13 8.92
N THR A 23 -5.33 22.61 7.89
CA THR A 23 -6.00 23.01 6.66
C THR A 23 -5.53 22.15 5.49
N GLU A 24 -6.44 21.90 4.55
CA GLU A 24 -6.13 21.09 3.38
C GLU A 24 -4.90 21.63 2.65
N TYR A 25 -4.63 22.92 2.83
CA TYR A 25 -3.50 23.55 2.18
C TYR A 25 -2.22 22.77 2.41
N ASP A 26 -2.19 22.02 3.51
CA ASP A 26 -1.01 21.22 3.86
C ASP A 26 -1.07 19.82 3.24
N LYS A 27 -2.25 19.43 2.78
CA LYS A 27 -2.44 18.11 2.18
C LYS A 27 -2.25 18.15 0.67
N ARG A 28 -2.43 19.34 0.09
CA ARG A 28 -2.30 19.51 -1.36
C ARG A 28 -0.85 19.84 -1.74
N CYS A 29 -0.12 20.44 -0.81
CA CYS A 29 1.28 20.80 -1.05
C CYS A 29 2.21 19.66 -0.66
N CYS A 30 1.80 18.89 0.34
CA CYS A 30 2.60 17.76 0.82
C CYS A 30 2.36 16.50 -0.02
N CYS A 31 1.44 16.58 -0.99
CA CYS A 31 1.09 15.44 -1.85
C CYS A 31 2.29 14.54 -2.14
N LEU A 32 3.38 15.12 -2.61
CA LEU A 32 4.59 14.35 -2.90
C LEU A 32 5.14 13.72 -1.63
N ARG A 33 5.52 14.56 -0.68
CA ARG A 33 6.07 14.09 0.59
C ARG A 33 5.14 13.05 1.20
N GLU A 34 3.83 13.19 0.94
CA GLU A 34 2.85 12.26 1.44
C GLU A 34 3.08 10.86 0.85
N ILE A 35 3.55 10.82 -0.39
CA ILE A 35 3.83 9.57 -1.06
C ILE A 35 4.88 8.77 -0.29
N GLN A 36 5.93 9.47 0.17
CA GLN A 36 7.01 8.83 0.90
C GLN A 36 6.68 8.75 2.40
N GLN A 37 6.43 9.91 3.00
CA GLN A 37 6.12 9.97 4.43
C GLN A 37 5.06 8.94 4.81
N THR A 38 3.90 9.02 4.17
CA THR A 38 2.80 8.11 4.45
C THR A 38 3.22 6.66 4.19
N GLU A 39 4.05 6.46 3.16
CA GLU A 39 4.52 5.13 2.81
C GLU A 39 5.47 4.60 3.88
N GLU A 40 6.35 5.47 4.39
CA GLU A 40 7.30 5.09 5.41
C GLU A 40 6.62 4.32 6.54
N LYS A 41 5.71 4.99 7.24
CA LYS A 41 4.98 4.37 8.34
C LYS A 41 4.24 3.13 7.84
N TYR A 42 3.58 3.27 6.70
CA TYR A 42 2.83 2.16 6.11
C TYR A 42 3.72 0.93 5.95
N THR A 43 4.94 1.15 5.47
CA THR A 43 5.90 0.06 5.29
C THR A 43 6.15 -0.68 6.60
N ASP A 44 6.10 0.07 7.70
CA ASP A 44 6.32 -0.52 9.02
C ASP A 44 5.29 -1.61 9.28
N THR A 45 4.08 -1.41 8.77
CA THR A 45 3.01 -2.39 8.94
C THR A 45 3.03 -3.41 7.81
N LEU A 46 3.49 -2.97 6.65
CA LEU A 46 3.58 -3.83 5.48
C LEU A 46 4.48 -5.04 5.77
N GLY A 47 5.58 -4.78 6.46
CA GLY A 47 6.51 -5.85 6.80
C GLY A 47 6.16 -6.53 8.11
N SER A 48 5.40 -5.84 8.96
CA SER A 48 4.99 -6.39 10.24
C SER A 48 4.16 -7.65 10.05
N ILE A 49 3.56 -7.79 8.88
CA ILE A 49 2.73 -8.96 8.57
C ILE A 49 3.58 -10.20 8.34
N GLN A 50 4.70 -10.03 7.65
CA GLN A 50 5.58 -11.15 7.33
C GLN A 50 6.27 -11.68 8.59
N GLN A 51 6.58 -10.79 9.52
CA GLN A 51 7.26 -11.18 10.75
C GLN A 51 6.27 -11.29 11.90
N HIS A 52 5.74 -10.15 12.34
CA HIS A 52 4.79 -10.12 13.45
C HIS A 52 3.41 -10.54 12.98
N PHE A 53 3.31 -11.76 12.47
CA PHE A 53 2.05 -12.28 11.98
C PHE A 53 2.24 -13.66 11.36
N MET A 54 2.82 -13.68 10.15
CA MET A 54 3.08 -14.93 9.45
C MET A 54 3.75 -15.95 10.36
N LYS A 55 4.71 -15.48 11.16
CA LYS A 55 5.42 -16.36 12.08
C LYS A 55 4.48 -16.89 13.16
N PRO A 56 3.91 -16.01 13.98
CA PRO A 56 2.99 -16.39 15.06
C PRO A 56 1.73 -17.08 14.54
N LEU A 57 1.27 -16.67 13.36
CA LEU A 57 0.06 -17.24 12.78
C LEU A 57 0.26 -18.71 12.44
N GLN A 58 1.43 -19.04 11.89
CA GLN A 58 1.75 -20.42 11.51
C GLN A 58 1.42 -21.39 12.64
N ARG A 59 1.44 -20.90 13.87
CA ARG A 59 1.17 -21.74 15.03
C ARG A 59 -0.23 -22.33 14.97
N PHE A 60 -1.09 -21.78 14.12
CA PHE A 60 -2.46 -22.27 13.99
C PHE A 60 -2.78 -22.59 12.53
N LEU A 61 -2.78 -21.56 11.69
CA LEU A 61 -3.08 -21.72 10.27
C LEU A 61 -1.99 -22.54 9.58
N LYS A 62 -2.36 -23.70 9.06
CA LYS A 62 -1.43 -24.57 8.38
C LYS A 62 -0.76 -23.84 7.21
N PRO A 63 0.59 -23.89 7.11
CA PRO A 63 1.32 -23.22 6.04
C PRO A 63 0.79 -23.60 4.66
N GLN A 64 0.34 -24.84 4.53
CA GLN A 64 -0.19 -25.34 3.26
C GLN A 64 -1.40 -24.51 2.82
N ASP A 65 -2.21 -24.11 3.79
CA ASP A 65 -3.41 -23.32 3.50
C ASP A 65 -3.12 -21.83 3.63
N MET A 66 -2.12 -21.49 4.44
CA MET A 66 -1.75 -20.10 4.65
C MET A 66 -1.34 -19.44 3.34
N GLU A 67 -0.90 -20.25 2.38
CA GLU A 67 -0.47 -19.74 1.09
C GLU A 67 -1.53 -18.84 0.47
N THR A 68 -2.79 -19.09 0.81
CA THR A 68 -3.89 -18.30 0.28
C THR A 68 -4.28 -17.19 1.26
N ILE A 69 -3.97 -17.39 2.52
CA ILE A 69 -4.30 -16.41 3.56
C ILE A 69 -3.43 -15.16 3.44
N PHE A 70 -2.12 -15.38 3.37
CA PHE A 70 -1.17 -14.27 3.26
C PHE A 70 -0.84 -13.98 1.80
N VAL A 71 -0.58 -15.04 1.04
CA VAL A 71 -0.25 -14.92 -0.38
C VAL A 71 1.25 -14.61 -0.58
N ASN A 72 1.60 -13.47 -1.19
CA ASN A 72 3.00 -13.14 -1.43
C ASN A 72 3.41 -11.90 -0.63
N ILE A 73 2.93 -11.80 0.61
CA ILE A 73 3.26 -10.66 1.45
C ILE A 73 4.78 -10.45 1.53
N GLU A 74 5.50 -11.53 1.79
CA GLU A 74 6.95 -11.45 1.90
C GLU A 74 7.57 -10.76 0.69
N GLU A 75 7.17 -11.21 -0.50
CA GLU A 75 7.68 -10.62 -1.74
C GLU A 75 7.08 -9.25 -2.00
N LEU A 76 5.84 -9.07 -1.57
CA LEU A 76 5.14 -7.81 -1.75
C LEU A 76 5.74 -6.71 -0.88
N PHE A 77 6.14 -7.09 0.33
CA PHE A 77 6.75 -6.15 1.26
C PHE A 77 7.93 -5.44 0.60
N SER A 78 8.54 -6.12 -0.38
CA SER A 78 9.68 -5.56 -1.10
C SER A 78 9.23 -4.39 -1.99
N VAL A 79 8.15 -4.59 -2.73
CA VAL A 79 7.62 -3.55 -3.60
C VAL A 79 7.47 -2.23 -2.86
N HIS A 80 7.26 -2.33 -1.55
CA HIS A 80 7.11 -1.14 -0.72
C HIS A 80 8.44 -0.74 -0.10
N THR A 81 9.16 -1.71 0.45
CA THR A 81 10.46 -1.45 1.07
C THR A 81 11.42 -0.84 0.06
N HIS A 82 11.53 -1.47 -1.11
CA HIS A 82 12.42 -0.98 -2.16
C HIS A 82 11.92 0.35 -2.72
N PHE A 83 10.62 0.59 -2.59
CA PHE A 83 10.02 1.82 -3.09
C PHE A 83 10.70 3.04 -2.48
N LEU A 84 10.54 3.20 -1.16
CA LEU A 84 11.15 4.32 -0.46
C LEU A 84 12.65 4.37 -0.68
N LYS A 85 13.27 3.19 -0.76
CA LYS A 85 14.70 3.09 -0.97
C LYS A 85 15.10 3.78 -2.27
N GLU A 86 14.18 3.85 -3.22
CA GLU A 86 14.43 4.48 -4.50
C GLU A 86 14.04 5.96 -4.46
N LEU A 87 12.83 6.24 -3.98
CA LEU A 87 12.34 7.60 -3.88
C LEU A 87 13.18 8.42 -2.92
N LYS A 88 13.78 7.74 -1.94
CA LYS A 88 14.62 8.42 -0.96
C LYS A 88 15.65 9.30 -1.65
N ASP A 89 16.42 8.71 -2.55
CA ASP A 89 17.44 9.45 -3.29
C ASP A 89 16.84 10.18 -4.48
N ALA A 90 15.65 9.77 -4.90
CA ALA A 90 14.98 10.40 -6.04
C ALA A 90 14.35 11.73 -5.64
N LEU A 91 13.77 11.76 -4.44
CA LEU A 91 13.12 12.95 -3.94
C LEU A 91 14.12 14.07 -3.72
N ALA A 92 15.29 13.72 -3.21
CA ALA A 92 16.35 14.70 -2.96
C ALA A 92 16.59 15.57 -4.19
N GLY A 93 16.27 15.02 -5.36
CA GLY A 93 16.45 15.76 -6.60
C GLY A 93 15.90 17.17 -6.53
N PRO A 94 16.29 18.05 -7.46
CA PRO A 94 15.83 19.44 -7.49
C PRO A 94 14.34 19.55 -7.76
N GLY A 95 13.53 19.08 -6.81
CA GLY A 95 12.09 19.14 -6.97
C GLY A 95 11.41 17.79 -6.80
N ALA A 96 12.21 16.73 -6.74
CA ALA A 96 11.67 15.38 -6.60
C ALA A 96 10.86 14.97 -7.82
N THR A 97 11.39 15.27 -8.99
CA THR A 97 10.71 14.94 -10.25
C THR A 97 11.27 13.65 -10.84
N THR A 98 12.54 13.37 -10.57
CA THR A 98 13.19 12.17 -11.10
C THR A 98 12.43 10.91 -10.73
N LEU A 99 11.60 11.00 -9.69
CA LEU A 99 10.83 9.84 -9.24
C LEU A 99 10.11 9.15 -10.40
N TYR A 100 9.85 9.90 -11.46
CA TYR A 100 9.16 9.34 -12.63
C TYR A 100 9.81 8.03 -13.06
N GLN A 101 11.13 8.05 -13.22
CA GLN A 101 11.87 6.87 -13.64
C GLN A 101 11.54 5.67 -12.75
N VAL A 102 11.36 5.93 -11.46
CA VAL A 102 11.05 4.87 -10.51
C VAL A 102 9.63 4.34 -10.69
N PHE A 103 8.80 5.08 -11.43
CA PHE A 103 7.42 4.68 -11.66
C PHE A 103 7.26 3.91 -12.97
N ILE A 104 8.24 4.02 -13.86
CA ILE A 104 8.18 3.35 -15.15
C ILE A 104 8.70 1.92 -15.08
N LYS A 105 9.68 1.68 -14.22
CA LYS A 105 10.30 0.36 -14.12
C LYS A 105 9.67 -0.49 -13.01
N TYR A 106 8.90 0.15 -12.12
CA TYR A 106 8.28 -0.56 -11.01
C TYR A 106 7.06 -1.38 -11.45
N LYS A 107 6.61 -1.17 -12.68
CA LYS A 107 5.45 -1.90 -13.19
C LYS A 107 5.57 -3.39 -12.88
N GLU A 108 6.77 -3.94 -13.09
CA GLU A 108 7.04 -5.36 -12.85
C GLU A 108 6.36 -5.85 -11.57
N ARG A 109 6.66 -5.21 -10.45
CA ARG A 109 6.09 -5.61 -9.16
C ARG A 109 4.70 -5.00 -8.99
N PHE A 110 4.55 -3.74 -9.39
CA PHE A 110 3.25 -3.08 -9.29
C PHE A 110 2.17 -3.92 -9.96
N LEU A 111 2.59 -4.74 -10.92
CA LEU A 111 1.68 -5.64 -11.61
C LEU A 111 1.28 -6.77 -10.67
N VAL A 112 2.19 -7.15 -9.78
CA VAL A 112 1.92 -8.18 -8.78
C VAL A 112 0.61 -7.87 -8.08
N TYR A 113 0.33 -6.57 -7.93
CA TYR A 113 -0.92 -6.14 -7.31
C TYR A 113 -2.11 -6.81 -7.97
N GLY A 114 -2.09 -6.88 -9.29
CA GLY A 114 -3.16 -7.53 -10.02
C GLY A 114 -3.36 -8.96 -9.57
N ARG A 115 -2.37 -9.81 -9.86
CA ARG A 115 -2.43 -11.20 -9.45
C ARG A 115 -2.67 -11.30 -7.96
N TYR A 116 -2.15 -10.32 -7.22
CA TYR A 116 -2.32 -10.27 -5.77
C TYR A 116 -3.80 -10.19 -5.42
N CYS A 117 -4.54 -9.36 -6.17
CA CYS A 117 -5.97 -9.20 -5.95
C CYS A 117 -6.74 -10.48 -6.25
N SER A 118 -6.07 -11.46 -6.86
CA SER A 118 -6.69 -12.74 -7.19
C SER A 118 -6.65 -13.70 -6.02
N GLN A 119 -5.53 -13.72 -5.30
CA GLN A 119 -5.40 -14.56 -4.12
C GLN A 119 -5.92 -13.80 -2.93
N VAL A 120 -5.68 -12.49 -2.95
CA VAL A 120 -6.19 -11.59 -1.93
C VAL A 120 -7.70 -11.72 -1.82
N GLU A 121 -8.41 -11.49 -2.92
CA GLU A 121 -9.87 -11.59 -2.96
C GLU A 121 -10.33 -12.87 -2.26
N SER A 122 -9.46 -13.87 -2.26
CA SER A 122 -9.75 -15.14 -1.61
C SER A 122 -9.22 -15.15 -0.19
N ALA A 123 -8.12 -14.43 0.03
CA ALA A 123 -7.50 -14.35 1.35
C ALA A 123 -8.45 -13.67 2.33
N SER A 124 -8.73 -12.39 2.10
CA SER A 124 -9.63 -11.63 2.96
C SER A 124 -10.95 -12.37 3.13
N LYS A 125 -11.34 -13.12 2.11
CA LYS A 125 -12.58 -13.88 2.15
C LYS A 125 -12.39 -15.15 2.98
N HIS A 126 -11.16 -15.67 2.98
CA HIS A 126 -10.84 -16.86 3.76
C HIS A 126 -10.84 -16.56 5.25
N LEU A 127 -10.07 -15.55 5.64
CA LEU A 127 -9.98 -15.15 7.03
C LEU A 127 -11.37 -14.95 7.64
N ASP A 128 -12.22 -14.24 6.91
CA ASP A 128 -13.59 -14.00 7.36
C ASP A 128 -14.29 -15.30 7.74
N GLN A 129 -13.90 -16.37 7.07
CA GLN A 129 -14.48 -17.68 7.33
C GLN A 129 -13.64 -18.44 8.34
N VAL A 130 -12.33 -18.29 8.26
CA VAL A 130 -11.41 -18.95 9.17
C VAL A 130 -11.63 -18.47 10.61
N ALA A 131 -11.46 -17.18 10.82
CA ALA A 131 -11.64 -16.59 12.15
C ALA A 131 -12.97 -17.03 12.76
N THR A 132 -14.02 -17.03 11.95
CA THR A 132 -15.35 -17.42 12.40
C THR A 132 -15.44 -18.94 12.54
N ALA A 133 -14.78 -19.64 11.63
CA ALA A 133 -14.78 -21.10 11.64
C ALA A 133 -14.33 -21.64 13.00
N ARG A 134 -13.13 -21.24 13.41
CA ARG A 134 -12.58 -21.67 14.69
C ARG A 134 -12.19 -20.47 15.55
N GLU A 135 -12.53 -20.52 16.82
CA GLU A 135 -12.22 -19.44 17.74
C GLU A 135 -10.72 -19.35 18.00
N ASP A 136 -10.04 -20.47 17.85
CA ASP A 136 -8.60 -20.54 18.06
C ASP A 136 -7.86 -19.57 17.14
N VAL A 137 -8.50 -19.20 16.04
CA VAL A 137 -7.90 -18.29 15.07
C VAL A 137 -8.29 -16.84 15.37
N GLN A 138 -9.45 -16.66 15.99
CA GLN A 138 -9.94 -15.33 16.32
C GLN A 138 -9.16 -14.72 17.48
N MET A 139 -9.34 -15.28 18.67
CA MET A 139 -8.66 -14.79 19.86
C MET A 139 -7.16 -14.65 19.63
N LYS A 140 -6.63 -15.43 18.68
CA LYS A 140 -5.22 -15.38 18.36
C LYS A 140 -4.85 -14.11 17.62
N LEU A 141 -5.60 -13.80 16.57
CA LEU A 141 -5.35 -12.60 15.77
C LEU A 141 -5.49 -11.34 16.61
N GLU A 142 -6.61 -11.24 17.32
CA GLU A 142 -6.88 -10.08 18.17
C GLU A 142 -5.67 -9.72 19.02
N GLU A 143 -5.16 -10.69 19.77
CA GLU A 143 -4.01 -10.48 20.64
C GLU A 143 -2.77 -10.09 19.82
N CYS A 144 -2.32 -11.01 18.99
CA CYS A 144 -1.14 -10.77 18.16
C CYS A 144 -1.24 -9.43 17.44
N SER A 145 -2.36 -9.22 16.75
CA SER A 145 -2.57 -7.98 16.01
C SER A 145 -2.65 -6.77 16.94
N GLN A 146 -2.94 -7.02 18.21
CA GLN A 146 -3.04 -5.95 19.19
C GLN A 146 -1.83 -5.03 19.13
N ARG A 147 -0.69 -5.59 18.74
CA ARG A 147 0.54 -4.82 18.64
C ARG A 147 0.62 -4.07 17.31
N ALA A 148 -0.13 -4.54 16.31
CA ALA A 148 -0.14 -3.90 15.00
C ALA A 148 -1.51 -3.30 14.72
N ASN A 149 -2.49 -4.16 14.46
CA ASN A 149 -3.85 -3.72 14.20
C ASN A 149 -4.81 -4.46 15.13
N ASN A 150 -5.13 -3.83 16.26
CA ASN A 150 -6.02 -4.43 17.25
C ASN A 150 -7.36 -4.79 16.63
N GLY A 151 -7.42 -5.96 16.00
CA GLY A 151 -8.64 -6.44 15.38
C GLY A 151 -9.44 -5.34 14.69
N ARG A 152 -8.74 -4.49 13.94
CA ARG A 152 -9.40 -3.40 13.24
C ARG A 152 -9.13 -3.45 11.73
N PHE A 153 -7.88 -3.73 11.36
CA PHE A 153 -7.51 -3.81 9.96
C PHE A 153 -6.72 -5.06 9.64
N THR A 154 -6.70 -6.02 10.57
CA THR A 154 -5.95 -7.26 10.40
C THR A 154 -6.02 -7.78 8.96
N LEU A 155 -4.96 -8.51 8.57
CA LEU A 155 -4.83 -9.12 7.24
C LEU A 155 -5.96 -8.79 6.27
N ARG A 156 -7.15 -9.32 6.53
CA ARG A 156 -8.31 -9.10 5.69
C ARG A 156 -8.40 -7.66 5.21
N ASP A 157 -7.91 -6.73 6.02
CA ASP A 157 -7.91 -5.32 5.66
C ASP A 157 -6.56 -4.90 5.12
N LEU A 158 -5.50 -5.56 5.59
CA LEU A 158 -4.14 -5.25 5.14
C LEU A 158 -3.94 -5.60 3.68
N LEU A 159 -3.90 -6.89 3.36
CA LEU A 159 -3.67 -7.34 1.99
C LEU A 159 -4.57 -6.60 1.01
N MET A 160 -5.70 -6.10 1.48
CA MET A 160 -6.66 -5.39 0.63
C MET A 160 -6.28 -3.91 0.48
N VAL A 161 -5.40 -3.43 1.35
CA VAL A 161 -4.97 -2.03 1.31
C VAL A 161 -4.12 -1.71 0.08
N PRO A 162 -3.05 -2.49 -0.18
CA PRO A 162 -2.16 -2.23 -1.33
C PRO A 162 -2.84 -2.49 -2.67
N MET A 163 -3.99 -3.15 -2.64
CA MET A 163 -4.74 -3.44 -3.85
C MET A 163 -5.32 -2.16 -4.44
N GLN A 164 -5.49 -1.14 -3.59
CA GLN A 164 -6.05 0.13 -4.03
C GLN A 164 -4.97 1.19 -4.20
N ARG A 165 -3.83 0.98 -3.53
CA ARG A 165 -2.74 1.94 -3.59
C ARG A 165 -2.23 2.13 -5.02
N VAL A 166 -2.14 1.03 -5.76
CA VAL A 166 -1.67 1.07 -7.14
C VAL A 166 -2.50 2.04 -7.98
N LEU A 167 -3.71 2.33 -7.51
CA LEU A 167 -4.58 3.27 -8.22
C LEU A 167 -4.40 4.68 -7.69
N LYS A 168 -4.11 4.79 -6.40
CA LYS A 168 -3.95 6.09 -5.76
C LYS A 168 -2.58 6.71 -6.07
N TYR A 169 -1.52 5.90 -6.00
CA TYR A 169 -0.18 6.41 -6.26
C TYR A 169 -0.13 7.16 -7.59
N HIS A 170 -0.66 6.55 -8.64
CA HIS A 170 -0.69 7.18 -9.95
C HIS A 170 -1.65 8.38 -9.92
N LEU A 171 -2.77 8.20 -9.24
CA LEU A 171 -3.75 9.27 -9.10
C LEU A 171 -3.11 10.48 -8.43
N LEU A 172 -2.52 10.24 -7.26
CA LEU A 172 -1.80 11.28 -6.54
C LEU A 172 -0.80 11.97 -7.45
N LEU A 173 -0.03 11.15 -8.15
CA LEU A 173 0.97 11.64 -9.08
C LEU A 173 0.35 12.65 -10.04
N GLN A 174 -0.95 12.51 -10.27
CA GLN A 174 -1.66 13.43 -11.16
C GLN A 174 -1.70 14.84 -10.58
N GLU A 175 -2.03 14.93 -9.29
CA GLU A 175 -2.10 16.21 -8.62
C GLU A 175 -0.80 16.98 -8.78
N LEU A 176 0.31 16.24 -8.92
CA LEU A 176 1.61 16.86 -9.10
C LEU A 176 1.73 17.52 -10.46
N VAL A 177 1.51 16.75 -11.52
CA VAL A 177 1.57 17.27 -12.88
C VAL A 177 0.57 18.40 -13.08
N LYS A 178 -0.68 18.14 -12.69
CA LYS A 178 -1.74 19.14 -12.82
C LYS A 178 -1.35 20.44 -12.13
N HIS A 179 -0.51 20.32 -11.10
CA HIS A 179 -0.05 21.48 -10.35
C HIS A 179 1.35 21.91 -10.81
N THR A 180 1.70 21.55 -12.03
CA THR A 180 3.00 21.91 -12.58
C THR A 180 2.86 22.52 -13.97
N GLN A 181 3.57 23.62 -14.21
CA GLN A 181 3.52 24.30 -15.49
C GLN A 181 4.92 24.49 -16.06
N ASP A 182 5.76 23.48 -15.92
CA ASP A 182 7.14 23.54 -16.42
C ASP A 182 7.20 23.07 -17.86
N ALA A 183 8.41 23.11 -18.43
CA ALA A 183 8.62 22.68 -19.81
C ALA A 183 8.77 21.17 -19.90
N THR A 184 9.84 20.65 -19.30
CA THR A 184 10.10 19.21 -19.31
C THR A 184 9.58 18.55 -18.05
N GLU A 185 9.62 19.27 -16.93
CA GLU A 185 9.14 18.75 -15.65
C GLU A 185 7.74 18.15 -15.81
N LYS A 186 6.98 18.69 -16.76
CA LYS A 186 5.63 18.21 -17.02
C LYS A 186 5.66 16.96 -17.89
N GLU A 187 6.52 16.97 -18.91
CA GLU A 187 6.65 15.84 -19.81
C GLU A 187 7.05 14.58 -19.05
N ASN A 188 8.20 14.62 -18.39
CA ASN A 188 8.69 13.49 -17.62
C ASN A 188 7.62 12.97 -16.67
N LEU A 189 7.28 13.78 -15.67
CA LEU A 189 6.26 13.40 -14.69
C LEU A 189 5.00 12.88 -15.38
N ARG A 190 4.65 13.48 -16.50
CA ARG A 190 3.47 13.08 -17.26
C ARG A 190 3.62 11.64 -17.75
N LEU A 191 4.75 11.36 -18.39
CA LEU A 191 5.01 10.02 -18.90
C LEU A 191 4.84 8.99 -17.80
N ALA A 192 5.27 9.34 -16.60
CA ALA A 192 5.15 8.45 -15.45
C ALA A 192 3.72 7.93 -15.31
N LEU A 193 2.77 8.86 -15.28
CA LEU A 193 1.36 8.51 -15.14
C LEU A 193 0.91 7.63 -16.30
N ASP A 194 1.33 7.99 -17.51
CA ASP A 194 0.98 7.25 -18.71
C ASP A 194 1.23 5.75 -18.52
N ALA A 195 2.32 5.43 -17.84
CA ALA A 195 2.68 4.03 -17.60
C ALA A 195 1.99 3.51 -16.34
N MET A 196 2.03 4.31 -15.28
CA MET A 196 1.41 3.93 -14.01
C MET A 196 -0.08 3.65 -14.19
N ARG A 197 -0.76 4.55 -14.89
CA ARG A 197 -2.19 4.40 -15.13
C ARG A 197 -2.48 3.14 -15.93
N ASP A 198 -1.50 2.71 -16.74
CA ASP A 198 -1.66 1.52 -17.56
C ASP A 198 -2.06 0.31 -16.71
N LEU A 199 -1.51 0.23 -15.51
CA LEU A 199 -1.81 -0.87 -14.60
C LEU A 199 -3.22 -0.74 -14.03
N ALA A 200 -3.59 0.47 -13.67
CA ALA A 200 -4.92 0.74 -13.10
C ALA A 200 -6.02 0.07 -13.93
N GLN A 201 -5.75 -0.15 -15.21
CA GLN A 201 -6.73 -0.76 -16.10
C GLN A 201 -6.50 -2.26 -16.26
N CYS A 202 -5.31 -2.73 -15.86
CA CYS A 202 -5.00 -4.15 -15.95
C CYS A 202 -5.18 -4.80 -14.59
N VAL A 203 -4.95 -4.01 -13.55
CA VAL A 203 -5.07 -4.48 -12.18
C VAL A 203 -6.52 -4.46 -11.73
N ASN A 204 -7.28 -3.49 -12.24
CA ASN A 204 -8.69 -3.36 -11.90
C ASN A 204 -9.58 -3.95 -12.99
N GLU A 205 -9.06 -4.99 -13.66
CA GLU A 205 -9.80 -5.65 -14.72
C GLU A 205 -9.64 -7.16 -14.61
N VAL A 206 -9.63 -7.64 -13.37
CA VAL A 206 -9.47 -9.06 -13.11
C VAL A 206 -10.80 -9.70 -12.73
N LYS A 207 -11.45 -10.29 -13.72
CA LYS A 207 -12.74 -10.94 -13.52
C LYS A 207 -12.55 -12.34 -12.94
N ARG A 208 -11.44 -12.98 -13.30
CA ARG A 208 -11.14 -14.33 -12.81
C ARG A 208 -9.74 -14.39 -12.23
N MET A 1 -12.67 -2.58 3.62
CA MET A 1 -13.68 -2.81 2.56
C MET A 1 -13.23 -2.22 1.22
N LYS A 2 -12.98 -0.92 1.22
CA LYS A 2 -12.54 -0.23 0.01
C LYS A 2 -11.04 0.02 0.05
N GLY A 3 -10.52 0.26 1.25
CA GLY A 3 -9.08 0.49 1.39
C GLY A 3 -8.76 1.93 1.77
N ASP A 4 -9.26 2.87 0.97
CA ASP A 4 -9.02 4.29 1.23
C ASP A 4 -9.31 4.66 2.67
N GLU A 5 -10.51 4.33 3.13
CA GLU A 5 -10.92 4.65 4.49
C GLU A 5 -10.03 3.93 5.51
N ILE A 6 -9.44 2.82 5.10
CA ILE A 6 -8.56 2.04 5.98
C ILE A 6 -7.31 2.83 6.34
N TYR A 7 -6.54 3.22 5.33
CA TYR A 7 -5.32 3.98 5.55
C TYR A 7 -5.55 5.15 6.50
N GLU A 8 -6.66 5.86 6.29
CA GLU A 8 -7.00 7.01 7.12
C GLU A 8 -7.01 6.64 8.60
N ASP A 9 -8.00 5.84 8.99
CA ASP A 9 -8.14 5.42 10.38
C ASP A 9 -6.88 4.67 10.84
N LEU A 10 -6.19 4.05 9.90
CA LEU A 10 -4.98 3.30 10.21
C LEU A 10 -4.00 4.16 11.01
N MET A 11 -4.04 5.47 10.79
CA MET A 11 -3.16 6.39 11.49
C MET A 11 -3.94 7.47 12.25
N ARG A 12 -5.28 7.40 12.17
CA ARG A 12 -6.13 8.35 12.86
C ARG A 12 -5.72 9.79 12.57
N LEU A 13 -6.49 10.45 11.70
CA LEU A 13 -6.24 11.84 11.33
C LEU A 13 -4.74 12.09 11.11
N GLU A 14 -4.18 11.40 10.13
CA GLU A 14 -2.76 11.54 9.81
C GLU A 14 -2.46 12.94 9.30
N SER A 15 -1.89 13.78 10.16
CA SER A 15 -1.55 15.14 9.79
C SER A 15 -0.13 15.21 9.21
N VAL A 16 0.15 16.30 8.51
CA VAL A 16 1.47 16.48 7.90
C VAL A 16 2.40 17.25 8.84
N PRO A 17 3.43 16.57 9.39
CA PRO A 17 4.39 17.20 10.31
C PRO A 17 5.08 18.40 9.68
N THR A 18 4.63 19.59 10.07
CA THR A 18 5.19 20.83 9.55
C THR A 18 5.21 21.92 10.62
N PRO A 19 6.23 22.79 10.60
CA PRO A 19 6.34 23.89 11.57
C PRO A 19 5.24 24.93 11.39
N PRO A 20 5.14 25.90 12.32
CA PRO A 20 4.12 26.96 12.25
C PRO A 20 4.25 27.79 10.98
N LYS A 21 3.72 27.26 9.88
CA LYS A 21 3.77 27.96 8.59
C LYS A 21 2.68 27.45 7.66
N MET A 22 2.65 26.15 7.45
CA MET A 22 1.67 25.53 6.56
C MET A 22 0.34 25.31 7.29
N THR A 23 -0.66 24.86 6.55
CA THR A 23 -1.99 24.61 7.11
C THR A 23 -2.53 23.27 6.63
N GLU A 24 -3.30 22.61 7.49
CA GLU A 24 -3.90 21.33 7.15
C GLU A 24 -4.66 21.43 5.83
N TYR A 25 -5.29 22.58 5.61
CA TYR A 25 -6.05 22.81 4.38
C TYR A 25 -5.14 22.72 3.16
N ASP A 26 -3.84 22.95 3.37
CA ASP A 26 -2.87 22.87 2.29
C ASP A 26 -2.51 21.42 1.95
N LYS A 27 -3.03 20.47 2.71
CA LYS A 27 -2.76 19.06 2.48
C LYS A 27 -2.79 18.70 1.00
N ARG A 28 -3.59 19.43 0.23
CA ARG A 28 -3.71 19.19 -1.20
C ARG A 28 -2.37 19.39 -1.91
N CYS A 29 -1.54 20.27 -1.35
CA CYS A 29 -0.24 20.56 -1.95
C CYS A 29 0.81 19.54 -1.50
N CYS A 30 0.66 19.04 -0.27
CA CYS A 30 1.59 18.06 0.27
C CYS A 30 1.40 16.68 -0.37
N CYS A 31 0.38 16.54 -1.23
CA CYS A 31 0.05 15.27 -1.90
C CYS A 31 1.29 14.40 -2.13
N LEU A 32 2.29 14.95 -2.78
CA LEU A 32 3.53 14.21 -3.05
C LEU A 32 4.14 13.74 -1.74
N ARG A 33 4.45 14.68 -0.85
CA ARG A 33 5.04 14.36 0.44
C ARG A 33 4.20 13.30 1.15
N GLU A 34 2.89 13.30 0.88
CA GLU A 34 1.99 12.34 1.47
C GLU A 34 2.26 10.94 0.93
N ILE A 35 2.58 10.87 -0.35
CA ILE A 35 2.88 9.59 -0.99
C ILE A 35 3.98 8.85 -0.24
N GLN A 36 4.98 9.60 0.22
CA GLN A 36 6.10 9.02 0.96
C GLN A 36 5.78 8.93 2.44
N GLN A 37 5.11 9.96 2.97
CA GLN A 37 4.76 10.00 4.38
C GLN A 37 3.82 8.84 4.73
N THR A 38 2.71 8.75 4.01
CA THR A 38 1.73 7.71 4.25
C THR A 38 2.33 6.32 4.01
N GLU A 39 3.28 6.25 3.08
CA GLU A 39 3.93 4.99 2.75
C GLU A 39 4.90 4.58 3.85
N GLU A 40 5.64 5.54 4.39
CA GLU A 40 6.60 5.27 5.45
C GLU A 40 5.96 4.49 6.59
N LYS A 41 4.96 5.09 7.22
CA LYS A 41 4.26 4.45 8.34
C LYS A 41 3.61 3.15 7.90
N TYR A 42 2.81 3.20 6.85
CA TYR A 42 2.13 2.02 6.34
C TYR A 42 3.11 0.86 6.18
N THR A 43 4.29 1.15 5.64
CA THR A 43 5.31 0.13 5.46
C THR A 43 5.60 -0.58 6.77
N ASP A 44 5.66 0.19 7.85
CA ASP A 44 5.91 -0.38 9.18
C ASP A 44 4.94 -1.51 9.46
N THR A 45 3.73 -1.40 8.91
CA THR A 45 2.71 -2.42 9.09
C THR A 45 2.75 -3.44 7.96
N LEU A 46 3.27 -3.01 6.81
CA LEU A 46 3.37 -3.89 5.64
C LEU A 46 4.22 -5.12 5.97
N GLY A 47 5.36 -4.88 6.61
CA GLY A 47 6.25 -5.98 6.98
C GLY A 47 5.77 -6.72 8.20
N SER A 48 5.10 -6.00 9.11
CA SER A 48 4.58 -6.60 10.33
C SER A 48 3.77 -7.86 10.01
N ILE A 49 3.21 -7.92 8.80
CA ILE A 49 2.43 -9.06 8.37
C ILE A 49 3.32 -10.24 8.02
N GLN A 50 4.60 -9.98 7.77
CA GLN A 50 5.54 -11.03 7.40
C GLN A 50 6.13 -11.71 8.64
N GLN A 51 6.67 -10.92 9.56
CA GLN A 51 7.29 -11.46 10.76
C GLN A 51 6.24 -11.78 11.82
N HIS A 52 5.62 -10.76 12.37
CA HIS A 52 4.60 -10.93 13.41
C HIS A 52 3.22 -11.14 12.80
N PHE A 53 3.05 -12.27 12.11
CA PHE A 53 1.77 -12.60 11.48
C PHE A 53 1.91 -13.82 10.59
N MET A 54 3.08 -13.99 9.99
CA MET A 54 3.33 -15.13 9.11
C MET A 54 3.89 -16.30 9.89
N LYS A 55 4.63 -16.01 10.96
CA LYS A 55 5.21 -17.06 11.79
C LYS A 55 4.23 -17.48 12.89
N PRO A 56 3.66 -16.51 13.62
CA PRO A 56 2.69 -16.79 14.69
C PRO A 56 1.47 -17.53 14.19
N LEU A 57 0.85 -16.99 13.14
CA LEU A 57 -0.33 -17.59 12.55
C LEU A 57 -0.09 -19.05 12.21
N GLN A 58 1.15 -19.36 11.81
CA GLN A 58 1.52 -20.72 11.45
C GLN A 58 1.25 -21.70 12.58
N ARG A 59 1.10 -21.18 13.80
CA ARG A 59 0.85 -22.02 14.97
C ARG A 59 -0.65 -22.24 15.19
N PHE A 60 -1.45 -22.04 14.14
CA PHE A 60 -2.88 -22.22 14.23
C PHE A 60 -3.48 -22.64 12.89
N LEU A 61 -3.16 -21.88 11.85
CA LEU A 61 -3.66 -22.17 10.51
C LEU A 61 -2.76 -23.18 9.80
N LYS A 62 -3.38 -24.08 9.03
CA LYS A 62 -2.65 -25.11 8.31
C LYS A 62 -1.63 -24.48 7.36
N PRO A 63 -0.40 -25.04 7.29
CA PRO A 63 0.66 -24.53 6.42
C PRO A 63 0.21 -24.43 4.96
N GLN A 64 -0.78 -25.24 4.60
CA GLN A 64 -1.29 -25.24 3.23
C GLN A 64 -1.98 -23.92 2.90
N ASP A 65 -3.05 -23.63 3.62
CA ASP A 65 -3.81 -22.40 3.40
C ASP A 65 -3.04 -21.19 3.91
N MET A 66 -2.17 -21.41 4.89
CA MET A 66 -1.38 -20.33 5.46
C MET A 66 -0.69 -19.52 4.37
N GLU A 67 -0.21 -20.21 3.34
CA GLU A 67 0.47 -19.55 2.24
C GLU A 67 -0.48 -18.62 1.48
N THR A 68 -1.77 -18.94 1.52
CA THR A 68 -2.77 -18.13 0.84
C THR A 68 -3.22 -16.97 1.73
N ILE A 69 -3.24 -17.20 3.04
CA ILE A 69 -3.66 -16.17 3.99
C ILE A 69 -2.83 -14.89 3.82
N PHE A 70 -1.59 -15.05 3.37
CA PHE A 70 -0.71 -13.90 3.16
C PHE A 70 -0.32 -13.78 1.69
N VAL A 71 -0.04 -14.92 1.06
CA VAL A 71 0.34 -14.97 -0.34
C VAL A 71 1.82 -14.59 -0.54
N ASN A 72 2.10 -13.36 -0.98
CA ASN A 72 3.47 -12.93 -1.21
C ASN A 72 3.85 -11.72 -0.37
N ILE A 73 3.29 -11.64 0.84
CA ILE A 73 3.57 -10.52 1.73
C ILE A 73 5.08 -10.30 1.86
N GLU A 74 5.84 -11.39 1.88
CA GLU A 74 7.29 -11.30 2.01
C GLU A 74 7.91 -10.51 0.86
N GLU A 75 7.58 -10.89 -0.36
CA GLU A 75 8.11 -10.22 -1.54
C GLU A 75 7.41 -8.88 -1.75
N LEU A 76 6.12 -8.84 -1.46
CA LEU A 76 5.33 -7.63 -1.61
C LEU A 76 5.77 -6.56 -0.60
N PHE A 77 6.31 -7.01 0.52
CA PHE A 77 6.79 -6.11 1.57
C PHE A 77 7.92 -5.24 1.03
N SER A 78 8.63 -5.73 0.01
CA SER A 78 9.73 -4.99 -0.58
C SER A 78 9.21 -3.86 -1.48
N VAL A 79 8.19 -4.16 -2.26
CA VAL A 79 7.60 -3.18 -3.16
C VAL A 79 7.19 -1.93 -2.40
N HIS A 80 6.93 -2.08 -1.11
CA HIS A 80 6.55 -0.96 -0.27
C HIS A 80 7.77 -0.30 0.37
N THR A 81 8.55 -1.10 1.10
CA THR A 81 9.74 -0.60 1.77
C THR A 81 10.77 -0.10 0.76
N HIS A 82 10.99 -0.90 -0.29
CA HIS A 82 11.95 -0.53 -1.33
C HIS A 82 11.51 0.72 -2.06
N PHE A 83 10.20 0.87 -2.24
CA PHE A 83 9.66 2.04 -2.94
C PHE A 83 10.21 3.33 -2.34
N LEU A 84 9.87 3.61 -1.09
CA LEU A 84 10.33 4.80 -0.42
C LEU A 84 11.84 4.94 -0.52
N LYS A 85 12.53 3.80 -0.52
CA LYS A 85 13.98 3.79 -0.62
C LYS A 85 14.45 4.59 -1.84
N GLU A 86 13.59 4.68 -2.85
CA GLU A 86 13.91 5.42 -4.06
C GLU A 86 13.47 6.87 -3.95
N LEU A 87 12.39 7.11 -3.22
CA LEU A 87 11.87 8.45 -3.02
C LEU A 87 12.80 9.28 -2.15
N LYS A 88 13.31 8.66 -1.08
CA LYS A 88 14.23 9.35 -0.18
C LYS A 88 15.34 10.04 -0.98
N ASP A 89 15.65 9.47 -2.15
CA ASP A 89 16.66 10.03 -3.03
C ASP A 89 16.02 10.88 -4.12
N ALA A 90 14.76 10.58 -4.42
CA ALA A 90 14.02 11.33 -5.44
C ALA A 90 13.55 12.67 -4.89
N LEU A 91 12.87 12.62 -3.74
CA LEU A 91 12.37 13.82 -3.10
C LEU A 91 13.52 14.72 -2.64
N ALA A 92 14.58 14.09 -2.16
CA ALA A 92 15.75 14.82 -1.67
C ALA A 92 16.78 15.04 -2.79
N GLY A 93 16.62 14.33 -3.89
CA GLY A 93 17.55 14.47 -5.00
C GLY A 93 17.56 15.88 -5.57
N PRO A 94 17.68 16.03 -6.90
CA PRO A 94 17.69 17.34 -7.55
C PRO A 94 16.37 18.07 -7.40
N GLY A 95 15.32 17.32 -7.07
CA GLY A 95 14.00 17.92 -6.90
C GLY A 95 12.95 16.90 -6.49
N ALA A 96 12.42 16.18 -7.46
CA ALA A 96 11.40 15.17 -7.20
C ALA A 96 10.81 14.64 -8.50
N THR A 97 10.74 15.50 -9.51
CA THR A 97 10.19 15.12 -10.81
C THR A 97 10.79 13.81 -11.29
N THR A 98 12.03 13.53 -10.86
CA THR A 98 12.72 12.30 -11.24
C THR A 98 11.91 11.07 -10.84
N LEU A 99 10.97 11.25 -9.90
CA LEU A 99 10.13 10.15 -9.43
C LEU A 99 9.62 9.30 -10.58
N TYR A 100 9.48 9.90 -11.76
CA TYR A 100 8.98 9.18 -12.93
C TYR A 100 9.72 7.86 -13.10
N GLN A 101 11.05 7.90 -13.07
CA GLN A 101 11.85 6.69 -13.22
C GLN A 101 11.45 5.66 -12.16
N VAL A 102 11.16 6.13 -10.96
CA VAL A 102 10.75 5.26 -9.87
C VAL A 102 9.37 4.67 -10.12
N PHE A 103 8.59 5.32 -10.98
CA PHE A 103 7.24 4.84 -11.30
C PHE A 103 7.23 4.02 -12.58
N ILE A 104 8.09 4.37 -13.53
CA ILE A 104 8.15 3.67 -14.81
C ILE A 104 8.87 2.33 -14.68
N LYS A 105 9.88 2.27 -13.83
CA LYS A 105 10.68 1.05 -13.66
C LYS A 105 10.09 0.13 -12.59
N TYR A 106 9.01 0.57 -11.93
CA TYR A 106 8.39 -0.25 -10.89
C TYR A 106 7.23 -1.08 -11.42
N LYS A 107 6.81 -0.82 -12.66
CA LYS A 107 5.70 -1.53 -13.27
C LYS A 107 5.74 -3.02 -12.94
N GLU A 108 6.93 -3.61 -13.05
CA GLU A 108 7.14 -5.03 -12.77
C GLU A 108 6.35 -5.48 -11.53
N ARG A 109 6.75 -4.98 -10.37
CA ARG A 109 6.10 -5.33 -9.11
C ARG A 109 4.70 -4.71 -9.03
N PHE A 110 4.59 -3.46 -9.47
CA PHE A 110 3.31 -2.76 -9.48
C PHE A 110 2.24 -3.63 -10.16
N LEU A 111 2.69 -4.52 -11.05
CA LEU A 111 1.80 -5.42 -11.73
C LEU A 111 1.42 -6.59 -10.82
N VAL A 112 2.35 -6.95 -9.93
CA VAL A 112 2.11 -8.01 -8.95
C VAL A 112 0.77 -7.79 -8.27
N TYR A 113 0.38 -6.52 -8.16
CA TYR A 113 -0.89 -6.16 -7.56
C TYR A 113 -2.03 -6.95 -8.19
N GLY A 114 -1.93 -7.16 -9.51
CA GLY A 114 -2.95 -7.92 -10.21
C GLY A 114 -3.05 -9.34 -9.70
N ARG A 115 -2.02 -10.14 -9.98
CA ARG A 115 -1.99 -11.52 -9.53
C ARG A 115 -2.22 -11.60 -8.03
N TYR A 116 -1.81 -10.55 -7.32
CA TYR A 116 -1.99 -10.47 -5.88
C TYR A 116 -3.48 -10.44 -5.53
N CYS A 117 -4.25 -9.71 -6.33
CA CYS A 117 -5.70 -9.60 -6.14
C CYS A 117 -6.41 -10.91 -6.48
N SER A 118 -5.68 -11.88 -7.02
CA SER A 118 -6.26 -13.17 -7.39
C SER A 118 -6.20 -14.15 -6.23
N GLN A 119 -5.10 -14.12 -5.48
CA GLN A 119 -4.95 -14.96 -4.30
C GLN A 119 -5.56 -14.25 -3.11
N VAL A 120 -5.37 -12.93 -3.11
CA VAL A 120 -5.94 -12.06 -2.11
C VAL A 120 -7.45 -12.29 -2.01
N GLU A 121 -8.16 -12.04 -3.11
CA GLU A 121 -9.61 -12.23 -3.14
C GLU A 121 -10.01 -13.54 -2.49
N SER A 122 -9.10 -14.51 -2.52
CA SER A 122 -9.34 -15.81 -1.92
C SER A 122 -8.83 -15.83 -0.48
N ALA A 123 -7.73 -15.14 -0.24
CA ALA A 123 -7.14 -15.06 1.09
C ALA A 123 -8.07 -14.30 2.04
N SER A 124 -8.27 -13.02 1.74
CA SER A 124 -9.15 -12.18 2.54
C SER A 124 -10.49 -12.86 2.78
N LYS A 125 -10.95 -13.59 1.76
CA LYS A 125 -12.21 -14.31 1.85
C LYS A 125 -12.07 -15.50 2.80
N HIS A 126 -10.91 -16.12 2.79
CA HIS A 126 -10.64 -17.27 3.66
C HIS A 126 -10.67 -16.84 5.13
N LEU A 127 -9.88 -15.82 5.46
CA LEU A 127 -9.84 -15.32 6.83
C LEU A 127 -11.24 -15.10 7.38
N ASP A 128 -12.10 -14.50 6.57
CA ASP A 128 -13.48 -14.25 6.96
C ASP A 128 -14.15 -15.53 7.43
N GLN A 129 -13.65 -16.67 6.94
CA GLN A 129 -14.20 -17.96 7.30
C GLN A 129 -13.35 -18.63 8.38
N VAL A 130 -12.03 -18.56 8.21
CA VAL A 130 -11.11 -19.15 9.18
C VAL A 130 -11.41 -18.67 10.59
N ALA A 131 -11.18 -17.38 10.83
CA ALA A 131 -11.41 -16.79 12.14
C ALA A 131 -12.80 -17.15 12.67
N THR A 132 -13.73 -17.41 11.75
CA THR A 132 -15.09 -17.77 12.13
C THR A 132 -15.23 -19.27 12.33
N ALA A 133 -14.36 -20.03 11.66
CA ALA A 133 -14.39 -21.48 11.76
C ALA A 133 -13.93 -21.95 13.14
N ARG A 134 -12.68 -21.64 13.48
CA ARG A 134 -12.13 -22.03 14.78
C ARG A 134 -11.97 -20.81 15.67
N GLU A 135 -12.23 -21.00 16.98
CA GLU A 135 -12.11 -19.92 17.95
C GLU A 135 -10.64 -19.65 18.27
N ASP A 136 -9.80 -20.67 18.11
CA ASP A 136 -8.38 -20.53 18.38
C ASP A 136 -7.73 -19.53 17.42
N VAL A 137 -8.11 -19.60 16.16
CA VAL A 137 -7.56 -18.70 15.15
C VAL A 137 -8.10 -17.29 15.32
N GLN A 138 -9.30 -17.17 15.89
CA GLN A 138 -9.91 -15.88 16.12
C GLN A 138 -9.17 -15.10 17.19
N MET A 139 -8.99 -15.71 18.35
CA MET A 139 -8.29 -15.07 19.46
C MET A 139 -6.88 -14.66 19.05
N LYS A 140 -6.33 -15.35 18.05
CA LYS A 140 -4.99 -15.06 17.57
C LYS A 140 -4.92 -13.65 16.96
N LEU A 141 -5.70 -13.43 15.90
CA LEU A 141 -5.72 -12.15 15.22
C LEU A 141 -6.06 -11.03 16.21
N GLU A 142 -6.97 -11.31 17.12
CA GLU A 142 -7.40 -10.32 18.12
C GLU A 142 -6.19 -9.70 18.81
N GLU A 143 -5.25 -10.54 19.22
CA GLU A 143 -4.05 -10.07 19.92
C GLU A 143 -2.89 -9.87 18.95
N CYS A 144 -2.73 -10.82 18.03
CA CYS A 144 -1.64 -10.76 17.06
C CYS A 144 -1.63 -9.43 16.31
N SER A 145 -2.81 -8.91 16.01
CA SER A 145 -2.92 -7.65 15.29
C SER A 145 -2.61 -6.45 16.19
N GLN A 146 -2.62 -6.66 17.50
CA GLN A 146 -2.34 -5.59 18.45
C GLN A 146 -1.07 -4.84 18.07
N ARG A 147 -0.08 -5.58 17.58
CA ARG A 147 1.20 -5.00 17.19
C ARG A 147 1.02 -4.01 16.04
N ALA A 148 -0.05 -4.19 15.26
CA ALA A 148 -0.34 -3.32 14.14
C ALA A 148 -1.65 -2.55 14.37
N ASN A 149 -2.77 -3.27 14.28
CA ASN A 149 -4.08 -2.68 14.50
C ASN A 149 -4.96 -3.63 15.30
N ASN A 150 -5.10 -3.33 16.60
CA ASN A 150 -5.90 -4.16 17.49
C ASN A 150 -7.27 -4.47 16.89
N GLY A 151 -7.35 -5.56 16.14
CA GLY A 151 -8.61 -5.95 15.53
C GLY A 151 -9.35 -4.78 14.90
N ARG A 152 -8.84 -4.30 13.77
CA ARG A 152 -9.46 -3.17 13.08
C ARG A 152 -9.34 -3.33 11.56
N PHE A 153 -8.12 -3.60 11.08
CA PHE A 153 -7.89 -3.76 9.65
C PHE A 153 -6.99 -4.97 9.37
N THR A 154 -6.78 -5.81 10.38
CA THR A 154 -5.92 -6.98 10.26
C THR A 154 -6.13 -7.70 8.93
N LEU A 155 -5.05 -8.32 8.44
CA LEU A 155 -5.03 -9.09 7.18
C LEU A 155 -6.24 -8.88 6.29
N ARG A 156 -7.36 -9.50 6.64
CA ARG A 156 -8.59 -9.40 5.86
C ARG A 156 -8.80 -7.97 5.34
N ASP A 157 -8.44 -6.99 6.14
CA ASP A 157 -8.57 -5.59 5.73
C ASP A 157 -7.24 -5.06 5.20
N LEU A 158 -6.14 -5.68 5.61
CA LEU A 158 -4.82 -5.25 5.20
C LEU A 158 -4.56 -5.57 3.72
N LEU A 159 -4.44 -6.86 3.40
CA LEU A 159 -4.14 -7.28 2.03
C LEU A 159 -5.08 -6.63 1.02
N MET A 160 -6.25 -6.18 1.49
CA MET A 160 -7.23 -5.55 0.61
C MET A 160 -6.87 -4.10 0.31
N VAL A 161 -5.91 -3.55 1.04
CA VAL A 161 -5.50 -2.15 0.85
C VAL A 161 -4.45 -1.98 -0.26
N PRO A 162 -3.36 -2.77 -0.22
CA PRO A 162 -2.30 -2.68 -1.22
C PRO A 162 -2.84 -2.55 -2.63
N MET A 163 -3.72 -3.47 -3.00
CA MET A 163 -4.31 -3.48 -4.34
C MET A 163 -4.77 -2.08 -4.77
N GLN A 164 -5.10 -1.25 -3.79
CA GLN A 164 -5.56 0.11 -4.06
C GLN A 164 -4.39 1.03 -4.42
N ARG A 165 -3.21 0.68 -3.95
CA ARG A 165 -2.02 1.48 -4.21
C ARG A 165 -1.85 1.78 -5.69
N VAL A 166 -1.80 0.73 -6.50
CA VAL A 166 -1.64 0.88 -7.95
C VAL A 166 -2.54 1.99 -8.50
N LEU A 167 -3.71 2.16 -7.88
CA LEU A 167 -4.64 3.20 -8.30
C LEU A 167 -4.19 4.55 -7.76
N LYS A 168 -4.13 4.66 -6.44
CA LYS A 168 -3.72 5.88 -5.78
C LYS A 168 -2.46 6.46 -6.43
N TYR A 169 -1.65 5.59 -7.00
CA TYR A 169 -0.42 6.02 -7.66
C TYR A 169 -0.72 7.12 -8.67
N HIS A 170 -1.25 6.74 -9.82
CA HIS A 170 -1.60 7.71 -10.85
C HIS A 170 -2.75 8.58 -10.39
N LEU A 171 -3.72 7.96 -9.72
CA LEU A 171 -4.87 8.66 -9.18
C LEU A 171 -4.44 9.90 -8.41
N LEU A 172 -3.33 9.77 -7.69
CA LEU A 172 -2.77 10.89 -6.92
C LEU A 172 -1.73 11.63 -7.75
N LEU A 173 -0.91 10.87 -8.48
CA LEU A 173 0.14 11.44 -9.31
C LEU A 173 -0.41 12.56 -10.20
N GLN A 174 -1.59 12.32 -10.77
CA GLN A 174 -2.22 13.31 -11.63
C GLN A 174 -2.36 14.65 -10.92
N GLU A 175 -2.72 14.59 -9.64
CA GLU A 175 -2.88 15.79 -8.83
C GLU A 175 -1.61 16.64 -8.87
N LEU A 176 -0.46 15.97 -8.85
CA LEU A 176 0.82 16.66 -8.89
C LEU A 176 0.97 17.45 -10.19
N VAL A 177 0.86 16.76 -11.31
CA VAL A 177 0.98 17.40 -12.62
C VAL A 177 -0.12 18.44 -12.83
N LYS A 178 -1.35 18.06 -12.48
CA LYS A 178 -2.49 18.94 -12.64
C LYS A 178 -2.24 20.31 -12.01
N HIS A 179 -1.35 20.32 -11.02
CA HIS A 179 -1.01 21.56 -10.32
C HIS A 179 0.35 22.08 -10.78
N THR A 180 1.19 21.19 -11.28
CA THR A 180 2.52 21.56 -11.75
C THR A 180 2.42 22.49 -12.96
N GLN A 181 3.25 23.52 -12.97
CA GLN A 181 3.25 24.49 -14.06
C GLN A 181 4.57 24.45 -14.84
N ASP A 182 5.61 23.93 -14.21
CA ASP A 182 6.92 23.82 -14.85
C ASP A 182 6.81 23.22 -16.25
N ALA A 183 7.92 23.23 -16.98
CA ALA A 183 7.94 22.69 -18.33
C ALA A 183 8.30 21.21 -18.32
N THR A 184 9.37 20.87 -17.61
CA THR A 184 9.83 19.48 -17.51
C THR A 184 8.97 18.69 -16.52
N GLU A 185 8.78 19.26 -15.34
CA GLU A 185 7.99 18.60 -14.31
C GLU A 185 6.65 18.14 -14.86
N LYS A 186 5.90 19.07 -15.45
CA LYS A 186 4.60 18.75 -16.03
C LYS A 186 4.73 17.68 -17.11
N GLU A 187 5.90 17.61 -17.72
CA GLU A 187 6.17 16.65 -18.78
C GLU A 187 6.57 15.29 -18.20
N ASN A 188 7.73 15.26 -17.56
CA ASN A 188 8.25 14.02 -16.96
C ASN A 188 7.17 13.29 -16.16
N LEU A 189 6.61 13.98 -15.17
CA LEU A 189 5.58 13.41 -14.32
C LEU A 189 4.47 12.76 -15.15
N ARG A 190 3.99 13.49 -16.14
CA ARG A 190 2.93 12.99 -17.01
C ARG A 190 3.25 11.60 -17.54
N LEU A 191 4.52 11.38 -17.90
CA LEU A 191 4.94 10.08 -18.41
C LEU A 191 4.68 8.98 -17.39
N ALA A 192 5.00 9.26 -16.14
CA ALA A 192 4.80 8.29 -15.07
C ALA A 192 3.37 7.75 -15.09
N LEU A 193 2.41 8.63 -15.35
CA LEU A 193 1.01 8.25 -15.39
C LEU A 193 0.74 7.29 -16.54
N ASP A 194 1.18 7.68 -17.74
CA ASP A 194 0.99 6.86 -18.93
C ASP A 194 1.38 5.41 -18.67
N ALA A 195 2.40 5.21 -17.83
CA ALA A 195 2.87 3.87 -17.51
C ALA A 195 2.06 3.28 -16.36
N MET A 196 1.66 4.14 -15.42
CA MET A 196 0.88 3.70 -14.27
C MET A 196 -0.55 3.35 -14.68
N ARG A 197 -1.22 4.31 -15.33
CA ARG A 197 -2.59 4.10 -15.77
C ARG A 197 -2.72 2.79 -16.56
N ASP A 198 -1.62 2.35 -17.14
CA ASP A 198 -1.61 1.11 -17.92
C ASP A 198 -1.92 -0.08 -17.03
N LEU A 199 -1.49 -0.02 -15.78
CA LEU A 199 -1.72 -1.11 -14.84
C LEU A 199 -3.18 -1.13 -14.37
N ALA A 200 -3.73 0.04 -14.08
CA ALA A 200 -5.11 0.15 -13.63
C ALA A 200 -6.05 -0.68 -14.49
N GLN A 201 -5.67 -0.90 -15.74
CA GLN A 201 -6.49 -1.67 -16.67
C GLN A 201 -6.08 -3.14 -16.69
N CYS A 202 -4.91 -3.45 -16.17
CA CYS A 202 -4.44 -4.83 -16.12
C CYS A 202 -4.67 -5.41 -14.74
N VAL A 203 -4.55 -4.54 -13.75
CA VAL A 203 -4.72 -4.92 -12.36
C VAL A 203 -6.19 -5.16 -12.05
N ASN A 204 -7.05 -4.27 -12.54
CA ASN A 204 -8.48 -4.40 -12.32
C ASN A 204 -9.15 -5.09 -13.51
N GLU A 205 -8.43 -6.05 -14.09
CA GLU A 205 -8.94 -6.78 -15.24
C GLU A 205 -8.28 -8.16 -15.31
N VAL A 206 -8.10 -8.78 -14.16
CA VAL A 206 -7.47 -10.09 -14.08
C VAL A 206 -8.52 -11.19 -14.15
N LYS A 207 -8.78 -11.65 -15.36
CA LYS A 207 -9.77 -12.70 -15.59
C LYS A 207 -11.18 -12.20 -15.33
N ARG A 208 -11.44 -10.96 -15.71
CA ARG A 208 -12.76 -10.36 -15.50
C ARG A 208 -13.02 -10.09 -14.03
N MET A 1 -15.46 1.91 1.67
CA MET A 1 -14.76 1.02 2.64
C MET A 1 -13.98 -0.07 1.91
N LYS A 2 -13.33 0.31 0.82
CA LYS A 2 -12.54 -0.63 0.03
C LYS A 2 -11.07 -0.56 0.40
N GLY A 3 -10.79 -0.23 1.65
CA GLY A 3 -9.42 -0.13 2.11
C GLY A 3 -9.01 1.30 2.41
N ASP A 4 -9.43 2.23 1.55
CA ASP A 4 -9.11 3.64 1.73
C ASP A 4 -9.47 4.10 3.14
N GLU A 5 -10.70 3.84 3.55
CA GLU A 5 -11.18 4.23 4.87
C GLU A 5 -10.34 3.58 5.96
N ILE A 6 -9.93 2.33 5.72
CA ILE A 6 -9.13 1.60 6.70
C ILE A 6 -7.86 2.39 7.06
N TYR A 7 -7.07 2.72 6.06
CA TYR A 7 -5.83 3.47 6.27
C TYR A 7 -6.08 4.96 6.43
N GLU A 8 -7.32 5.40 6.16
CA GLU A 8 -7.66 6.81 6.29
C GLU A 8 -7.49 7.26 7.74
N ASP A 9 -8.08 6.51 8.66
CA ASP A 9 -7.98 6.81 10.09
C ASP A 9 -6.78 6.12 10.72
N LEU A 10 -6.28 5.08 10.06
CA LEU A 10 -5.14 4.32 10.55
C LEU A 10 -4.01 5.26 10.97
N MET A 11 -3.96 6.44 10.37
CA MET A 11 -2.95 7.43 10.69
C MET A 11 -3.57 8.81 10.89
N ARG A 12 -4.58 8.87 11.74
CA ARG A 12 -5.27 10.13 12.01
C ARG A 12 -5.75 10.78 10.72
N LEU A 13 -6.56 11.83 10.85
CA LEU A 13 -7.10 12.53 9.70
C LEU A 13 -5.98 13.26 8.96
N GLU A 14 -5.04 12.48 8.41
CA GLU A 14 -3.92 13.07 7.67
C GLU A 14 -3.04 13.89 8.60
N SER A 15 -1.73 13.58 8.59
CA SER A 15 -0.79 14.29 9.43
C SER A 15 0.34 14.90 8.59
N VAL A 16 0.53 16.21 8.72
CA VAL A 16 1.56 16.91 7.97
C VAL A 16 2.37 17.83 8.89
N PRO A 17 3.71 17.67 8.91
CA PRO A 17 4.58 18.51 9.74
C PRO A 17 4.73 19.92 9.20
N THR A 18 4.01 20.87 9.78
CA THR A 18 4.06 22.26 9.35
C THR A 18 4.03 23.20 10.55
N PRO A 19 4.57 24.42 10.39
CA PRO A 19 4.60 25.42 11.47
C PRO A 19 3.20 25.69 12.03
N PRO A 20 3.09 26.68 12.93
CA PRO A 20 1.80 27.05 13.54
C PRO A 20 0.81 27.59 12.52
N LYS A 21 0.35 26.72 11.62
CA LYS A 21 -0.61 27.12 10.60
C LYS A 21 -0.91 25.95 9.66
N MET A 22 -1.37 24.84 10.23
CA MET A 22 -1.70 23.66 9.44
C MET A 22 -2.98 23.88 8.65
N THR A 23 -2.85 23.89 7.32
CA THR A 23 -4.01 24.10 6.45
C THR A 23 -3.89 23.25 5.18
N GLU A 24 -5.04 22.85 4.65
CA GLU A 24 -5.07 22.04 3.44
C GLU A 24 -4.26 22.69 2.32
N TYR A 25 -4.09 24.00 2.41
CA TYR A 25 -3.35 24.75 1.40
C TYR A 25 -1.95 24.17 1.20
N ASP A 26 -1.46 23.47 2.21
CA ASP A 26 -0.13 22.87 2.15
C ASP A 26 -0.13 21.62 1.27
N LYS A 27 -1.30 21.02 1.09
CA LYS A 27 -1.43 19.82 0.28
C LYS A 27 -0.79 20.00 -1.09
N ARG A 28 -0.88 21.22 -1.62
CA ARG A 28 -0.31 21.52 -2.93
C ARG A 28 1.17 21.17 -2.99
N CYS A 29 1.90 21.58 -1.95
CA CYS A 29 3.34 21.31 -1.87
C CYS A 29 3.61 19.99 -1.14
N CYS A 30 2.67 19.61 -0.29
CA CYS A 30 2.81 18.36 0.47
C CYS A 30 2.32 17.16 -0.33
N CYS A 31 1.68 17.42 -1.48
CA CYS A 31 1.17 16.34 -2.33
C CYS A 31 2.22 15.25 -2.53
N LEU A 32 3.37 15.62 -3.08
CA LEU A 32 4.45 14.67 -3.31
C LEU A 32 4.99 14.13 -1.99
N ARG A 33 5.33 15.04 -1.09
CA ARG A 33 5.85 14.65 0.22
C ARG A 33 4.95 13.61 0.87
N GLU A 34 3.65 13.87 0.84
CA GLU A 34 2.67 12.95 1.41
C GLU A 34 2.87 11.54 0.85
N ILE A 35 3.28 11.47 -0.41
CA ILE A 35 3.53 10.19 -1.06
C ILE A 35 4.57 9.38 -0.30
N GLN A 36 5.63 10.05 0.14
CA GLN A 36 6.70 9.40 0.88
C GLN A 36 6.30 9.20 2.34
N GLN A 37 5.83 10.27 2.97
CA GLN A 37 5.41 10.21 4.37
C GLN A 37 4.36 9.12 4.58
N THR A 38 3.33 9.14 3.75
CA THR A 38 2.26 8.15 3.85
C THR A 38 2.80 6.74 3.65
N GLU A 39 3.77 6.61 2.75
CA GLU A 39 4.38 5.31 2.47
C GLU A 39 5.24 4.85 3.65
N GLU A 40 5.77 5.80 4.39
CA GLU A 40 6.62 5.50 5.55
C GLU A 40 5.82 4.74 6.61
N LYS A 41 4.61 5.23 6.89
CA LYS A 41 3.75 4.61 7.90
C LYS A 41 3.06 3.38 7.31
N TYR A 42 2.64 3.49 6.06
CA TYR A 42 1.95 2.40 5.39
C TYR A 42 2.79 1.11 5.44
N THR A 43 4.09 1.25 5.18
CA THR A 43 4.98 0.11 5.20
C THR A 43 5.20 -0.40 6.62
N ASP A 44 5.15 0.52 7.58
CA ASP A 44 5.34 0.17 8.99
C ASP A 44 4.38 -0.94 9.40
N THR A 45 3.26 -1.04 8.70
CA THR A 45 2.26 -2.07 9.00
C THR A 45 2.44 -3.28 8.10
N LEU A 46 2.70 -3.04 6.83
CA LEU A 46 2.90 -4.12 5.86
C LEU A 46 3.92 -5.12 6.38
N GLY A 47 4.97 -4.61 7.03
CA GLY A 47 6.01 -5.48 7.56
C GLY A 47 5.53 -6.29 8.76
N SER A 48 4.68 -5.68 9.58
CA SER A 48 4.15 -6.34 10.76
C SER A 48 3.54 -7.70 10.41
N ILE A 49 3.05 -7.81 9.17
CA ILE A 49 2.45 -9.06 8.70
C ILE A 49 3.51 -10.03 8.22
N GLN A 50 4.63 -9.50 7.74
CA GLN A 50 5.72 -10.32 7.24
C GLN A 50 6.22 -11.29 8.29
N GLN A 51 6.69 -10.76 9.41
CA GLN A 51 7.23 -11.58 10.48
C GLN A 51 6.21 -11.78 11.60
N HIS A 52 5.91 -10.70 12.31
CA HIS A 52 4.96 -10.75 13.42
C HIS A 52 3.56 -11.09 12.95
N PHE A 53 3.36 -12.33 12.52
CA PHE A 53 2.07 -12.80 12.05
C PHE A 53 2.20 -14.15 11.36
N MET A 54 2.65 -14.14 10.10
CA MET A 54 2.83 -15.35 9.33
C MET A 54 3.58 -16.42 10.12
N LYS A 55 4.75 -16.05 10.64
CA LYS A 55 5.57 -16.97 11.40
C LYS A 55 4.79 -17.59 12.56
N PRO A 56 4.35 -16.76 13.52
CA PRO A 56 3.59 -17.23 14.69
C PRO A 56 2.30 -17.96 14.29
N LEU A 57 1.74 -17.57 13.15
CA LEU A 57 0.50 -18.19 12.67
C LEU A 57 0.75 -19.63 12.20
N GLN A 58 2.00 -19.90 11.80
CA GLN A 58 2.38 -21.21 11.33
C GLN A 58 1.97 -22.29 12.34
N ARG A 59 1.82 -21.89 13.60
CA ARG A 59 1.45 -22.83 14.65
C ARG A 59 -0.07 -22.97 14.77
N PHE A 60 -0.80 -22.53 13.74
CA PHE A 60 -2.25 -22.64 13.74
C PHE A 60 -2.77 -22.92 12.35
N LEU A 61 -2.52 -22.00 11.43
CA LEU A 61 -2.96 -22.14 10.05
C LEU A 61 -1.95 -22.96 9.24
N LYS A 62 -2.45 -23.97 8.53
CA LYS A 62 -1.59 -24.82 7.72
C LYS A 62 -0.87 -23.99 6.66
N PRO A 63 0.40 -24.35 6.36
CA PRO A 63 1.21 -23.64 5.37
C PRO A 63 0.67 -23.82 3.94
N GLN A 64 0.10 -24.99 3.67
CA GLN A 64 -0.46 -25.29 2.37
C GLN A 64 -1.52 -24.27 1.97
N ASP A 65 -2.32 -23.86 2.95
CA ASP A 65 -3.38 -22.89 2.71
C ASP A 65 -2.91 -21.47 3.03
N MET A 66 -1.92 -21.36 3.90
CA MET A 66 -1.38 -20.07 4.29
C MET A 66 -0.99 -19.25 3.07
N GLU A 67 -0.69 -19.94 1.98
CA GLU A 67 -0.29 -19.26 0.74
C GLU A 67 -1.42 -18.39 0.20
N THR A 68 -2.66 -18.74 0.56
CA THR A 68 -3.82 -17.98 0.11
C THR A 68 -4.23 -16.94 1.15
N ILE A 69 -3.88 -17.20 2.41
CA ILE A 69 -4.22 -16.29 3.49
C ILE A 69 -3.42 -15.00 3.39
N PHE A 70 -2.10 -15.12 3.47
CA PHE A 70 -1.22 -13.96 3.39
C PHE A 70 -0.97 -13.55 1.94
N VAL A 71 -0.78 -14.55 1.09
CA VAL A 71 -0.53 -14.34 -0.34
C VAL A 71 0.95 -14.03 -0.61
N ASN A 72 1.29 -12.79 -0.99
CA ASN A 72 2.67 -12.45 -1.28
C ASN A 72 3.16 -11.32 -0.38
N ILE A 73 2.75 -11.34 0.88
CA ILE A 73 3.16 -10.31 1.83
C ILE A 73 4.67 -10.18 1.88
N GLU A 74 5.37 -11.29 1.60
CA GLU A 74 6.82 -11.30 1.62
C GLU A 74 7.40 -10.49 0.47
N GLU A 75 7.09 -10.90 -0.76
CA GLU A 75 7.57 -10.21 -1.95
C GLU A 75 6.90 -8.83 -2.08
N LEU A 76 5.73 -8.69 -1.48
CA LEU A 76 4.99 -7.44 -1.53
C LEU A 76 5.54 -6.43 -0.53
N PHE A 77 5.92 -6.93 0.66
CA PHE A 77 6.48 -6.08 1.69
C PHE A 77 7.69 -5.30 1.16
N SER A 78 8.38 -5.89 0.18
CA SER A 78 9.55 -5.26 -0.42
C SER A 78 9.14 -4.16 -1.39
N VAL A 79 8.01 -4.37 -2.08
CA VAL A 79 7.51 -3.40 -3.03
C VAL A 79 7.38 -2.03 -2.40
N HIS A 80 7.03 -2.00 -1.12
CA HIS A 80 6.87 -0.74 -0.41
C HIS A 80 8.16 -0.36 0.32
N THR A 81 8.85 -1.35 0.87
CA THR A 81 10.10 -1.12 1.58
C THR A 81 11.11 -0.44 0.65
N HIS A 82 11.29 -1.02 -0.53
CA HIS A 82 12.21 -0.47 -1.51
C HIS A 82 11.67 0.82 -2.12
N PHE A 83 10.35 0.94 -2.13
CA PHE A 83 9.69 2.12 -2.68
C PHE A 83 10.29 3.40 -2.11
N LEU A 84 10.13 3.60 -0.81
CA LEU A 84 10.67 4.77 -0.14
C LEU A 84 12.19 4.81 -0.26
N LYS A 85 12.81 3.64 -0.32
CA LYS A 85 14.26 3.55 -0.46
C LYS A 85 14.73 4.19 -1.76
N GLU A 86 13.85 4.18 -2.77
CA GLU A 86 14.17 4.77 -4.06
C GLU A 86 13.86 6.27 -4.05
N LEU A 87 12.69 6.62 -3.53
CA LEU A 87 12.29 8.02 -3.45
C LEU A 87 13.30 8.85 -2.67
N LYS A 88 14.05 8.18 -1.80
CA LYS A 88 15.07 8.86 -1.00
C LYS A 88 16.00 9.67 -1.88
N ASP A 89 16.59 9.02 -2.88
CA ASP A 89 17.48 9.70 -3.82
C ASP A 89 16.69 10.42 -4.90
N ALA A 90 15.44 9.99 -5.10
CA ALA A 90 14.58 10.61 -6.10
C ALA A 90 14.07 11.96 -5.65
N LEU A 91 13.43 11.99 -4.48
CA LEU A 91 12.89 13.20 -3.92
C LEU A 91 13.99 14.20 -3.61
N ALA A 92 15.20 13.70 -3.37
CA ALA A 92 16.34 14.55 -3.05
C ALA A 92 17.05 15.04 -4.30
N GLY A 93 16.41 14.87 -5.46
CA GLY A 93 17.01 15.32 -6.71
C GLY A 93 16.85 16.82 -6.92
N PRO A 94 16.79 17.28 -8.17
CA PRO A 94 16.65 18.71 -8.49
C PRO A 94 15.31 19.27 -8.01
N GLY A 95 14.30 18.41 -7.94
CA GLY A 95 12.98 18.83 -7.49
C GLY A 95 12.00 17.68 -7.42
N ALA A 96 12.50 16.50 -7.08
CA ALA A 96 11.65 15.32 -6.97
C ALA A 96 10.88 15.07 -8.26
N THR A 97 11.54 15.32 -9.39
CA THR A 97 10.92 15.14 -10.70
C THR A 97 11.34 13.81 -11.32
N THR A 98 12.52 13.33 -10.94
CA THR A 98 13.04 12.07 -11.46
C THR A 98 12.27 10.87 -10.90
N LEU A 99 11.37 11.12 -9.96
CA LEU A 99 10.58 10.04 -9.35
C LEU A 99 9.99 9.11 -10.40
N TYR A 100 9.71 9.65 -11.58
CA TYR A 100 9.14 8.86 -12.67
C TYR A 100 9.93 7.56 -12.87
N GLN A 101 11.26 7.69 -12.95
CA GLN A 101 12.12 6.54 -13.14
C GLN A 101 11.79 5.44 -12.14
N VAL A 102 11.29 5.83 -10.98
CA VAL A 102 10.94 4.87 -9.93
C VAL A 102 9.54 4.30 -10.14
N PHE A 103 8.73 4.99 -10.93
CA PHE A 103 7.36 4.54 -11.20
C PHE A 103 7.28 3.76 -12.51
N ILE A 104 8.26 3.97 -13.38
CA ILE A 104 8.30 3.28 -14.67
C ILE A 104 8.94 1.90 -14.55
N LYS A 105 9.89 1.75 -13.63
CA LYS A 105 10.60 0.49 -13.46
C LYS A 105 9.98 -0.38 -12.36
N TYR A 106 8.97 0.14 -11.66
CA TYR A 106 8.33 -0.62 -10.58
C TYR A 106 7.18 -1.47 -11.09
N LYS A 107 6.77 -1.26 -12.34
CA LYS A 107 5.67 -2.03 -12.92
C LYS A 107 5.76 -3.51 -12.53
N GLU A 108 6.95 -4.07 -12.70
CA GLU A 108 7.20 -5.48 -12.37
C GLU A 108 6.49 -5.90 -11.08
N ARG A 109 6.69 -5.13 -10.02
CA ARG A 109 6.05 -5.43 -8.74
C ARG A 109 4.64 -4.84 -8.68
N PHE A 110 4.51 -3.59 -9.12
CA PHE A 110 3.21 -2.94 -9.15
C PHE A 110 2.19 -3.82 -9.87
N LEU A 111 2.71 -4.68 -10.76
CA LEU A 111 1.87 -5.62 -11.49
C LEU A 111 1.49 -6.79 -10.60
N VAL A 112 2.38 -7.13 -9.66
CA VAL A 112 2.11 -8.20 -8.70
C VAL A 112 0.73 -8.01 -8.08
N TYR A 113 0.31 -6.75 -7.98
CA TYR A 113 -1.00 -6.42 -7.45
C TYR A 113 -2.08 -7.18 -8.19
N GLY A 114 -1.91 -7.32 -9.50
CA GLY A 114 -2.88 -8.04 -10.30
C GLY A 114 -3.17 -9.42 -9.74
N ARG A 115 -2.12 -10.17 -9.43
CA ARG A 115 -2.26 -11.50 -8.85
C ARG A 115 -2.61 -11.39 -7.37
N TYR A 116 -2.16 -10.31 -6.75
CA TYR A 116 -2.42 -10.08 -5.33
C TYR A 116 -3.92 -9.96 -5.07
N CYS A 117 -4.56 -8.98 -5.71
CA CYS A 117 -6.00 -8.76 -5.57
C CYS A 117 -6.82 -9.95 -6.07
N SER A 118 -6.16 -10.88 -6.76
CA SER A 118 -6.83 -12.06 -7.30
C SER A 118 -7.07 -13.11 -6.22
N GLN A 119 -6.06 -13.35 -5.40
CA GLN A 119 -6.17 -14.30 -4.30
C GLN A 119 -6.62 -13.58 -3.05
N VAL A 120 -6.11 -12.37 -2.91
CA VAL A 120 -6.46 -11.49 -1.80
C VAL A 120 -7.99 -11.46 -1.61
N GLU A 121 -8.70 -11.00 -2.64
CA GLU A 121 -10.16 -10.90 -2.57
C GLU A 121 -10.76 -12.14 -1.92
N SER A 122 -10.07 -13.26 -2.08
CA SER A 122 -10.52 -14.52 -1.48
C SER A 122 -9.82 -14.74 -0.15
N ALA A 123 -8.57 -14.28 -0.04
CA ALA A 123 -7.79 -14.42 1.18
C ALA A 123 -8.59 -13.91 2.37
N SER A 124 -8.80 -12.60 2.44
CA SER A 124 -9.58 -12.01 3.51
C SER A 124 -10.91 -12.74 3.67
N LYS A 125 -11.54 -13.04 2.54
CA LYS A 125 -12.79 -13.79 2.54
C LYS A 125 -12.58 -15.14 3.20
N HIS A 126 -11.36 -15.66 3.08
CA HIS A 126 -11.01 -16.93 3.67
C HIS A 126 -11.07 -16.84 5.20
N LEU A 127 -10.51 -15.77 5.75
CA LEU A 127 -10.53 -15.57 7.21
C LEU A 127 -11.92 -15.82 7.76
N ASP A 128 -12.90 -15.16 7.16
CA ASP A 128 -14.31 -15.33 7.55
C ASP A 128 -14.63 -16.80 7.81
N GLN A 129 -13.94 -17.67 7.07
CA GLN A 129 -14.13 -19.09 7.20
C GLN A 129 -13.02 -19.71 8.07
N VAL A 130 -11.79 -19.28 7.83
CA VAL A 130 -10.64 -19.79 8.59
C VAL A 130 -10.85 -19.57 10.08
N ALA A 131 -10.86 -18.30 10.46
CA ALA A 131 -11.03 -17.91 11.85
C ALA A 131 -12.24 -18.58 12.49
N THR A 132 -13.35 -18.62 11.75
CA THR A 132 -14.58 -19.23 12.24
C THR A 132 -14.48 -20.75 12.21
N ALA A 133 -13.61 -21.26 11.34
CA ALA A 133 -13.43 -22.71 11.20
C ALA A 133 -12.55 -23.26 12.32
N ARG A 134 -11.30 -22.81 12.36
CA ARG A 134 -10.36 -23.26 13.37
C ARG A 134 -10.72 -22.72 14.75
N GLU A 135 -11.41 -21.58 14.77
CA GLU A 135 -11.82 -20.96 16.02
C GLU A 135 -10.62 -20.44 16.81
N ASP A 136 -9.75 -21.35 17.23
CA ASP A 136 -8.56 -20.98 17.98
C ASP A 136 -7.77 -19.90 17.24
N VAL A 137 -7.85 -19.92 15.92
CA VAL A 137 -7.16 -18.93 15.09
C VAL A 137 -7.88 -17.59 15.11
N GLN A 138 -9.18 -17.63 15.40
CA GLN A 138 -9.98 -16.41 15.46
C GLN A 138 -9.54 -15.53 16.62
N MET A 139 -9.78 -15.99 17.84
CA MET A 139 -9.41 -15.25 19.03
C MET A 139 -7.89 -15.00 19.05
N LYS A 140 -7.14 -15.93 18.50
CA LYS A 140 -5.69 -15.82 18.46
C LYS A 140 -5.27 -14.56 17.70
N LEU A 141 -5.93 -14.29 16.59
CA LEU A 141 -5.62 -13.13 15.77
C LEU A 141 -5.70 -11.85 16.60
N GLU A 142 -6.59 -11.83 17.58
CA GLU A 142 -6.76 -10.68 18.45
C GLU A 142 -5.44 -10.29 19.12
N GLU A 143 -4.77 -11.29 19.69
CA GLU A 143 -3.49 -11.07 20.37
C GLU A 143 -2.37 -10.78 19.37
N CYS A 144 -2.41 -11.48 18.24
CA CYS A 144 -1.40 -11.31 17.21
C CYS A 144 -1.52 -9.94 16.54
N SER A 145 -2.74 -9.41 16.51
CA SER A 145 -2.98 -8.10 15.90
C SER A 145 -2.92 -6.98 16.93
N GLN A 146 -3.09 -7.34 18.20
CA GLN A 146 -3.07 -6.36 19.28
C GLN A 146 -1.85 -5.44 19.17
N ARG A 147 -0.78 -5.96 18.57
CA ARG A 147 0.44 -5.18 18.40
C ARG A 147 0.36 -4.27 17.18
N ALA A 148 -0.51 -4.63 16.23
CA ALA A 148 -0.69 -3.84 15.03
C ALA A 148 -2.09 -3.24 14.98
N ASN A 149 -3.08 -4.08 14.69
CA ASN A 149 -4.46 -3.65 14.65
C ASN A 149 -5.32 -4.50 15.57
N ASN A 150 -5.48 -4.03 16.81
CA ASN A 150 -6.25 -4.76 17.81
C ASN A 150 -7.65 -5.09 17.29
N GLY A 151 -7.75 -6.22 16.58
CA GLY A 151 -9.04 -6.63 16.03
C GLY A 151 -9.77 -5.49 15.35
N ARG A 152 -9.12 -4.86 14.38
CA ARG A 152 -9.72 -3.74 13.66
C ARG A 152 -9.61 -3.93 12.15
N PHE A 153 -8.39 -4.14 11.66
CA PHE A 153 -8.16 -4.32 10.23
C PHE A 153 -7.24 -5.51 9.95
N THR A 154 -7.06 -6.38 10.94
CA THR A 154 -6.19 -7.54 10.80
C THR A 154 -6.32 -8.20 9.43
N LEU A 155 -5.19 -8.73 8.95
CA LEU A 155 -5.08 -9.45 7.67
C LEU A 155 -6.28 -9.24 6.74
N ARG A 156 -7.37 -9.94 7.03
CA ARG A 156 -8.59 -9.87 6.21
C ARG A 156 -8.85 -8.44 5.75
N ASP A 157 -8.51 -7.48 6.60
CA ASP A 157 -8.67 -6.06 6.27
C ASP A 157 -7.36 -5.47 5.77
N LEU A 158 -6.25 -6.01 6.26
CA LEU A 158 -4.92 -5.51 5.87
C LEU A 158 -4.66 -5.72 4.39
N LEU A 159 -4.58 -6.99 3.97
CA LEU A 159 -4.28 -7.32 2.58
C LEU A 159 -5.24 -6.63 1.61
N MET A 160 -6.38 -6.16 2.13
CA MET A 160 -7.37 -5.49 1.30
C MET A 160 -7.03 -4.01 1.09
N VAL A 161 -5.98 -3.52 1.76
CA VAL A 161 -5.59 -2.11 1.65
C VAL A 161 -4.61 -1.87 0.50
N PRO A 162 -3.57 -2.69 0.37
CA PRO A 162 -2.56 -2.55 -0.69
C PRO A 162 -3.17 -2.58 -2.08
N MET A 163 -3.97 -3.60 -2.35
CA MET A 163 -4.60 -3.79 -3.66
C MET A 163 -5.09 -2.46 -4.25
N GLN A 164 -5.47 -1.53 -3.39
CA GLN A 164 -5.98 -0.23 -3.84
C GLN A 164 -4.89 0.82 -3.85
N ARG A 165 -3.86 0.63 -3.03
CA ARG A 165 -2.76 1.59 -2.95
C ARG A 165 -2.12 1.80 -4.32
N VAL A 166 -2.17 0.76 -5.17
CA VAL A 166 -1.60 0.84 -6.51
C VAL A 166 -2.25 1.95 -7.33
N LEU A 167 -3.46 2.35 -6.92
CA LEU A 167 -4.18 3.40 -7.62
C LEU A 167 -3.95 4.75 -6.95
N LYS A 168 -3.76 4.72 -5.63
CA LYS A 168 -3.55 5.93 -4.86
C LYS A 168 -2.30 6.67 -5.33
N TYR A 169 -1.18 5.95 -5.42
CA TYR A 169 0.07 6.56 -5.87
C TYR A 169 -0.11 7.14 -7.28
N HIS A 170 -0.81 6.40 -8.13
CA HIS A 170 -1.10 6.85 -9.49
C HIS A 170 -2.06 8.05 -9.42
N LEU A 171 -3.04 7.95 -8.53
CA LEU A 171 -4.00 9.02 -8.33
C LEU A 171 -3.31 10.27 -7.81
N LEU A 172 -2.48 10.08 -6.78
CA LEU A 172 -1.72 11.18 -6.20
C LEU A 172 -0.85 11.83 -7.25
N LEU A 173 -0.09 11.00 -7.96
CA LEU A 173 0.80 11.48 -9.02
C LEU A 173 0.03 12.36 -10.00
N GLN A 174 -1.26 12.09 -10.14
CA GLN A 174 -2.11 12.87 -11.04
C GLN A 174 -2.26 14.29 -10.55
N GLU A 175 -2.51 14.45 -9.25
CA GLU A 175 -2.68 15.78 -8.66
C GLU A 175 -1.51 16.68 -9.02
N LEU A 176 -0.30 16.15 -8.96
CA LEU A 176 0.90 16.92 -9.29
C LEU A 176 0.78 17.56 -10.66
N VAL A 177 0.75 16.72 -11.71
CA VAL A 177 0.63 17.22 -13.07
C VAL A 177 -0.46 18.26 -13.21
N LYS A 178 -1.66 17.91 -12.75
CA LYS A 178 -2.80 18.83 -12.81
C LYS A 178 -2.45 20.17 -12.17
N HIS A 179 -1.48 20.15 -11.26
CA HIS A 179 -1.05 21.37 -10.57
C HIS A 179 0.41 21.67 -10.85
N THR A 180 0.92 21.16 -11.96
CA THR A 180 2.31 21.39 -12.34
C THR A 180 2.40 22.26 -13.59
N GLN A 181 2.86 23.50 -13.41
CA GLN A 181 2.99 24.43 -14.51
C GLN A 181 4.46 24.67 -14.86
N ASP A 182 5.27 23.63 -14.73
CA ASP A 182 6.70 23.72 -15.02
C ASP A 182 6.98 23.35 -16.47
N ALA A 183 8.24 23.12 -16.78
CA ALA A 183 8.65 22.76 -18.14
C ALA A 183 8.73 21.24 -18.31
N THR A 184 9.70 20.63 -17.65
CA THR A 184 9.89 19.18 -17.74
C THR A 184 9.03 18.46 -16.70
N GLU A 185 8.88 19.05 -15.53
CA GLU A 185 8.07 18.45 -14.47
C GLU A 185 6.72 18.01 -14.99
N LYS A 186 6.18 18.77 -15.94
CA LYS A 186 4.88 18.45 -16.53
C LYS A 186 5.00 17.34 -17.57
N GLU A 187 6.17 17.23 -18.17
CA GLU A 187 6.42 16.21 -19.19
C GLU A 187 6.77 14.87 -18.57
N ASN A 188 7.95 14.80 -17.96
CA ASN A 188 8.41 13.56 -17.32
C ASN A 188 7.32 12.93 -16.47
N LEU A 189 6.70 13.74 -15.62
CA LEU A 189 5.65 13.26 -14.74
C LEU A 189 4.54 12.58 -15.54
N ARG A 190 4.14 13.23 -16.63
CA ARG A 190 3.08 12.70 -17.49
C ARG A 190 3.41 11.27 -17.93
N LEU A 191 4.68 11.01 -18.17
CA LEU A 191 5.13 9.69 -18.61
C LEU A 191 4.86 8.65 -17.52
N ALA A 192 5.16 9.00 -16.28
CA ALA A 192 4.94 8.10 -15.15
C ALA A 192 3.52 7.56 -15.15
N LEU A 193 2.55 8.45 -15.31
CA LEU A 193 1.15 8.07 -15.33
C LEU A 193 0.87 7.08 -16.46
N ASP A 194 1.45 7.35 -17.62
CA ASP A 194 1.28 6.48 -18.78
C ASP A 194 1.57 5.03 -18.42
N ALA A 195 2.61 4.82 -17.63
CA ALA A 195 3.01 3.48 -17.20
C ALA A 195 2.13 3.00 -16.05
N MET A 196 2.02 3.83 -15.02
CA MET A 196 1.21 3.49 -13.86
C MET A 196 -0.23 3.19 -14.28
N ARG A 197 -0.81 4.08 -15.07
CA ARG A 197 -2.17 3.91 -15.56
C ARG A 197 -2.33 2.56 -16.23
N ASP A 198 -1.27 2.10 -16.89
CA ASP A 198 -1.29 0.81 -17.57
C ASP A 198 -1.67 -0.31 -16.61
N LEU A 199 -1.25 -0.17 -15.35
CA LEU A 199 -1.55 -1.19 -14.34
C LEU A 199 -2.97 -1.04 -13.82
N ALA A 200 -3.31 0.14 -13.33
CA ALA A 200 -4.63 0.39 -12.78
C ALA A 200 -5.74 -0.21 -13.66
N GLN A 201 -5.47 -0.27 -14.96
CA GLN A 201 -6.44 -0.78 -15.91
C GLN A 201 -6.27 -2.28 -16.16
N CYS A 202 -5.12 -2.82 -15.78
CA CYS A 202 -4.86 -4.25 -15.95
C CYS A 202 -5.07 -4.97 -14.64
N VAL A 203 -4.73 -4.29 -13.55
CA VAL A 203 -4.88 -4.84 -12.22
C VAL A 203 -6.35 -5.00 -11.88
N ASN A 204 -7.15 -4.01 -12.27
CA ASN A 204 -8.58 -4.05 -12.03
C ASN A 204 -9.30 -4.58 -13.26
N GLU A 205 -8.70 -5.58 -13.91
CA GLU A 205 -9.30 -6.17 -15.10
C GLU A 205 -8.68 -7.54 -15.33
N VAL A 206 -8.31 -8.17 -14.23
CA VAL A 206 -7.64 -9.43 -14.23
C VAL A 206 -8.39 -10.37 -13.29
N LYS A 207 -8.91 -11.44 -13.87
CA LYS A 207 -9.66 -12.44 -13.11
C LYS A 207 -10.79 -11.77 -12.32
N ARG A 208 -11.21 -10.60 -12.76
CA ARG A 208 -12.28 -9.87 -12.09
C ARG A 208 -13.63 -10.54 -12.32
N MET A 1 -13.85 1.16 4.82
CA MET A 1 -14.95 0.59 4.01
C MET A 1 -14.40 -0.30 2.89
N LYS A 2 -13.66 0.30 1.96
CA LYS A 2 -13.09 -0.43 0.85
C LYS A 2 -11.57 -0.49 0.97
N GLY A 3 -10.99 0.51 1.64
CA GLY A 3 -9.55 0.54 1.81
C GLY A 3 -9.05 1.93 2.16
N ASP A 4 -9.62 2.94 1.52
CA ASP A 4 -9.21 4.32 1.76
C ASP A 4 -9.27 4.65 3.25
N GLU A 5 -10.39 4.34 3.88
CA GLU A 5 -10.57 4.61 5.31
C GLU A 5 -9.51 3.93 6.14
N ILE A 6 -8.93 2.85 5.62
CA ILE A 6 -7.91 2.10 6.34
C ILE A 6 -6.63 2.92 6.48
N TYR A 7 -5.96 3.20 5.37
CA TYR A 7 -4.73 3.98 5.39
C TYR A 7 -4.87 5.21 6.28
N GLU A 8 -6.07 5.76 6.34
CA GLU A 8 -6.34 6.95 7.16
C GLU A 8 -6.27 6.61 8.63
N ASP A 9 -7.24 5.84 9.12
CA ASP A 9 -7.29 5.45 10.52
C ASP A 9 -6.00 4.74 10.93
N LEU A 10 -5.32 4.14 9.94
CA LEU A 10 -4.08 3.44 10.20
C LEU A 10 -3.02 4.37 10.76
N MET A 11 -3.15 5.66 10.45
CA MET A 11 -2.21 6.65 10.94
C MET A 11 -2.91 7.71 11.77
N ARG A 12 -2.39 7.95 12.98
CA ARG A 12 -2.99 8.93 13.88
C ARG A 12 -2.94 10.32 13.28
N LEU A 13 -4.10 10.83 12.89
CA LEU A 13 -4.21 12.16 12.29
C LEU A 13 -3.16 12.35 11.20
N GLU A 14 -3.31 11.58 10.12
CA GLU A 14 -2.39 11.67 9.00
C GLU A 14 -2.39 13.08 8.40
N SER A 15 -3.48 13.79 8.60
CA SER A 15 -3.60 15.15 8.07
C SER A 15 -2.49 16.04 8.60
N VAL A 16 -1.97 16.90 7.73
CA VAL A 16 -0.90 17.82 8.10
C VAL A 16 -1.42 19.00 8.90
N PRO A 17 -0.98 19.16 10.16
CA PRO A 17 -1.42 20.26 11.02
C PRO A 17 -0.77 21.58 10.63
N THR A 18 -1.52 22.43 9.94
CA THR A 18 -1.03 23.73 9.51
C THR A 18 -1.42 24.83 10.48
N PRO A 19 -0.45 25.35 11.27
CA PRO A 19 -0.72 26.42 12.24
C PRO A 19 -1.45 27.60 11.61
N PRO A 20 -1.77 28.63 12.41
CA PRO A 20 -2.47 29.82 11.93
C PRO A 20 -1.89 30.34 10.62
N LYS A 21 -2.77 30.79 9.73
CA LYS A 21 -2.34 31.32 8.43
C LYS A 21 -1.87 30.21 7.51
N MET A 22 -2.30 28.98 7.79
CA MET A 22 -1.93 27.83 6.98
C MET A 22 -0.43 27.80 6.69
N THR A 23 -0.02 26.91 5.79
CA THR A 23 1.39 26.79 5.42
C THR A 23 1.53 26.57 3.92
N GLU A 24 2.49 27.25 3.32
CA GLU A 24 2.73 27.13 1.88
C GLU A 24 3.11 25.70 1.51
N TYR A 25 3.85 25.04 2.39
CA TYR A 25 4.28 23.67 2.16
C TYR A 25 3.09 22.72 2.12
N ASP A 26 2.11 22.98 2.98
CA ASP A 26 0.91 22.14 3.04
C ASP A 26 0.27 21.99 1.67
N LYS A 27 0.54 22.94 0.78
CA LYS A 27 -0.02 22.91 -0.57
C LYS A 27 0.57 21.77 -1.39
N ARG A 28 1.89 21.80 -1.55
CA ARG A 28 2.58 20.77 -2.32
C ARG A 28 3.12 19.66 -1.42
N CYS A 29 3.91 20.04 -0.42
CA CYS A 29 4.51 19.08 0.49
C CYS A 29 3.48 18.07 0.99
N CYS A 30 2.33 18.57 1.43
CA CYS A 30 1.26 17.70 1.94
C CYS A 30 0.98 16.55 0.98
N CYS A 31 1.28 16.77 -0.30
CA CYS A 31 1.03 15.74 -1.31
C CYS A 31 2.21 14.77 -1.41
N LEU A 32 3.40 15.31 -1.66
CA LEU A 32 4.59 14.49 -1.81
C LEU A 32 4.92 13.75 -0.51
N ARG A 33 5.14 14.51 0.56
CA ARG A 33 5.48 13.93 1.85
C ARG A 33 4.52 12.80 2.21
N GLU A 34 3.27 12.94 1.77
CA GLU A 34 2.25 11.94 2.04
C GLU A 34 2.58 10.61 1.35
N ILE A 35 3.30 10.70 0.24
CA ILE A 35 3.69 9.52 -0.51
C ILE A 35 4.69 8.67 0.28
N GLN A 36 5.70 9.34 0.84
CA GLN A 36 6.73 8.65 1.61
C GLN A 36 6.28 8.46 3.06
N GLN A 37 5.45 9.37 3.55
CA GLN A 37 4.96 9.29 4.92
C GLN A 37 3.92 8.19 5.07
N THR A 38 2.92 8.20 4.19
CA THR A 38 1.86 7.20 4.24
C THR A 38 2.39 5.81 3.91
N GLU A 39 3.54 5.75 3.24
CA GLU A 39 4.14 4.47 2.88
C GLU A 39 5.13 4.00 3.95
N GLU A 40 5.90 4.95 4.48
CA GLU A 40 6.88 4.64 5.51
C GLU A 40 6.24 3.85 6.65
N LYS A 41 5.20 4.41 7.23
CA LYS A 41 4.49 3.76 8.34
C LYS A 41 3.88 2.44 7.88
N TYR A 42 3.15 2.48 6.78
CA TYR A 42 2.52 1.28 6.24
C TYR A 42 3.54 0.17 6.05
N THR A 43 4.75 0.54 5.63
CA THR A 43 5.81 -0.43 5.43
C THR A 43 6.11 -1.18 6.72
N ASP A 44 6.00 -0.48 7.85
CA ASP A 44 6.23 -1.10 9.14
C ASP A 44 5.19 -2.17 9.43
N THR A 45 4.01 -2.00 8.86
CA THR A 45 2.93 -2.97 9.05
C THR A 45 2.88 -3.96 7.89
N LEU A 46 3.33 -3.52 6.72
CA LEU A 46 3.35 -4.36 5.54
C LEU A 46 4.17 -5.62 5.79
N GLY A 47 5.31 -5.46 6.46
CA GLY A 47 6.16 -6.59 6.77
C GLY A 47 5.71 -7.31 8.03
N SER A 48 5.13 -6.57 8.97
CA SER A 48 4.66 -7.15 10.22
C SER A 48 3.77 -8.36 9.94
N ILE A 49 3.14 -8.37 8.76
CA ILE A 49 2.28 -9.47 8.36
C ILE A 49 3.09 -10.76 8.15
N GLN A 50 4.40 -10.61 7.99
CA GLN A 50 5.27 -11.76 7.76
C GLN A 50 5.77 -12.35 9.08
N GLN A 51 6.76 -11.69 9.68
CA GLN A 51 7.33 -12.15 10.94
C GLN A 51 6.26 -12.31 12.02
N HIS A 52 5.73 -11.17 12.46
CA HIS A 52 4.70 -11.17 13.50
C HIS A 52 3.32 -11.36 12.90
N PHE A 53 3.06 -12.55 12.38
CA PHE A 53 1.77 -12.86 11.78
C PHE A 53 1.82 -14.20 11.05
N MET A 54 2.99 -14.55 10.52
CA MET A 54 3.16 -15.80 9.79
C MET A 54 3.71 -16.91 10.70
N LYS A 55 4.75 -16.58 11.46
CA LYS A 55 5.39 -17.54 12.34
C LYS A 55 4.44 -18.04 13.43
N PRO A 56 4.03 -17.16 14.35
CA PRO A 56 3.15 -17.53 15.47
C PRO A 56 1.80 -18.10 15.00
N LEU A 57 1.50 -17.93 13.72
CA LEU A 57 0.24 -18.40 13.17
C LEU A 57 0.31 -19.89 12.84
N GLN A 58 1.51 -20.36 12.52
CA GLN A 58 1.72 -21.75 12.16
C GLN A 58 1.04 -22.70 13.15
N ARG A 59 0.86 -22.23 14.37
CA ARG A 59 0.23 -23.05 15.41
C ARG A 59 -1.29 -23.12 15.24
N PHE A 60 -1.82 -22.49 14.19
CA PHE A 60 -3.25 -22.50 13.95
C PHE A 60 -3.55 -22.75 12.47
N LEU A 61 -3.10 -21.85 11.62
CA LEU A 61 -3.32 -21.96 10.19
C LEU A 61 -2.38 -23.00 9.57
N LYS A 62 -2.95 -24.02 8.96
CA LYS A 62 -2.17 -25.08 8.33
C LYS A 62 -1.08 -24.51 7.44
N PRO A 63 0.16 -25.01 7.55
CA PRO A 63 1.29 -24.54 6.73
C PRO A 63 1.00 -24.60 5.24
N GLN A 64 0.33 -25.68 4.82
CA GLN A 64 0.00 -25.85 3.41
C GLN A 64 -0.98 -24.80 2.93
N ASP A 65 -1.86 -24.37 3.82
CA ASP A 65 -2.86 -23.35 3.49
C ASP A 65 -2.35 -21.95 3.80
N MET A 66 -1.36 -21.86 4.66
CA MET A 66 -0.78 -20.58 5.05
C MET A 66 -0.46 -19.73 3.82
N GLU A 67 -0.13 -20.39 2.72
CA GLU A 67 0.21 -19.70 1.48
C GLU A 67 -0.89 -18.71 1.09
N THR A 68 -2.07 -19.23 0.77
CA THR A 68 -3.20 -18.40 0.38
C THR A 68 -3.39 -17.24 1.34
N ILE A 69 -3.43 -17.54 2.64
CA ILE A 69 -3.60 -16.52 3.66
C ILE A 69 -2.52 -15.44 3.54
N PHE A 70 -1.30 -15.86 3.28
CA PHE A 70 -0.18 -14.93 3.12
C PHE A 70 0.49 -15.14 1.77
N VAL A 71 -0.28 -14.97 0.71
CA VAL A 71 0.19 -15.17 -0.66
C VAL A 71 1.59 -14.53 -0.87
N ASN A 72 1.63 -13.29 -1.34
CA ASN A 72 2.90 -12.64 -1.65
C ASN A 72 3.34 -11.66 -0.55
N ILE A 73 2.70 -11.72 0.60
CA ILE A 73 3.04 -10.84 1.72
C ILE A 73 4.57 -10.74 1.89
N GLU A 74 5.29 -11.79 1.49
CA GLU A 74 6.74 -11.81 1.60
C GLU A 74 7.39 -10.97 0.52
N GLU A 75 6.97 -11.17 -0.73
CA GLU A 75 7.52 -10.43 -1.87
C GLU A 75 6.89 -9.06 -1.99
N LEU A 76 5.63 -8.95 -1.59
CA LEU A 76 4.90 -7.69 -1.67
C LEU A 76 5.51 -6.65 -0.72
N PHE A 77 6.01 -7.12 0.41
CA PHE A 77 6.64 -6.23 1.39
C PHE A 77 7.76 -5.43 0.74
N SER A 78 8.43 -6.03 -0.25
CA SER A 78 9.52 -5.38 -0.96
C SER A 78 9.01 -4.18 -1.75
N VAL A 79 7.92 -4.38 -2.48
CA VAL A 79 7.32 -3.32 -3.29
C VAL A 79 7.11 -2.06 -2.45
N HIS A 80 6.99 -2.23 -1.14
CA HIS A 80 6.79 -1.11 -0.24
C HIS A 80 8.13 -0.64 0.35
N THR A 81 8.97 -1.59 0.72
CA THR A 81 10.27 -1.28 1.31
C THR A 81 11.20 -0.66 0.28
N HIS A 82 11.49 -1.40 -0.79
CA HIS A 82 12.37 -0.93 -1.84
C HIS A 82 11.90 0.41 -2.41
N PHE A 83 10.58 0.59 -2.49
CA PHE A 83 10.00 1.81 -3.02
C PHE A 83 10.56 3.03 -2.30
N LEU A 84 10.42 3.05 -0.97
CA LEU A 84 10.91 4.16 -0.18
C LEU A 84 12.37 4.48 -0.51
N LYS A 85 13.21 3.45 -0.49
CA LYS A 85 14.63 3.61 -0.79
C LYS A 85 14.82 4.33 -2.12
N GLU A 86 14.02 3.95 -3.12
CA GLU A 86 14.10 4.56 -4.44
C GLU A 86 13.54 5.98 -4.44
N LEU A 87 12.55 6.21 -3.58
CA LEU A 87 11.93 7.53 -3.48
C LEU A 87 12.91 8.55 -2.91
N LYS A 88 13.75 8.09 -1.99
CA LYS A 88 14.74 8.97 -1.36
C LYS A 88 15.49 9.78 -2.40
N ASP A 89 16.18 9.08 -3.30
CA ASP A 89 16.95 9.74 -4.35
C ASP A 89 16.04 10.61 -5.21
N ALA A 90 14.78 10.23 -5.30
CA ALA A 90 13.80 10.99 -6.08
C ALA A 90 13.40 12.27 -5.37
N LEU A 91 12.78 12.13 -4.20
CA LEU A 91 12.35 13.28 -3.42
C LEU A 91 13.51 14.24 -3.16
N ALA A 92 14.67 13.67 -2.87
CA ALA A 92 15.86 14.47 -2.61
C ALA A 92 16.34 15.19 -3.86
N GLY A 93 15.87 14.75 -5.03
CA GLY A 93 16.28 15.37 -6.28
C GLY A 93 16.10 16.87 -6.26
N PRO A 94 16.37 17.55 -7.39
CA PRO A 94 16.24 19.00 -7.49
C PRO A 94 14.87 19.50 -7.02
N GLY A 95 13.87 18.64 -7.14
CA GLY A 95 12.53 19.01 -6.72
C GLY A 95 11.52 17.88 -6.91
N ALA A 96 11.96 16.66 -6.63
CA ALA A 96 11.11 15.49 -6.78
C ALA A 96 10.48 15.42 -8.17
N THR A 97 11.27 15.76 -9.18
CA THR A 97 10.80 15.73 -10.56
C THR A 97 11.24 14.46 -11.27
N THR A 98 12.16 13.71 -10.65
CA THR A 98 12.66 12.48 -11.25
C THR A 98 12.02 11.24 -10.59
N LEU A 99 10.89 11.44 -9.94
CA LEU A 99 10.19 10.32 -9.29
C LEU A 99 9.67 9.34 -10.33
N TYR A 100 9.43 9.83 -11.53
CA TYR A 100 8.92 8.99 -12.62
C TYR A 100 9.84 7.79 -12.84
N GLN A 101 11.14 8.06 -12.89
CA GLN A 101 12.13 7.00 -13.11
C GLN A 101 11.87 5.81 -12.20
N VAL A 102 11.39 6.07 -10.99
CA VAL A 102 11.10 5.02 -10.03
C VAL A 102 9.71 4.42 -10.24
N PHE A 103 8.87 5.10 -11.03
CA PHE A 103 7.52 4.63 -11.28
C PHE A 103 7.42 3.85 -12.60
N ILE A 104 8.28 4.18 -13.55
CA ILE A 104 8.26 3.55 -14.87
C ILE A 104 8.70 2.09 -14.81
N LYS A 105 9.75 1.81 -14.05
CA LYS A 105 10.30 0.45 -13.98
C LYS A 105 9.71 -0.37 -12.82
N TYR A 106 8.86 0.25 -12.01
CA TYR A 106 8.26 -0.45 -10.87
C TYR A 106 6.95 -1.13 -11.24
N LYS A 107 6.34 -0.70 -12.34
CA LYS A 107 5.07 -1.27 -12.78
C LYS A 107 5.12 -2.80 -12.70
N GLU A 108 6.32 -3.35 -12.85
CA GLU A 108 6.51 -4.79 -12.75
C GLU A 108 5.91 -5.34 -11.46
N ARG A 109 6.29 -4.75 -10.34
CA ARG A 109 5.77 -5.16 -9.04
C ARG A 109 4.35 -4.66 -8.85
N PHE A 110 4.11 -3.41 -9.24
CA PHE A 110 2.76 -2.85 -9.15
C PHE A 110 1.77 -3.79 -9.81
N LEU A 111 2.20 -4.43 -10.90
CA LEU A 111 1.38 -5.39 -11.59
C LEU A 111 0.98 -6.51 -10.64
N VAL A 112 1.87 -6.81 -9.68
CA VAL A 112 1.58 -7.81 -8.67
C VAL A 112 0.25 -7.51 -8.01
N TYR A 113 -0.07 -6.23 -7.92
CA TYR A 113 -1.35 -5.80 -7.34
C TYR A 113 -2.50 -6.59 -7.97
N GLY A 114 -2.37 -6.86 -9.27
CA GLY A 114 -3.39 -7.62 -9.97
C GLY A 114 -3.43 -9.07 -9.52
N ARG A 115 -2.27 -9.74 -9.58
CA ARG A 115 -2.17 -11.12 -9.16
C ARG A 115 -2.47 -11.24 -7.67
N TYR A 116 -2.11 -10.21 -6.92
CA TYR A 116 -2.35 -10.18 -5.49
C TYR A 116 -3.85 -10.20 -5.20
N CYS A 117 -4.60 -9.41 -5.95
CA CYS A 117 -6.05 -9.35 -5.80
C CYS A 117 -6.73 -10.63 -6.29
N SER A 118 -5.95 -11.54 -6.88
CA SER A 118 -6.49 -12.80 -7.40
C SER A 118 -6.42 -13.89 -6.34
N GLN A 119 -5.36 -13.88 -5.56
CA GLN A 119 -5.20 -14.83 -4.46
C GLN A 119 -5.83 -14.24 -3.22
N VAL A 120 -5.71 -12.93 -3.11
CA VAL A 120 -6.33 -12.17 -2.03
C VAL A 120 -7.83 -12.45 -1.96
N GLU A 121 -8.53 -12.14 -3.05
CA GLU A 121 -9.97 -12.36 -3.13
C GLU A 121 -10.35 -13.74 -2.57
N SER A 122 -9.41 -14.67 -2.67
CA SER A 122 -9.61 -16.01 -2.15
C SER A 122 -9.05 -16.14 -0.73
N ALA A 123 -7.98 -15.40 -0.46
CA ALA A 123 -7.35 -15.41 0.85
C ALA A 123 -8.21 -14.68 1.87
N SER A 124 -8.44 -13.38 1.62
CA SER A 124 -9.28 -12.58 2.50
C SER A 124 -10.59 -13.29 2.78
N LYS A 125 -11.07 -14.03 1.79
CA LYS A 125 -12.29 -14.81 1.93
C LYS A 125 -12.02 -16.04 2.79
N HIS A 126 -10.84 -16.61 2.63
CA HIS A 126 -10.44 -17.78 3.42
C HIS A 126 -10.49 -17.47 4.91
N LEU A 127 -9.86 -16.35 5.28
CA LEU A 127 -9.84 -15.92 6.67
C LEU A 127 -11.25 -15.89 7.25
N ASP A 128 -12.18 -15.31 6.50
CA ASP A 128 -13.57 -15.22 6.93
C ASP A 128 -14.10 -16.58 7.36
N GLN A 129 -13.73 -17.61 6.61
CA GLN A 129 -14.17 -18.97 6.91
C GLN A 129 -13.29 -19.61 7.98
N VAL A 130 -11.99 -19.31 7.92
CA VAL A 130 -11.05 -19.85 8.89
C VAL A 130 -11.37 -19.39 10.30
N ALA A 131 -11.35 -18.08 10.52
CA ALA A 131 -11.64 -17.50 11.83
C ALA A 131 -12.94 -18.05 12.37
N THR A 132 -13.91 -18.28 11.49
CA THR A 132 -15.21 -18.81 11.89
C THR A 132 -15.15 -20.32 12.09
N ALA A 133 -14.30 -20.98 11.31
CA ALA A 133 -14.14 -22.43 11.40
C ALA A 133 -13.88 -22.85 12.83
N ARG A 134 -12.90 -22.21 13.46
CA ARG A 134 -12.53 -22.51 14.84
C ARG A 134 -12.55 -21.25 15.70
N GLU A 135 -12.13 -21.40 16.95
CA GLU A 135 -12.09 -20.27 17.88
C GLU A 135 -10.65 -19.88 18.21
N ASP A 136 -9.74 -20.85 18.11
CA ASP A 136 -8.34 -20.62 18.41
C ASP A 136 -7.75 -19.59 17.46
N VAL A 137 -8.29 -19.53 16.24
CA VAL A 137 -7.81 -18.59 15.23
C VAL A 137 -8.56 -17.26 15.32
N GLN A 138 -9.77 -17.31 15.82
CA GLN A 138 -10.60 -16.11 15.96
C GLN A 138 -9.95 -15.10 16.89
N MET A 139 -9.79 -15.47 18.15
CA MET A 139 -9.19 -14.58 19.15
C MET A 139 -7.74 -14.28 18.82
N LYS A 140 -6.96 -15.34 18.55
CA LYS A 140 -5.55 -15.19 18.23
C LYS A 140 -5.33 -14.10 17.18
N LEU A 141 -6.11 -14.14 16.12
CA LEU A 141 -5.99 -13.17 15.04
C LEU A 141 -6.09 -11.74 15.56
N GLU A 142 -7.05 -11.51 16.44
CA GLU A 142 -7.26 -10.17 17.00
C GLU A 142 -6.13 -9.78 17.95
N GLU A 143 -5.82 -10.65 18.89
CA GLU A 143 -4.76 -10.39 19.87
C GLU A 143 -3.40 -10.34 19.20
N CYS A 144 -3.06 -11.38 18.45
CA CYS A 144 -1.77 -11.45 17.78
C CYS A 144 -1.52 -10.22 16.92
N SER A 145 -2.59 -9.65 16.40
CA SER A 145 -2.48 -8.47 15.55
C SER A 145 -1.99 -7.25 16.34
N GLN A 146 -2.03 -7.33 17.67
CA GLN A 146 -1.60 -6.24 18.51
C GLN A 146 -0.25 -5.68 18.06
N ARG A 147 0.59 -6.55 17.50
CA ARG A 147 1.90 -6.15 17.02
C ARG A 147 1.79 -5.18 15.85
N ALA A 148 0.67 -5.26 15.14
CA ALA A 148 0.43 -4.37 14.00
C ALA A 148 -0.79 -3.49 14.25
N ASN A 149 -1.96 -4.12 14.33
CA ASN A 149 -3.20 -3.41 14.59
C ASN A 149 -4.14 -4.26 15.43
N ASN A 150 -4.27 -3.90 16.71
CA ASN A 150 -5.12 -4.64 17.63
C ASN A 150 -6.54 -4.79 17.08
N GLY A 151 -6.74 -5.83 16.28
CA GLY A 151 -8.05 -6.07 15.69
C GLY A 151 -8.68 -4.81 15.11
N ARG A 152 -8.14 -4.35 13.99
CA ARG A 152 -8.64 -3.15 13.33
C ARG A 152 -8.71 -3.32 11.82
N PHE A 153 -7.59 -3.76 11.24
CA PHE A 153 -7.52 -3.97 9.79
C PHE A 153 -6.72 -5.21 9.44
N THR A 154 -6.51 -6.09 10.42
CA THR A 154 -5.73 -7.31 10.21
C THR A 154 -6.05 -7.97 8.88
N LEU A 155 -5.03 -8.65 8.33
CA LEU A 155 -5.11 -9.39 7.06
C LEU A 155 -6.35 -9.09 6.23
N ARG A 156 -7.49 -9.65 6.64
CA ARG A 156 -8.75 -9.46 5.93
C ARG A 156 -8.91 -8.02 5.43
N ASP A 157 -8.43 -7.07 6.23
CA ASP A 157 -8.51 -5.66 5.87
C ASP A 157 -7.18 -5.19 5.27
N LEU A 158 -6.10 -5.89 5.60
CA LEU A 158 -4.76 -5.52 5.12
C LEU A 158 -4.62 -5.80 3.62
N LEU A 159 -4.48 -7.08 3.26
CA LEU A 159 -4.28 -7.46 1.86
C LEU A 159 -5.24 -6.72 0.92
N MET A 160 -6.41 -6.35 1.44
CA MET A 160 -7.41 -5.68 0.63
C MET A 160 -7.09 -4.19 0.43
N VAL A 161 -6.15 -3.67 1.22
CA VAL A 161 -5.78 -2.26 1.14
C VAL A 161 -5.04 -1.92 -0.16
N PRO A 162 -3.93 -2.61 -0.46
CA PRO A 162 -3.14 -2.34 -1.68
C PRO A 162 -4.01 -2.27 -2.94
N MET A 163 -5.16 -2.90 -2.89
CA MET A 163 -6.09 -2.89 -4.02
C MET A 163 -6.37 -1.46 -4.46
N GLN A 164 -6.17 -0.50 -3.56
CA GLN A 164 -6.40 0.90 -3.86
C GLN A 164 -5.10 1.61 -4.20
N ARG A 165 -3.99 1.07 -3.72
CA ARG A 165 -2.67 1.66 -3.99
C ARG A 165 -2.51 1.99 -5.46
N VAL A 166 -2.39 0.95 -6.27
CA VAL A 166 -2.23 1.10 -7.72
C VAL A 166 -3.18 2.17 -8.27
N LEU A 167 -4.37 2.25 -7.70
CA LEU A 167 -5.35 3.24 -8.12
C LEU A 167 -4.97 4.62 -7.60
N LYS A 168 -4.46 4.66 -6.37
CA LYS A 168 -4.03 5.91 -5.75
C LYS A 168 -2.72 6.40 -6.36
N TYR A 169 -1.95 5.47 -6.91
CA TYR A 169 -0.67 5.81 -7.54
C TYR A 169 -0.85 6.95 -8.53
N HIS A 170 -1.38 6.62 -9.70
CA HIS A 170 -1.61 7.62 -10.74
C HIS A 170 -2.49 8.75 -10.20
N LEU A 171 -3.46 8.40 -9.37
CA LEU A 171 -4.36 9.38 -8.79
C LEU A 171 -3.58 10.44 -8.02
N LEU A 172 -2.98 10.04 -6.90
CA LEU A 172 -2.19 10.95 -6.09
C LEU A 172 -1.11 11.61 -6.95
N LEU A 173 -0.42 10.79 -7.74
CA LEU A 173 0.61 11.29 -8.63
C LEU A 173 0.05 12.40 -9.51
N GLN A 174 -1.23 12.26 -9.87
CA GLN A 174 -1.89 13.25 -10.70
C GLN A 174 -1.94 14.60 -10.00
N GLU A 175 -2.08 14.58 -8.68
CA GLU A 175 -2.12 15.80 -7.89
C GLU A 175 -0.84 16.59 -8.06
N LEU A 176 0.28 15.87 -8.20
CA LEU A 176 1.58 16.50 -8.37
C LEU A 176 1.67 17.18 -9.74
N VAL A 177 0.97 16.62 -10.72
CA VAL A 177 0.97 17.17 -12.07
C VAL A 177 0.02 18.36 -12.18
N LYS A 178 -1.14 18.25 -11.54
CA LYS A 178 -2.13 19.31 -11.56
C LYS A 178 -1.55 20.61 -11.01
N HIS A 179 -0.51 20.49 -10.18
CA HIS A 179 0.12 21.66 -9.59
C HIS A 179 1.45 21.96 -10.29
N THR A 180 1.55 21.61 -11.56
CA THR A 180 2.76 21.83 -12.34
C THR A 180 2.46 22.61 -13.61
N GLN A 181 3.20 23.69 -13.83
CA GLN A 181 3.03 24.52 -15.01
C GLN A 181 4.18 24.35 -15.98
N ASP A 182 5.37 24.07 -15.44
CA ASP A 182 6.56 23.89 -16.26
C ASP A 182 6.37 22.74 -17.24
N ALA A 183 6.76 22.97 -18.50
CA ALA A 183 6.63 21.97 -19.53
C ALA A 183 7.32 20.66 -19.14
N THR A 184 8.63 20.73 -18.92
CA THR A 184 9.40 19.55 -18.55
C THR A 184 8.82 18.89 -17.31
N GLU A 185 8.88 19.58 -16.18
CA GLU A 185 8.36 19.05 -14.91
C GLU A 185 6.97 18.45 -15.09
N LYS A 186 6.17 19.07 -15.95
CA LYS A 186 4.81 18.60 -16.20
C LYS A 186 4.82 17.39 -17.14
N GLU A 187 5.65 17.48 -18.18
CA GLU A 187 5.75 16.41 -19.17
C GLU A 187 6.25 15.12 -18.53
N ASN A 188 7.52 15.13 -18.11
CA ASN A 188 8.14 13.95 -17.50
C ASN A 188 7.21 13.30 -16.46
N LEU A 189 6.63 14.13 -15.60
CA LEU A 189 5.74 13.64 -14.56
C LEU A 189 4.52 12.95 -15.18
N ARG A 190 3.94 13.59 -16.18
CA ARG A 190 2.77 13.05 -16.87
C ARG A 190 3.07 11.64 -17.41
N LEU A 191 4.35 11.38 -17.67
CA LEU A 191 4.75 10.08 -18.19
C LEU A 191 4.55 8.99 -17.13
N ALA A 192 4.98 9.29 -15.90
CA ALA A 192 4.82 8.34 -14.81
C ALA A 192 3.37 7.87 -14.72
N LEU A 193 2.46 8.76 -15.09
CA LEU A 193 1.03 8.45 -15.08
C LEU A 193 0.70 7.44 -16.19
N ASP A 194 1.14 7.75 -17.40
CA ASP A 194 0.89 6.89 -18.56
C ASP A 194 1.20 5.43 -18.24
N ALA A 195 2.13 5.21 -17.32
CA ALA A 195 2.51 3.87 -16.92
C ALA A 195 1.64 3.38 -15.77
N MET A 196 1.53 4.20 -14.72
CA MET A 196 0.72 3.85 -13.57
C MET A 196 -0.73 3.59 -13.98
N ARG A 197 -1.29 4.51 -14.76
CA ARG A 197 -2.67 4.37 -15.22
C ARG A 197 -2.84 3.08 -16.01
N ASP A 198 -1.75 2.58 -16.59
CA ASP A 198 -1.78 1.36 -17.38
C ASP A 198 -2.22 0.17 -16.53
N LEU A 199 -1.85 0.19 -15.25
CA LEU A 199 -2.21 -0.88 -14.33
C LEU A 199 -3.71 -0.91 -14.10
N ALA A 200 -4.27 0.24 -13.75
CA ALA A 200 -5.71 0.34 -13.47
C ALA A 200 -6.56 -0.42 -14.49
N GLN A 201 -6.03 -0.58 -15.70
CA GLN A 201 -6.76 -1.26 -16.76
C GLN A 201 -6.48 -2.76 -16.78
N CYS A 202 -5.34 -3.16 -16.22
CA CYS A 202 -4.99 -4.57 -16.17
C CYS A 202 -5.28 -5.15 -14.80
N VAL A 203 -5.06 -4.32 -13.79
CA VAL A 203 -5.28 -4.71 -12.41
C VAL A 203 -6.77 -4.80 -12.10
N ASN A 204 -7.55 -3.94 -12.76
CA ASN A 204 -8.99 -3.93 -12.58
C ASN A 204 -9.67 -4.75 -13.68
N GLU A 205 -8.94 -5.72 -14.22
CA GLU A 205 -9.44 -6.57 -15.27
C GLU A 205 -8.73 -7.92 -15.25
N VAL A 206 -8.46 -8.40 -14.04
CA VAL A 206 -7.76 -9.65 -13.85
C VAL A 206 -8.68 -10.85 -14.09
N LYS A 207 -8.73 -11.29 -15.33
CA LYS A 207 -9.56 -12.42 -15.72
C LYS A 207 -8.77 -13.72 -15.68
N ARG A 208 -8.16 -14.01 -14.53
CA ARG A 208 -7.36 -15.22 -14.37
C ARG A 208 -6.27 -15.30 -15.42
N MET A 1 -15.76 2.38 4.21
CA MET A 1 -15.03 2.01 2.97
C MET A 1 -14.34 0.66 3.13
N LYS A 2 -13.53 0.30 2.14
CA LYS A 2 -12.80 -0.96 2.16
C LYS A 2 -11.31 -0.73 2.00
N GLY A 3 -10.85 0.45 2.41
CA GLY A 3 -9.44 0.78 2.30
C GLY A 3 -9.15 2.22 2.65
N ASP A 4 -10.05 3.13 2.23
CA ASP A 4 -9.88 4.55 2.50
C ASP A 4 -9.72 4.80 4.00
N GLU A 5 -10.68 4.35 4.79
CA GLU A 5 -10.65 4.52 6.23
C GLU A 5 -9.40 3.87 6.82
N ILE A 6 -8.93 2.81 6.16
CA ILE A 6 -7.75 2.10 6.62
C ILE A 6 -6.50 2.99 6.58
N TYR A 7 -6.08 3.36 5.38
CA TYR A 7 -4.92 4.22 5.22
C TYR A 7 -5.03 5.45 6.11
N GLU A 8 -6.25 5.97 6.26
CA GLU A 8 -6.48 7.15 7.07
C GLU A 8 -5.79 7.04 8.42
N ASP A 9 -6.18 6.04 9.20
CA ASP A 9 -5.58 5.83 10.52
C ASP A 9 -4.36 4.90 10.43
N LEU A 10 -4.16 4.27 9.27
CA LEU A 10 -3.06 3.35 9.08
C LEU A 10 -1.80 4.05 8.58
N MET A 11 -1.92 5.32 8.20
CA MET A 11 -0.78 6.07 7.69
C MET A 11 -1.11 7.54 7.43
N ARG A 12 -2.36 7.81 7.04
CA ARG A 12 -2.78 9.18 6.76
C ARG A 12 -3.28 9.89 8.02
N LEU A 13 -2.90 9.39 9.18
CA LEU A 13 -3.29 9.99 10.44
C LEU A 13 -2.32 11.09 10.85
N GLU A 14 -1.08 10.92 10.44
CA GLU A 14 -0.05 11.88 10.75
C GLU A 14 -0.26 13.19 10.01
N SER A 15 -0.66 14.23 10.74
CA SER A 15 -0.90 15.53 10.15
C SER A 15 0.41 16.24 9.83
N VAL A 16 0.36 17.19 8.90
CA VAL A 16 1.55 17.94 8.51
C VAL A 16 1.74 19.17 9.40
N PRO A 17 2.83 19.21 10.18
CA PRO A 17 3.11 20.34 11.07
C PRO A 17 3.10 21.67 10.33
N THR A 18 2.01 22.42 10.49
CA THR A 18 1.88 23.72 9.85
C THR A 18 1.45 24.78 10.85
N PRO A 19 1.73 26.07 10.56
CA PRO A 19 1.37 27.17 11.45
C PRO A 19 -0.10 27.15 11.85
N PRO A 20 -0.56 28.15 12.61
CA PRO A 20 -1.95 28.24 13.07
C PRO A 20 -2.94 28.15 11.91
N LYS A 21 -4.21 27.98 12.25
CA LYS A 21 -5.26 27.88 11.23
C LYS A 21 -5.01 26.71 10.29
N MET A 22 -4.93 25.51 10.86
CA MET A 22 -4.69 24.30 10.07
C MET A 22 -5.76 24.14 8.99
N THR A 23 -5.32 23.77 7.79
CA THR A 23 -6.25 23.57 6.68
C THR A 23 -5.76 22.47 5.74
N GLU A 24 -6.68 21.64 5.28
CA GLU A 24 -6.35 20.54 4.39
C GLU A 24 -5.57 21.05 3.17
N TYR A 25 -5.77 22.33 2.85
CA TYR A 25 -5.09 22.94 1.71
C TYR A 25 -3.59 22.66 1.73
N ASP A 26 -3.04 22.56 2.94
CA ASP A 26 -1.61 22.29 3.11
C ASP A 26 -1.26 20.92 2.53
N LYS A 27 -2.21 20.00 2.58
CA LYS A 27 -2.00 18.66 2.06
C LYS A 27 -1.78 18.68 0.55
N ARG A 28 -2.41 19.66 -0.11
CA ARG A 28 -2.27 19.81 -1.55
C ARG A 28 -0.80 19.91 -1.96
N CYS A 29 -0.17 21.00 -1.58
CA CYS A 29 1.25 21.21 -1.89
C CYS A 29 2.10 20.12 -1.27
N CYS A 30 1.59 19.50 -0.21
CA CYS A 30 2.32 18.44 0.49
C CYS A 30 2.11 17.09 -0.18
N CYS A 31 1.25 17.04 -1.21
CA CYS A 31 0.96 15.79 -1.92
C CYS A 31 2.20 14.91 -2.08
N LEU A 32 3.29 15.51 -2.52
CA LEU A 32 4.54 14.78 -2.71
C LEU A 32 5.12 14.34 -1.37
N ARG A 33 5.35 15.30 -0.48
CA ARG A 33 5.90 15.02 0.84
C ARG A 33 5.20 13.83 1.50
N GLU A 34 3.89 13.75 1.30
CA GLU A 34 3.10 12.65 1.86
C GLU A 34 3.54 11.32 1.27
N ILE A 35 3.84 11.32 -0.02
CA ILE A 35 4.28 10.11 -0.70
C ILE A 35 5.42 9.44 0.05
N GLN A 36 6.29 10.26 0.65
CA GLN A 36 7.42 9.74 1.41
C GLN A 36 6.98 9.29 2.79
N GLN A 37 6.60 10.25 3.63
CA GLN A 37 6.17 9.95 4.99
C GLN A 37 5.11 8.86 5.00
N THR A 38 4.06 9.06 4.22
CA THR A 38 2.96 8.09 4.14
C THR A 38 3.47 6.68 3.90
N GLU A 39 4.34 6.54 2.90
CA GLU A 39 4.90 5.23 2.54
C GLU A 39 5.66 4.62 3.71
N GLU A 40 6.55 5.41 4.31
CA GLU A 40 7.37 4.94 5.42
C GLU A 40 6.55 4.15 6.44
N LYS A 41 5.52 4.78 6.98
CA LYS A 41 4.67 4.14 7.99
C LYS A 41 4.05 2.85 7.45
N TYR A 42 3.25 2.98 6.39
CA TYR A 42 2.59 1.81 5.80
C TYR A 42 3.60 0.72 5.49
N THR A 43 4.82 1.11 5.19
CA THR A 43 5.87 0.13 4.87
C THR A 43 6.29 -0.65 6.11
N ASP A 44 6.30 0.02 7.26
CA ASP A 44 6.68 -0.62 8.52
C ASP A 44 5.74 -1.78 8.84
N THR A 45 4.45 -1.59 8.56
CA THR A 45 3.46 -2.62 8.83
C THR A 45 3.34 -3.59 7.65
N LEU A 46 3.62 -3.09 6.45
CA LEU A 46 3.54 -3.91 5.25
C LEU A 46 4.27 -5.23 5.44
N GLY A 47 5.49 -5.17 5.97
CA GLY A 47 6.26 -6.38 6.18
C GLY A 47 5.91 -7.07 7.49
N SER A 48 5.27 -6.34 8.40
CA SER A 48 4.88 -6.89 9.68
C SER A 48 4.04 -8.15 9.52
N ILE A 49 3.32 -8.22 8.40
CA ILE A 49 2.47 -9.38 8.12
C ILE A 49 3.30 -10.64 7.87
N GLN A 50 4.57 -10.46 7.53
CA GLN A 50 5.46 -11.58 7.25
C GLN A 50 5.93 -12.25 8.54
N GLN A 51 6.73 -11.53 9.31
CA GLN A 51 7.27 -12.06 10.56
C GLN A 51 6.21 -12.06 11.65
N HIS A 52 5.76 -10.87 12.04
CA HIS A 52 4.76 -10.74 13.10
C HIS A 52 3.35 -11.00 12.56
N PHE A 53 3.10 -12.22 12.10
CA PHE A 53 1.79 -12.59 11.58
C PHE A 53 1.81 -13.99 10.95
N MET A 54 2.94 -14.34 10.33
CA MET A 54 3.06 -15.63 9.68
C MET A 54 3.70 -16.67 10.60
N LYS A 55 4.81 -16.29 11.22
CA LYS A 55 5.54 -17.20 12.10
C LYS A 55 4.67 -17.73 13.24
N PRO A 56 4.17 -16.84 14.11
CA PRO A 56 3.37 -17.22 15.28
C PRO A 56 2.04 -17.87 14.91
N LEU A 57 1.60 -17.66 13.68
CA LEU A 57 0.32 -18.22 13.21
C LEU A 57 0.45 -19.72 12.99
N GLN A 58 1.66 -20.17 12.71
CA GLN A 58 1.92 -21.59 12.46
C GLN A 58 1.36 -22.47 13.57
N ARG A 59 1.13 -21.89 14.74
CA ARG A 59 0.63 -22.64 15.88
C ARG A 59 -0.91 -22.70 15.88
N PHE A 60 -1.52 -22.41 14.74
CA PHE A 60 -2.97 -22.45 14.63
C PHE A 60 -3.41 -22.88 13.24
N LEU A 61 -3.03 -22.10 12.24
CA LEU A 61 -3.37 -22.38 10.86
C LEU A 61 -2.34 -23.27 10.19
N LYS A 62 -2.80 -24.27 9.45
CA LYS A 62 -1.89 -25.19 8.76
C LYS A 62 -1.08 -24.47 7.69
N PRO A 63 0.16 -24.90 7.45
CA PRO A 63 1.04 -24.29 6.45
C PRO A 63 0.53 -24.51 5.03
N GLN A 64 -0.15 -25.63 4.81
CA GLN A 64 -0.68 -25.96 3.50
C GLN A 64 -1.66 -24.90 3.02
N ASP A 65 -2.44 -24.36 3.94
CA ASP A 65 -3.43 -23.33 3.61
C ASP A 65 -2.88 -21.93 3.88
N MET A 66 -1.95 -21.83 4.82
CA MET A 66 -1.35 -20.55 5.18
C MET A 66 -0.85 -19.83 3.93
N GLU A 67 -0.55 -20.59 2.88
CA GLU A 67 -0.04 -20.02 1.64
C GLU A 67 -1.06 -19.07 1.01
N THR A 68 -2.34 -19.28 1.31
CA THR A 68 -3.39 -18.45 0.77
C THR A 68 -3.87 -17.42 1.78
N ILE A 69 -3.76 -17.77 3.06
CA ILE A 69 -4.19 -16.88 4.14
C ILE A 69 -3.40 -15.58 4.13
N PHE A 70 -2.25 -15.57 3.46
CA PHE A 70 -1.41 -14.38 3.41
C PHE A 70 -1.05 -14.02 1.97
N VAL A 71 -0.75 -15.03 1.16
CA VAL A 71 -0.35 -14.85 -0.24
C VAL A 71 1.15 -14.58 -0.35
N ASN A 72 1.58 -13.98 -1.46
CA ASN A 72 2.98 -13.68 -1.68
C ASN A 72 3.38 -12.32 -1.08
N ILE A 73 2.80 -11.99 0.07
CA ILE A 73 3.08 -10.73 0.75
C ILE A 73 4.57 -10.38 0.69
N GLU A 74 5.41 -11.35 1.05
CA GLU A 74 6.86 -11.15 1.04
C GLU A 74 7.32 -10.45 -0.23
N GLU A 75 6.93 -11.00 -1.37
CA GLU A 75 7.29 -10.41 -2.66
C GLU A 75 6.67 -9.03 -2.82
N LEU A 76 5.61 -8.77 -2.07
CA LEU A 76 4.92 -7.49 -2.13
C LEU A 76 5.55 -6.48 -1.17
N PHE A 77 5.88 -6.94 0.03
CA PHE A 77 6.49 -6.08 1.03
C PHE A 77 7.69 -5.34 0.46
N SER A 78 8.33 -5.95 -0.55
CA SER A 78 9.48 -5.33 -1.20
C SER A 78 9.07 -4.16 -2.07
N VAL A 79 7.90 -4.29 -2.70
CA VAL A 79 7.38 -3.24 -3.57
C VAL A 79 7.25 -1.93 -2.83
N HIS A 80 7.03 -2.02 -1.52
CA HIS A 80 6.89 -0.83 -0.69
C HIS A 80 8.21 -0.50 0.00
N THR A 81 8.94 -1.53 0.42
CA THR A 81 10.21 -1.35 1.09
C THR A 81 11.26 -0.76 0.13
N HIS A 82 11.57 -1.52 -0.92
CA HIS A 82 12.56 -1.07 -1.90
C HIS A 82 12.18 0.28 -2.49
N PHE A 83 10.88 0.54 -2.53
CA PHE A 83 10.38 1.81 -3.07
C PHE A 83 11.03 3.00 -2.37
N LEU A 84 10.76 3.14 -1.08
CA LEU A 84 11.30 4.24 -0.30
C LEU A 84 12.81 4.34 -0.48
N LYS A 85 13.48 3.19 -0.51
CA LYS A 85 14.93 3.16 -0.68
C LYS A 85 15.33 3.82 -2.00
N GLU A 86 14.40 3.82 -2.96
CA GLU A 86 14.65 4.42 -4.26
C GLU A 86 14.13 5.85 -4.32
N LEU A 87 13.08 6.12 -3.56
CA LEU A 87 12.48 7.45 -3.51
C LEU A 87 13.28 8.38 -2.62
N LYS A 88 13.79 7.86 -1.52
CA LYS A 88 14.58 8.66 -0.58
C LYS A 88 15.67 9.42 -1.32
N ASP A 89 16.37 8.74 -2.21
CA ASP A 89 17.42 9.36 -3.00
C ASP A 89 16.84 10.15 -4.16
N ALA A 90 15.64 9.77 -4.59
CA ALA A 90 14.98 10.46 -5.70
C ALA A 90 14.46 11.82 -5.26
N LEU A 91 13.61 11.83 -4.23
CA LEU A 91 13.04 13.08 -3.72
C LEU A 91 14.14 14.08 -3.39
N ALA A 92 15.27 13.58 -2.91
CA ALA A 92 16.40 14.43 -2.56
C ALA A 92 16.76 15.37 -3.71
N GLY A 93 16.40 14.96 -4.93
CA GLY A 93 16.69 15.78 -6.10
C GLY A 93 16.05 17.15 -6.03
N PRO A 94 16.13 17.93 -7.11
CA PRO A 94 15.55 19.28 -7.15
C PRO A 94 14.06 19.27 -7.44
N GLY A 95 13.26 19.30 -6.37
CA GLY A 95 11.81 19.31 -6.53
C GLY A 95 11.21 17.92 -6.55
N ALA A 96 12.01 16.92 -6.21
CA ALA A 96 11.54 15.53 -6.20
C ALA A 96 10.77 15.18 -7.47
N THR A 97 11.35 15.54 -8.61
CA THR A 97 10.73 15.28 -9.90
C THR A 97 11.32 14.03 -10.56
N THR A 98 12.51 13.63 -10.12
CA THR A 98 13.19 12.47 -10.69
C THR A 98 12.47 11.17 -10.31
N LEU A 99 11.63 11.22 -9.30
CA LEU A 99 10.90 10.03 -8.85
C LEU A 99 10.27 9.29 -10.02
N TYR A 100 9.97 10.02 -11.09
CA TYR A 100 9.35 9.42 -12.26
C TYR A 100 10.10 8.17 -12.71
N GLN A 101 11.43 8.27 -12.78
CA GLN A 101 12.26 7.16 -13.20
C GLN A 101 11.96 5.91 -12.39
N VAL A 102 11.60 6.10 -11.13
CA VAL A 102 11.29 4.99 -10.23
C VAL A 102 9.85 4.48 -10.44
N PHE A 103 9.05 5.24 -11.18
CA PHE A 103 7.66 4.86 -11.42
C PHE A 103 7.50 4.12 -12.75
N ILE A 104 8.46 4.30 -13.65
CA ILE A 104 8.41 3.67 -14.96
C ILE A 104 8.89 2.23 -14.92
N LYS A 105 9.93 1.97 -14.13
CA LYS A 105 10.52 0.63 -14.06
C LYS A 105 9.88 -0.23 -12.97
N TYR A 106 9.02 0.37 -12.15
CA TYR A 106 8.37 -0.38 -11.07
C TYR A 106 7.13 -1.12 -11.55
N LYS A 107 6.67 -0.80 -12.75
CA LYS A 107 5.48 -1.46 -13.31
C LYS A 107 5.54 -2.97 -13.10
N GLU A 108 6.75 -3.52 -13.10
CA GLU A 108 6.95 -4.94 -12.92
C GLU A 108 6.18 -5.47 -11.71
N ARG A 109 6.44 -4.88 -10.54
CA ARG A 109 5.80 -5.31 -9.31
C ARG A 109 4.39 -4.74 -9.18
N PHE A 110 4.18 -3.53 -9.69
CA PHE A 110 2.86 -2.92 -9.67
C PHE A 110 1.82 -3.88 -10.25
N LEU A 111 2.30 -4.77 -11.12
CA LEU A 111 1.45 -5.79 -11.72
C LEU A 111 1.14 -6.88 -10.70
N VAL A 112 2.10 -7.12 -9.80
CA VAL A 112 1.90 -8.11 -8.74
C VAL A 112 0.57 -7.90 -8.06
N TYR A 113 0.16 -6.64 -7.97
CA TYR A 113 -1.13 -6.29 -7.37
C TYR A 113 -2.25 -7.14 -7.99
N GLY A 114 -2.17 -7.34 -9.30
CA GLY A 114 -3.16 -8.16 -9.98
C GLY A 114 -3.25 -9.55 -9.40
N ARG A 115 -2.09 -10.20 -9.26
CA ARG A 115 -2.03 -11.53 -8.67
C ARG A 115 -2.40 -11.46 -7.19
N TYR A 116 -2.06 -10.34 -6.57
CA TYR A 116 -2.37 -10.13 -5.16
C TYR A 116 -3.88 -10.14 -4.95
N CYS A 117 -4.59 -9.34 -5.75
CA CYS A 117 -6.05 -9.26 -5.67
C CYS A 117 -6.70 -10.60 -6.00
N SER A 118 -5.92 -11.53 -6.56
CA SER A 118 -6.43 -12.85 -6.93
C SER A 118 -6.29 -13.83 -5.76
N GLN A 119 -5.19 -13.71 -5.03
CA GLN A 119 -4.96 -14.54 -3.86
C GLN A 119 -5.65 -13.88 -2.68
N VAL A 120 -5.60 -12.56 -2.67
CA VAL A 120 -6.26 -11.74 -1.68
C VAL A 120 -7.74 -12.16 -1.58
N GLU A 121 -8.44 -12.12 -2.71
CA GLU A 121 -9.84 -12.50 -2.77
C GLU A 121 -10.08 -13.82 -2.04
N SER A 122 -9.03 -14.63 -1.94
CA SER A 122 -9.10 -15.90 -1.26
C SER A 122 -8.76 -15.75 0.22
N ALA A 123 -7.82 -14.85 0.51
CA ALA A 123 -7.41 -14.59 1.88
C ALA A 123 -8.56 -14.06 2.71
N SER A 124 -8.88 -12.78 2.52
CA SER A 124 -9.98 -12.15 3.23
C SER A 124 -11.24 -13.01 3.16
N LYS A 125 -11.33 -13.82 2.11
CA LYS A 125 -12.46 -14.72 1.93
C LYS A 125 -12.32 -15.96 2.81
N HIS A 126 -11.13 -16.53 2.85
CA HIS A 126 -10.86 -17.71 3.66
C HIS A 126 -10.99 -17.38 5.14
N LEU A 127 -10.39 -16.27 5.55
CA LEU A 127 -10.44 -15.83 6.93
C LEU A 127 -11.88 -15.80 7.43
N ASP A 128 -12.77 -15.25 6.62
CA ASP A 128 -14.18 -15.17 6.97
C ASP A 128 -14.70 -16.52 7.45
N GLN A 129 -14.18 -17.59 6.86
CA GLN A 129 -14.58 -18.94 7.24
C GLN A 129 -13.61 -19.55 8.24
N VAL A 130 -12.32 -19.32 8.02
CA VAL A 130 -11.28 -19.84 8.90
C VAL A 130 -11.46 -19.30 10.31
N ALA A 131 -11.20 -18.01 10.49
CA ALA A 131 -11.34 -17.37 11.79
C ALA A 131 -12.69 -17.67 12.40
N THR A 132 -13.73 -17.64 11.57
CA THR A 132 -15.09 -17.92 12.03
C THR A 132 -15.25 -19.40 12.38
N ALA A 133 -14.45 -20.24 11.74
CA ALA A 133 -14.50 -21.68 11.99
C ALA A 133 -13.95 -22.02 13.37
N ARG A 134 -12.70 -21.65 13.61
CA ARG A 134 -12.06 -21.92 14.90
C ARG A 134 -11.94 -20.63 15.73
N GLU A 135 -12.61 -20.62 16.87
CA GLU A 135 -12.59 -19.44 17.74
C GLU A 135 -11.17 -19.13 18.21
N ASP A 136 -10.32 -20.16 18.23
CA ASP A 136 -8.94 -20.00 18.65
C ASP A 136 -8.18 -19.07 17.71
N VAL A 137 -8.41 -19.24 16.42
CA VAL A 137 -7.75 -18.41 15.41
C VAL A 137 -8.41 -17.04 15.30
N GLN A 138 -9.69 -16.98 15.66
CA GLN A 138 -10.45 -15.74 15.60
C GLN A 138 -9.81 -14.67 16.50
N MET A 139 -9.81 -14.92 17.80
CA MET A 139 -9.24 -13.97 18.76
C MET A 139 -7.77 -13.73 18.48
N LYS A 140 -7.06 -14.80 18.11
CA LYS A 140 -5.63 -14.71 17.83
C LYS A 140 -5.34 -13.57 16.84
N LEU A 141 -6.16 -13.48 15.80
CA LEU A 141 -5.99 -12.44 14.79
C LEU A 141 -5.98 -11.05 15.41
N GLU A 142 -6.56 -10.93 16.60
CA GLU A 142 -6.62 -9.65 17.30
C GLU A 142 -5.32 -9.37 18.03
N GLU A 143 -5.01 -10.21 19.01
CA GLU A 143 -3.79 -10.03 19.80
C GLU A 143 -2.54 -10.09 18.92
N CYS A 144 -2.37 -11.21 18.23
CA CYS A 144 -1.22 -11.40 17.36
C CYS A 144 -1.00 -10.20 16.44
N SER A 145 -2.10 -9.59 16.00
CA SER A 145 -2.02 -8.44 15.10
C SER A 145 -1.86 -7.12 15.88
N GLN A 146 -1.88 -7.20 17.21
CA GLN A 146 -1.72 -6.01 18.04
C GLN A 146 -0.53 -5.18 17.58
N ARG A 147 0.45 -5.84 16.97
CA ARG A 147 1.66 -5.17 16.50
C ARG A 147 1.36 -4.33 15.25
N ALA A 148 0.29 -4.66 14.55
CA ALA A 148 -0.08 -3.93 13.35
C ALA A 148 -1.41 -3.21 13.55
N ASN A 149 -2.37 -3.93 14.11
CA ASN A 149 -3.70 -3.38 14.35
C ASN A 149 -4.54 -4.35 15.17
N ASN A 150 -4.73 -4.03 16.44
CA ASN A 150 -5.49 -4.89 17.34
C ASN A 150 -6.85 -5.24 16.75
N GLY A 151 -6.90 -6.31 15.95
CA GLY A 151 -8.14 -6.74 15.34
C GLY A 151 -8.96 -5.58 14.78
N ARG A 152 -8.32 -4.75 13.97
CA ARG A 152 -9.00 -3.59 13.39
C ARG A 152 -9.10 -3.72 11.87
N PHE A 153 -7.99 -4.02 11.22
CA PHE A 153 -7.99 -4.16 9.77
C PHE A 153 -7.17 -5.37 9.31
N THR A 154 -6.85 -6.27 10.24
CA THR A 154 -6.05 -7.44 9.93
C THR A 154 -6.48 -8.10 8.63
N LEU A 155 -5.51 -8.75 7.97
CA LEU A 155 -5.73 -9.51 6.74
C LEU A 155 -6.99 -9.14 5.98
N ARG A 156 -8.14 -9.67 6.42
CA ARG A 156 -9.42 -9.40 5.78
C ARG A 156 -9.53 -7.96 5.28
N ASP A 157 -9.04 -7.03 6.11
CA ASP A 157 -9.04 -5.62 5.75
C ASP A 157 -7.67 -5.18 5.22
N LEU A 158 -6.63 -5.94 5.57
CA LEU A 158 -5.27 -5.60 5.18
C LEU A 158 -5.00 -5.86 3.69
N LEU A 159 -5.04 -7.13 3.27
CA LEU A 159 -4.74 -7.48 1.88
C LEU A 159 -5.61 -6.71 0.90
N MET A 160 -6.72 -6.14 1.39
CA MET A 160 -7.62 -5.37 0.54
C MET A 160 -7.17 -3.91 0.41
N VAL A 161 -6.14 -3.52 1.16
CA VAL A 161 -5.67 -2.14 1.15
C VAL A 161 -4.78 -1.84 -0.06
N PRO A 162 -3.83 -2.73 -0.39
CA PRO A 162 -2.90 -2.52 -1.52
C PRO A 162 -3.58 -2.61 -2.87
N MET A 163 -4.31 -3.70 -3.10
CA MET A 163 -4.98 -3.94 -4.37
C MET A 163 -5.64 -2.68 -4.91
N GLN A 164 -6.06 -1.79 -4.01
CA GLN A 164 -6.73 -0.56 -4.41
C GLN A 164 -5.80 0.65 -4.32
N ARG A 165 -4.67 0.50 -3.65
CA ARG A 165 -3.71 1.59 -3.48
C ARG A 165 -3.05 1.96 -4.82
N VAL A 166 -2.86 0.96 -5.66
CA VAL A 166 -2.22 1.17 -6.97
C VAL A 166 -2.86 2.36 -7.70
N LEU A 167 -4.14 2.58 -7.43
CA LEU A 167 -4.86 3.68 -8.08
C LEU A 167 -4.50 5.02 -7.45
N LYS A 168 -4.15 5.00 -6.18
CA LYS A 168 -3.84 6.23 -5.44
C LYS A 168 -2.47 6.79 -5.81
N TYR A 169 -1.42 6.00 -5.59
CA TYR A 169 -0.05 6.46 -5.85
C TYR A 169 0.05 7.23 -7.17
N HIS A 170 -0.60 6.73 -8.21
CA HIS A 170 -0.59 7.40 -9.50
C HIS A 170 -1.51 8.61 -9.47
N LEU A 171 -2.57 8.51 -8.69
CA LEU A 171 -3.53 9.60 -8.55
C LEU A 171 -2.86 10.81 -7.92
N LEU A 172 -2.20 10.59 -6.78
CA LEU A 172 -1.48 11.65 -6.10
C LEU A 172 -0.42 12.23 -7.02
N LEU A 173 0.14 11.37 -7.86
CA LEU A 173 1.16 11.78 -8.81
C LEU A 173 0.59 12.82 -9.77
N GLN A 174 -0.70 12.69 -10.07
CA GLN A 174 -1.38 13.63 -10.96
C GLN A 174 -1.43 15.01 -10.33
N GLU A 175 -1.63 15.05 -9.02
CA GLU A 175 -1.68 16.31 -8.29
C GLU A 175 -0.42 17.12 -8.54
N LEU A 176 0.71 16.44 -8.59
CA LEU A 176 2.00 17.10 -8.83
C LEU A 176 2.06 17.64 -10.26
N VAL A 177 1.39 16.95 -11.18
CA VAL A 177 1.37 17.36 -12.58
C VAL A 177 0.45 18.55 -12.79
N LYS A 178 -0.79 18.43 -12.32
CA LYS A 178 -1.76 19.51 -12.45
C LYS A 178 -1.21 20.83 -11.94
N HIS A 179 -0.32 20.74 -10.96
CA HIS A 179 0.30 21.93 -10.38
C HIS A 179 1.55 22.33 -11.15
N THR A 180 2.39 21.33 -11.44
CA THR A 180 3.63 21.57 -12.18
C THR A 180 3.33 22.00 -13.61
N GLN A 181 3.90 23.13 -14.02
CA GLN A 181 3.71 23.64 -15.37
C GLN A 181 5.03 23.92 -16.05
N ASP A 182 6.04 23.12 -15.72
CA ASP A 182 7.37 23.28 -16.30
C ASP A 182 7.46 22.56 -17.64
N ALA A 183 8.66 22.56 -18.23
CA ALA A 183 8.88 21.91 -19.52
C ALA A 183 9.11 20.42 -19.35
N THR A 184 10.07 20.07 -18.48
CA THR A 184 10.39 18.67 -18.23
C THR A 184 9.70 18.18 -16.96
N GLU A 185 9.75 18.99 -15.91
CA GLU A 185 9.12 18.64 -14.64
C GLU A 185 7.69 18.20 -14.84
N LYS A 186 7.00 18.86 -15.76
CA LYS A 186 5.61 18.52 -16.06
C LYS A 186 5.53 17.40 -17.08
N GLU A 187 6.50 17.38 -17.99
CA GLU A 187 6.55 16.34 -19.03
C GLU A 187 6.82 14.98 -18.42
N ASN A 188 7.97 14.85 -17.75
CA ASN A 188 8.34 13.59 -17.12
C ASN A 188 7.25 13.10 -16.19
N LEU A 189 6.72 14.00 -15.36
CA LEU A 189 5.66 13.65 -14.43
C LEU A 189 4.47 13.03 -15.15
N ARG A 190 3.95 13.77 -16.14
CA ARG A 190 2.81 13.30 -16.91
C ARG A 190 3.11 11.98 -17.60
N LEU A 191 4.37 11.75 -17.93
CA LEU A 191 4.78 10.52 -18.60
C LEU A 191 4.55 9.31 -17.70
N ALA A 192 5.06 9.38 -16.48
CA ALA A 192 4.91 8.29 -15.53
C ALA A 192 3.44 7.87 -15.42
N LEU A 193 2.56 8.85 -15.29
CA LEU A 193 1.13 8.61 -15.17
C LEU A 193 0.66 7.62 -16.24
N ASP A 194 0.84 7.98 -17.49
CA ASP A 194 0.42 7.12 -18.60
C ASP A 194 0.96 5.70 -18.41
N ALA A 195 2.05 5.58 -17.65
CA ALA A 195 2.65 4.29 -17.39
C ALA A 195 1.97 3.57 -16.22
N MET A 196 1.58 4.35 -15.21
CA MET A 196 0.91 3.78 -14.04
C MET A 196 -0.57 3.55 -14.31
N ARG A 197 -1.25 4.59 -14.77
CA ARG A 197 -2.68 4.50 -15.08
C ARG A 197 -2.96 3.28 -15.95
N ASP A 198 -1.96 2.85 -16.71
CA ASP A 198 -2.11 1.71 -17.61
C ASP A 198 -2.43 0.44 -16.83
N LEU A 199 -1.89 0.32 -15.63
CA LEU A 199 -2.12 -0.86 -14.80
C LEU A 199 -3.52 -0.86 -14.20
N ALA A 200 -4.04 0.33 -13.93
CA ALA A 200 -5.38 0.46 -13.34
C ALA A 200 -6.40 -0.41 -14.07
N GLN A 201 -6.15 -0.68 -15.35
CA GLN A 201 -7.06 -1.49 -16.16
C GLN A 201 -6.60 -2.94 -16.25
N CYS A 202 -5.37 -3.21 -15.84
CA CYS A 202 -4.84 -4.57 -15.85
C CYS A 202 -4.93 -5.18 -14.46
N VAL A 203 -4.85 -4.31 -13.46
CA VAL A 203 -4.90 -4.73 -12.07
C VAL A 203 -6.34 -4.94 -11.62
N ASN A 204 -7.23 -4.08 -12.12
CA ASN A 204 -8.65 -4.18 -11.79
C ASN A 204 -9.41 -4.91 -12.89
N GLU A 205 -8.75 -5.87 -13.53
CA GLU A 205 -9.35 -6.64 -14.59
C GLU A 205 -8.87 -8.09 -14.53
N VAL A 206 -9.04 -8.70 -13.37
CA VAL A 206 -8.60 -10.07 -13.15
C VAL A 206 -9.78 -11.00 -12.99
N LYS A 207 -10.13 -11.69 -14.07
CA LYS A 207 -11.24 -12.63 -14.06
C LYS A 207 -12.54 -11.94 -13.65
N ARG A 208 -12.62 -10.63 -13.92
CA ARG A 208 -13.81 -9.86 -13.57
C ARG A 208 -14.00 -9.80 -12.07
N MET A 1 -13.20 3.87 -1.50
CA MET A 1 -14.46 3.53 -0.82
C MET A 1 -14.26 2.38 0.18
N LYS A 2 -13.65 1.30 -0.28
CA LYS A 2 -13.39 0.15 0.56
C LYS A 2 -12.04 0.27 1.28
N GLY A 3 -11.10 0.94 0.63
CA GLY A 3 -9.78 1.12 1.21
C GLY A 3 -9.53 2.53 1.69
N ASP A 4 -10.30 3.47 1.16
CA ASP A 4 -10.15 4.88 1.53
C ASP A 4 -10.34 5.08 3.03
N GLU A 5 -11.45 4.55 3.56
CA GLU A 5 -11.75 4.69 4.98
C GLU A 5 -10.75 3.89 5.83
N ILE A 6 -10.13 2.88 5.23
CA ILE A 6 -9.17 2.05 5.94
C ILE A 6 -7.98 2.88 6.42
N TYR A 7 -7.15 3.32 5.47
CA TYR A 7 -5.98 4.12 5.81
C TYR A 7 -6.33 5.25 6.77
N GLU A 8 -7.48 5.87 6.54
CA GLU A 8 -7.94 6.97 7.37
C GLU A 8 -7.95 6.57 8.85
N ASP A 9 -8.84 5.65 9.21
CA ASP A 9 -8.94 5.19 10.58
C ASP A 9 -7.74 4.32 10.97
N LEU A 10 -7.02 3.83 9.97
CA LEU A 10 -5.86 2.99 10.23
C LEU A 10 -4.87 3.70 11.15
N MET A 11 -4.61 4.97 10.89
CA MET A 11 -3.68 5.74 11.71
C MET A 11 -3.47 7.15 11.15
N ARG A 12 -2.89 7.24 9.96
CA ARG A 12 -2.60 8.52 9.34
C ARG A 12 -3.75 8.98 8.44
N LEU A 13 -3.54 10.11 7.76
CA LEU A 13 -4.54 10.66 6.86
C LEU A 13 -5.70 11.28 7.63
N GLU A 14 -6.48 10.43 8.25
CA GLU A 14 -7.64 10.87 9.03
C GLU A 14 -7.21 11.77 10.18
N SER A 15 -6.00 11.56 10.65
CA SER A 15 -5.46 12.36 11.75
C SER A 15 -4.00 12.70 11.49
N VAL A 16 -3.77 13.85 10.87
CA VAL A 16 -2.43 14.30 10.53
C VAL A 16 -1.92 15.34 11.52
N PRO A 17 -0.97 14.96 12.39
CA PRO A 17 -0.42 15.87 13.39
C PRO A 17 0.67 16.78 12.80
N THR A 18 0.33 18.04 12.58
CA THR A 18 1.27 18.99 12.01
C THR A 18 1.51 20.16 12.97
N PRO A 19 2.76 20.32 13.46
CA PRO A 19 3.11 21.42 14.38
C PRO A 19 2.68 22.77 13.83
N PRO A 20 3.11 23.87 14.49
CA PRO A 20 2.76 25.23 14.04
C PRO A 20 3.01 25.44 12.55
N LYS A 21 3.90 24.64 12.01
CA LYS A 21 4.24 24.70 10.59
C LYS A 21 3.46 23.65 9.82
N MET A 22 3.03 24.01 8.61
CA MET A 22 2.25 23.09 7.78
C MET A 22 0.86 22.88 8.35
N THR A 23 -0.05 22.37 7.52
CA THR A 23 -1.42 22.13 7.96
C THR A 23 -1.94 20.82 7.40
N GLU A 24 -2.79 20.14 8.18
CA GLU A 24 -3.38 18.88 7.74
C GLU A 24 -4.00 19.01 6.37
N TYR A 25 -4.64 20.16 6.12
CA TYR A 25 -5.27 20.42 4.84
C TYR A 25 -4.22 20.62 3.73
N ASP A 26 -2.96 20.80 4.12
CA ASP A 26 -1.89 21.00 3.15
C ASP A 26 -1.67 19.76 2.30
N LYS A 27 -2.25 18.63 2.71
CA LYS A 27 -2.11 17.38 1.97
C LYS A 27 -2.36 17.59 0.48
N ARG A 28 -3.16 18.60 0.15
CA ARG A 28 -3.47 18.91 -1.23
C ARG A 28 -2.19 19.25 -2.01
N CYS A 29 -1.57 20.38 -1.65
CA CYS A 29 -0.34 20.80 -2.29
C CYS A 29 0.82 19.89 -1.88
N CYS A 30 0.69 19.27 -0.71
CA CYS A 30 1.71 18.38 -0.19
C CYS A 30 1.57 16.97 -0.78
N CYS A 31 0.52 16.74 -1.58
CA CYS A 31 0.24 15.43 -2.19
C CYS A 31 1.51 14.62 -2.47
N LEU A 32 2.48 15.25 -3.13
CA LEU A 32 3.73 14.57 -3.46
C LEU A 32 4.39 14.00 -2.22
N ARG A 33 4.90 14.89 -1.35
CA ARG A 33 5.55 14.46 -0.12
C ARG A 33 4.67 13.46 0.63
N GLU A 34 3.35 13.56 0.41
CA GLU A 34 2.41 12.64 1.03
C GLU A 34 2.59 11.24 0.47
N ILE A 35 2.90 11.16 -0.82
CA ILE A 35 3.12 9.88 -1.49
C ILE A 35 4.19 9.07 -0.74
N GLN A 36 5.29 9.74 -0.40
CA GLN A 36 6.38 9.10 0.31
C GLN A 36 6.01 8.85 1.78
N GLN A 37 5.71 9.93 2.48
CA GLN A 37 5.33 9.85 3.89
C GLN A 37 4.24 8.79 4.10
N THR A 38 3.17 8.90 3.31
CA THR A 38 2.06 7.96 3.42
C THR A 38 2.55 6.52 3.34
N GLU A 39 3.66 6.31 2.64
CA GLU A 39 4.23 4.97 2.49
C GLU A 39 5.04 4.58 3.71
N GLU A 40 5.80 5.54 4.25
CA GLU A 40 6.64 5.30 5.42
C GLU A 40 5.86 4.60 6.52
N LYS A 41 4.75 5.20 6.92
CA LYS A 41 3.92 4.64 7.99
C LYS A 41 3.31 3.30 7.56
N TYR A 42 2.54 3.32 6.48
CA TYR A 42 1.91 2.11 5.98
C TYR A 42 2.91 0.98 5.87
N THR A 43 4.09 1.29 5.34
CA THR A 43 5.15 0.30 5.19
C THR A 43 5.45 -0.37 6.54
N ASP A 44 5.34 0.42 7.61
CA ASP A 44 5.58 -0.10 8.95
C ASP A 44 4.60 -1.24 9.27
N THR A 45 3.44 -1.20 8.63
CA THR A 45 2.42 -2.22 8.83
C THR A 45 2.55 -3.32 7.78
N LEU A 46 3.01 -2.93 6.58
CA LEU A 46 3.18 -3.87 5.48
C LEU A 46 4.07 -5.03 5.91
N GLY A 47 5.17 -4.71 6.60
CA GLY A 47 6.08 -5.74 7.04
C GLY A 47 5.59 -6.47 8.28
N SER A 48 4.86 -5.76 9.13
CA SER A 48 4.32 -6.36 10.35
C SER A 48 3.61 -7.67 10.06
N ILE A 49 3.08 -7.79 8.85
CA ILE A 49 2.36 -9.01 8.44
C ILE A 49 3.34 -10.14 8.12
N GLN A 50 4.58 -9.78 7.79
CA GLN A 50 5.58 -10.77 7.45
C GLN A 50 6.13 -11.46 8.69
N GLN A 51 6.80 -10.69 9.54
CA GLN A 51 7.40 -11.23 10.76
C GLN A 51 6.34 -11.58 11.79
N HIS A 52 5.68 -10.56 12.33
CA HIS A 52 4.66 -10.76 13.35
C HIS A 52 3.30 -11.07 12.73
N PHE A 53 3.19 -12.24 12.09
CA PHE A 53 1.94 -12.66 11.47
C PHE A 53 2.12 -13.94 10.67
N MET A 54 3.30 -14.10 10.07
CA MET A 54 3.60 -15.27 9.26
C MET A 54 4.31 -16.34 10.09
N LYS A 55 5.13 -15.89 11.03
CA LYS A 55 5.90 -16.80 11.88
C LYS A 55 5.13 -17.24 13.13
N PRO A 56 4.44 -16.30 13.83
CA PRO A 56 3.73 -16.61 15.06
C PRO A 56 2.38 -17.29 14.82
N LEU A 57 1.80 -17.08 13.64
CA LEU A 57 0.51 -17.68 13.33
C LEU A 57 0.65 -19.19 13.15
N GLN A 58 1.83 -19.61 12.70
CA GLN A 58 2.10 -21.02 12.47
C GLN A 58 1.66 -21.88 13.65
N ARG A 59 1.59 -21.27 14.83
CA ARG A 59 1.21 -21.99 16.04
C ARG A 59 -0.19 -22.58 15.92
N PHE A 60 -0.96 -22.11 14.94
CA PHE A 60 -2.31 -22.62 14.73
C PHE A 60 -2.54 -23.00 13.28
N LEU A 61 -2.52 -21.99 12.42
CA LEU A 61 -2.77 -22.19 11.00
C LEU A 61 -1.57 -22.85 10.33
N LYS A 62 -1.81 -24.02 9.73
CA LYS A 62 -0.75 -24.76 9.05
C LYS A 62 -0.09 -23.91 7.96
N PRO A 63 1.24 -24.03 7.81
CA PRO A 63 1.98 -23.27 6.80
C PRO A 63 1.40 -23.43 5.40
N GLN A 64 0.96 -24.64 5.08
CA GLN A 64 0.38 -24.92 3.78
C GLN A 64 -0.73 -23.92 3.44
N ASP A 65 -1.81 -23.96 4.21
CA ASP A 65 -2.93 -23.05 3.99
C ASP A 65 -2.51 -21.60 4.21
N MET A 66 -1.54 -21.40 5.09
CA MET A 66 -1.05 -20.06 5.39
C MET A 66 -0.65 -19.32 4.12
N GLU A 67 -0.03 -20.04 3.20
CA GLU A 67 0.41 -19.46 1.93
C GLU A 67 -0.74 -18.72 1.24
N THR A 68 -1.96 -19.14 1.54
CA THR A 68 -3.14 -18.51 0.94
C THR A 68 -3.72 -17.45 1.85
N ILE A 69 -3.44 -17.55 3.15
CA ILE A 69 -3.96 -16.60 4.12
C ILE A 69 -3.20 -15.27 4.05
N PHE A 70 -1.96 -15.33 3.58
CA PHE A 70 -1.13 -14.13 3.47
C PHE A 70 -0.75 -13.85 2.02
N VAL A 71 -0.52 -14.91 1.26
CA VAL A 71 -0.13 -14.79 -0.15
C VAL A 71 1.38 -14.54 -0.27
N ASN A 72 1.80 -13.51 -1.03
CA ASN A 72 3.22 -13.23 -1.21
C ASN A 72 3.62 -11.93 -0.51
N ILE A 73 3.12 -11.74 0.71
CA ILE A 73 3.44 -10.55 1.49
C ILE A 73 4.95 -10.36 1.60
N GLU A 74 5.66 -11.44 1.90
CA GLU A 74 7.11 -11.40 2.05
C GLU A 74 7.77 -10.72 0.86
N GLU A 75 7.23 -10.99 -0.34
CA GLU A 75 7.79 -10.42 -1.56
C GLU A 75 7.17 -9.06 -1.86
N LEU A 76 5.98 -8.81 -1.33
CA LEU A 76 5.28 -7.56 -1.56
C LEU A 76 5.75 -6.49 -0.58
N PHE A 77 6.28 -6.92 0.56
CA PHE A 77 6.78 -6.00 1.57
C PHE A 77 7.83 -5.07 0.99
N SER A 78 8.67 -5.60 0.11
CA SER A 78 9.73 -4.81 -0.52
C SER A 78 9.14 -3.72 -1.41
N VAL A 79 8.10 -4.08 -2.16
CA VAL A 79 7.45 -3.13 -3.05
C VAL A 79 7.06 -1.86 -2.31
N HIS A 80 6.88 -1.98 -1.00
CA HIS A 80 6.53 -0.83 -0.18
C HIS A 80 7.78 -0.19 0.42
N THR A 81 8.57 -0.99 1.14
CA THR A 81 9.80 -0.50 1.75
C THR A 81 10.81 -0.09 0.69
N HIS A 82 11.17 -1.04 -0.18
CA HIS A 82 12.14 -0.78 -1.25
C HIS A 82 11.78 0.50 -1.99
N PHE A 83 10.51 0.67 -2.32
CA PHE A 83 10.05 1.84 -3.04
C PHE A 83 10.59 3.12 -2.42
N LEU A 84 10.28 3.36 -1.15
CA LEU A 84 10.74 4.55 -0.44
C LEU A 84 12.23 4.79 -0.69
N LYS A 85 13.05 3.78 -0.42
CA LYS A 85 14.49 3.88 -0.63
C LYS A 85 14.78 4.37 -2.05
N GLU A 86 13.86 4.09 -2.96
CA GLU A 86 14.00 4.51 -4.35
C GLU A 86 13.41 5.91 -4.55
N LEU A 87 12.40 6.23 -3.75
CA LEU A 87 11.75 7.53 -3.83
C LEU A 87 12.60 8.60 -3.15
N LYS A 88 13.27 8.21 -2.07
CA LYS A 88 14.13 9.13 -1.34
C LYS A 88 15.11 9.82 -2.28
N ASP A 89 15.90 9.03 -2.99
CA ASP A 89 16.87 9.56 -3.94
C ASP A 89 16.16 10.19 -5.13
N ALA A 90 14.96 9.70 -5.42
CA ALA A 90 14.18 10.22 -6.54
C ALA A 90 13.75 11.66 -6.26
N LEU A 91 13.11 11.87 -5.12
CA LEU A 91 12.66 13.20 -4.72
C LEU A 91 13.83 14.07 -4.28
N ALA A 92 14.83 13.43 -3.67
CA ALA A 92 16.01 14.14 -3.19
C ALA A 92 16.68 14.90 -4.33
N GLY A 93 16.45 14.46 -5.56
CA GLY A 93 17.04 15.11 -6.71
C GLY A 93 16.47 16.50 -6.93
N PRO A 94 16.47 16.99 -8.19
CA PRO A 94 15.94 18.31 -8.53
C PRO A 94 14.47 18.44 -8.15
N GLY A 95 14.21 18.68 -6.87
CA GLY A 95 12.84 18.81 -6.41
C GLY A 95 12.12 17.48 -6.32
N ALA A 96 11.75 16.94 -7.49
CA ALA A 96 11.06 15.65 -7.54
C ALA A 96 10.53 15.39 -8.96
N THR A 97 11.39 15.61 -9.94
CA THR A 97 11.03 15.40 -11.33
C THR A 97 11.50 14.04 -11.83
N THR A 98 12.45 13.44 -11.12
CA THR A 98 13.00 12.14 -11.52
C THR A 98 12.19 10.98 -10.93
N LEU A 99 11.04 11.30 -10.33
CA LEU A 99 10.19 10.27 -9.74
C LEU A 99 9.82 9.21 -10.76
N TYR A 100 9.48 9.64 -11.96
CA TYR A 100 9.09 8.73 -13.03
C TYR A 100 10.07 7.57 -13.16
N GLN A 101 11.36 7.88 -13.08
CA GLN A 101 12.40 6.85 -13.19
C GLN A 101 12.05 5.63 -12.35
N VAL A 102 11.32 5.85 -11.27
CA VAL A 102 10.88 4.76 -10.41
C VAL A 102 9.55 4.21 -10.88
N PHE A 103 8.59 5.11 -11.09
CA PHE A 103 7.26 4.73 -11.53
C PHE A 103 7.32 3.82 -12.76
N ILE A 104 8.42 3.91 -13.50
CA ILE A 104 8.59 3.08 -14.70
C ILE A 104 9.49 1.88 -14.44
N LYS A 105 10.22 1.90 -13.32
CA LYS A 105 11.16 0.81 -13.02
C LYS A 105 10.49 -0.30 -12.21
N TYR A 106 10.24 -0.06 -10.93
CA TYR A 106 9.67 -1.08 -10.05
C TYR A 106 8.22 -1.41 -10.43
N LYS A 107 7.63 -0.64 -11.34
CA LYS A 107 6.25 -0.87 -11.77
C LYS A 107 5.96 -2.36 -11.94
N GLU A 108 7.00 -3.12 -12.29
CA GLU A 108 6.87 -4.57 -12.45
C GLU A 108 6.15 -5.17 -11.24
N ARG A 109 6.58 -4.80 -10.05
CA ARG A 109 5.98 -5.29 -8.82
C ARG A 109 4.58 -4.70 -8.63
N PHE A 110 4.46 -3.40 -8.88
CA PHE A 110 3.15 -2.74 -8.76
C PHE A 110 2.12 -3.48 -9.59
N LEU A 111 2.58 -4.20 -10.60
CA LEU A 111 1.72 -4.99 -11.46
C LEU A 111 1.32 -6.28 -10.73
N VAL A 112 2.16 -6.73 -9.80
CA VAL A 112 1.86 -7.89 -8.98
C VAL A 112 0.51 -7.69 -8.31
N TYR A 113 0.20 -6.44 -8.01
CA TYR A 113 -1.07 -6.10 -7.38
C TYR A 113 -2.23 -6.74 -8.14
N GLY A 114 -2.07 -6.85 -9.45
CA GLY A 114 -3.10 -7.46 -10.27
C GLY A 114 -3.40 -8.88 -9.83
N ARG A 115 -2.46 -9.78 -10.07
CA ARG A 115 -2.61 -11.17 -9.67
C ARG A 115 -2.85 -11.26 -8.17
N TYR A 116 -2.26 -10.31 -7.43
CA TYR A 116 -2.43 -10.25 -5.99
C TYR A 116 -3.90 -10.19 -5.62
N CYS A 117 -4.65 -9.36 -6.35
CA CYS A 117 -6.08 -9.21 -6.12
C CYS A 117 -6.87 -10.47 -6.50
N SER A 118 -6.18 -11.45 -7.10
CA SER A 118 -6.81 -12.70 -7.51
C SER A 118 -6.86 -13.71 -6.37
N GLN A 119 -5.77 -13.78 -5.62
CA GLN A 119 -5.71 -14.67 -4.46
C GLN A 119 -6.19 -13.92 -3.23
N VAL A 120 -5.84 -12.64 -3.20
CA VAL A 120 -6.28 -11.74 -2.15
C VAL A 120 -7.79 -11.86 -1.94
N GLU A 121 -8.55 -11.57 -2.98
CA GLU A 121 -10.01 -11.66 -2.91
C GLU A 121 -10.46 -12.94 -2.22
N SER A 122 -9.62 -13.96 -2.32
CA SER A 122 -9.88 -15.25 -1.68
C SER A 122 -9.24 -15.30 -0.30
N ALA A 123 -8.10 -14.63 -0.17
CA ALA A 123 -7.39 -14.57 1.10
C ALA A 123 -8.26 -13.94 2.19
N SER A 124 -8.51 -12.63 2.03
CA SER A 124 -9.34 -11.92 2.99
C SER A 124 -10.66 -12.66 3.23
N LYS A 125 -11.07 -13.45 2.24
CA LYS A 125 -12.28 -14.24 2.34
C LYS A 125 -12.02 -15.48 3.18
N HIS A 126 -10.82 -16.04 3.04
CA HIS A 126 -10.43 -17.22 3.81
C HIS A 126 -10.38 -16.90 5.30
N LEU A 127 -9.76 -15.77 5.64
CA LEU A 127 -9.66 -15.34 7.02
C LEU A 127 -11.03 -15.28 7.67
N ASP A 128 -11.98 -14.66 6.97
CA ASP A 128 -13.34 -14.55 7.47
C ASP A 128 -13.89 -15.93 7.84
N GLN A 129 -13.43 -16.95 7.11
CA GLN A 129 -13.85 -18.32 7.37
C GLN A 129 -12.96 -18.98 8.41
N VAL A 130 -11.67 -18.67 8.35
CA VAL A 130 -10.70 -19.22 9.29
C VAL A 130 -10.96 -18.71 10.71
N ALA A 131 -11.01 -17.39 10.85
CA ALA A 131 -11.25 -16.77 12.15
C ALA A 131 -12.60 -17.21 12.71
N THR A 132 -13.60 -17.30 11.85
CA THR A 132 -14.93 -17.72 12.26
C THR A 132 -14.97 -19.22 12.51
N ALA A 133 -14.29 -19.97 11.64
CA ALA A 133 -14.25 -21.42 11.76
C ALA A 133 -13.74 -21.83 13.14
N ARG A 134 -12.61 -21.26 13.53
CA ARG A 134 -12.00 -21.56 14.83
C ARG A 134 -11.65 -20.27 15.57
N GLU A 135 -12.27 -20.08 16.73
CA GLU A 135 -12.04 -18.89 17.54
C GLU A 135 -10.55 -18.76 17.90
N ASP A 136 -9.87 -19.90 17.95
CA ASP A 136 -8.45 -19.91 18.28
C ASP A 136 -7.66 -18.98 17.37
N VAL A 137 -8.20 -18.70 16.19
CA VAL A 137 -7.55 -17.82 15.23
C VAL A 137 -8.09 -16.40 15.35
N GLN A 138 -9.33 -16.27 15.79
CA GLN A 138 -9.96 -14.97 15.95
C GLN A 138 -9.20 -14.11 16.94
N MET A 139 -9.37 -14.40 18.23
CA MET A 139 -8.70 -13.66 19.28
C MET A 139 -7.20 -13.61 19.05
N LYS A 140 -6.68 -14.61 18.35
CA LYS A 140 -5.25 -14.69 18.07
C LYS A 140 -4.80 -13.49 17.24
N LEU A 141 -5.53 -13.21 16.17
CA LEU A 141 -5.20 -12.10 15.29
C LEU A 141 -5.22 -10.78 16.06
N GLU A 142 -6.12 -10.67 17.02
CA GLU A 142 -6.25 -9.46 17.82
C GLU A 142 -4.91 -9.10 18.47
N GLU A 143 -4.45 -9.94 19.39
CA GLU A 143 -3.19 -9.71 20.07
C GLU A 143 -2.03 -9.67 19.09
N CYS A 144 -2.15 -10.45 18.02
CA CYS A 144 -1.11 -10.49 16.99
C CYS A 144 -1.04 -9.19 16.21
N SER A 145 -2.17 -8.48 16.16
CA SER A 145 -2.25 -7.22 15.44
C SER A 145 -1.85 -6.04 16.33
N GLN A 146 -1.89 -6.26 17.65
CA GLN A 146 -1.54 -5.22 18.62
C GLN A 146 -0.22 -4.54 18.24
N ARG A 147 0.63 -5.26 17.52
CA ARG A 147 1.93 -4.74 17.10
C ARG A 147 1.80 -3.91 15.83
N ALA A 148 0.74 -4.14 15.07
CA ALA A 148 0.51 -3.40 13.82
C ALA A 148 -0.71 -2.51 13.95
N ASN A 149 -1.89 -3.12 13.95
CA ASN A 149 -3.13 -2.39 14.08
C ASN A 149 -4.09 -3.12 15.01
N ASN A 150 -4.22 -2.62 16.24
CA ASN A 150 -5.09 -3.23 17.25
C ASN A 150 -6.48 -3.49 16.70
N GLY A 151 -6.66 -4.65 16.06
CA GLY A 151 -7.95 -5.01 15.50
C GLY A 151 -8.65 -3.85 14.81
N ARG A 152 -7.98 -3.24 13.85
CA ARG A 152 -8.54 -2.10 13.12
C ARG A 152 -8.81 -2.46 11.66
N PHE A 153 -7.86 -3.17 11.05
CA PHE A 153 -8.00 -3.57 9.65
C PHE A 153 -7.12 -4.76 9.33
N THR A 154 -6.85 -5.59 10.35
CA THR A 154 -6.01 -6.77 10.19
C THR A 154 -6.26 -7.48 8.87
N LEU A 155 -5.19 -8.12 8.36
CA LEU A 155 -5.20 -8.90 7.11
C LEU A 155 -6.46 -8.70 6.25
N ARG A 156 -7.56 -9.32 6.67
CA ARG A 156 -8.82 -9.24 5.95
C ARG A 156 -9.06 -7.84 5.36
N ASP A 157 -8.72 -6.81 6.13
CA ASP A 157 -8.89 -5.44 5.69
C ASP A 157 -7.58 -4.87 5.15
N LEU A 158 -6.46 -5.51 5.48
CA LEU A 158 -5.15 -5.03 5.05
C LEU A 158 -4.85 -5.39 3.59
N LEU A 159 -4.66 -6.69 3.31
CA LEU A 159 -4.34 -7.12 1.96
C LEU A 159 -5.26 -6.48 0.93
N MET A 160 -6.51 -6.26 1.31
CA MET A 160 -7.49 -5.67 0.42
C MET A 160 -7.21 -4.19 0.15
N VAL A 161 -6.27 -3.61 0.89
CA VAL A 161 -5.94 -2.20 0.74
C VAL A 161 -5.15 -1.93 -0.54
N PRO A 162 -3.97 -2.56 -0.71
CA PRO A 162 -3.12 -2.36 -1.88
C PRO A 162 -3.92 -2.22 -3.17
N MET A 163 -5.06 -2.88 -3.22
CA MET A 163 -5.93 -2.83 -4.40
C MET A 163 -6.32 -1.39 -4.73
N GLN A 164 -6.40 -0.55 -3.71
CA GLN A 164 -6.77 0.84 -3.90
C GLN A 164 -5.53 1.73 -4.01
N ARG A 165 -4.42 1.28 -3.41
CA ARG A 165 -3.18 2.04 -3.44
C ARG A 165 -2.77 2.35 -4.88
N VAL A 166 -2.32 1.33 -5.59
CA VAL A 166 -1.86 1.48 -6.97
C VAL A 166 -2.76 2.42 -7.77
N LEU A 167 -4.04 2.45 -7.41
CA LEU A 167 -4.99 3.33 -8.08
C LEU A 167 -4.67 4.79 -7.79
N LYS A 168 -4.79 5.17 -6.52
CA LYS A 168 -4.52 6.55 -6.10
C LYS A 168 -3.16 7.01 -6.62
N TYR A 169 -2.21 6.08 -6.70
CA TYR A 169 -0.86 6.40 -7.18
C TYR A 169 -0.90 7.32 -8.39
N HIS A 170 -1.47 6.82 -9.49
CA HIS A 170 -1.59 7.60 -10.71
C HIS A 170 -2.48 8.82 -10.46
N LEU A 171 -3.45 8.64 -9.57
CA LEU A 171 -4.37 9.71 -9.23
C LEU A 171 -3.63 10.88 -8.59
N LEU A 172 -3.12 10.66 -7.38
CA LEU A 172 -2.37 11.69 -6.66
C LEU A 172 -1.28 12.26 -7.56
N LEU A 173 -0.52 11.36 -8.19
CA LEU A 173 0.54 11.75 -9.10
C LEU A 173 -0.03 12.65 -10.20
N GLN A 174 -1.31 12.45 -10.52
CA GLN A 174 -1.97 13.25 -11.54
C GLN A 174 -2.04 14.72 -11.13
N GLU A 175 -2.35 14.95 -9.85
CA GLU A 175 -2.46 16.31 -9.34
C GLU A 175 -1.13 17.05 -9.45
N LEU A 176 -0.03 16.30 -9.46
CA LEU A 176 1.30 16.88 -9.56
C LEU A 176 1.51 17.53 -10.92
N VAL A 177 1.51 16.72 -11.97
CA VAL A 177 1.70 17.22 -13.33
C VAL A 177 0.75 18.38 -13.63
N LYS A 178 -0.53 18.18 -13.34
CA LYS A 178 -1.53 19.21 -13.58
C LYS A 178 -1.13 20.53 -12.93
N HIS A 179 -0.31 20.43 -11.87
CA HIS A 179 0.14 21.62 -11.16
C HIS A 179 1.51 22.08 -11.67
N THR A 180 2.27 21.13 -12.23
CA THR A 180 3.60 21.44 -12.75
C THR A 180 3.52 22.39 -13.94
N GLN A 181 4.42 23.36 -13.98
CA GLN A 181 4.45 24.34 -15.07
C GLN A 181 5.72 24.21 -15.90
N ASP A 182 6.77 23.67 -15.28
CA ASP A 182 8.04 23.49 -15.97
C ASP A 182 7.87 22.63 -17.21
N ALA A 183 8.92 22.55 -18.03
CA ALA A 183 8.89 21.76 -19.25
C ALA A 183 9.18 20.29 -18.96
N THR A 184 10.42 20.01 -18.58
CA THR A 184 10.84 18.65 -18.27
C THR A 184 9.99 18.06 -17.15
N GLU A 185 9.91 18.79 -16.04
CA GLU A 185 9.14 18.34 -14.88
C GLU A 185 7.77 17.82 -15.31
N LYS A 186 7.07 18.59 -16.12
CA LYS A 186 5.76 18.20 -16.61
C LYS A 186 5.86 17.01 -17.55
N GLU A 187 6.87 17.04 -18.42
CA GLU A 187 7.09 15.96 -19.39
C GLU A 187 7.48 14.66 -18.70
N ASN A 188 8.66 14.64 -18.09
CA ASN A 188 9.16 13.46 -17.41
C ASN A 188 8.10 12.87 -16.48
N LEU A 189 7.66 13.66 -15.51
CA LEU A 189 6.64 13.22 -14.56
C LEU A 189 5.48 12.56 -15.27
N ARG A 190 5.10 13.11 -16.43
CA ARG A 190 4.01 12.57 -17.22
C ARG A 190 4.23 11.09 -17.51
N LEU A 191 5.47 10.74 -17.88
CA LEU A 191 5.81 9.37 -18.17
C LEU A 191 5.44 8.45 -17.01
N ALA A 192 5.75 8.90 -15.80
CA ALA A 192 5.43 8.13 -14.60
C ALA A 192 3.98 7.66 -14.62
N LEU A 193 3.06 8.60 -14.79
CA LEU A 193 1.64 8.29 -14.84
C LEU A 193 1.33 7.38 -16.02
N ASP A 194 2.05 7.58 -17.13
CA ASP A 194 1.85 6.77 -18.32
C ASP A 194 1.89 5.29 -17.97
N ALA A 195 2.68 4.95 -16.96
CA ALA A 195 2.79 3.57 -16.51
C ALA A 195 1.75 3.28 -15.44
N MET A 196 1.65 4.17 -14.45
CA MET A 196 0.69 4.02 -13.37
C MET A 196 -0.72 3.85 -13.93
N ARG A 197 -1.10 4.76 -14.82
CA ARG A 197 -2.42 4.71 -15.45
C ARG A 197 -2.64 3.38 -16.15
N ASP A 198 -1.54 2.76 -16.57
CA ASP A 198 -1.60 1.48 -17.26
C ASP A 198 -1.99 0.36 -16.30
N LEU A 199 -1.45 0.40 -15.09
CA LEU A 199 -1.75 -0.61 -14.08
C LEU A 199 -3.20 -0.55 -13.66
N ALA A 200 -3.64 0.63 -13.21
CA ALA A 200 -5.02 0.82 -12.75
C ALA A 200 -6.03 0.16 -13.69
N GLN A 201 -5.66 0.05 -14.96
CA GLN A 201 -6.55 -0.54 -15.96
C GLN A 201 -6.25 -2.02 -16.20
N CYS A 202 -5.08 -2.48 -15.75
CA CYS A 202 -4.72 -3.88 -15.91
C CYS A 202 -4.95 -4.62 -14.61
N VAL A 203 -4.76 -3.90 -13.51
CA VAL A 203 -4.95 -4.44 -12.18
C VAL A 203 -6.43 -4.61 -11.88
N ASN A 204 -7.23 -3.63 -12.32
CA ASN A 204 -8.67 -3.69 -12.11
C ASN A 204 -9.37 -4.23 -13.35
N GLU A 205 -8.71 -5.16 -14.04
CA GLU A 205 -9.25 -5.76 -15.25
C GLU A 205 -8.72 -7.18 -15.42
N VAL A 206 -8.61 -7.91 -14.31
CA VAL A 206 -8.10 -9.27 -14.33
C VAL A 206 -9.22 -10.27 -14.56
N LYS A 207 -9.45 -10.58 -15.83
CA LYS A 207 -10.49 -11.52 -16.22
C LYS A 207 -9.98 -12.96 -16.10
N ARG A 208 -9.03 -13.32 -16.95
CA ARG A 208 -8.46 -14.67 -16.94
C ARG A 208 -7.13 -14.68 -16.17
N MET A 1 -16.01 0.12 2.49
CA MET A 1 -14.71 -0.48 2.88
C MET A 1 -14.01 -1.12 1.69
N LYS A 2 -13.36 -0.30 0.88
CA LYS A 2 -12.66 -0.78 -0.30
C LYS A 2 -11.15 -0.53 -0.19
N GLY A 3 -10.69 -0.29 1.03
CA GLY A 3 -9.27 -0.05 1.25
C GLY A 3 -8.95 1.41 1.53
N ASP A 4 -9.68 2.30 0.87
CA ASP A 4 -9.46 3.74 1.04
C ASP A 4 -9.65 4.14 2.51
N GLU A 5 -10.78 3.76 3.09
CA GLU A 5 -11.08 4.10 4.47
C GLU A 5 -10.15 3.36 5.42
N ILE A 6 -9.67 2.19 5.02
CA ILE A 6 -8.78 1.39 5.85
C ILE A 6 -7.60 2.22 6.34
N TYR A 7 -6.72 2.60 5.41
CA TYR A 7 -5.55 3.40 5.76
C TYR A 7 -5.92 4.85 6.07
N GLU A 8 -7.14 5.24 5.77
CA GLU A 8 -7.59 6.60 6.05
C GLU A 8 -7.43 6.93 7.52
N ASP A 9 -8.10 6.15 8.37
CA ASP A 9 -8.03 6.35 9.81
C ASP A 9 -6.90 5.52 10.44
N LEU A 10 -6.34 4.60 9.67
CA LEU A 10 -5.25 3.74 10.17
C LEU A 10 -4.22 4.54 10.96
N MET A 11 -4.06 5.81 10.61
CA MET A 11 -3.12 6.68 11.29
C MET A 11 -3.84 7.54 12.33
N ARG A 12 -3.10 7.99 13.34
CA ARG A 12 -3.69 8.82 14.40
C ARG A 12 -3.80 10.26 13.95
N LEU A 13 -5.00 10.65 13.51
CA LEU A 13 -5.26 12.00 13.05
C LEU A 13 -4.16 12.46 12.08
N GLU A 14 -4.03 11.74 10.97
CA GLU A 14 -3.03 12.07 9.97
C GLU A 14 -3.15 13.51 9.52
N SER A 15 -2.21 14.35 9.94
CA SER A 15 -2.23 15.76 9.58
C SER A 15 -0.82 16.25 9.26
N VAL A 16 -0.73 17.15 8.29
CA VAL A 16 0.56 17.70 7.88
C VAL A 16 1.05 18.77 8.86
N PRO A 17 2.30 18.66 9.34
CA PRO A 17 2.87 19.61 10.29
C PRO A 17 3.41 20.87 9.62
N THR A 18 2.64 21.95 9.68
CA THR A 18 3.07 23.22 9.08
C THR A 18 3.22 24.29 10.15
N PRO A 19 4.31 25.09 10.08
CA PRO A 19 4.57 26.16 11.05
C PRO A 19 3.42 27.17 11.12
N PRO A 20 2.92 27.63 9.96
CA PRO A 20 1.82 28.59 9.90
C PRO A 20 0.46 27.94 10.02
N LYS A 21 0.08 27.60 11.25
CA LYS A 21 -1.21 26.95 11.52
C LYS A 21 -1.46 25.82 10.54
N MET A 22 -2.69 25.30 10.54
CA MET A 22 -3.06 24.20 9.65
C MET A 22 -3.92 24.70 8.49
N THR A 23 -3.51 24.40 7.28
CA THR A 23 -4.24 24.81 6.09
C THR A 23 -4.34 23.66 5.08
N GLU A 24 -5.55 23.46 4.56
CA GLU A 24 -5.78 22.40 3.58
C GLU A 24 -5.05 22.68 2.28
N TYR A 25 -4.88 23.96 1.96
CA TYR A 25 -4.19 24.36 0.73
C TYR A 25 -2.81 23.74 0.66
N ASP A 26 -2.22 23.44 1.81
CA ASP A 26 -0.91 22.83 1.87
C ASP A 26 -0.92 21.41 1.33
N LYS A 27 -2.07 20.75 1.45
CA LYS A 27 -2.22 19.38 0.97
C LYS A 27 -1.74 19.25 -0.48
N ARG A 28 -1.79 20.37 -1.20
CA ARG A 28 -1.36 20.38 -2.60
C ARG A 28 0.17 20.31 -2.70
N CYS A 29 0.83 21.29 -2.10
CA CYS A 29 2.30 21.34 -2.12
C CYS A 29 2.88 20.16 -1.35
N CYS A 30 2.22 19.77 -0.26
CA CYS A 30 2.68 18.65 0.55
C CYS A 30 2.18 17.32 0.00
N CYS A 31 1.34 17.37 -1.03
CA CYS A 31 0.80 16.14 -1.63
C CYS A 31 1.89 15.11 -1.86
N LEU A 32 3.05 15.56 -2.33
CA LEU A 32 4.17 14.67 -2.58
C LEU A 32 4.72 14.11 -1.28
N ARG A 33 5.09 15.00 -0.37
CA ARG A 33 5.62 14.60 0.94
C ARG A 33 4.70 13.57 1.59
N GLU A 34 3.41 13.68 1.31
CA GLU A 34 2.42 12.75 1.85
C GLU A 34 2.60 11.36 1.26
N ILE A 35 3.04 11.33 0.00
CA ILE A 35 3.26 10.06 -0.70
C ILE A 35 4.30 9.22 0.04
N GLN A 36 5.33 9.89 0.55
CA GLN A 36 6.39 9.20 1.27
C GLN A 36 5.97 8.92 2.71
N GLN A 37 5.33 9.90 3.34
CA GLN A 37 4.87 9.76 4.71
C GLN A 37 3.91 8.59 4.85
N THR A 38 2.92 8.54 3.97
CA THR A 38 1.93 7.47 3.98
C THR A 38 2.59 6.12 3.73
N GLU A 39 3.51 6.08 2.77
CA GLU A 39 4.21 4.86 2.42
C GLU A 39 5.09 4.40 3.59
N GLU A 40 5.66 5.36 4.31
CA GLU A 40 6.51 5.06 5.45
C GLU A 40 5.80 4.11 6.41
N LYS A 41 4.63 4.53 6.87
CA LYS A 41 3.83 3.71 7.78
C LYS A 41 3.41 2.42 7.10
N TYR A 42 3.08 2.51 5.82
CA TYR A 42 2.68 1.35 5.03
C TYR A 42 3.76 0.27 5.09
N THR A 43 4.99 0.67 4.82
CA THR A 43 6.12 -0.26 4.86
C THR A 43 6.18 -0.99 6.18
N ASP A 44 5.95 -0.26 7.27
CA ASP A 44 5.98 -0.86 8.60
C ASP A 44 4.85 -1.87 8.76
N THR A 45 3.68 -1.53 8.23
CA THR A 45 2.52 -2.42 8.30
C THR A 45 2.71 -3.62 7.37
N LEU A 46 3.16 -3.34 6.15
CA LEU A 46 3.39 -4.39 5.17
C LEU A 46 4.34 -5.45 5.74
N GLY A 47 5.36 -5.00 6.46
CA GLY A 47 6.33 -5.91 7.04
C GLY A 47 5.84 -6.56 8.31
N SER A 48 5.00 -5.84 9.06
CA SER A 48 4.46 -6.36 10.31
C SER A 48 3.76 -7.70 10.09
N ILE A 49 3.23 -7.90 8.89
CA ILE A 49 2.55 -9.14 8.55
C ILE A 49 3.53 -10.29 8.36
N GLN A 50 4.83 -9.97 8.29
CA GLN A 50 5.85 -10.99 8.09
C GLN A 50 6.18 -11.72 9.39
N GLN A 51 6.92 -11.05 10.28
CA GLN A 51 7.32 -11.65 11.55
C GLN A 51 6.13 -11.98 12.43
N HIS A 52 5.44 -10.95 12.92
CA HIS A 52 4.28 -11.14 13.78
C HIS A 52 3.01 -11.29 12.96
N PHE A 53 2.88 -12.42 12.26
CA PHE A 53 1.71 -12.68 11.44
C PHE A 53 1.90 -13.95 10.61
N MET A 54 3.14 -14.18 10.19
CA MET A 54 3.46 -15.37 9.41
C MET A 54 3.96 -16.50 10.30
N LYS A 55 4.69 -16.12 11.35
CA LYS A 55 5.26 -17.10 12.28
C LYS A 55 4.25 -17.59 13.32
N PRO A 56 3.80 -16.69 14.21
CA PRO A 56 2.85 -17.04 15.28
C PRO A 56 1.52 -17.58 14.74
N LEU A 57 1.24 -17.28 13.48
CA LEU A 57 0.00 -17.73 12.87
C LEU A 57 0.11 -19.20 12.45
N GLN A 58 1.25 -19.56 11.87
CA GLN A 58 1.50 -20.92 11.39
C GLN A 58 1.06 -21.95 12.42
N ARG A 59 1.12 -21.58 13.70
CA ARG A 59 0.73 -22.48 14.77
C ARG A 59 -0.74 -22.90 14.65
N PHE A 60 -1.50 -22.18 13.82
CA PHE A 60 -2.91 -22.50 13.64
C PHE A 60 -3.34 -22.33 12.18
N LEU A 61 -2.36 -22.39 11.28
CA LEU A 61 -2.64 -22.22 9.86
C LEU A 61 -2.31 -23.51 9.09
N LYS A 62 -3.28 -24.02 8.35
CA LYS A 62 -3.08 -25.23 7.57
C LYS A 62 -2.13 -25.00 6.41
N PRO A 63 -1.15 -25.90 6.19
CA PRO A 63 -0.17 -25.77 5.12
C PRO A 63 -0.81 -25.38 3.78
N GLN A 64 -1.86 -26.09 3.41
CA GLN A 64 -2.55 -25.82 2.15
C GLN A 64 -3.05 -24.38 2.08
N ASP A 65 -3.76 -23.95 3.12
CA ASP A 65 -4.30 -22.59 3.17
C ASP A 65 -3.25 -21.57 3.59
N MET A 66 -2.12 -22.05 4.12
CA MET A 66 -1.05 -21.16 4.56
C MET A 66 -0.60 -20.23 3.45
N GLU A 67 -0.90 -20.59 2.21
CA GLU A 67 -0.50 -19.77 1.07
C GLU A 67 -1.46 -18.60 0.86
N THR A 68 -2.74 -18.89 0.81
CA THR A 68 -3.77 -17.87 0.59
C THR A 68 -3.50 -16.62 1.43
N ILE A 69 -3.74 -16.73 2.74
CA ILE A 69 -3.55 -15.61 3.66
C ILE A 69 -2.22 -14.89 3.40
N PHE A 70 -1.14 -15.66 3.38
CA PHE A 70 0.18 -15.09 3.15
C PHE A 70 0.69 -15.45 1.75
N VAL A 71 -0.11 -15.10 0.74
CA VAL A 71 0.23 -15.40 -0.65
C VAL A 71 1.64 -14.89 -1.01
N ASN A 72 1.78 -13.58 -1.21
CA ASN A 72 3.07 -13.00 -1.59
C ASN A 72 3.55 -11.96 -0.59
N ILE A 73 2.88 -11.86 0.56
CA ILE A 73 3.24 -10.88 1.58
C ILE A 73 4.75 -10.79 1.77
N GLU A 74 5.45 -11.89 1.51
CA GLU A 74 6.90 -11.93 1.66
C GLU A 74 7.58 -11.07 0.60
N GLU A 75 7.36 -11.40 -0.66
CA GLU A 75 7.95 -10.66 -1.77
C GLU A 75 7.32 -9.28 -1.93
N LEU A 76 6.02 -9.21 -1.70
CA LEU A 76 5.28 -7.96 -1.82
C LEU A 76 5.82 -6.92 -0.84
N PHE A 77 6.29 -7.39 0.31
CA PHE A 77 6.83 -6.50 1.34
C PHE A 77 7.96 -5.65 0.77
N SER A 78 8.77 -6.25 -0.10
CA SER A 78 9.88 -5.54 -0.71
C SER A 78 9.38 -4.42 -1.62
N VAL A 79 8.23 -4.65 -2.25
CA VAL A 79 7.63 -3.67 -3.15
C VAL A 79 7.41 -2.34 -2.43
N HIS A 80 7.10 -2.41 -1.14
CA HIS A 80 6.86 -1.21 -0.35
C HIS A 80 8.15 -0.71 0.30
N THR A 81 8.96 -1.65 0.79
CA THR A 81 10.21 -1.31 1.44
C THR A 81 11.18 -0.65 0.46
N HIS A 82 11.50 -1.36 -0.62
CA HIS A 82 12.43 -0.85 -1.62
C HIS A 82 11.91 0.43 -2.26
N PHE A 83 10.59 0.60 -2.25
CA PHE A 83 9.97 1.78 -2.84
C PHE A 83 10.50 3.06 -2.19
N LEU A 84 10.20 3.24 -0.92
CA LEU A 84 10.65 4.42 -0.19
C LEU A 84 12.16 4.60 -0.31
N LYS A 85 12.88 3.49 -0.24
CA LYS A 85 14.33 3.51 -0.34
C LYS A 85 14.78 4.13 -1.65
N GLU A 86 13.90 4.08 -2.66
CA GLU A 86 14.21 4.63 -3.97
C GLU A 86 13.76 6.09 -4.06
N LEU A 87 12.64 6.40 -3.41
CA LEU A 87 12.10 7.76 -3.43
C LEU A 87 13.03 8.72 -2.69
N LYS A 88 13.77 8.20 -1.73
CA LYS A 88 14.70 9.01 -0.95
C LYS A 88 15.61 9.82 -1.88
N ASP A 89 16.39 9.13 -2.69
CA ASP A 89 17.30 9.78 -3.62
C ASP A 89 16.52 10.55 -4.69
N ALA A 90 15.31 10.10 -4.98
CA ALA A 90 14.48 10.75 -5.98
C ALA A 90 13.94 12.08 -5.46
N LEU A 91 13.49 12.09 -4.21
CA LEU A 91 12.95 13.28 -3.59
C LEU A 91 14.06 14.26 -3.21
N ALA A 92 15.21 13.73 -2.80
CA ALA A 92 16.33 14.56 -2.40
C ALA A 92 16.95 15.28 -3.59
N GLY A 93 16.51 14.95 -4.80
CA GLY A 93 17.05 15.59 -5.99
C GLY A 93 16.80 17.09 -5.99
N PRO A 94 16.90 17.73 -7.16
CA PRO A 94 16.67 19.18 -7.29
C PRO A 94 15.25 19.57 -6.92
N GLY A 95 14.34 18.60 -6.97
CA GLY A 95 12.95 18.85 -6.63
C GLY A 95 12.19 17.58 -6.32
N ALA A 96 11.69 16.93 -7.35
CA ALA A 96 10.93 15.69 -7.19
C ALA A 96 10.31 15.23 -8.50
N THR A 97 11.06 15.42 -9.59
CA THR A 97 10.58 15.02 -10.92
C THR A 97 11.15 13.66 -11.32
N THR A 98 12.34 13.36 -10.83
CA THR A 98 13.00 12.09 -11.15
C THR A 98 12.19 10.90 -10.66
N LEU A 99 11.27 11.14 -9.73
CA LEU A 99 10.45 10.08 -9.17
C LEU A 99 9.84 9.21 -10.28
N TYR A 100 9.60 9.82 -11.44
CA TYR A 100 9.00 9.11 -12.55
C TYR A 100 9.71 7.78 -12.82
N GLN A 101 11.03 7.84 -12.96
CA GLN A 101 11.83 6.64 -13.21
C GLN A 101 11.47 5.52 -12.25
N VAL A 102 11.24 5.87 -10.99
CA VAL A 102 10.88 4.89 -9.97
C VAL A 102 9.45 4.38 -10.14
N PHE A 103 8.65 5.09 -10.94
CA PHE A 103 7.26 4.71 -11.17
C PHE A 103 7.10 3.88 -12.44
N ILE A 104 8.01 4.09 -13.40
CA ILE A 104 7.93 3.38 -14.68
C ILE A 104 8.58 2.01 -14.61
N LYS A 105 9.56 1.85 -13.73
CA LYS A 105 10.29 0.60 -13.61
C LYS A 105 9.65 -0.34 -12.59
N TYR A 106 9.03 0.23 -11.57
CA TYR A 106 8.41 -0.57 -10.52
C TYR A 106 7.17 -1.30 -11.01
N LYS A 107 6.71 -0.97 -12.22
CA LYS A 107 5.52 -1.62 -12.79
C LYS A 107 5.54 -3.13 -12.54
N GLU A 108 6.70 -3.75 -12.82
CA GLU A 108 6.87 -5.19 -12.61
C GLU A 108 6.21 -5.66 -11.33
N ARG A 109 6.48 -4.97 -10.24
CA ARG A 109 5.91 -5.32 -8.94
C ARG A 109 4.52 -4.71 -8.77
N PHE A 110 4.40 -3.43 -9.11
CA PHE A 110 3.11 -2.74 -9.03
C PHE A 110 2.05 -3.55 -9.76
N LEU A 111 2.49 -4.34 -10.74
CA LEU A 111 1.59 -5.20 -11.50
C LEU A 111 1.24 -6.43 -10.68
N VAL A 112 2.16 -6.86 -9.82
CA VAL A 112 1.92 -7.99 -8.93
C VAL A 112 0.58 -7.83 -8.24
N TYR A 113 0.19 -6.58 -8.02
CA TYR A 113 -1.10 -6.28 -7.41
C TYR A 113 -2.22 -7.06 -8.10
N GLY A 114 -2.09 -7.22 -9.42
CA GLY A 114 -3.09 -7.95 -10.18
C GLY A 114 -3.26 -9.37 -9.69
N ARG A 115 -2.28 -10.21 -9.99
CA ARG A 115 -2.32 -11.60 -9.55
C ARG A 115 -2.54 -11.68 -8.04
N TYR A 116 -2.08 -10.64 -7.34
CA TYR A 116 -2.25 -10.58 -5.89
C TYR A 116 -3.71 -10.61 -5.52
N CYS A 117 -4.53 -9.86 -6.27
CA CYS A 117 -5.97 -9.82 -6.05
C CYS A 117 -6.64 -11.13 -6.46
N SER A 118 -5.88 -12.04 -7.07
CA SER A 118 -6.42 -13.32 -7.52
C SER A 118 -6.41 -14.35 -6.41
N GLN A 119 -5.33 -14.38 -5.64
CA GLN A 119 -5.23 -15.29 -4.51
C GLN A 119 -5.83 -14.62 -3.28
N VAL A 120 -5.61 -13.31 -3.21
CA VAL A 120 -6.16 -12.49 -2.16
C VAL A 120 -7.68 -12.70 -2.07
N GLU A 121 -8.38 -12.46 -3.17
CA GLU A 121 -9.83 -12.63 -3.21
C GLU A 121 -10.24 -13.94 -2.54
N SER A 122 -9.34 -14.91 -2.55
CA SER A 122 -9.58 -16.19 -1.91
C SER A 122 -9.03 -16.20 -0.49
N ALA A 123 -7.90 -15.53 -0.31
CA ALA A 123 -7.26 -15.44 1.00
C ALA A 123 -8.12 -14.62 1.96
N SER A 124 -8.29 -13.34 1.65
CA SER A 124 -9.12 -12.46 2.48
C SER A 124 -10.49 -13.09 2.72
N LYS A 125 -10.91 -13.90 1.76
CA LYS A 125 -12.19 -14.60 1.86
C LYS A 125 -12.09 -15.77 2.84
N HIS A 126 -10.95 -16.46 2.81
CA HIS A 126 -10.71 -17.60 3.68
C HIS A 126 -10.68 -17.15 5.14
N LEU A 127 -9.85 -16.14 5.43
CA LEU A 127 -9.73 -15.61 6.78
C LEU A 127 -11.10 -15.33 7.39
N ASP A 128 -11.97 -14.71 6.60
CA ASP A 128 -13.33 -14.39 7.06
C ASP A 128 -14.02 -15.63 7.58
N GLN A 129 -13.64 -16.79 7.04
CA GLN A 129 -14.23 -18.06 7.44
C GLN A 129 -13.40 -18.70 8.56
N VAL A 130 -12.08 -18.71 8.37
CA VAL A 130 -11.18 -19.30 9.35
C VAL A 130 -11.47 -18.77 10.76
N ALA A 131 -11.24 -17.47 10.95
CA ALA A 131 -11.46 -16.85 12.25
C ALA A 131 -12.83 -17.22 12.81
N THR A 132 -13.78 -17.46 11.93
CA THR A 132 -15.14 -17.81 12.34
C THR A 132 -15.27 -19.33 12.54
N ALA A 133 -14.42 -20.08 11.86
CA ALA A 133 -14.45 -21.55 11.96
C ALA A 133 -14.22 -21.99 13.40
N ARG A 134 -13.10 -21.58 13.98
CA ARG A 134 -12.77 -21.94 15.35
C ARG A 134 -12.56 -20.70 16.21
N GLU A 135 -12.07 -20.89 17.42
CA GLU A 135 -11.82 -19.79 18.34
C GLU A 135 -10.32 -19.55 18.53
N ASP A 136 -9.53 -20.60 18.29
CA ASP A 136 -8.09 -20.51 18.44
C ASP A 136 -7.50 -19.48 17.48
N VAL A 137 -7.91 -19.55 16.22
CA VAL A 137 -7.41 -18.62 15.20
C VAL A 137 -7.87 -17.19 15.51
N GLN A 138 -8.98 -17.06 16.22
CA GLN A 138 -9.51 -15.75 16.57
C GLN A 138 -8.52 -14.98 17.45
N MET A 139 -8.42 -15.41 18.70
CA MET A 139 -7.51 -14.75 19.66
C MET A 139 -6.12 -14.62 19.07
N LYS A 140 -5.73 -15.56 18.22
CA LYS A 140 -4.41 -15.54 17.60
C LYS A 140 -4.18 -14.23 16.85
N LEU A 141 -5.01 -13.97 15.85
CA LEU A 141 -4.89 -12.76 15.05
C LEU A 141 -4.97 -11.51 15.92
N GLU A 142 -6.02 -11.42 16.72
CA GLU A 142 -6.21 -10.28 17.62
C GLU A 142 -4.94 -10.00 18.41
N GLU A 143 -4.57 -10.94 19.26
CA GLU A 143 -3.38 -10.80 20.09
C GLU A 143 -2.17 -10.35 19.26
N CYS A 144 -1.75 -11.21 18.34
CA CYS A 144 -0.60 -10.92 17.49
C CYS A 144 -0.73 -9.55 16.85
N SER A 145 -1.92 -9.25 16.31
CA SER A 145 -2.16 -7.97 15.66
C SER A 145 -2.00 -6.81 16.64
N GLN A 146 -2.07 -7.11 17.93
CA GLN A 146 -1.96 -6.09 18.96
C GLN A 146 -0.75 -5.18 18.71
N ARG A 147 0.26 -5.71 18.01
CA ARG A 147 1.47 -4.96 17.71
C ARG A 147 1.27 -4.02 16.52
N ALA A 148 0.23 -4.25 15.75
CA ALA A 148 -0.04 -3.42 14.58
C ALA A 148 -1.39 -2.71 14.71
N ASN A 149 -2.38 -3.45 15.17
CA ASN A 149 -3.73 -2.91 15.35
C ASN A 149 -4.63 -3.95 16.02
N ASN A 150 -4.82 -3.82 17.32
CA ASN A 150 -5.66 -4.74 18.07
C ASN A 150 -7.00 -4.99 17.39
N GLY A 151 -7.03 -6.00 16.51
CA GLY A 151 -8.25 -6.32 15.80
C GLY A 151 -8.94 -5.09 15.22
N ARG A 152 -8.42 -4.60 14.10
CA ARG A 152 -8.99 -3.41 13.46
C ARG A 152 -8.93 -3.54 11.94
N PHE A 153 -7.78 -3.95 11.41
CA PHE A 153 -7.60 -4.08 9.97
C PHE A 153 -6.76 -5.30 9.62
N THR A 154 -6.65 -6.26 10.54
CA THR A 154 -5.85 -7.45 10.34
C THR A 154 -5.94 -7.97 8.90
N LEU A 155 -4.89 -8.68 8.48
CA LEU A 155 -4.77 -9.28 7.13
C LEU A 155 -5.94 -9.00 6.20
N ARG A 156 -7.11 -9.58 6.53
CA ARG A 156 -8.32 -9.41 5.74
C ARG A 156 -8.46 -7.98 5.22
N ASP A 157 -8.01 -7.01 6.00
CA ASP A 157 -8.08 -5.60 5.60
C ASP A 157 -6.74 -5.13 5.04
N LEU A 158 -5.65 -5.76 5.48
CA LEU A 158 -4.31 -5.40 5.02
C LEU A 158 -4.12 -5.75 3.54
N LEU A 159 -4.32 -7.03 3.21
CA LEU A 159 -4.12 -7.47 1.83
C LEU A 159 -5.10 -6.79 0.86
N MET A 160 -6.11 -6.11 1.40
CA MET A 160 -7.09 -5.42 0.57
C MET A 160 -6.68 -3.96 0.32
N VAL A 161 -5.75 -3.46 1.14
CA VAL A 161 -5.29 -2.08 1.04
C VAL A 161 -4.52 -1.81 -0.26
N PRO A 162 -3.45 -2.59 -0.54
CA PRO A 162 -2.63 -2.38 -1.75
C PRO A 162 -3.44 -2.44 -3.02
N MET A 163 -4.15 -3.55 -3.21
CA MET A 163 -4.98 -3.75 -4.40
C MET A 163 -5.79 -2.50 -4.74
N GLN A 164 -6.09 -1.69 -3.72
CA GLN A 164 -6.88 -0.48 -3.91
C GLN A 164 -6.00 0.77 -3.99
N ARG A 165 -4.99 0.82 -3.12
CA ARG A 165 -4.10 1.98 -3.06
C ARG A 165 -3.42 2.24 -4.40
N VAL A 166 -3.09 1.17 -5.12
CA VAL A 166 -2.43 1.31 -6.42
C VAL A 166 -3.13 2.32 -7.30
N LEU A 167 -4.43 2.52 -7.06
CA LEU A 167 -5.21 3.47 -7.83
C LEU A 167 -4.76 4.90 -7.53
N LYS A 168 -4.81 5.26 -6.24
CA LYS A 168 -4.40 6.59 -5.80
C LYS A 168 -2.97 6.88 -6.22
N TYR A 169 -2.17 5.83 -6.37
CA TYR A 169 -0.78 5.95 -6.76
C TYR A 169 -0.64 6.89 -7.96
N HIS A 170 -1.52 6.72 -8.95
CA HIS A 170 -1.50 7.55 -10.14
C HIS A 170 -2.40 8.77 -9.96
N LEU A 171 -3.51 8.57 -9.27
CA LEU A 171 -4.45 9.64 -9.00
C LEU A 171 -3.75 10.79 -8.27
N LEU A 172 -3.11 10.48 -7.15
CA LEU A 172 -2.37 11.47 -6.40
C LEU A 172 -1.24 12.04 -7.24
N LEU A 173 -0.57 11.17 -7.99
CA LEU A 173 0.52 11.57 -8.86
C LEU A 173 0.06 12.71 -9.77
N GLN A 174 -1.22 12.69 -10.14
CA GLN A 174 -1.78 13.72 -10.99
C GLN A 174 -1.77 15.08 -10.29
N GLU A 175 -2.14 15.07 -9.02
CA GLU A 175 -2.16 16.29 -8.23
C GLU A 175 -0.83 17.02 -8.32
N LEU A 176 0.23 16.27 -8.57
CA LEU A 176 1.57 16.85 -8.71
C LEU A 176 1.71 17.56 -10.04
N VAL A 177 1.19 16.94 -11.10
CA VAL A 177 1.26 17.52 -12.44
C VAL A 177 0.35 18.74 -12.55
N LYS A 178 -0.90 18.59 -12.13
CA LYS A 178 -1.86 19.68 -12.18
C LYS A 178 -1.31 20.92 -11.49
N HIS A 179 -0.39 20.71 -10.54
CA HIS A 179 0.22 21.80 -9.80
C HIS A 179 1.54 22.22 -10.45
N THR A 180 2.16 21.29 -11.16
CA THR A 180 3.44 21.56 -11.82
C THR A 180 3.22 22.09 -13.24
N GLN A 181 3.67 23.31 -13.48
CA GLN A 181 3.52 23.93 -14.79
C GLN A 181 4.88 24.21 -15.42
N ASP A 182 5.88 23.40 -15.04
CA ASP A 182 7.23 23.57 -15.55
C ASP A 182 7.27 23.36 -17.07
N ALA A 183 8.47 23.26 -17.61
CA ALA A 183 8.66 23.06 -19.04
C ALA A 183 8.79 21.58 -19.39
N THR A 184 9.77 20.92 -18.78
CA THR A 184 10.02 19.50 -19.03
C THR A 184 9.44 18.64 -17.93
N GLU A 185 9.52 19.11 -16.69
CA GLU A 185 9.01 18.38 -15.54
C GLU A 185 7.58 17.90 -15.79
N LYS A 186 6.73 18.81 -16.26
CA LYS A 186 5.34 18.49 -16.54
C LYS A 186 5.26 17.30 -17.50
N GLU A 187 6.22 17.21 -18.40
CA GLU A 187 6.26 16.12 -19.37
C GLU A 187 6.66 14.80 -18.70
N ASN A 188 7.85 14.78 -18.12
CA ASN A 188 8.35 13.59 -17.44
C ASN A 188 7.34 13.09 -16.42
N LEU A 189 6.81 13.99 -15.62
CA LEU A 189 5.84 13.64 -14.60
C LEU A 189 4.61 12.98 -15.22
N ARG A 190 4.06 13.61 -16.25
CA ARG A 190 2.89 13.08 -16.94
C ARG A 190 3.14 11.65 -17.38
N LEU A 191 4.38 11.34 -17.72
CA LEU A 191 4.76 10.01 -18.16
C LEU A 191 4.65 9.02 -17.00
N ALA A 192 5.10 9.44 -15.82
CA ALA A 192 5.04 8.60 -14.64
C ALA A 192 3.64 8.04 -14.43
N LEU A 193 2.64 8.85 -14.78
CA LEU A 193 1.25 8.43 -14.65
C LEU A 193 0.85 7.49 -15.78
N ASP A 194 1.36 7.77 -16.98
CA ASP A 194 1.07 6.95 -18.14
C ASP A 194 1.32 5.48 -17.84
N ALA A 195 2.23 5.22 -16.89
CA ALA A 195 2.55 3.85 -16.51
C ALA A 195 1.69 3.40 -15.33
N MET A 196 1.61 4.24 -14.31
CA MET A 196 0.81 3.93 -13.13
C MET A 196 -0.64 3.71 -13.52
N ARG A 197 -1.19 4.61 -14.31
CA ARG A 197 -2.57 4.50 -14.77
C ARG A 197 -2.76 3.26 -15.62
N ASP A 198 -1.68 2.83 -16.27
CA ASP A 198 -1.73 1.63 -17.12
C ASP A 198 -2.03 0.39 -16.29
N LEU A 199 -1.65 0.42 -15.02
CA LEU A 199 -1.88 -0.71 -14.14
C LEU A 199 -3.33 -0.73 -13.65
N ALA A 200 -3.84 0.43 -13.27
CA ALA A 200 -5.21 0.55 -12.77
C ALA A 200 -6.19 -0.23 -13.65
N GLN A 201 -5.88 -0.34 -14.93
CA GLN A 201 -6.76 -1.05 -15.88
C GLN A 201 -6.35 -2.51 -16.04
N CYS A 202 -5.15 -2.87 -15.58
CA CYS A 202 -4.69 -4.25 -15.68
C CYS A 202 -4.87 -4.93 -14.34
N VAL A 203 -4.73 -4.15 -13.27
CA VAL A 203 -4.87 -4.66 -11.92
C VAL A 203 -6.34 -4.96 -11.62
N ASN A 204 -7.22 -4.09 -12.09
CA ASN A 204 -8.66 -4.27 -11.89
C ASN A 204 -9.28 -4.93 -13.12
N GLU A 205 -8.53 -5.81 -13.77
CA GLU A 205 -9.00 -6.51 -14.95
C GLU A 205 -8.32 -7.87 -15.07
N VAL A 206 -8.32 -8.60 -13.96
CA VAL A 206 -7.70 -9.91 -13.92
C VAL A 206 -8.74 -11.02 -13.96
N LYS A 207 -8.95 -11.57 -15.14
CA LYS A 207 -9.93 -12.63 -15.35
C LYS A 207 -11.35 -12.11 -15.16
N ARG A 208 -11.65 -11.64 -13.95
CA ARG A 208 -12.98 -11.11 -13.66
C ARG A 208 -12.87 -9.88 -12.75
N MET A 1 -12.84 5.23 0.77
CA MET A 1 -13.95 4.48 1.40
C MET A 1 -13.66 2.99 1.45
N LYS A 2 -13.13 2.46 0.36
CA LYS A 2 -12.80 1.04 0.27
C LYS A 2 -11.30 0.82 0.40
N GLY A 3 -10.65 1.65 1.20
CA GLY A 3 -9.21 1.53 1.39
C GLY A 3 -8.58 2.80 1.91
N ASP A 4 -8.97 3.93 1.34
CA ASP A 4 -8.43 5.22 1.74
C ASP A 4 -8.62 5.45 3.23
N GLU A 5 -9.84 5.22 3.71
CA GLU A 5 -10.16 5.41 5.12
C GLU A 5 -9.28 4.53 6.01
N ILE A 6 -8.72 3.47 5.43
CA ILE A 6 -7.88 2.55 6.17
C ILE A 6 -6.51 3.17 6.46
N TYR A 7 -5.83 3.62 5.41
CA TYR A 7 -4.51 4.23 5.56
C TYR A 7 -4.52 5.27 6.68
N GLU A 8 -5.60 6.04 6.76
CA GLU A 8 -5.73 7.08 7.78
C GLU A 8 -5.69 6.49 9.18
N ASP A 9 -6.71 5.72 9.53
CA ASP A 9 -6.80 5.11 10.86
C ASP A 9 -5.69 4.09 11.07
N LEU A 10 -5.28 3.43 10.00
CA LEU A 10 -4.23 2.42 10.07
C LEU A 10 -3.01 2.95 10.82
N MET A 11 -2.68 4.22 10.59
CA MET A 11 -1.55 4.85 11.26
C MET A 11 -2.02 5.98 12.16
N ARG A 12 -1.47 6.04 13.38
CA ARG A 12 -1.84 7.07 14.33
C ARG A 12 -1.63 8.47 13.76
N LEU A 13 -2.70 9.23 13.68
CA LEU A 13 -2.64 10.60 13.16
C LEU A 13 -1.90 10.65 11.84
N GLU A 14 -2.48 10.05 10.80
CA GLU A 14 -1.87 10.05 9.47
C GLU A 14 -1.78 11.47 8.93
N SER A 15 -2.69 12.32 9.38
CA SER A 15 -2.73 13.72 8.93
C SER A 15 -1.35 14.35 9.01
N VAL A 16 -1.06 15.24 8.07
CA VAL A 16 0.23 15.92 8.03
C VAL A 16 0.34 16.95 9.14
N PRO A 17 1.49 17.02 9.83
CA PRO A 17 1.70 17.94 10.94
C PRO A 17 1.38 19.39 10.56
N THR A 18 0.20 19.84 10.97
CA THR A 18 -0.24 21.20 10.69
C THR A 18 -1.13 21.72 11.81
N PRO A 19 -1.28 23.05 11.93
CA PRO A 19 -2.12 23.66 12.96
C PRO A 19 -3.55 23.13 12.92
N PRO A 20 -4.36 23.45 13.95
CA PRO A 20 -5.75 23.00 14.02
C PRO A 20 -6.61 23.60 12.92
N LYS A 21 -6.43 23.11 11.70
CA LYS A 21 -7.19 23.62 10.56
C LYS A 21 -7.50 22.49 9.58
N MET A 22 -6.48 21.75 9.19
CA MET A 22 -6.64 20.64 8.25
C MET A 22 -6.96 21.16 6.85
N THR A 23 -6.09 22.02 6.33
CA THR A 23 -6.29 22.60 5.00
C THR A 23 -5.59 21.76 3.94
N GLU A 24 -6.23 21.64 2.78
CA GLU A 24 -5.67 20.87 1.68
C GLU A 24 -4.40 21.52 1.14
N TYR A 25 -4.30 22.84 1.33
CA TYR A 25 -3.13 23.59 0.87
C TYR A 25 -1.84 22.96 1.38
N ASP A 26 -1.94 22.21 2.48
CA ASP A 26 -0.78 21.56 3.07
C ASP A 26 -0.61 20.16 2.52
N LYS A 27 -1.70 19.57 2.03
CA LYS A 27 -1.67 18.22 1.49
C LYS A 27 -1.15 18.23 0.04
N ARG A 28 -1.32 19.36 -0.63
CA ARG A 28 -0.87 19.50 -2.01
C ARG A 28 0.61 19.83 -2.07
N CYS A 29 1.05 20.73 -1.19
CA CYS A 29 2.46 21.12 -1.15
C CYS A 29 3.32 19.97 -0.65
N CYS A 30 2.79 19.19 0.28
CA CYS A 30 3.50 18.05 0.83
C CYS A 30 3.18 16.76 0.07
N CYS A 31 2.26 16.84 -0.90
CA CYS A 31 1.86 15.67 -1.70
C CYS A 31 3.03 14.73 -1.98
N LEU A 32 4.08 15.26 -2.59
CA LEU A 32 5.26 14.45 -2.89
C LEU A 32 5.76 13.74 -1.63
N ARG A 33 6.03 14.53 -0.58
CA ARG A 33 6.47 13.98 0.68
C ARG A 33 5.51 12.91 1.16
N GLU A 34 4.22 13.17 1.01
CA GLU A 34 3.19 12.22 1.40
C GLU A 34 3.42 10.87 0.71
N ILE A 35 3.89 10.93 -0.54
CA ILE A 35 4.16 9.71 -1.30
C ILE A 35 5.10 8.79 -0.54
N GLN A 36 6.30 9.28 -0.24
CA GLN A 36 7.28 8.49 0.49
C GLN A 36 6.92 8.38 1.96
N GLN A 37 6.55 9.51 2.57
CA GLN A 37 6.18 9.53 3.98
C GLN A 37 5.10 8.50 4.27
N THR A 38 4.03 8.51 3.47
CA THR A 38 2.93 7.57 3.66
C THR A 38 3.41 6.13 3.58
N GLU A 39 4.36 5.87 2.67
CA GLU A 39 4.89 4.53 2.50
C GLU A 39 5.86 4.18 3.64
N GLU A 40 6.60 5.19 4.10
CA GLU A 40 7.55 4.99 5.18
C GLU A 40 6.87 4.35 6.40
N LYS A 41 5.76 4.94 6.82
CA LYS A 41 5.01 4.42 7.96
C LYS A 41 4.32 3.11 7.60
N TYR A 42 3.55 3.13 6.52
CA TYR A 42 2.83 1.94 6.07
C TYR A 42 3.78 0.76 5.92
N THR A 43 4.97 1.03 5.37
CA THR A 43 5.97 -0.01 5.19
C THR A 43 6.39 -0.62 6.52
N ASP A 44 6.45 0.22 7.54
CA ASP A 44 6.84 -0.24 8.88
C ASP A 44 5.95 -1.39 9.32
N THR A 45 4.69 -1.34 8.92
CA THR A 45 3.73 -2.40 9.26
C THR A 45 3.63 -3.42 8.13
N LEU A 46 3.93 -2.99 6.92
CA LEU A 46 3.87 -3.86 5.75
C LEU A 46 4.70 -5.12 5.98
N GLY A 47 5.92 -4.95 6.47
CA GLY A 47 6.80 -6.08 6.72
C GLY A 47 6.44 -6.84 7.99
N SER A 48 5.62 -6.22 8.83
CA SER A 48 5.21 -6.85 10.09
C SER A 48 4.29 -8.04 9.82
N ILE A 49 3.63 -8.04 8.68
CA ILE A 49 2.72 -9.12 8.32
C ILE A 49 3.48 -10.42 8.06
N GLN A 50 4.42 -10.37 7.13
CA GLN A 50 5.19 -11.55 6.74
C GLN A 50 5.95 -12.14 7.93
N GLN A 51 6.42 -11.27 8.82
CA GLN A 51 7.21 -11.72 9.97
C GLN A 51 6.34 -11.91 11.21
N HIS A 52 5.83 -10.80 11.75
CA HIS A 52 5.01 -10.84 12.94
C HIS A 52 3.55 -11.11 12.60
N PHE A 53 3.28 -12.29 12.06
CA PHE A 53 1.92 -12.68 11.69
C PHE A 53 1.92 -13.97 10.89
N MET A 54 2.98 -14.18 10.11
CA MET A 54 3.10 -15.39 9.29
C MET A 54 3.75 -16.51 10.08
N LYS A 55 4.66 -16.16 10.96
CA LYS A 55 5.37 -17.14 11.77
C LYS A 55 4.47 -17.72 12.86
N PRO A 56 4.02 -16.88 13.81
CA PRO A 56 3.16 -17.32 14.91
C PRO A 56 1.87 -17.96 14.43
N LEU A 57 1.13 -17.25 13.59
CA LEU A 57 -0.14 -17.74 13.07
C LEU A 57 0.00 -19.16 12.52
N GLN A 58 1.22 -19.51 12.11
CA GLN A 58 1.48 -20.83 11.55
C GLN A 58 1.01 -21.94 12.49
N ARG A 59 0.89 -21.61 13.77
CA ARG A 59 0.47 -22.59 14.77
C ARG A 59 -1.05 -22.60 14.94
N PHE A 60 -1.76 -22.04 13.97
CA PHE A 60 -3.22 -21.99 14.01
C PHE A 60 -3.81 -22.25 12.63
N LEU A 61 -3.39 -21.46 11.66
CA LEU A 61 -3.87 -21.61 10.29
C LEU A 61 -3.07 -22.67 9.56
N LYS A 62 -3.77 -23.62 8.94
CA LYS A 62 -3.12 -24.71 8.22
C LYS A 62 -2.02 -24.18 7.30
N PRO A 63 -0.82 -24.80 7.34
CA PRO A 63 0.31 -24.36 6.51
C PRO A 63 -0.04 -24.37 5.02
N GLN A 64 -1.06 -25.14 4.65
CA GLN A 64 -1.48 -25.23 3.26
C GLN A 64 -2.33 -24.03 2.86
N ASP A 65 -3.36 -23.75 3.64
CA ASP A 65 -4.25 -22.63 3.36
C ASP A 65 -3.60 -21.30 3.68
N MET A 66 -2.70 -21.29 4.67
CA MET A 66 -2.01 -20.08 5.07
C MET A 66 -1.42 -19.36 3.87
N GLU A 67 -1.03 -20.12 2.85
CA GLU A 67 -0.45 -19.56 1.64
C GLU A 67 -1.44 -18.65 0.93
N THR A 68 -2.72 -19.00 1.01
CA THR A 68 -3.78 -18.22 0.37
C THR A 68 -4.26 -17.10 1.28
N ILE A 69 -4.09 -17.29 2.58
CA ILE A 69 -4.52 -16.30 3.56
C ILE A 69 -3.62 -15.06 3.53
N PHE A 70 -2.32 -15.28 3.52
CA PHE A 70 -1.35 -14.19 3.51
C PHE A 70 -0.72 -14.00 2.13
N VAL A 71 -1.23 -14.71 1.12
CA VAL A 71 -0.73 -14.60 -0.25
C VAL A 71 0.81 -14.45 -0.29
N ASN A 72 1.33 -13.81 -1.34
CA ASN A 72 2.77 -13.61 -1.47
C ASN A 72 3.20 -12.27 -0.90
N ILE A 73 2.54 -11.84 0.18
CA ILE A 73 2.86 -10.57 0.84
C ILE A 73 4.38 -10.33 0.89
N GLU A 74 5.13 -11.37 1.22
CA GLU A 74 6.59 -11.27 1.31
C GLU A 74 7.17 -10.57 0.09
N GLU A 75 6.69 -10.96 -1.09
CA GLU A 75 7.17 -10.37 -2.33
C GLU A 75 6.63 -8.95 -2.50
N LEU A 76 5.51 -8.67 -1.85
CA LEU A 76 4.89 -7.36 -1.91
C LEU A 76 5.57 -6.38 -0.96
N PHE A 77 6.03 -6.89 0.17
CA PHE A 77 6.72 -6.07 1.15
C PHE A 77 7.85 -5.28 0.50
N SER A 78 8.40 -5.84 -0.57
CA SER A 78 9.49 -5.20 -1.30
C SER A 78 8.98 -3.97 -2.05
N VAL A 79 7.85 -4.11 -2.72
CA VAL A 79 7.27 -3.02 -3.48
C VAL A 79 7.18 -1.75 -2.64
N HIS A 80 7.08 -1.93 -1.33
CA HIS A 80 6.99 -0.79 -0.41
C HIS A 80 8.36 -0.37 0.09
N THR A 81 9.12 -1.34 0.61
CA THR A 81 10.45 -1.07 1.14
C THR A 81 11.37 -0.50 0.07
N HIS A 82 11.41 -1.16 -1.08
CA HIS A 82 12.26 -0.72 -2.19
C HIS A 82 11.83 0.63 -2.72
N PHE A 83 10.53 0.92 -2.62
CA PHE A 83 9.99 2.19 -3.10
C PHE A 83 10.72 3.37 -2.45
N LEU A 84 10.93 3.28 -1.14
CA LEU A 84 11.60 4.33 -0.41
C LEU A 84 13.07 4.42 -0.82
N LYS A 85 13.72 3.26 -0.96
CA LYS A 85 15.11 3.21 -1.37
C LYS A 85 15.30 3.83 -2.74
N GLU A 86 14.29 3.67 -3.59
CA GLU A 86 14.34 4.22 -4.94
C GLU A 86 14.15 5.74 -4.92
N LEU A 87 13.04 6.18 -4.33
CA LEU A 87 12.74 7.61 -4.24
C LEU A 87 13.76 8.32 -3.36
N LYS A 88 14.39 7.55 -2.46
CA LYS A 88 15.40 8.10 -1.55
C LYS A 88 16.41 8.95 -2.32
N ASP A 89 17.05 8.36 -3.32
CA ASP A 89 18.03 9.06 -4.12
C ASP A 89 17.35 9.91 -5.19
N ALA A 90 16.14 9.52 -5.57
CA ALA A 90 15.37 10.24 -6.58
C ALA A 90 14.93 11.59 -6.06
N LEU A 91 14.41 11.61 -4.84
CA LEU A 91 13.94 12.82 -4.22
C LEU A 91 15.10 13.78 -3.92
N ALA A 92 16.27 13.21 -3.67
CA ALA A 92 17.46 14.00 -3.39
C ALA A 92 18.24 14.32 -4.66
N GLY A 93 17.58 14.17 -5.81
CA GLY A 93 18.23 14.44 -7.08
C GLY A 93 18.17 15.91 -7.46
N PRO A 94 17.87 16.22 -8.73
CA PRO A 94 17.79 17.60 -9.21
C PRO A 94 16.61 18.36 -8.59
N GLY A 95 15.65 17.62 -8.05
CA GLY A 95 14.49 18.25 -7.44
C GLY A 95 13.47 17.25 -6.95
N ALA A 96 12.82 16.55 -7.89
CA ALA A 96 11.82 15.56 -7.54
C ALA A 96 11.18 14.96 -8.80
N THR A 97 11.04 15.78 -9.83
CA THR A 97 10.45 15.33 -11.09
C THR A 97 11.12 14.05 -11.57
N THR A 98 12.36 13.83 -11.14
CA THR A 98 13.13 12.65 -11.54
C THR A 98 12.45 11.36 -11.08
N LEU A 99 11.58 11.47 -10.08
CA LEU A 99 10.87 10.29 -9.57
C LEU A 99 10.10 9.58 -10.68
N TYR A 100 9.85 10.29 -11.78
CA TYR A 100 9.12 9.70 -12.90
C TYR A 100 9.75 8.37 -13.32
N GLN A 101 11.08 8.37 -13.40
CA GLN A 101 11.82 7.16 -13.77
C GLN A 101 11.40 5.98 -12.91
N VAL A 102 11.50 6.14 -11.60
CA VAL A 102 11.13 5.08 -10.66
C VAL A 102 9.68 4.66 -10.86
N PHE A 103 8.88 5.51 -11.51
CA PHE A 103 7.48 5.20 -11.75
C PHE A 103 7.27 4.44 -13.05
N ILE A 104 8.31 4.38 -13.88
CA ILE A 104 8.22 3.67 -15.15
C ILE A 104 8.74 2.23 -15.05
N LYS A 105 9.74 2.03 -14.18
CA LYS A 105 10.35 0.72 -14.04
C LYS A 105 9.65 -0.13 -12.97
N TYR A 106 8.94 0.52 -12.06
CA TYR A 106 8.25 -0.21 -10.99
C TYR A 106 7.04 -0.97 -11.50
N LYS A 107 6.59 -0.66 -12.71
CA LYS A 107 5.44 -1.34 -13.29
C LYS A 107 5.52 -2.85 -13.08
N GLU A 108 6.75 -3.35 -12.98
CA GLU A 108 6.99 -4.77 -12.76
C GLU A 108 6.30 -5.25 -11.48
N ARG A 109 6.60 -4.59 -10.37
CA ARG A 109 6.01 -4.96 -9.08
C ARG A 109 4.55 -4.56 -9.01
N PHE A 110 4.22 -3.40 -9.59
CA PHE A 110 2.84 -2.94 -9.62
C PHE A 110 1.94 -4.03 -10.17
N LEU A 111 2.53 -4.91 -10.99
CA LEU A 111 1.80 -6.04 -11.56
C LEU A 111 1.55 -7.09 -10.48
N VAL A 112 2.48 -7.19 -9.53
CA VAL A 112 2.33 -8.11 -8.42
C VAL A 112 0.95 -7.96 -7.79
N TYR A 113 0.46 -6.73 -7.80
CA TYR A 113 -0.88 -6.44 -7.27
C TYR A 113 -1.91 -7.36 -7.92
N GLY A 114 -1.71 -7.68 -9.19
CA GLY A 114 -2.62 -8.55 -9.90
C GLY A 114 -2.90 -9.83 -9.13
N ARG A 115 -1.91 -10.73 -9.11
CA ARG A 115 -2.05 -11.99 -8.39
C ARG A 115 -2.48 -11.71 -6.94
N TYR A 116 -1.99 -10.61 -6.40
CA TYR A 116 -2.34 -10.20 -5.04
C TYR A 116 -3.84 -10.08 -4.90
N CYS A 117 -4.46 -9.27 -5.75
CA CYS A 117 -5.90 -9.06 -5.74
C CYS A 117 -6.67 -10.32 -6.16
N SER A 118 -5.94 -11.34 -6.60
CA SER A 118 -6.56 -12.60 -7.03
C SER A 118 -6.70 -13.57 -5.87
N GLN A 119 -5.68 -13.60 -5.01
CA GLN A 119 -5.72 -14.45 -3.83
C GLN A 119 -6.32 -13.67 -2.68
N VAL A 120 -6.03 -12.38 -2.67
CA VAL A 120 -6.58 -11.45 -1.70
C VAL A 120 -8.09 -11.63 -1.59
N GLU A 121 -8.80 -11.36 -2.69
CA GLU A 121 -10.26 -11.49 -2.72
C GLU A 121 -10.71 -12.79 -2.06
N SER A 122 -9.83 -13.78 -2.10
CA SER A 122 -10.12 -15.08 -1.48
C SER A 122 -9.62 -15.10 -0.03
N ALA A 123 -8.49 -14.46 0.21
CA ALA A 123 -7.92 -14.40 1.56
C ALA A 123 -8.89 -13.73 2.52
N SER A 124 -9.11 -12.43 2.32
CA SER A 124 -10.03 -11.68 3.17
C SER A 124 -11.36 -12.41 3.29
N LYS A 125 -11.69 -13.19 2.27
CA LYS A 125 -12.93 -13.97 2.26
C LYS A 125 -12.80 -15.19 3.17
N HIS A 126 -11.61 -15.78 3.19
CA HIS A 126 -11.35 -16.94 4.02
C HIS A 126 -11.28 -16.56 5.49
N LEU A 127 -10.57 -15.48 5.78
CA LEU A 127 -10.43 -14.99 7.14
C LEU A 127 -11.79 -14.83 7.80
N ASP A 128 -12.71 -14.21 7.07
CA ASP A 128 -14.07 -14.00 7.57
C ASP A 128 -14.67 -15.30 8.08
N GLN A 129 -14.32 -16.41 7.41
CA GLN A 129 -14.82 -17.72 7.80
C GLN A 129 -13.88 -18.40 8.78
N VAL A 130 -12.58 -18.22 8.56
CA VAL A 130 -11.56 -18.81 9.43
C VAL A 130 -11.71 -18.32 10.86
N ALA A 131 -11.48 -17.02 11.07
CA ALA A 131 -11.58 -16.43 12.40
C ALA A 131 -12.88 -16.84 13.08
N THR A 132 -13.94 -16.97 12.29
CA THR A 132 -15.24 -17.36 12.82
C THR A 132 -15.32 -18.87 13.00
N ALA A 133 -14.58 -19.60 12.17
CA ALA A 133 -14.56 -21.06 12.24
C ALA A 133 -13.97 -21.54 13.56
N ARG A 134 -12.80 -21.01 13.91
CA ARG A 134 -12.13 -21.38 15.15
C ARG A 134 -12.05 -20.18 16.10
N GLU A 135 -11.63 -20.44 17.33
CA GLU A 135 -11.50 -19.39 18.33
C GLU A 135 -10.03 -19.06 18.59
N ASP A 136 -9.17 -20.06 18.46
CA ASP A 136 -7.74 -19.88 18.67
C ASP A 136 -7.17 -18.89 17.67
N VAL A 137 -7.71 -18.90 16.45
CA VAL A 137 -7.25 -18.00 15.40
C VAL A 137 -7.85 -16.62 15.58
N GLN A 138 -9.08 -16.56 16.06
CA GLN A 138 -9.78 -15.30 16.27
C GLN A 138 -9.01 -14.42 17.27
N MET A 139 -8.58 -15.03 18.37
CA MET A 139 -7.83 -14.32 19.40
C MET A 139 -6.49 -13.85 18.86
N LYS A 140 -5.81 -14.71 18.12
CA LYS A 140 -4.51 -14.38 17.54
C LYS A 140 -4.61 -13.15 16.65
N LEU A 141 -5.67 -13.08 15.85
CA LEU A 141 -5.88 -11.96 14.96
C LEU A 141 -6.07 -10.65 15.73
N GLU A 142 -6.50 -10.78 16.99
CA GLU A 142 -6.74 -9.62 17.84
C GLU A 142 -5.56 -9.36 18.76
N GLU A 143 -5.20 -10.36 19.56
CA GLU A 143 -4.11 -10.24 20.50
C GLU A 143 -2.81 -9.84 19.79
N CYS A 144 -2.22 -10.80 19.08
CA CYS A 144 -0.97 -10.56 18.37
C CYS A 144 -1.01 -9.25 17.58
N SER A 145 -2.15 -8.98 16.96
CA SER A 145 -2.31 -7.78 16.16
C SER A 145 -2.18 -6.53 17.01
N GLN A 146 -2.39 -6.67 18.32
CA GLN A 146 -2.30 -5.54 19.24
C GLN A 146 -0.99 -4.79 19.05
N ARG A 147 0.03 -5.50 18.56
CA ARG A 147 1.35 -4.90 18.35
C ARG A 147 1.37 -4.06 17.07
N ALA A 148 0.45 -4.33 16.17
CA ALA A 148 0.38 -3.59 14.91
C ALA A 148 -0.88 -2.72 14.88
N ASN A 149 -2.03 -3.36 14.95
CA ASN A 149 -3.31 -2.65 14.97
C ASN A 149 -4.32 -3.41 15.80
N ASN A 150 -4.48 -3.01 17.05
CA ASN A 150 -5.40 -3.68 17.97
C ASN A 150 -6.79 -3.83 17.35
N GLY A 151 -6.99 -4.92 16.61
CA GLY A 151 -8.27 -5.17 15.96
C GLY A 151 -8.84 -3.91 15.31
N ARG A 152 -8.19 -3.44 14.26
CA ARG A 152 -8.64 -2.24 13.56
C ARG A 152 -8.72 -2.45 12.06
N PHE A 153 -7.73 -3.14 11.50
CA PHE A 153 -7.70 -3.39 10.06
C PHE A 153 -6.95 -4.67 9.71
N THR A 154 -6.89 -5.61 10.66
CA THR A 154 -6.18 -6.88 10.45
C THR A 154 -6.36 -7.40 9.03
N LEU A 155 -5.34 -8.14 8.57
CA LEU A 155 -5.31 -8.79 7.26
C LEU A 155 -6.48 -8.43 6.34
N ARG A 156 -7.66 -8.93 6.69
CA ARG A 156 -8.88 -8.69 5.90
C ARG A 156 -8.93 -7.25 5.38
N ASP A 157 -8.41 -6.31 6.17
CA ASP A 157 -8.40 -4.91 5.77
C ASP A 157 -7.03 -4.53 5.20
N LEU A 158 -5.98 -5.17 5.68
CA LEU A 158 -4.62 -4.88 5.21
C LEU A 158 -4.46 -5.23 3.73
N LEU A 159 -4.47 -6.51 3.40
CA LEU A 159 -4.27 -6.95 2.02
C LEU A 159 -5.24 -6.23 1.08
N MET A 160 -6.34 -5.73 1.62
CA MET A 160 -7.33 -5.02 0.82
C MET A 160 -6.95 -3.54 0.62
N VAL A 161 -5.88 -3.10 1.29
CA VAL A 161 -5.47 -1.71 1.21
C VAL A 161 -4.57 -1.43 0.00
N PRO A 162 -3.47 -2.19 -0.17
CA PRO A 162 -2.53 -1.96 -1.27
C PRO A 162 -3.09 -2.35 -2.64
N MET A 163 -4.13 -3.18 -2.63
CA MET A 163 -4.76 -3.60 -3.87
C MET A 163 -5.41 -2.41 -4.58
N GLN A 164 -5.68 -1.36 -3.82
CA GLN A 164 -6.32 -0.16 -4.37
C GLN A 164 -5.30 0.97 -4.57
N ARG A 165 -4.33 1.05 -3.67
CA ARG A 165 -3.32 2.10 -3.74
C ARG A 165 -2.74 2.23 -5.15
N VAL A 166 -2.56 1.10 -5.83
CA VAL A 166 -2.01 1.09 -7.17
C VAL A 166 -2.70 2.13 -8.06
N LEU A 167 -3.97 2.36 -7.79
CA LEU A 167 -4.73 3.36 -8.53
C LEU A 167 -4.39 4.75 -8.01
N LYS A 168 -4.34 4.87 -6.69
CA LYS A 168 -4.02 6.13 -6.04
C LYS A 168 -2.67 6.67 -6.52
N TYR A 169 -1.82 5.77 -7.00
CA TYR A 169 -0.50 6.15 -7.49
C TYR A 169 -0.60 7.35 -8.44
N HIS A 170 -1.13 7.10 -9.63
CA HIS A 170 -1.30 8.16 -10.62
C HIS A 170 -2.25 9.22 -10.09
N LEU A 171 -3.21 8.78 -9.27
CA LEU A 171 -4.17 9.70 -8.68
C LEU A 171 -3.45 10.83 -7.96
N LEU A 172 -2.73 10.48 -6.89
CA LEU A 172 -1.96 11.46 -6.14
C LEU A 172 -0.92 12.11 -7.04
N LEU A 173 -0.23 11.28 -7.82
CA LEU A 173 0.78 11.76 -8.75
C LEU A 173 0.18 12.84 -9.64
N GLN A 174 -1.13 12.76 -9.86
CA GLN A 174 -1.83 13.74 -10.68
C GLN A 174 -1.75 15.13 -10.05
N GLU A 175 -2.03 15.20 -8.76
CA GLU A 175 -1.97 16.48 -8.04
C GLU A 175 -0.63 17.15 -8.25
N LEU A 176 0.42 16.35 -8.36
CA LEU A 176 1.77 16.86 -8.58
C LEU A 176 1.88 17.56 -9.93
N VAL A 177 1.11 17.06 -10.91
CA VAL A 177 1.11 17.63 -12.24
C VAL A 177 0.31 18.93 -12.28
N LYS A 178 -0.89 18.89 -11.71
CA LYS A 178 -1.75 20.07 -11.66
C LYS A 178 -1.05 21.21 -10.93
N HIS A 179 -0.13 20.87 -10.04
CA HIS A 179 0.60 21.87 -9.27
C HIS A 179 1.85 22.31 -10.04
N THR A 180 2.52 21.36 -10.68
CA THR A 180 3.72 21.66 -11.45
C THR A 180 3.38 22.47 -12.69
N GLN A 181 3.62 23.77 -12.63
CA GLN A 181 3.33 24.66 -13.74
C GLN A 181 4.43 24.59 -14.81
N ASP A 182 5.60 24.10 -14.42
CA ASP A 182 6.72 23.98 -15.34
C ASP A 182 6.31 23.22 -16.60
N ALA A 183 7.24 23.13 -17.55
CA ALA A 183 6.97 22.44 -18.81
C ALA A 183 7.38 20.97 -18.73
N THR A 184 8.69 20.72 -18.78
CA THR A 184 9.22 19.37 -18.72
C THR A 184 8.66 18.62 -17.50
N GLU A 185 8.81 19.23 -16.33
CA GLU A 185 8.33 18.63 -15.09
C GLU A 185 6.88 18.18 -15.23
N LYS A 186 6.07 19.01 -15.86
CA LYS A 186 4.66 18.69 -16.07
C LYS A 186 4.51 17.55 -17.07
N GLU A 187 5.48 17.45 -17.98
CA GLU A 187 5.47 16.40 -18.99
C GLU A 187 5.92 15.06 -18.41
N ASN A 188 7.21 14.96 -18.10
CA ASN A 188 7.77 13.73 -17.54
C ASN A 188 6.87 13.16 -16.45
N LEU A 189 6.44 14.03 -15.54
CA LEU A 189 5.56 13.61 -14.45
C LEU A 189 4.27 13.04 -15.00
N ARG A 190 3.70 13.73 -15.99
CA ARG A 190 2.45 13.28 -16.60
C ARG A 190 2.62 11.90 -17.23
N LEU A 191 3.81 11.63 -17.75
CA LEU A 191 4.08 10.33 -18.37
C LEU A 191 4.03 9.23 -17.32
N ALA A 192 4.70 9.45 -16.19
CA ALA A 192 4.72 8.47 -15.10
C ALA A 192 3.31 7.93 -14.83
N LEU A 193 2.33 8.82 -14.90
CA LEU A 193 0.94 8.44 -14.70
C LEU A 193 0.46 7.55 -15.84
N ASP A 194 0.72 7.98 -17.07
CA ASP A 194 0.33 7.22 -18.26
C ASP A 194 0.74 5.75 -18.12
N ALA A 195 1.86 5.52 -17.46
CA ALA A 195 2.36 4.16 -17.25
C ALA A 195 1.60 3.47 -16.11
N MET A 196 1.38 4.20 -15.02
CA MET A 196 0.66 3.66 -13.87
C MET A 196 -0.81 3.45 -14.22
N ARG A 197 -1.47 4.50 -14.69
CA ARG A 197 -2.88 4.43 -15.07
C ARG A 197 -3.14 3.25 -15.99
N ASP A 198 -2.10 2.82 -16.70
CA ASP A 198 -2.22 1.71 -17.63
C ASP A 198 -2.43 0.39 -16.89
N LEU A 199 -1.83 0.27 -15.70
CA LEU A 199 -1.95 -0.94 -14.91
C LEU A 199 -3.34 -1.05 -14.29
N ALA A 200 -3.94 0.08 -13.94
CA ALA A 200 -5.27 0.09 -13.35
C ALA A 200 -6.23 -0.80 -14.11
N GLN A 201 -5.97 -1.00 -15.40
CA GLN A 201 -6.82 -1.82 -16.25
C GLN A 201 -6.29 -3.24 -16.37
N CYS A 202 -5.04 -3.46 -15.96
CA CYS A 202 -4.45 -4.79 -16.01
C CYS A 202 -4.50 -5.42 -14.63
N VAL A 203 -4.44 -4.57 -13.62
CA VAL A 203 -4.48 -5.00 -12.23
C VAL A 203 -5.91 -5.37 -11.84
N ASN A 204 -6.87 -4.60 -12.34
CA ASN A 204 -8.27 -4.85 -12.05
C ASN A 204 -8.93 -5.65 -13.17
N GLU A 205 -8.12 -6.48 -13.83
CA GLU A 205 -8.61 -7.30 -14.93
C GLU A 205 -7.73 -8.53 -15.10
N VAL A 206 -7.48 -9.23 -14.00
CA VAL A 206 -6.64 -10.41 -14.01
C VAL A 206 -7.47 -11.66 -14.21
N LYS A 207 -7.62 -12.04 -15.46
CA LYS A 207 -8.40 -13.23 -15.82
C LYS A 207 -8.42 -13.43 -17.33
N ARG A 208 -8.49 -12.34 -18.07
CA ARG A 208 -8.52 -12.39 -19.52
C ARG A 208 -9.78 -13.06 -20.02
N MET A 1 -12.18 -3.85 3.24
CA MET A 1 -13.35 -3.95 2.32
C MET A 1 -13.19 -3.00 1.13
N LYS A 2 -13.14 -1.71 1.42
CA LYS A 2 -12.99 -0.70 0.38
C LYS A 2 -11.53 -0.29 0.22
N GLY A 3 -10.78 -0.37 1.32
CA GLY A 3 -9.38 0.00 1.28
C GLY A 3 -9.15 1.48 1.55
N ASP A 4 -9.94 2.33 0.90
CA ASP A 4 -9.82 3.77 1.07
C ASP A 4 -9.96 4.15 2.54
N GLU A 5 -11.05 3.71 3.16
CA GLU A 5 -11.31 4.01 4.57
C GLU A 5 -10.20 3.47 5.45
N ILE A 6 -9.57 2.37 5.01
CA ILE A 6 -8.50 1.75 5.78
C ILE A 6 -7.33 2.70 5.95
N TYR A 7 -6.80 3.21 4.83
CA TYR A 7 -5.68 4.14 4.88
C TYR A 7 -5.95 5.28 5.86
N GLU A 8 -7.07 5.96 5.66
CA GLU A 8 -7.45 7.08 6.52
C GLU A 8 -7.41 6.68 7.99
N ASP A 9 -8.34 5.81 8.39
CA ASP A 9 -8.39 5.35 9.78
C ASP A 9 -7.05 4.80 10.22
N LEU A 10 -6.41 4.03 9.33
CA LEU A 10 -5.12 3.44 9.62
C LEU A 10 -4.12 4.51 10.09
N MET A 11 -4.37 5.75 9.67
CA MET A 11 -3.50 6.86 10.04
C MET A 11 -4.28 7.90 10.84
N ARG A 12 -3.59 8.95 11.28
CA ARG A 12 -4.23 10.01 12.05
C ARG A 12 -5.05 10.92 11.14
N LEU A 13 -6.07 10.34 10.50
CA LEU A 13 -6.94 11.09 9.61
C LEU A 13 -6.10 11.87 8.60
N GLU A 14 -5.09 11.21 8.04
CA GLU A 14 -4.20 11.83 7.06
C GLU A 14 -3.74 13.21 7.54
N SER A 15 -2.82 13.23 8.51
CA SER A 15 -2.30 14.47 9.05
C SER A 15 -0.84 14.68 8.64
N VAL A 16 -0.50 15.91 8.28
CA VAL A 16 0.86 16.23 7.87
C VAL A 16 1.63 16.90 9.00
N PRO A 17 2.62 16.19 9.59
CA PRO A 17 3.42 16.74 10.69
C PRO A 17 4.22 17.96 10.27
N THR A 18 3.75 19.14 10.67
CA THR A 18 4.42 20.39 10.34
C THR A 18 4.45 21.33 11.53
N PRO A 19 5.35 22.33 11.51
CA PRO A 19 5.48 23.30 12.60
C PRO A 19 4.13 23.91 13.01
N PRO A 20 4.13 24.75 14.06
CA PRO A 20 2.91 25.39 14.55
C PRO A 20 2.53 26.65 13.76
N LYS A 21 3.18 26.86 12.61
CA LYS A 21 2.92 28.02 11.78
C LYS A 21 2.24 27.61 10.47
N MET A 22 2.56 26.40 10.00
CA MET A 22 1.98 25.90 8.77
C MET A 22 0.46 25.86 8.84
N THR A 23 -0.17 25.49 7.75
CA THR A 23 -1.63 25.42 7.68
C THR A 23 -2.07 24.23 6.83
N GLU A 24 -3.21 23.64 7.19
CA GLU A 24 -3.74 22.50 6.46
C GLU A 24 -3.76 22.76 4.96
N TYR A 25 -3.84 24.04 4.60
CA TYR A 25 -3.86 24.44 3.19
C TYR A 25 -2.65 23.89 2.45
N ASP A 26 -1.57 23.66 3.19
CA ASP A 26 -0.34 23.13 2.60
C ASP A 26 -0.56 21.73 2.02
N LYS A 27 -1.66 21.09 2.41
CA LYS A 27 -1.97 19.74 1.92
C LYS A 27 -1.76 19.64 0.41
N ARG A 28 -1.93 20.76 -0.29
CA ARG A 28 -1.76 20.79 -1.73
C ARG A 28 -0.28 20.71 -2.11
N CYS A 29 0.51 21.61 -1.53
CA CYS A 29 1.95 21.64 -1.80
C CYS A 29 2.65 20.47 -1.14
N CYS A 30 2.18 20.11 0.05
CA CYS A 30 2.77 19.01 0.81
C CYS A 30 2.45 17.65 0.19
N CYS A 31 1.62 17.64 -0.85
CA CYS A 31 1.23 16.39 -1.52
C CYS A 31 2.39 15.41 -1.63
N LEU A 32 3.47 15.86 -2.28
CA LEU A 32 4.65 15.02 -2.45
C LEU A 32 5.09 14.43 -1.11
N ARG A 33 5.41 15.31 -0.17
CA ARG A 33 5.81 14.90 1.16
C ARG A 33 4.76 13.98 1.79
N GLU A 34 3.51 14.18 1.37
CA GLU A 34 2.40 13.37 1.89
C GLU A 34 2.47 11.96 1.34
N ILE A 35 2.91 11.82 0.09
CA ILE A 35 3.03 10.52 -0.55
C ILE A 35 3.91 9.58 0.28
N GLN A 36 5.11 10.03 0.61
CA GLN A 36 6.05 9.24 1.39
C GLN A 36 5.63 9.15 2.86
N GLN A 37 5.28 10.30 3.43
CA GLN A 37 4.88 10.35 4.83
C GLN A 37 3.82 9.30 5.14
N THR A 38 2.70 9.36 4.42
CA THR A 38 1.61 8.41 4.61
C THR A 38 2.06 6.99 4.32
N GLU A 39 2.91 6.83 3.33
CA GLU A 39 3.41 5.51 2.94
C GLU A 39 4.28 4.91 4.04
N GLU A 40 5.16 5.74 4.62
CA GLU A 40 6.06 5.29 5.68
C GLU A 40 5.28 4.55 6.77
N LYS A 41 4.33 5.25 7.39
CA LYS A 41 3.53 4.66 8.45
C LYS A 41 2.94 3.32 8.01
N TYR A 42 2.19 3.35 6.92
CA TYR A 42 1.56 2.14 6.38
C TYR A 42 2.58 1.02 6.27
N THR A 43 3.80 1.36 5.88
CA THR A 43 4.88 0.38 5.76
C THR A 43 5.14 -0.29 7.10
N ASP A 44 4.97 0.48 8.17
CA ASP A 44 5.17 -0.03 9.52
C ASP A 44 4.27 -1.25 9.77
N THR A 45 3.08 -1.22 9.16
CA THR A 45 2.13 -2.30 9.30
C THR A 45 2.31 -3.33 8.18
N LEU A 46 2.59 -2.82 6.98
CA LEU A 46 2.79 -3.67 5.81
C LEU A 46 3.79 -4.79 6.12
N GLY A 47 4.90 -4.42 6.75
CA GLY A 47 5.90 -5.41 7.09
C GLY A 47 5.59 -6.18 8.35
N SER A 48 4.74 -5.60 9.20
CA SER A 48 4.35 -6.25 10.45
C SER A 48 3.77 -7.64 10.19
N ILE A 49 3.25 -7.84 8.98
CA ILE A 49 2.67 -9.13 8.61
C ILE A 49 3.76 -10.14 8.25
N GLN A 50 4.88 -9.63 7.73
CA GLN A 50 5.98 -10.48 7.32
C GLN A 50 6.46 -11.37 8.46
N GLN A 51 7.05 -10.75 9.49
CA GLN A 51 7.56 -11.51 10.63
C GLN A 51 6.53 -11.61 11.74
N HIS A 52 6.21 -10.47 12.36
CA HIS A 52 5.24 -10.44 13.46
C HIS A 52 3.85 -10.82 12.98
N PHE A 53 3.67 -12.10 12.64
CA PHE A 53 2.38 -12.59 12.17
C PHE A 53 2.52 -14.00 11.60
N MET A 54 3.04 -14.07 10.37
CA MET A 54 3.23 -15.34 9.70
C MET A 54 3.92 -16.35 10.60
N LYS A 55 5.07 -15.95 11.15
CA LYS A 55 5.83 -16.82 12.03
C LYS A 55 4.96 -17.38 13.16
N PRO A 56 4.42 -16.49 14.01
CA PRO A 56 3.57 -16.89 15.14
C PRO A 56 2.28 -17.58 14.68
N LEU A 57 1.86 -17.30 13.46
CA LEU A 57 0.64 -17.89 12.92
C LEU A 57 0.85 -19.34 12.52
N GLN A 58 2.11 -19.73 12.34
CA GLN A 58 2.43 -21.10 11.94
C GLN A 58 1.85 -22.12 12.91
N ARG A 59 1.51 -21.68 14.12
CA ARG A 59 0.95 -22.57 15.13
C ARG A 59 -0.57 -22.61 15.07
N PHE A 60 -1.12 -22.22 13.92
CA PHE A 60 -2.58 -22.22 13.73
C PHE A 60 -2.93 -22.46 12.27
N LEU A 61 -2.47 -21.56 11.40
CA LEU A 61 -2.74 -21.68 9.98
C LEU A 61 -1.88 -22.78 9.36
N LYS A 62 -2.55 -23.82 8.87
CA LYS A 62 -1.85 -24.95 8.26
C LYS A 62 -0.83 -24.48 7.23
N PRO A 63 0.36 -25.10 7.20
CA PRO A 63 1.41 -24.73 6.24
C PRO A 63 0.93 -24.75 4.80
N GLN A 64 -0.01 -25.64 4.51
CA GLN A 64 -0.56 -25.76 3.16
C GLN A 64 -1.31 -24.49 2.76
N ASP A 65 -2.23 -24.06 3.63
CA ASP A 65 -3.03 -22.88 3.36
C ASP A 65 -2.26 -21.61 3.72
N MET A 66 -1.22 -21.76 4.54
CA MET A 66 -0.41 -20.61 4.95
C MET A 66 -0.01 -19.76 3.75
N GLU A 67 0.06 -20.38 2.58
CA GLU A 67 0.43 -19.68 1.36
C GLU A 67 -0.69 -18.74 0.92
N THR A 68 -1.88 -19.30 0.71
CA THR A 68 -3.02 -18.51 0.27
C THR A 68 -3.23 -17.30 1.16
N ILE A 69 -3.10 -17.51 2.48
CA ILE A 69 -3.27 -16.42 3.44
C ILE A 69 -2.18 -15.37 3.28
N PHE A 70 -0.93 -15.80 3.44
CA PHE A 70 0.20 -14.89 3.30
C PHE A 70 0.85 -15.08 1.93
N VAL A 71 0.03 -14.96 0.88
CA VAL A 71 0.48 -15.15 -0.49
C VAL A 71 1.86 -14.50 -0.73
N ASN A 72 1.87 -13.23 -1.15
CA ASN A 72 3.12 -12.55 -1.45
C ASN A 72 3.49 -11.52 -0.38
N ILE A 73 2.78 -11.52 0.74
CA ILE A 73 3.04 -10.57 1.82
C ILE A 73 4.54 -10.35 2.05
N GLU A 74 5.30 -11.43 2.02
CA GLU A 74 6.74 -11.35 2.24
C GLU A 74 7.43 -10.54 1.14
N GLU A 75 6.96 -10.71 -0.09
CA GLU A 75 7.54 -10.00 -1.22
C GLU A 75 6.85 -8.65 -1.45
N LEU A 76 5.60 -8.56 -1.02
CA LEU A 76 4.82 -7.33 -1.18
C LEU A 76 5.29 -6.26 -0.19
N PHE A 77 5.79 -6.71 0.96
CA PHE A 77 6.28 -5.79 1.97
C PHE A 77 7.42 -4.94 1.43
N SER A 78 8.22 -5.53 0.53
CA SER A 78 9.34 -4.82 -0.08
C SER A 78 8.84 -3.71 -0.98
N VAL A 79 7.84 -4.02 -1.80
CA VAL A 79 7.25 -3.04 -2.70
C VAL A 79 6.92 -1.75 -1.97
N HIS A 80 6.68 -1.86 -0.67
CA HIS A 80 6.35 -0.70 0.16
C HIS A 80 7.61 -0.07 0.73
N THR A 81 8.47 -0.90 1.31
CA THR A 81 9.71 -0.41 1.91
C THR A 81 10.69 0.06 0.83
N HIS A 82 11.13 -0.87 0.00
CA HIS A 82 12.07 -0.56 -1.07
C HIS A 82 11.62 0.67 -1.86
N PHE A 83 10.31 0.87 -1.95
CA PHE A 83 9.76 2.00 -2.69
C PHE A 83 10.15 3.33 -2.05
N LEU A 84 9.66 3.57 -0.84
CA LEU A 84 9.95 4.80 -0.13
C LEU A 84 11.44 5.11 -0.13
N LYS A 85 12.25 4.05 -0.18
CA LYS A 85 13.70 4.21 -0.18
C LYS A 85 14.17 4.88 -1.47
N GLU A 86 13.37 4.73 -2.53
CA GLU A 86 13.70 5.32 -3.82
C GLU A 86 13.27 6.78 -3.88
N LEU A 87 11.99 7.03 -3.56
CA LEU A 87 11.45 8.38 -3.58
C LEU A 87 12.34 9.34 -2.80
N LYS A 88 12.73 8.94 -1.59
CA LYS A 88 13.57 9.78 -0.74
C LYS A 88 14.73 10.38 -1.53
N ASP A 89 15.28 9.60 -2.45
CA ASP A 89 16.38 10.06 -3.28
C ASP A 89 15.87 10.83 -4.48
N ALA A 90 14.63 10.53 -4.89
CA ALA A 90 14.02 11.20 -6.03
C ALA A 90 13.62 12.63 -5.67
N LEU A 91 12.96 12.78 -4.53
CA LEU A 91 12.52 14.09 -4.06
C LEU A 91 13.72 14.97 -3.71
N ALA A 92 14.59 14.45 -2.86
CA ALA A 92 15.78 15.19 -2.45
C ALA A 92 16.68 15.48 -3.64
N GLY A 93 16.52 14.72 -4.72
CA GLY A 93 17.33 14.93 -5.90
C GLY A 93 17.12 16.31 -6.51
N PRO A 94 16.93 16.41 -7.83
CA PRO A 94 16.71 17.69 -8.51
C PRO A 94 15.43 18.38 -8.05
N GLY A 95 14.43 17.57 -7.72
CA GLY A 95 13.16 18.13 -7.27
C GLY A 95 12.00 17.16 -7.47
N ALA A 96 12.22 15.90 -7.09
CA ALA A 96 11.18 14.89 -7.23
C ALA A 96 10.64 14.85 -8.65
N THR A 97 11.50 15.15 -9.62
CA THR A 97 11.11 15.15 -11.03
C THR A 97 11.37 13.80 -11.67
N THR A 98 12.29 13.03 -11.09
CA THR A 98 12.64 11.71 -11.60
C THR A 98 11.75 10.64 -10.98
N LEU A 99 10.62 11.03 -10.41
CA LEU A 99 9.70 10.10 -9.80
C LEU A 99 9.20 9.08 -10.82
N TYR A 100 8.98 9.54 -12.04
CA TYR A 100 8.51 8.68 -13.12
C TYR A 100 9.38 7.44 -13.25
N GLN A 101 10.70 7.66 -13.32
CA GLN A 101 11.65 6.57 -13.45
C GLN A 101 11.44 5.53 -12.35
N VAL A 102 10.98 5.99 -11.20
CA VAL A 102 10.73 5.11 -10.06
C VAL A 102 9.41 4.36 -10.23
N PHE A 103 8.50 4.94 -10.99
CA PHE A 103 7.19 4.33 -11.20
C PHE A 103 7.14 3.51 -12.50
N ILE A 104 7.71 4.07 -13.57
CA ILE A 104 7.71 3.38 -14.85
C ILE A 104 8.42 2.03 -14.77
N LYS A 105 9.36 1.93 -13.84
CA LYS A 105 10.14 0.70 -13.68
C LYS A 105 9.54 -0.21 -12.60
N TYR A 106 8.76 0.37 -11.70
CA TYR A 106 8.17 -0.39 -10.61
C TYR A 106 7.01 -1.27 -11.08
N LYS A 107 6.58 -1.07 -12.32
CA LYS A 107 5.46 -1.85 -12.87
C LYS A 107 5.54 -3.32 -12.47
N GLU A 108 6.75 -3.89 -12.58
CA GLU A 108 6.98 -5.29 -12.22
C GLU A 108 6.21 -5.69 -10.96
N ARG A 109 6.47 -4.99 -9.86
CA ARG A 109 5.80 -5.27 -8.60
C ARG A 109 4.39 -4.67 -8.58
N PHE A 110 4.28 -3.44 -9.06
CA PHE A 110 2.99 -2.77 -9.14
C PHE A 110 1.98 -3.67 -9.86
N LEU A 111 2.50 -4.55 -10.71
CA LEU A 111 1.67 -5.50 -11.43
C LEU A 111 1.26 -6.64 -10.51
N VAL A 112 2.13 -6.96 -9.55
CA VAL A 112 1.83 -7.98 -8.55
C VAL A 112 0.43 -7.76 -7.99
N TYR A 113 0.02 -6.51 -7.97
CA TYR A 113 -1.31 -6.14 -7.50
C TYR A 113 -2.38 -6.92 -8.25
N GLY A 114 -2.10 -7.22 -9.52
CA GLY A 114 -3.03 -7.97 -10.34
C GLY A 114 -3.15 -9.42 -9.90
N ARG A 115 -2.00 -10.08 -9.74
CA ARG A 115 -1.99 -11.47 -9.31
C ARG A 115 -2.26 -11.57 -7.81
N TYR A 116 -1.97 -10.49 -7.09
CA TYR A 116 -2.20 -10.44 -5.64
C TYR A 116 -3.68 -10.30 -5.34
N CYS A 117 -4.32 -9.28 -5.91
CA CYS A 117 -5.74 -9.05 -5.71
C CYS A 117 -6.56 -10.30 -6.04
N SER A 118 -5.99 -11.13 -6.92
CA SER A 118 -6.66 -12.35 -7.36
C SER A 118 -6.59 -13.44 -6.30
N GLN A 119 -5.42 -13.62 -5.70
CA GLN A 119 -5.25 -14.59 -4.63
C GLN A 119 -5.84 -14.01 -3.36
N VAL A 120 -5.62 -12.72 -3.23
CA VAL A 120 -6.18 -11.94 -2.14
C VAL A 120 -7.68 -12.19 -2.03
N GLU A 121 -8.41 -11.91 -3.12
CA GLU A 121 -9.86 -12.10 -3.16
C GLU A 121 -10.25 -13.44 -2.53
N SER A 122 -9.33 -14.39 -2.60
CA SER A 122 -9.55 -15.72 -2.02
C SER A 122 -8.96 -15.79 -0.61
N ALA A 123 -7.86 -15.08 -0.40
CA ALA A 123 -7.19 -15.06 0.90
C ALA A 123 -8.07 -14.38 1.94
N SER A 124 -8.27 -13.07 1.78
CA SER A 124 -9.10 -12.30 2.69
C SER A 124 -10.45 -12.98 2.88
N LYS A 125 -10.93 -13.64 1.83
CA LYS A 125 -12.19 -14.35 1.88
C LYS A 125 -12.03 -15.66 2.65
N HIS A 126 -10.87 -16.29 2.50
CA HIS A 126 -10.58 -17.53 3.20
C HIS A 126 -10.56 -17.31 4.71
N LEU A 127 -9.89 -16.24 5.13
CA LEU A 127 -9.80 -15.90 6.55
C LEU A 127 -11.19 -15.82 7.17
N ASP A 128 -12.13 -15.20 6.45
CA ASP A 128 -13.50 -15.06 6.91
C ASP A 128 -14.05 -16.41 7.38
N GLN A 129 -13.73 -17.46 6.63
CA GLN A 129 -14.19 -18.80 6.96
C GLN A 129 -13.22 -19.48 7.93
N VAL A 130 -11.92 -19.25 7.71
CA VAL A 130 -10.90 -19.85 8.55
C VAL A 130 -11.07 -19.42 10.01
N ALA A 131 -10.97 -18.12 10.25
CA ALA A 131 -11.11 -17.58 11.60
C ALA A 131 -12.41 -18.06 12.24
N THR A 132 -13.51 -17.91 11.51
CA THR A 132 -14.81 -18.32 12.01
C THR A 132 -14.84 -19.83 12.24
N ALA A 133 -14.08 -20.57 11.44
CA ALA A 133 -14.02 -22.01 11.56
C ALA A 133 -13.36 -22.43 12.87
N ARG A 134 -12.12 -21.99 13.07
CA ARG A 134 -11.37 -22.31 14.28
C ARG A 134 -11.45 -21.16 15.28
N GLU A 135 -11.80 -21.49 16.52
CA GLU A 135 -11.91 -20.49 17.57
C GLU A 135 -10.54 -19.98 17.98
N ASP A 136 -9.54 -20.85 17.92
CA ASP A 136 -8.18 -20.49 18.29
C ASP A 136 -7.60 -19.48 17.31
N VAL A 137 -7.80 -19.74 16.02
CA VAL A 137 -7.30 -18.85 14.98
C VAL A 137 -8.07 -17.53 14.96
N GLN A 138 -9.31 -17.57 15.45
CA GLN A 138 -10.16 -16.39 15.49
C GLN A 138 -9.63 -15.38 16.50
N MET A 139 -9.74 -15.71 17.78
CA MET A 139 -9.27 -14.83 18.84
C MET A 139 -7.80 -14.48 18.65
N LYS A 140 -7.02 -15.46 18.23
CA LYS A 140 -5.59 -15.25 18.01
C LYS A 140 -5.34 -14.08 17.05
N LEU A 141 -6.23 -13.92 16.09
CA LEU A 141 -6.11 -12.84 15.11
C LEU A 141 -6.31 -11.49 15.77
N GLU A 142 -7.14 -11.45 16.80
CA GLU A 142 -7.42 -10.21 17.51
C GLU A 142 -6.35 -9.89 18.55
N GLU A 143 -5.50 -10.88 18.85
CA GLU A 143 -4.44 -10.69 19.83
C GLU A 143 -3.13 -10.25 19.17
N CYS A 144 -2.69 -11.01 18.19
CA CYS A 144 -1.45 -10.71 17.48
C CYS A 144 -1.49 -9.33 16.85
N SER A 145 -2.65 -8.94 16.35
CA SER A 145 -2.80 -7.64 15.69
C SER A 145 -2.74 -6.49 16.69
N GLN A 146 -2.94 -6.80 17.98
CA GLN A 146 -2.90 -5.79 19.03
C GLN A 146 -1.65 -4.92 18.90
N ARG A 147 -0.60 -5.48 18.32
CA ARG A 147 0.65 -4.76 18.15
C ARG A 147 0.65 -3.94 16.87
N ALA A 148 -0.16 -4.34 15.90
CA ALA A 148 -0.26 -3.63 14.64
C ALA A 148 -1.60 -2.92 14.53
N ASN A 149 -2.67 -3.70 14.42
CA ASN A 149 -4.02 -3.15 14.33
C ASN A 149 -4.97 -3.97 15.19
N ASN A 150 -5.33 -3.43 16.36
CA ASN A 150 -6.21 -4.12 17.29
C ASN A 150 -7.51 -4.54 16.61
N GLY A 151 -7.49 -5.71 15.96
CA GLY A 151 -8.67 -6.22 15.29
C GLY A 151 -9.43 -5.15 14.54
N ARG A 152 -8.72 -4.32 13.79
CA ARG A 152 -9.35 -3.23 13.04
C ARG A 152 -9.29 -3.49 11.54
N PHE A 153 -8.10 -3.79 11.04
CA PHE A 153 -7.92 -4.05 9.61
C PHE A 153 -7.03 -5.27 9.36
N THR A 154 -6.85 -6.09 10.39
CA THR A 154 -6.01 -7.29 10.29
C THR A 154 -6.18 -8.00 8.96
N LEU A 155 -5.10 -8.63 8.50
CA LEU A 155 -5.05 -9.41 7.26
C LEU A 155 -6.24 -9.19 6.33
N ARG A 156 -7.37 -9.81 6.66
CA ARG A 156 -8.59 -9.71 5.85
C ARG A 156 -8.79 -8.29 5.32
N ASP A 157 -8.41 -7.30 6.12
CA ASP A 157 -8.54 -5.90 5.73
C ASP A 157 -7.20 -5.37 5.22
N LEU A 158 -6.11 -6.01 5.64
CA LEU A 158 -4.77 -5.57 5.24
C LEU A 158 -4.47 -5.89 3.78
N LEU A 159 -4.37 -7.19 3.46
CA LEU A 159 -4.04 -7.62 2.10
C LEU A 159 -4.89 -6.88 1.06
N MET A 160 -6.10 -6.47 1.46
CA MET A 160 -7.00 -5.77 0.55
C MET A 160 -6.52 -4.33 0.31
N VAL A 161 -5.73 -3.80 1.25
CA VAL A 161 -5.23 -2.45 1.16
C VAL A 161 -4.42 -2.20 -0.11
N PRO A 162 -3.36 -2.99 -0.36
CA PRO A 162 -2.48 -2.81 -1.52
C PRO A 162 -3.21 -2.82 -2.87
N MET A 163 -4.45 -3.28 -2.87
CA MET A 163 -5.23 -3.37 -4.11
C MET A 163 -5.82 -2.03 -4.52
N GLN A 164 -5.82 -1.06 -3.60
CA GLN A 164 -6.40 0.25 -3.88
C GLN A 164 -5.34 1.30 -4.17
N ARG A 165 -4.29 1.33 -3.34
CA ARG A 165 -3.24 2.33 -3.48
C ARG A 165 -2.82 2.53 -4.94
N VAL A 166 -2.65 1.44 -5.67
CA VAL A 166 -2.23 1.52 -7.06
C VAL A 166 -3.07 2.52 -7.85
N LEU A 167 -4.32 2.70 -7.44
CA LEU A 167 -5.21 3.65 -8.10
C LEU A 167 -4.85 5.08 -7.73
N LYS A 168 -4.96 5.40 -6.45
CA LYS A 168 -4.63 6.73 -5.97
C LYS A 168 -3.14 7.04 -6.19
N TYR A 169 -2.34 5.99 -6.30
CA TYR A 169 -0.89 6.12 -6.50
C TYR A 169 -0.57 7.23 -7.50
N HIS A 170 -0.91 6.99 -8.76
CA HIS A 170 -0.63 7.92 -9.82
C HIS A 170 -1.72 9.00 -9.92
N LEU A 171 -2.88 8.72 -9.31
CA LEU A 171 -3.96 9.69 -9.29
C LEU A 171 -3.48 10.97 -8.61
N LEU A 172 -2.87 10.81 -7.44
CA LEU A 172 -2.30 11.94 -6.73
C LEU A 172 -1.11 12.48 -7.51
N LEU A 173 -0.36 11.56 -8.10
CA LEU A 173 0.78 11.91 -8.95
C LEU A 173 0.35 12.92 -10.01
N GLN A 174 -0.92 12.85 -10.40
CA GLN A 174 -1.48 13.76 -11.39
C GLN A 174 -1.50 15.18 -10.85
N GLU A 175 -1.93 15.33 -9.60
CA GLU A 175 -1.98 16.64 -8.97
C GLU A 175 -0.63 17.33 -9.06
N LEU A 176 0.44 16.53 -9.06
CA LEU A 176 1.79 17.06 -9.16
C LEU A 176 2.03 17.61 -10.56
N VAL A 177 1.59 16.87 -11.56
CA VAL A 177 1.73 17.30 -12.95
C VAL A 177 0.88 18.53 -13.23
N LYS A 178 -0.39 18.46 -12.87
CA LYS A 178 -1.30 19.57 -13.06
C LYS A 178 -0.76 20.83 -12.39
N HIS A 179 -0.05 20.63 -11.28
CA HIS A 179 0.54 21.74 -10.55
C HIS A 179 1.81 22.23 -11.26
N THR A 180 2.55 21.29 -11.83
CA THR A 180 3.76 21.61 -12.56
C THR A 180 3.44 22.24 -13.92
N GLN A 181 4.14 23.32 -14.24
CA GLN A 181 3.92 24.01 -15.51
C GLN A 181 5.10 23.82 -16.46
N ASP A 182 6.26 23.47 -15.89
CA ASP A 182 7.46 23.26 -16.69
C ASP A 182 7.18 22.33 -17.87
N ALA A 183 8.15 22.20 -18.76
CA ALA A 183 8.00 21.34 -19.93
C ALA A 183 8.58 19.95 -19.68
N THR A 184 9.76 19.91 -19.05
CA THR A 184 10.42 18.64 -18.77
C THR A 184 9.82 17.98 -17.54
N GLU A 185 9.70 18.74 -16.45
CA GLU A 185 9.15 18.21 -15.20
C GLU A 185 7.70 17.77 -15.38
N LYS A 186 6.96 18.50 -16.22
CA LYS A 186 5.56 18.18 -16.47
C LYS A 186 5.43 17.01 -17.43
N GLU A 187 6.47 16.79 -18.23
CA GLU A 187 6.46 15.70 -19.21
C GLU A 187 6.78 14.36 -18.56
N ASN A 188 8.03 14.17 -18.16
CA ASN A 188 8.46 12.92 -17.53
C ASN A 188 7.49 12.50 -16.44
N LEU A 189 6.84 13.48 -15.80
CA LEU A 189 5.88 13.19 -14.75
C LEU A 189 4.61 12.58 -15.32
N ARG A 190 4.01 13.27 -16.29
CA ARG A 190 2.81 12.78 -16.95
C ARG A 190 3.01 11.36 -17.44
N LEU A 191 4.27 11.00 -17.69
CA LEU A 191 4.60 9.65 -18.14
C LEU A 191 4.36 8.65 -17.03
N ALA A 192 4.66 9.05 -15.79
CA ALA A 192 4.42 8.18 -14.63
C ALA A 192 2.99 7.66 -14.66
N LEU A 193 2.05 8.57 -14.87
CA LEU A 193 0.65 8.19 -14.99
C LEU A 193 0.46 7.24 -16.16
N ASP A 194 1.13 7.53 -17.27
CA ASP A 194 1.05 6.69 -18.46
C ASP A 194 1.22 5.23 -18.09
N ALA A 195 2.01 4.99 -17.04
CA ALA A 195 2.22 3.64 -16.53
C ALA A 195 1.02 3.20 -15.71
N MET A 196 0.52 4.10 -14.87
CA MET A 196 -0.64 3.83 -14.04
C MET A 196 -1.84 3.54 -14.94
N ARG A 197 -2.06 4.41 -15.90
CA ARG A 197 -3.17 4.26 -16.84
C ARG A 197 -3.21 2.84 -17.40
N ASP A 198 -2.05 2.19 -17.41
CA ASP A 198 -1.95 0.82 -17.92
C ASP A 198 -2.34 -0.20 -16.84
N LEU A 199 -1.67 -0.15 -15.69
CA LEU A 199 -1.94 -1.10 -14.62
C LEU A 199 -3.40 -1.05 -14.19
N ALA A 200 -3.92 0.16 -13.94
CA ALA A 200 -5.30 0.32 -13.50
C ALA A 200 -6.27 -0.57 -14.30
N GLN A 201 -5.92 -0.83 -15.55
CA GLN A 201 -6.78 -1.65 -16.42
C GLN A 201 -6.34 -3.11 -16.45
N CYS A 202 -5.15 -3.39 -15.95
CA CYS A 202 -4.65 -4.75 -15.90
C CYS A 202 -4.82 -5.32 -14.50
N VAL A 203 -4.77 -4.43 -13.52
CA VAL A 203 -4.91 -4.83 -12.13
C VAL A 203 -6.37 -5.07 -11.78
N ASN A 204 -7.24 -4.18 -12.25
CA ASN A 204 -8.67 -4.30 -12.00
C ASN A 204 -9.37 -5.02 -13.14
N GLU A 205 -8.67 -5.97 -13.77
CA GLU A 205 -9.22 -6.73 -14.88
C GLU A 205 -8.77 -8.19 -14.80
N VAL A 206 -8.67 -8.70 -13.59
CA VAL A 206 -8.24 -10.08 -13.38
C VAL A 206 -9.36 -10.92 -12.79
N LYS A 207 -10.05 -11.65 -13.65
CA LYS A 207 -11.16 -12.50 -13.23
C LYS A 207 -12.10 -11.75 -12.27
N ARG A 208 -12.39 -10.51 -12.59
CA ARG A 208 -13.26 -9.69 -11.76
C ARG A 208 -12.70 -9.54 -10.35
N MET A 1 -14.02 -2.63 -0.13
CA MET A 1 -13.61 -1.30 -0.68
C MET A 1 -13.44 -0.27 0.43
N LYS A 2 -12.98 -0.73 1.60
CA LYS A 2 -12.77 0.17 2.73
C LYS A 2 -11.29 0.28 3.06
N GLY A 3 -10.44 0.11 2.05
CA GLY A 3 -9.01 0.20 2.25
C GLY A 3 -8.52 1.63 2.37
N ASP A 4 -9.07 2.50 1.54
CA ASP A 4 -8.67 3.91 1.55
C ASP A 4 -8.80 4.50 2.95
N GLU A 5 -9.83 4.06 3.68
CA GLU A 5 -10.06 4.55 5.04
C GLU A 5 -8.99 4.05 5.99
N ILE A 6 -8.46 2.86 5.71
CA ILE A 6 -7.42 2.26 6.54
C ILE A 6 -6.16 3.11 6.54
N TYR A 7 -5.62 3.37 5.35
CA TYR A 7 -4.41 4.18 5.22
C TYR A 7 -4.54 5.48 6.01
N GLU A 8 -5.71 6.11 5.93
CA GLU A 8 -5.96 7.37 6.63
C GLU A 8 -5.65 7.23 8.12
N ASP A 9 -6.46 6.45 8.82
CA ASP A 9 -6.27 6.25 10.25
C ASP A 9 -4.93 5.60 10.55
N LEU A 10 -4.38 4.90 9.55
CA LEU A 10 -3.11 4.23 9.71
C LEU A 10 -1.95 5.22 9.82
N MET A 11 -2.04 6.30 9.05
CA MET A 11 -1.01 7.34 9.07
C MET A 11 -1.19 8.33 7.91
N ARG A 12 -1.79 7.87 6.82
CA ARG A 12 -2.00 8.72 5.66
C ARG A 12 -2.68 10.03 6.04
N LEU A 13 -3.37 10.01 7.16
CA LEU A 13 -4.04 11.20 7.66
C LEU A 13 -3.10 12.38 7.72
N GLU A 14 -2.07 12.20 8.51
CA GLU A 14 -1.05 13.23 8.70
C GLU A 14 -1.63 14.45 9.40
N SER A 15 -1.17 14.72 10.61
CA SER A 15 -1.64 15.87 11.37
C SER A 15 -1.50 17.13 10.54
N VAL A 16 -2.58 17.87 10.41
CA VAL A 16 -2.57 19.05 9.56
C VAL A 16 -3.42 20.18 10.11
N PRO A 17 -2.93 21.41 9.97
CA PRO A 17 -3.73 22.56 10.26
C PRO A 17 -5.00 22.52 9.42
N THR A 18 -5.84 23.49 9.65
CA THR A 18 -7.11 23.59 8.94
C THR A 18 -6.93 24.11 7.52
N PRO A 19 -8.02 24.21 6.75
CA PRO A 19 -7.97 24.68 5.36
C PRO A 19 -7.13 25.96 5.22
N PRO A 20 -6.95 26.45 3.98
CA PRO A 20 -6.16 27.66 3.71
C PRO A 20 -6.34 28.73 4.77
N LYS A 21 -5.46 28.72 5.77
CA LYS A 21 -5.52 29.70 6.85
C LYS A 21 -4.15 29.84 7.51
N MET A 22 -3.60 28.71 7.94
CA MET A 22 -2.29 28.69 8.57
C MET A 22 -1.19 28.77 7.52
N THR A 23 -0.92 27.64 6.90
CA THR A 23 0.09 27.54 5.86
C THR A 23 -0.49 26.87 4.62
N GLU A 24 -0.30 27.50 3.46
CA GLU A 24 -0.81 26.97 2.20
C GLU A 24 -0.08 25.69 1.79
N TYR A 25 1.02 25.38 2.47
CA TYR A 25 1.80 24.20 2.15
C TYR A 25 1.32 22.97 2.92
N ASP A 26 0.59 23.21 4.01
CA ASP A 26 0.09 22.11 4.84
C ASP A 26 -0.64 21.08 4.00
N LYS A 27 -1.48 21.54 3.09
CA LYS A 27 -2.25 20.65 2.23
C LYS A 27 -1.54 20.37 0.91
N ARG A 28 -0.54 21.19 0.59
CA ARG A 28 0.21 21.02 -0.65
C ARG A 28 1.49 20.24 -0.43
N CYS A 29 2.41 20.82 0.32
CA CYS A 29 3.70 20.18 0.61
C CYS A 29 3.50 18.77 1.15
N CYS A 30 2.34 18.50 1.72
CA CYS A 30 2.04 17.20 2.29
C CYS A 30 1.69 16.17 1.21
N CYS A 31 1.36 16.66 0.01
CA CYS A 31 1.00 15.77 -1.09
C CYS A 31 2.13 14.79 -1.38
N LEU A 32 3.23 15.29 -1.95
CA LEU A 32 4.37 14.45 -2.27
C LEU A 32 4.91 13.77 -1.02
N ARG A 33 5.22 14.58 -0.01
CA ARG A 33 5.72 14.08 1.26
C ARG A 33 4.91 12.86 1.73
N GLU A 34 3.60 13.02 1.74
CA GLU A 34 2.71 11.94 2.15
C GLU A 34 3.01 10.67 1.37
N ILE A 35 3.38 10.82 0.10
CA ILE A 35 3.70 9.68 -0.75
C ILE A 35 4.74 8.77 -0.09
N GLN A 36 5.95 9.28 0.08
CA GLN A 36 7.02 8.51 0.68
C GLN A 36 6.78 8.28 2.17
N GLN A 37 6.58 9.37 2.91
CA GLN A 37 6.36 9.29 4.35
C GLN A 37 5.32 8.23 4.71
N THR A 38 4.15 8.34 4.12
CA THR A 38 3.06 7.41 4.40
C THR A 38 3.46 5.96 4.09
N GLU A 39 4.35 5.79 3.12
CA GLU A 39 4.80 4.45 2.74
C GLU A 39 5.79 3.92 3.77
N GLU A 40 6.55 4.83 4.37
CA GLU A 40 7.53 4.46 5.39
C GLU A 40 6.84 3.70 6.52
N LYS A 41 6.14 4.45 7.37
CA LYS A 41 5.42 3.87 8.50
C LYS A 41 4.59 2.67 8.05
N TYR A 42 3.88 2.82 6.94
CA TYR A 42 3.05 1.75 6.41
C TYR A 42 3.88 0.49 6.18
N THR A 43 5.05 0.66 5.56
CA THR A 43 5.94 -0.46 5.29
C THR A 43 6.29 -1.20 6.57
N ASP A 44 6.39 -0.46 7.67
CA ASP A 44 6.70 -1.06 8.97
C ASP A 44 5.70 -2.16 9.30
N THR A 45 4.43 -1.88 9.05
CA THR A 45 3.36 -2.85 9.31
C THR A 45 3.28 -3.86 8.18
N LEU A 46 3.58 -3.42 6.97
CA LEU A 46 3.55 -4.28 5.80
C LEU A 46 4.38 -5.53 6.02
N GLY A 47 5.57 -5.35 6.60
CA GLY A 47 6.44 -6.48 6.86
C GLY A 47 6.03 -7.26 8.10
N SER A 48 5.39 -6.58 9.04
CA SER A 48 4.95 -7.21 10.27
C SER A 48 4.18 -8.49 9.98
N ILE A 49 3.45 -8.51 8.86
CA ILE A 49 2.67 -9.68 8.47
C ILE A 49 3.57 -10.88 8.20
N GLN A 50 4.85 -10.63 7.95
CA GLN A 50 5.80 -11.69 7.65
C GLN A 50 6.26 -12.40 8.92
N GLN A 51 7.01 -11.69 9.75
CA GLN A 51 7.53 -12.26 10.98
C GLN A 51 6.42 -12.61 11.95
N HIS A 52 5.75 -11.59 12.49
CA HIS A 52 4.67 -11.80 13.44
C HIS A 52 3.34 -11.97 12.73
N PHE A 53 3.15 -13.14 12.10
CA PHE A 53 1.92 -13.44 11.39
C PHE A 53 2.09 -14.69 10.53
N MET A 54 3.31 -14.92 10.06
CA MET A 54 3.60 -16.10 9.24
C MET A 54 4.13 -17.24 10.11
N LYS A 55 4.76 -16.87 11.22
CA LYS A 55 5.34 -17.86 12.13
C LYS A 55 4.31 -18.41 13.11
N PRO A 56 3.78 -17.56 14.02
CA PRO A 56 2.81 -17.98 15.03
C PRO A 56 1.54 -18.57 14.43
N LEU A 57 1.10 -18.00 13.31
CA LEU A 57 -0.12 -18.47 12.66
C LEU A 57 -0.01 -19.95 12.30
N GLN A 58 1.16 -20.35 11.83
CA GLN A 58 1.40 -21.74 11.43
C GLN A 58 1.10 -22.70 12.58
N ARG A 59 1.22 -22.22 13.81
CA ARG A 59 0.97 -23.05 14.98
C ARG A 59 -0.51 -23.38 15.15
N PHE A 60 -1.37 -22.79 14.31
CA PHE A 60 -2.79 -23.04 14.39
C PHE A 60 -3.34 -23.45 13.03
N LEU A 61 -3.12 -22.61 12.03
CA LEU A 61 -3.59 -22.88 10.68
C LEU A 61 -2.58 -23.74 9.92
N LYS A 62 -3.08 -24.77 9.24
CA LYS A 62 -2.23 -25.67 8.48
C LYS A 62 -1.32 -24.88 7.54
N PRO A 63 -0.01 -25.22 7.50
CA PRO A 63 0.96 -24.54 6.64
C PRO A 63 0.68 -24.79 5.16
N GLN A 64 -0.05 -25.85 4.86
CA GLN A 64 -0.38 -26.20 3.49
C GLN A 64 -1.36 -25.19 2.88
N ASP A 65 -2.29 -24.72 3.71
CA ASP A 65 -3.29 -23.76 3.26
C ASP A 65 -2.89 -22.34 3.64
N MET A 66 -2.06 -22.20 4.67
CA MET A 66 -1.60 -20.91 5.13
C MET A 66 -1.02 -20.10 3.97
N GLU A 67 -0.49 -20.80 2.97
CA GLU A 67 0.10 -20.14 1.81
C GLU A 67 -0.92 -19.26 1.10
N THR A 68 -2.17 -19.72 1.09
CA THR A 68 -3.26 -18.97 0.45
C THR A 68 -3.80 -17.88 1.36
N ILE A 69 -3.74 -18.12 2.67
CA ILE A 69 -4.23 -17.16 3.65
C ILE A 69 -3.48 -15.84 3.55
N PHE A 70 -2.19 -15.91 3.23
CA PHE A 70 -1.37 -14.72 3.11
C PHE A 70 -1.05 -14.42 1.64
N VAL A 71 -0.81 -15.47 0.86
CA VAL A 71 -0.49 -15.32 -0.55
C VAL A 71 1.01 -14.99 -0.74
N ASN A 72 1.34 -13.96 -1.54
CA ASN A 72 2.74 -13.62 -1.77
C ASN A 72 3.13 -12.34 -1.06
N ILE A 73 2.69 -12.19 0.19
CA ILE A 73 3.01 -11.00 0.97
C ILE A 73 4.51 -10.73 0.98
N GLU A 74 5.29 -11.78 1.20
CA GLU A 74 6.75 -11.66 1.23
C GLU A 74 7.27 -10.89 0.02
N GLU A 75 6.73 -11.21 -1.15
CA GLU A 75 7.15 -10.56 -2.38
C GLU A 75 6.55 -9.16 -2.49
N LEU A 76 5.45 -8.93 -1.78
CA LEU A 76 4.76 -7.65 -1.80
C LEU A 76 5.39 -6.68 -0.80
N PHE A 77 5.87 -7.23 0.32
CA PHE A 77 6.51 -6.41 1.35
C PHE A 77 7.67 -5.62 0.76
N SER A 78 8.26 -6.14 -0.32
CA SER A 78 9.38 -5.47 -0.97
C SER A 78 8.90 -4.26 -1.78
N VAL A 79 7.80 -4.45 -2.51
CA VAL A 79 7.24 -3.37 -3.32
C VAL A 79 7.06 -2.11 -2.49
N HIS A 80 6.93 -2.27 -1.18
CA HIS A 80 6.75 -1.15 -0.27
C HIS A 80 8.09 -0.70 0.31
N THR A 81 8.87 -1.65 0.81
CA THR A 81 10.17 -1.36 1.40
C THR A 81 11.17 -0.93 0.33
N HIS A 82 11.39 -1.80 -0.65
CA HIS A 82 12.33 -1.51 -1.73
C HIS A 82 11.99 -0.21 -2.43
N PHE A 83 10.69 0.12 -2.48
CA PHE A 83 10.24 1.34 -3.14
C PHE A 83 10.81 2.57 -2.46
N LEU A 84 10.89 2.53 -1.13
CA LEU A 84 11.44 3.65 -0.37
C LEU A 84 12.91 3.85 -0.71
N LYS A 85 13.67 2.75 -0.73
CA LYS A 85 15.09 2.81 -1.06
C LYS A 85 15.31 3.50 -2.41
N GLU A 86 14.29 3.45 -3.25
CA GLU A 86 14.36 4.07 -4.58
C GLU A 86 14.00 5.55 -4.51
N LEU A 87 12.97 5.88 -3.74
CA LEU A 87 12.53 7.26 -3.60
C LEU A 87 13.62 8.13 -2.98
N LYS A 88 14.47 7.51 -2.17
CA LYS A 88 15.55 8.23 -1.51
C LYS A 88 16.32 9.08 -2.51
N ASP A 89 17.00 8.43 -3.45
CA ASP A 89 17.74 9.13 -4.48
C ASP A 89 16.80 9.90 -5.41
N ALA A 90 15.52 9.50 -5.40
CA ALA A 90 14.52 10.14 -6.25
C ALA A 90 14.11 11.51 -5.70
N LEU A 91 13.46 11.52 -4.55
CA LEU A 91 13.02 12.77 -3.93
C LEU A 91 14.19 13.71 -3.71
N ALA A 92 15.36 13.14 -3.46
CA ALA A 92 16.56 13.94 -3.25
C ALA A 92 16.90 14.78 -4.49
N GLY A 93 16.40 14.34 -5.64
CA GLY A 93 16.66 15.06 -6.87
C GLY A 93 16.17 16.51 -6.81
N PRO A 94 16.54 17.33 -7.81
CA PRO A 94 16.15 18.74 -7.87
C PRO A 94 14.63 18.93 -7.94
N GLY A 95 13.97 18.89 -6.79
CA GLY A 95 12.53 19.07 -6.74
C GLY A 95 11.78 17.76 -6.87
N ALA A 96 12.46 16.66 -6.60
CA ALA A 96 11.85 15.34 -6.68
C ALA A 96 11.11 15.16 -8.01
N THR A 97 11.80 15.45 -9.10
CA THR A 97 11.21 15.32 -10.43
C THR A 97 11.56 13.97 -11.06
N THR A 98 12.71 13.43 -10.67
CA THR A 98 13.17 12.14 -11.19
C THR A 98 12.32 10.99 -10.65
N LEU A 99 11.43 11.29 -9.70
CA LEU A 99 10.57 10.27 -9.10
C LEU A 99 9.95 9.37 -10.17
N TYR A 100 9.70 9.94 -11.35
CA TYR A 100 9.11 9.18 -12.45
C TYR A 100 9.84 7.87 -12.67
N GLN A 101 11.17 7.94 -12.75
CA GLN A 101 11.99 6.76 -12.98
C GLN A 101 11.59 5.60 -12.07
N VAL A 102 11.06 5.94 -10.89
CA VAL A 102 10.64 4.93 -9.93
C VAL A 102 9.26 4.38 -10.28
N PHE A 103 8.49 5.15 -11.04
CA PHE A 103 7.13 4.74 -11.40
C PHE A 103 7.08 4.08 -12.77
N ILE A 104 8.14 4.24 -13.56
CA ILE A 104 8.17 3.68 -14.92
C ILE A 104 8.65 2.23 -14.92
N LYS A 105 9.56 1.89 -14.02
CA LYS A 105 10.13 0.55 -13.98
C LYS A 105 9.40 -0.36 -12.98
N TYR A 106 8.68 0.25 -12.04
CA TYR A 106 7.97 -0.53 -11.02
C TYR A 106 6.73 -1.22 -11.58
N LYS A 107 6.33 -0.88 -12.80
CA LYS A 107 5.16 -1.49 -13.40
C LYS A 107 5.18 -3.01 -13.21
N GLU A 108 6.38 -3.57 -13.20
CA GLU A 108 6.56 -5.01 -13.01
C GLU A 108 5.84 -5.50 -11.75
N ARG A 109 6.14 -4.87 -10.62
CA ARG A 109 5.53 -5.26 -9.34
C ARG A 109 4.11 -4.72 -9.22
N PHE A 110 3.90 -3.50 -9.67
CA PHE A 110 2.58 -2.89 -9.62
C PHE A 110 1.54 -3.82 -10.22
N LEU A 111 1.98 -4.70 -11.12
CA LEU A 111 1.10 -5.69 -11.73
C LEU A 111 0.76 -6.77 -10.71
N VAL A 112 1.72 -7.10 -9.85
CA VAL A 112 1.52 -8.07 -8.78
C VAL A 112 0.19 -7.81 -8.08
N TYR A 113 -0.17 -6.52 -8.01
CA TYR A 113 -1.43 -6.11 -7.40
C TYR A 113 -2.59 -6.86 -8.04
N GLY A 114 -2.56 -6.97 -9.36
CA GLY A 114 -3.61 -7.68 -10.08
C GLY A 114 -3.77 -9.10 -9.59
N ARG A 115 -2.77 -9.93 -9.86
CA ARG A 115 -2.81 -11.32 -9.43
C ARG A 115 -2.95 -11.41 -7.92
N TYR A 116 -2.45 -10.38 -7.23
CA TYR A 116 -2.53 -10.32 -5.77
C TYR A 116 -3.97 -10.09 -5.32
N CYS A 117 -4.61 -9.10 -5.93
CA CYS A 117 -6.01 -8.78 -5.63
C CYS A 117 -6.95 -9.93 -6.01
N SER A 118 -6.45 -10.89 -6.77
CA SER A 118 -7.24 -12.03 -7.20
C SER A 118 -7.18 -13.16 -6.18
N GLN A 119 -6.00 -13.37 -5.61
CA GLN A 119 -5.82 -14.38 -4.58
C GLN A 119 -6.20 -13.75 -3.24
N VAL A 120 -5.89 -12.48 -3.12
CA VAL A 120 -6.24 -11.69 -1.95
C VAL A 120 -7.74 -11.83 -1.67
N GLU A 121 -8.56 -11.39 -2.62
CA GLU A 121 -10.01 -11.48 -2.48
C GLU A 121 -10.44 -12.87 -2.02
N SER A 122 -9.61 -13.86 -2.32
CA SER A 122 -9.87 -15.23 -1.93
C SER A 122 -9.22 -15.53 -0.58
N ALA A 123 -8.15 -14.81 -0.28
CA ALA A 123 -7.43 -15.00 0.98
C ALA A 123 -8.18 -14.31 2.11
N SER A 124 -8.43 -13.01 1.97
CA SER A 124 -9.15 -12.25 2.98
C SER A 124 -10.44 -12.96 3.37
N LYS A 125 -11.15 -13.44 2.36
CA LYS A 125 -12.41 -14.15 2.59
C LYS A 125 -12.16 -15.46 3.32
N HIS A 126 -10.98 -16.03 3.09
CA HIS A 126 -10.59 -17.28 3.74
C HIS A 126 -10.60 -17.12 5.25
N LEU A 127 -10.03 -16.02 5.73
CA LEU A 127 -9.99 -15.74 7.16
C LEU A 127 -11.40 -15.70 7.74
N ASP A 128 -12.31 -15.03 7.03
CA ASP A 128 -13.69 -14.94 7.46
C ASP A 128 -14.25 -16.31 7.77
N GLN A 129 -13.86 -17.30 6.98
CA GLN A 129 -14.30 -18.67 7.17
C GLN A 129 -13.42 -19.38 8.19
N VAL A 130 -12.14 -19.08 8.16
CA VAL A 130 -11.18 -19.68 9.07
C VAL A 130 -11.47 -19.27 10.51
N ALA A 131 -11.31 -17.98 10.80
CA ALA A 131 -11.57 -17.46 12.14
C ALA A 131 -12.93 -17.89 12.64
N THR A 132 -13.88 -18.04 11.71
CA THR A 132 -15.23 -18.45 12.07
C THR A 132 -15.33 -19.96 12.20
N ALA A 133 -14.54 -20.68 11.39
CA ALA A 133 -14.53 -22.13 11.41
C ALA A 133 -14.27 -22.65 12.83
N ARG A 134 -13.24 -22.11 13.47
CA ARG A 134 -12.89 -22.51 14.82
C ARG A 134 -12.77 -21.30 15.73
N GLU A 135 -12.26 -21.52 16.95
CA GLU A 135 -12.08 -20.44 17.91
C GLU A 135 -10.61 -20.20 18.20
N ASP A 136 -9.86 -21.28 18.35
CA ASP A 136 -8.43 -21.19 18.63
C ASP A 136 -7.73 -20.30 17.61
N VAL A 137 -8.32 -20.20 16.42
CA VAL A 137 -7.76 -19.38 15.36
C VAL A 137 -8.12 -17.91 15.56
N GLN A 138 -9.33 -17.67 16.05
CA GLN A 138 -9.80 -16.30 16.29
C GLN A 138 -8.89 -15.59 17.30
N MET A 139 -8.53 -16.30 18.36
CA MET A 139 -7.68 -15.74 19.40
C MET A 139 -6.27 -15.47 18.87
N LYS A 140 -5.83 -16.31 17.94
CA LYS A 140 -4.50 -16.17 17.35
C LYS A 140 -4.41 -14.90 16.51
N LEU A 141 -5.30 -14.78 15.52
CA LEU A 141 -5.31 -13.62 14.64
C LEU A 141 -5.34 -12.32 15.45
N GLU A 142 -5.87 -12.39 16.66
CA GLU A 142 -5.96 -11.22 17.52
C GLU A 142 -4.69 -11.05 18.35
N GLU A 143 -4.27 -12.13 19.01
CA GLU A 143 -3.08 -12.10 19.85
C GLU A 143 -1.84 -11.69 19.04
N CYS A 144 -1.70 -12.26 17.85
CA CYS A 144 -0.56 -11.96 16.99
C CYS A 144 -0.64 -10.54 16.44
N SER A 145 -1.86 -10.08 16.16
CA SER A 145 -2.07 -8.74 15.62
C SER A 145 -1.94 -7.68 16.71
N GLN A 146 -1.95 -8.10 17.97
CA GLN A 146 -1.84 -7.17 19.10
C GLN A 146 -0.59 -6.31 18.99
N ARG A 147 0.39 -6.78 18.22
CA ARG A 147 1.64 -6.05 18.07
C ARG A 147 1.57 -5.07 16.90
N ALA A 148 0.65 -5.31 15.97
CA ALA A 148 0.48 -4.43 14.82
C ALA A 148 -0.84 -3.67 14.92
N ASN A 149 -1.93 -4.41 14.98
CA ASN A 149 -3.26 -3.83 15.10
C ASN A 149 -4.18 -4.76 15.88
N ASN A 150 -4.44 -4.42 17.13
CA ASN A 150 -5.29 -5.25 17.99
C ASN A 150 -6.65 -5.51 17.34
N GLY A 151 -6.70 -6.55 16.51
CA GLY A 151 -7.95 -6.90 15.83
C GLY A 151 -8.66 -5.69 15.27
N ARG A 152 -7.97 -4.94 14.42
CA ARG A 152 -8.55 -3.75 13.82
C ARG A 152 -8.54 -3.84 12.29
N PHE A 153 -7.38 -4.11 11.72
CA PHE A 153 -7.25 -4.22 10.26
C PHE A 153 -6.47 -5.47 9.86
N THR A 154 -6.29 -6.40 10.80
CA THR A 154 -5.54 -7.62 10.54
C THR A 154 -5.89 -8.23 9.18
N LEU A 155 -4.88 -8.87 8.58
CA LEU A 155 -4.99 -9.56 7.29
C LEU A 155 -6.21 -9.16 6.47
N ARG A 156 -7.38 -9.72 6.83
CA ARG A 156 -8.63 -9.43 6.14
C ARG A 156 -8.73 -7.97 5.72
N ASP A 157 -8.27 -7.08 6.59
CA ASP A 157 -8.28 -5.65 6.30
C ASP A 157 -6.92 -5.17 5.81
N LEU A 158 -5.88 -5.93 6.13
CA LEU A 158 -4.52 -5.57 5.72
C LEU A 158 -4.33 -5.73 4.21
N LEU A 159 -4.28 -6.96 3.73
CA LEU A 159 -4.06 -7.23 2.31
C LEU A 159 -4.98 -6.37 1.44
N MET A 160 -6.20 -6.13 1.92
CA MET A 160 -7.16 -5.33 1.18
C MET A 160 -6.74 -3.86 1.12
N VAL A 161 -5.73 -3.48 1.90
CA VAL A 161 -5.25 -2.11 1.94
C VAL A 161 -4.48 -1.74 0.66
N PRO A 162 -3.40 -2.48 0.34
CA PRO A 162 -2.57 -2.18 -0.84
C PRO A 162 -3.37 -2.23 -2.15
N MET A 163 -4.55 -2.82 -2.10
CA MET A 163 -5.39 -2.94 -3.28
C MET A 163 -5.84 -1.55 -3.77
N GLN A 164 -5.87 -0.59 -2.86
CA GLN A 164 -6.31 0.77 -3.19
C GLN A 164 -5.13 1.74 -3.34
N ARG A 165 -3.93 1.29 -2.97
CA ARG A 165 -2.76 2.16 -3.06
C ARG A 165 -2.28 2.33 -4.49
N VAL A 166 -2.49 1.31 -5.31
CA VAL A 166 -2.06 1.36 -6.72
C VAL A 166 -2.85 2.38 -7.52
N LEU A 167 -3.95 2.88 -6.94
CA LEU A 167 -4.78 3.88 -7.61
C LEU A 167 -4.46 5.28 -7.10
N LYS A 168 -4.22 5.39 -5.80
CA LYS A 168 -3.95 6.67 -5.17
C LYS A 168 -2.55 7.18 -5.52
N TYR A 169 -1.57 6.29 -5.50
CA TYR A 169 -0.20 6.67 -5.80
C TYR A 169 -0.13 7.44 -7.12
N HIS A 170 -0.84 6.96 -8.13
CA HIS A 170 -0.88 7.62 -9.42
C HIS A 170 -1.76 8.87 -9.36
N LEU A 171 -2.89 8.73 -8.67
CA LEU A 171 -3.80 9.85 -8.48
C LEU A 171 -3.07 11.00 -7.81
N LEU A 172 -2.40 10.70 -6.71
CA LEU A 172 -1.60 11.67 -5.99
C LEU A 172 -0.60 12.31 -6.93
N LEU A 173 0.04 11.47 -7.74
CA LEU A 173 1.03 11.92 -8.69
C LEU A 173 0.46 13.02 -9.58
N GLN A 174 -0.86 12.99 -9.78
CA GLN A 174 -1.53 14.00 -10.59
C GLN A 174 -1.58 15.34 -9.86
N GLU A 175 -1.81 15.27 -8.55
CA GLU A 175 -1.85 16.49 -7.73
C GLU A 175 -0.58 17.29 -7.89
N LEU A 176 0.53 16.58 -8.15
CA LEU A 176 1.82 17.23 -8.33
C LEU A 176 1.87 17.95 -9.68
N VAL A 177 1.42 17.27 -10.73
CA VAL A 177 1.41 17.86 -12.06
C VAL A 177 0.66 19.19 -12.06
N LYS A 178 -0.55 19.18 -11.49
CA LYS A 178 -1.37 20.38 -11.41
C LYS A 178 -0.61 21.52 -10.75
N HIS A 179 0.38 21.17 -9.93
CA HIS A 179 1.19 22.17 -9.23
C HIS A 179 2.47 22.46 -9.99
N THR A 180 2.92 21.50 -10.79
CA THR A 180 4.14 21.65 -11.58
C THR A 180 3.88 22.52 -12.80
N GLN A 181 4.78 23.48 -13.04
CA GLN A 181 4.66 24.36 -14.19
C GLN A 181 6.03 24.61 -14.82
N ASP A 182 6.56 23.58 -15.47
CA ASP A 182 7.87 23.68 -16.12
C ASP A 182 7.85 22.95 -17.46
N ALA A 183 9.03 22.78 -18.05
CA ALA A 183 9.16 22.12 -19.34
C ALA A 183 9.47 20.64 -19.18
N THR A 184 10.35 20.32 -18.23
CA THR A 184 10.74 18.93 -17.99
C THR A 184 9.95 18.33 -16.83
N GLU A 185 9.84 19.07 -15.73
CA GLU A 185 9.12 18.59 -14.56
C GLU A 185 7.76 17.99 -14.94
N LYS A 186 6.91 18.81 -15.54
CA LYS A 186 5.59 18.37 -15.96
C LYS A 186 5.68 17.25 -16.99
N GLU A 187 6.80 17.20 -17.70
CA GLU A 187 7.01 16.18 -18.72
C GLU A 187 7.06 14.79 -18.10
N ASN A 188 8.07 14.55 -17.27
CA ASN A 188 8.23 13.26 -16.62
C ASN A 188 7.00 12.92 -15.78
N LEU A 189 6.67 13.80 -14.84
CA LEU A 189 5.52 13.61 -13.97
C LEU A 189 4.30 13.13 -14.74
N ARG A 190 4.08 13.71 -15.92
CA ARG A 190 2.97 13.32 -16.77
C ARG A 190 3.24 11.97 -17.43
N LEU A 191 4.49 11.76 -17.84
CA LEU A 191 4.89 10.50 -18.45
C LEU A 191 4.55 9.34 -17.54
N ALA A 192 4.85 9.52 -16.25
CA ALA A 192 4.59 8.49 -15.26
C ALA A 192 3.09 8.20 -15.14
N LEU A 193 2.28 9.25 -15.15
CA LEU A 193 0.84 9.12 -15.03
C LEU A 193 0.30 8.12 -16.05
N ASP A 194 0.49 8.42 -17.33
CA ASP A 194 0.01 7.55 -18.40
C ASP A 194 0.40 6.09 -18.14
N ALA A 195 1.65 5.88 -17.75
CA ALA A 195 2.13 4.53 -17.46
C ALA A 195 1.42 3.95 -16.24
N MET A 196 1.37 4.74 -15.17
CA MET A 196 0.73 4.30 -13.93
C MET A 196 -0.77 4.08 -14.15
N ARG A 197 -1.47 5.13 -14.57
CA ARG A 197 -2.91 5.05 -14.82
C ARG A 197 -3.25 3.80 -15.65
N ASP A 198 -2.29 3.35 -16.45
CA ASP A 198 -2.50 2.18 -17.31
C ASP A 198 -2.85 0.95 -16.48
N LEU A 199 -2.14 0.75 -15.37
CA LEU A 199 -2.35 -0.40 -14.53
C LEU A 199 -3.71 -0.34 -13.84
N ALA A 200 -4.12 0.86 -13.45
CA ALA A 200 -5.39 1.05 -12.76
C ALA A 200 -6.53 0.36 -13.51
N GLN A 201 -6.34 0.16 -14.82
CA GLN A 201 -7.36 -0.48 -15.64
C GLN A 201 -7.06 -1.97 -15.83
N CYS A 202 -5.84 -2.39 -15.52
CA CYS A 202 -5.45 -3.78 -15.65
C CYS A 202 -5.52 -4.46 -14.29
N VAL A 203 -5.27 -3.68 -13.26
CA VAL A 203 -5.29 -4.17 -11.89
C VAL A 203 -6.72 -4.26 -11.38
N ASN A 204 -7.55 -3.31 -11.79
CA ASN A 204 -8.95 -3.28 -11.38
C ASN A 204 -9.82 -3.93 -12.45
N GLU A 205 -9.27 -4.91 -13.15
CA GLU A 205 -9.99 -5.62 -14.20
C GLU A 205 -9.63 -7.10 -14.18
N VAL A 206 -9.42 -7.64 -12.99
CA VAL A 206 -9.05 -9.04 -12.83
C VAL A 206 -10.24 -9.86 -12.34
N LYS A 207 -10.93 -10.47 -13.29
CA LYS A 207 -12.09 -11.30 -12.99
C LYS A 207 -11.69 -12.76 -12.83
N ARG A 208 -10.80 -13.22 -13.70
CA ARG A 208 -10.33 -14.61 -13.66
C ARG A 208 -9.21 -14.76 -12.65
#